data_6I8S
#
_entry.id   6I8S
#
_cell.length_a   90.220
_cell.length_b   89.660
_cell.length_c   249.770
_cell.angle_alpha   90.00
_cell.angle_beta   99.35
_cell.angle_gamma   90.00
#
_symmetry.space_group_name_H-M   'P 1 21 1'
#
loop_
_entity.id
_entity.type
_entity.pdbx_description
1 polymer 'Plasminogen activator inhibitor 1'
2 polymer 'HEAVY CHAIN OF FAB FRAGMENT FROM AN PAI-1 ANTIBODY'
3 polymer 'LIGHT CHAIN OF FAB FRAGMENT FROM AN PAI-1 ANTIBODY'
4 water water
#
loop_
_entity_poly.entity_id
_entity_poly.type
_entity_poly.pdbx_seq_one_letter_code
_entity_poly.pdbx_strand_id
1 'polypeptide(L)'
;VHHPPSYVAHLASDFGVRVFQQVAQASKDRNVVFSPYGVASVLAMLQLTTGGETQQQIQAAMGFKIDDKGMAPALRHLYK
ELMGPWNKDEISTTDAIFVQRDLKLVQGFMPHFFRLFRSTVKQVDFSEVERARFIINDWVKTHTKGMISHLLGTGAVDQL
TRLVLVNALYFNGQWKTPFPDSSTHRRLFHKSDGSTVSVPMMAQTNKFNYTEFTTPDGHYYDILELPYHGDTLSMFIAAP
YEKEVPLSALTNILSAQLISHWKGNMTRLPRLLVLPKFSLETEVDLRKPLENLGMTDMFRQFQADFTSLSDQEPLHVALA
LQKVKIEVNESGTVASSSTAVIVSARMAPEEIIIDRPFLFVVRHNPTGTVLFMGQVMEP
;
A,B,C,D
2 'polypeptide(L)'
;QVQLVQSGAEVKKPGSSVKVSCKASGGTFSSYAISWVRQAPGQGLEWMGGIIPTFGTANYAQKFQGRVTITADESTSTAY
MELSSLRSEDTAVYYCARERRQWLEGHFDYWGRGTLVTVSSASTKGPSVFPLAPSSKSTSGGTAALGCLVKDYFPQPVTV
SWNSGALTSGVHTFPAVLQSSGLYSLSSVVTVPSSSLGTQTYICNVNHKPSNTKVDKKVEPKS
;
E,F,G,H
3 'polypeptide(L)'
;DIQMTQSPSTLSASVGDRVTITCRASEGIYHNLAWYQQKPGKAPKLLIYKASSLASGVPSRFSGSRSGTEFTLTISSLQP
DDFATYYCQQYSNYPLTFGGGTKVEIKRTVAAPSVFIFPPSDEQLKSGTASVVCLLNNFYPREAKVQWKVDNALQSGNSQ
ESVTEQDSKDSTYSLSSTLTLSKADYEKHKVYACEVTHQGLSSPVTKSFNRGEC
;
I,J,K,L
#
# COMPACT_ATOMS: atom_id res chain seq x y z
N SER A 6 7.94 45.63 -20.77
CA SER A 6 7.13 44.70 -20.00
C SER A 6 6.34 43.74 -20.90
N TYR A 7 5.64 44.28 -21.92
CA TYR A 7 4.84 43.50 -22.87
C TYR A 7 5.71 42.55 -23.72
N VAL A 8 6.92 43.02 -24.12
CA VAL A 8 7.88 42.22 -24.89
C VAL A 8 8.49 41.16 -23.97
N ALA A 9 8.74 41.53 -22.69
CA ALA A 9 9.28 40.66 -21.64
C ALA A 9 8.33 39.49 -21.35
N HIS A 10 7.01 39.73 -21.47
CA HIS A 10 5.97 38.72 -21.28
C HIS A 10 5.92 37.79 -22.50
N LEU A 11 5.98 38.35 -23.72
CA LEU A 11 5.97 37.62 -24.99
C LEU A 11 7.19 36.70 -25.12
N ALA A 12 8.38 37.23 -24.74
CA ALA A 12 9.66 36.54 -24.78
C ALA A 12 9.70 35.35 -23.82
N SER A 13 9.21 35.55 -22.58
CA SER A 13 9.13 34.52 -21.54
C SER A 13 8.16 33.42 -21.95
N ASP A 14 6.98 33.83 -22.50
CA ASP A 14 5.91 32.93 -22.98
C ASP A 14 6.44 31.93 -24.01
N PHE A 15 7.20 32.43 -25.00
CA PHE A 15 7.81 31.60 -26.04
C PHE A 15 8.85 30.68 -25.41
N GLY A 16 9.67 31.21 -24.50
CA GLY A 16 10.70 30.47 -23.80
C GLY A 16 10.22 29.34 -22.90
N VAL A 17 9.04 29.52 -22.25
CA VAL A 17 8.42 28.49 -21.39
C VAL A 17 7.87 27.37 -22.29
N ARG A 18 7.42 27.74 -23.51
CA ARG A 18 6.92 26.78 -24.50
C ARG A 18 8.06 25.90 -25.06
N VAL A 19 9.26 26.48 -25.22
CA VAL A 19 10.46 25.75 -25.69
C VAL A 19 10.91 24.80 -24.57
N PHE A 20 10.91 25.29 -23.30
CA PHE A 20 11.26 24.51 -22.11
C PHE A 20 10.38 23.26 -21.99
N GLN A 21 9.05 23.40 -22.16
CA GLN A 21 8.09 22.30 -22.11
C GLN A 21 8.46 21.18 -23.08
N GLN A 22 8.95 21.54 -24.29
CA GLN A 22 9.39 20.59 -25.31
C GLN A 22 10.67 19.88 -24.89
N VAL A 23 11.55 20.59 -24.17
CA VAL A 23 12.83 20.06 -23.65
C VAL A 23 12.51 19.11 -22.47
N ALA A 24 11.63 19.55 -21.55
CA ALA A 24 11.21 18.81 -20.35
C ALA A 24 10.44 17.53 -20.67
N GLN A 25 9.57 17.55 -21.71
CA GLN A 25 8.80 16.38 -22.14
C GLN A 25 9.66 15.29 -22.76
N ALA A 26 10.84 15.67 -23.32
CA ALA A 26 11.80 14.72 -23.92
C ALA A 26 12.56 13.99 -22.81
N SER A 27 13.10 14.75 -21.82
CA SER A 27 13.85 14.21 -20.66
C SER A 27 12.93 13.42 -19.73
N LYS A 28 11.85 14.07 -19.22
CA LYS A 28 10.83 13.50 -18.34
C LYS A 28 11.34 13.06 -16.94
N ASP A 29 12.32 12.13 -16.87
CA ASP A 29 12.87 11.66 -15.59
C ASP A 29 14.24 12.28 -15.26
N ARG A 30 14.78 13.12 -16.17
CA ARG A 30 16.09 13.72 -16.02
C ARG A 30 16.08 15.18 -15.54
N ASN A 31 17.22 15.63 -14.96
CA ASN A 31 17.41 17.00 -14.50
C ASN A 31 17.60 17.92 -15.70
N VAL A 32 16.87 19.03 -15.72
CA VAL A 32 16.88 20.00 -16.81
C VAL A 32 16.97 21.41 -16.26
N VAL A 33 17.86 22.24 -16.84
CA VAL A 33 18.00 23.66 -16.53
C VAL A 33 18.02 24.42 -17.85
N PHE A 34 17.00 25.26 -18.08
CA PHE A 34 16.80 26.00 -19.32
C PHE A 34 16.65 27.50 -19.09
N SER A 35 17.02 28.32 -20.08
CA SER A 35 16.86 29.77 -20.01
C SER A 35 15.82 30.29 -21.03
N PRO A 36 14.54 30.46 -20.60
CA PRO A 36 13.49 30.98 -21.50
C PRO A 36 13.78 32.32 -22.18
N TYR A 37 14.42 33.27 -21.47
CA TYR A 37 14.81 34.58 -22.00
C TYR A 37 15.91 34.40 -23.06
N GLY A 38 16.92 33.59 -22.73
CA GLY A 38 18.06 33.27 -23.59
C GLY A 38 17.67 32.79 -24.97
N VAL A 39 16.76 31.80 -25.04
CA VAL A 39 16.26 31.24 -26.30
C VAL A 39 15.43 32.28 -27.09
N ALA A 40 14.69 33.16 -26.39
CA ALA A 40 13.90 34.23 -27.00
C ALA A 40 14.81 35.32 -27.56
N SER A 41 15.84 35.72 -26.78
CA SER A 41 16.84 36.72 -27.15
C SER A 41 17.62 36.31 -28.42
N VAL A 42 18.05 35.04 -28.49
CA VAL A 42 18.80 34.50 -29.64
C VAL A 42 17.94 34.35 -30.90
N LEU A 43 16.67 33.93 -30.74
CA LEU A 43 15.74 33.77 -31.87
C LEU A 43 15.16 35.09 -32.38
N ALA A 44 15.20 36.14 -31.52
CA ALA A 44 14.79 37.51 -31.87
C ALA A 44 15.87 38.09 -32.79
N MET A 45 17.15 37.71 -32.54
CA MET A 45 18.31 38.11 -33.33
C MET A 45 18.33 37.38 -34.67
N LEU A 46 17.97 36.07 -34.65
CA LEU A 46 17.91 35.22 -35.83
C LEU A 46 16.79 35.63 -36.81
N GLN A 47 15.74 36.30 -36.30
CA GLN A 47 14.61 36.81 -37.08
C GLN A 47 15.08 37.80 -38.15
N LEU A 48 16.16 38.53 -37.86
CA LEU A 48 16.78 39.51 -38.74
C LEU A 48 17.53 38.84 -39.91
N THR A 49 18.06 37.62 -39.69
CA THR A 49 18.78 36.85 -40.70
C THR A 49 17.82 36.15 -41.67
N THR A 50 16.59 35.86 -41.20
CA THR A 50 15.57 35.15 -41.97
C THR A 50 14.66 36.02 -42.84
N GLY A 51 14.08 35.37 -43.85
CA GLY A 51 13.12 35.93 -44.80
C GLY A 51 12.10 34.88 -45.19
N GLY A 52 11.09 35.28 -45.95
CA GLY A 52 10.04 34.41 -46.48
C GLY A 52 9.34 33.49 -45.47
N GLU A 53 9.18 32.21 -45.86
CA GLU A 53 8.51 31.16 -45.07
C GLU A 53 9.17 30.89 -43.72
N THR A 54 10.51 30.96 -43.66
CA THR A 54 11.29 30.73 -42.45
C THR A 54 11.07 31.84 -41.41
N GLN A 55 11.02 33.10 -41.86
CA GLN A 55 10.81 34.26 -40.99
C GLN A 55 9.42 34.24 -40.37
N GLN A 56 8.38 33.95 -41.18
CA GLN A 56 6.99 33.89 -40.70
C GLN A 56 6.72 32.72 -39.74
N GLN A 57 7.52 31.64 -39.82
CA GLN A 57 7.45 30.47 -38.94
C GLN A 57 7.95 30.86 -37.54
N ILE A 58 9.05 31.62 -37.47
CA ILE A 58 9.68 32.10 -36.24
C ILE A 58 8.81 33.18 -35.58
N GLN A 59 8.35 34.17 -36.38
CA GLN A 59 7.49 35.27 -35.93
C GLN A 59 6.16 34.80 -35.36
N ALA A 60 5.54 33.77 -36.00
CA ALA A 60 4.26 33.20 -35.55
C ALA A 60 4.40 32.43 -34.24
N ALA A 61 5.48 31.63 -34.10
CA ALA A 61 5.73 30.83 -32.91
C ALA A 61 6.13 31.71 -31.71
N MET A 62 6.89 32.80 -31.94
CA MET A 62 7.33 33.72 -30.88
C MET A 62 6.22 34.66 -30.43
N GLY A 63 5.37 35.07 -31.37
CA GLY A 63 4.25 35.98 -31.12
C GLY A 63 4.56 37.43 -31.41
N PHE A 64 5.77 37.73 -31.91
CA PHE A 64 6.20 39.09 -32.23
C PHE A 64 7.21 39.19 -33.38
N LYS A 65 7.24 40.38 -34.03
CA LYS A 65 8.18 40.74 -35.11
C LYS A 65 9.20 41.70 -34.51
N ILE A 66 10.50 41.42 -34.71
CA ILE A 66 11.57 42.26 -34.17
C ILE A 66 11.70 43.61 -34.90
N ASP A 67 11.43 43.65 -36.22
CA ASP A 67 11.49 44.88 -37.03
C ASP A 67 10.35 45.86 -36.75
N ASP A 68 9.34 45.44 -35.97
CA ASP A 68 8.20 46.27 -35.56
C ASP A 68 8.65 47.27 -34.50
N LYS A 69 8.05 48.47 -34.50
CA LYS A 69 8.42 49.51 -33.55
C LYS A 69 7.44 49.63 -32.38
N GLY A 70 7.93 49.66 -31.14
CA GLY A 70 9.35 49.59 -30.82
C GLY A 70 9.71 48.29 -30.13
N MET A 71 9.87 47.21 -30.91
CA MET A 71 10.21 45.88 -30.36
C MET A 71 11.66 45.76 -29.93
N ALA A 72 12.60 46.17 -30.80
CA ALA A 72 14.04 46.13 -30.50
C ALA A 72 14.48 47.17 -29.44
N PRO A 73 14.03 48.46 -29.47
CA PRO A 73 14.46 49.40 -28.41
C PRO A 73 14.03 48.95 -27.01
N ALA A 74 12.84 48.33 -26.90
CA ALA A 74 12.33 47.78 -25.64
C ALA A 74 13.14 46.55 -25.23
N LEU A 75 13.57 45.73 -26.22
CA LEU A 75 14.37 44.52 -26.02
C LEU A 75 15.78 44.86 -25.50
N ARG A 76 16.35 46.01 -25.97
CA ARG A 76 17.66 46.52 -25.55
C ARG A 76 17.54 47.03 -24.12
N HIS A 77 16.50 47.86 -23.86
CA HIS A 77 16.16 48.45 -22.56
C HIS A 77 15.91 47.36 -21.51
N LEU A 78 15.49 46.16 -21.97
CA LEU A 78 15.26 45.00 -21.14
C LEU A 78 16.60 44.39 -20.71
N TYR A 79 17.54 44.25 -21.60
CA TYR A 79 18.88 43.79 -21.25
C TYR A 79 19.65 44.71 -20.39
N LYS A 80 19.52 45.99 -20.63
CA LYS A 80 20.21 46.95 -19.81
C LYS A 80 19.62 46.83 -18.43
N GLU A 81 18.32 46.68 -18.38
CA GLU A 81 17.62 46.48 -17.12
C GLU A 81 17.97 45.20 -16.42
N LEU A 82 18.00 44.11 -17.15
CA LEU A 82 18.24 42.83 -16.55
C LEU A 82 19.67 42.71 -16.17
N MET A 83 20.48 43.64 -16.60
CA MET A 83 21.89 43.44 -16.54
C MET A 83 22.52 44.65 -15.93
N GLY A 84 23.21 44.45 -14.81
CA GLY A 84 23.94 45.50 -14.14
C GLY A 84 22.96 46.38 -13.39
N PRO A 85 23.42 47.29 -12.45
CA PRO A 85 24.71 46.99 -11.83
C PRO A 85 24.51 46.07 -10.62
N TRP A 86 23.27 45.68 -10.42
CA TRP A 86 22.86 44.81 -9.34
C TRP A 86 23.47 43.41 -9.31
N ASN A 87 23.78 42.82 -10.45
CA ASN A 87 24.29 41.48 -10.46
C ASN A 87 25.80 41.34 -10.28
N LYS A 88 26.14 40.94 -9.07
CA LYS A 88 27.47 40.91 -8.57
C LYS A 88 28.04 39.64 -9.13
N ASP A 89 28.17 39.65 -10.44
CA ASP A 89 28.81 38.56 -11.14
C ASP A 89 28.12 37.26 -10.71
N GLU A 90 26.85 37.42 -10.33
CA GLU A 90 25.92 36.35 -10.17
C GLU A 90 25.48 35.73 -11.46
N ILE A 91 25.18 36.54 -12.45
CA ILE A 91 24.68 36.06 -13.72
C ILE A 91 25.51 36.51 -14.88
N SER A 92 25.85 35.57 -15.72
CA SER A 92 26.73 35.78 -16.87
C SER A 92 26.04 35.18 -18.11
N THR A 93 25.70 36.03 -19.09
CA THR A 93 25.01 35.62 -20.31
C THR A 93 25.77 35.96 -21.59
N THR A 94 25.48 35.22 -22.68
CA THR A 94 26.07 35.39 -24.02
C THR A 94 25.19 34.81 -25.14
N ASP A 95 25.11 35.53 -26.26
CA ASP A 95 24.38 35.15 -27.46
C ASP A 95 25.36 35.29 -28.63
N ALA A 96 25.43 34.27 -29.50
CA ALA A 96 26.34 34.31 -30.64
C ALA A 96 25.83 33.61 -31.90
N ILE A 97 25.89 34.31 -33.04
CA ILE A 97 25.51 33.78 -34.34
C ILE A 97 26.80 33.69 -35.15
N PHE A 98 27.27 32.46 -35.37
CA PHE A 98 28.49 32.20 -36.12
C PHE A 98 28.16 31.96 -37.58
N VAL A 99 28.75 32.76 -38.46
CA VAL A 99 28.55 32.68 -39.90
C VAL A 99 29.90 32.49 -40.62
N GLN A 100 29.88 31.98 -41.88
CA GLN A 100 31.07 31.76 -42.70
C GLN A 100 31.77 33.09 -42.99
N ARG A 101 33.11 33.12 -42.80
CA ARG A 101 33.95 34.31 -43.00
C ARG A 101 33.89 34.87 -44.42
N ASP A 102 34.14 34.00 -45.43
CA ASP A 102 34.15 34.37 -46.85
C ASP A 102 32.77 34.71 -47.44
N LEU A 103 31.68 34.29 -46.75
CA LEU A 103 30.29 34.50 -47.18
C LEU A 103 29.91 35.97 -47.34
N LYS A 104 29.48 36.35 -48.57
CA LYS A 104 29.07 37.70 -48.92
C LYS A 104 27.72 38.06 -48.27
N LEU A 105 27.78 38.91 -47.25
CA LEU A 105 26.62 39.37 -46.49
C LEU A 105 25.83 40.40 -47.31
N VAL A 106 24.53 40.55 -47.00
CA VAL A 106 23.63 41.50 -47.68
C VAL A 106 24.02 42.94 -47.35
N GLN A 107 24.11 43.80 -48.38
CA GLN A 107 24.47 45.22 -48.27
C GLN A 107 23.46 45.96 -47.40
N GLY A 108 23.86 46.25 -46.15
CA GLY A 108 23.04 46.94 -45.18
C GLY A 108 22.43 46.04 -44.12
N PHE A 109 23.04 44.85 -43.89
CA PHE A 109 22.60 43.91 -42.86
C PHE A 109 23.34 44.19 -41.55
N MET A 110 24.69 44.29 -41.61
CA MET A 110 25.56 44.56 -40.47
C MET A 110 25.21 45.90 -39.78
N PRO A 111 24.99 47.04 -40.51
CA PRO A 111 24.61 48.28 -39.80
C PRO A 111 23.20 48.21 -39.21
N HIS A 112 22.30 47.44 -39.85
CA HIS A 112 20.92 47.24 -39.38
C HIS A 112 20.85 46.33 -38.16
N PHE A 113 21.76 45.33 -38.06
CA PHE A 113 21.82 44.40 -36.93
C PHE A 113 22.41 45.09 -35.69
N PHE A 114 23.43 45.94 -35.89
CA PHE A 114 24.09 46.70 -34.83
C PHE A 114 23.19 47.85 -34.33
N ARG A 115 22.31 48.39 -35.19
CA ARG A 115 21.37 49.46 -34.88
C ARG A 115 20.31 48.98 -33.87
N LEU A 116 19.99 47.68 -33.91
CA LEU A 116 18.93 47.04 -33.14
C LEU A 116 19.33 46.18 -31.93
N PHE A 117 20.62 45.82 -31.72
CA PHE A 117 20.91 44.89 -30.62
C PHE A 117 21.71 45.26 -29.33
N ARG A 118 22.88 45.94 -29.33
CA ARG A 118 23.64 46.55 -30.41
C ARG A 118 24.97 45.79 -30.59
N SER A 119 24.90 44.54 -31.08
CA SER A 119 26.08 43.70 -31.32
C SER A 119 26.19 43.27 -32.79
N THR A 120 27.12 42.34 -33.10
CA THR A 120 27.33 41.84 -34.47
C THR A 120 27.34 40.33 -34.58
N VAL A 121 27.12 39.81 -35.80
CA VAL A 121 27.15 38.40 -36.15
C VAL A 121 28.64 38.05 -36.31
N LYS A 122 29.13 37.05 -35.56
CA LYS A 122 30.53 36.63 -35.59
C LYS A 122 30.91 35.87 -36.86
N GLN A 123 32.02 36.27 -37.51
CA GLN A 123 32.52 35.66 -38.74
C GLN A 123 33.72 34.76 -38.47
N VAL A 124 33.59 33.47 -38.82
CA VAL A 124 34.62 32.45 -38.64
C VAL A 124 34.71 31.55 -39.90
N ASP A 125 35.90 31.00 -40.18
CA ASP A 125 36.11 30.11 -41.32
C ASP A 125 35.95 28.66 -40.89
N PHE A 126 34.84 28.03 -41.32
CA PHE A 126 34.49 26.64 -40.98
C PHE A 126 35.32 25.54 -41.67
N SER A 127 36.16 25.91 -42.68
CA SER A 127 37.05 24.98 -43.37
C SER A 127 38.19 24.57 -42.45
N GLU A 128 38.54 25.46 -41.50
CA GLU A 128 39.52 25.26 -40.45
C GLU A 128 38.72 24.79 -39.21
N VAL A 129 38.22 23.54 -39.30
CA VAL A 129 37.34 22.86 -38.34
C VAL A 129 37.75 22.99 -36.86
N GLU A 130 38.98 22.58 -36.50
CA GLU A 130 39.43 22.63 -35.10
C GLU A 130 39.57 24.04 -34.51
N ARG A 131 39.97 25.03 -35.33
CA ARG A 131 40.08 26.44 -34.92
C ARG A 131 38.68 27.04 -34.77
N ALA A 132 37.74 26.63 -35.65
CA ALA A 132 36.33 27.06 -35.63
C ALA A 132 35.66 26.57 -34.35
N ARG A 133 35.87 25.28 -33.97
CA ARG A 133 35.33 24.70 -32.73
C ARG A 133 35.91 25.41 -31.52
N PHE A 134 37.22 25.77 -31.58
CA PHE A 134 37.95 26.47 -30.54
C PHE A 134 37.36 27.86 -30.25
N ILE A 135 37.20 28.70 -31.30
CA ILE A 135 36.66 30.06 -31.19
C ILE A 135 35.24 30.08 -30.60
N ILE A 136 34.41 29.06 -30.95
CA ILE A 136 33.04 28.93 -30.43
C ILE A 136 33.09 28.66 -28.91
N ASN A 137 33.94 27.68 -28.48
CA ASN A 137 34.13 27.31 -27.08
C ASN A 137 34.83 28.40 -26.27
N ASP A 138 35.74 29.16 -26.91
CA ASP A 138 36.48 30.26 -26.28
C ASP A 138 35.55 31.44 -26.02
N TRP A 139 34.61 31.72 -26.95
CA TRP A 139 33.61 32.78 -26.84
C TRP A 139 32.69 32.50 -25.63
N VAL A 140 32.30 31.22 -25.45
CA VAL A 140 31.47 30.75 -24.34
C VAL A 140 32.24 30.89 -23.01
N LYS A 141 33.52 30.46 -22.99
CA LYS A 141 34.38 30.51 -21.81
C LYS A 141 34.73 31.94 -21.37
N THR A 142 35.13 32.81 -22.31
CA THR A 142 35.51 34.20 -22.02
C THR A 142 34.35 35.09 -21.58
N HIS A 143 33.12 34.76 -22.01
CA HIS A 143 31.93 35.54 -21.69
C HIS A 143 31.11 35.02 -20.51
N THR A 144 31.30 33.74 -20.13
CA THR A 144 30.61 33.13 -18.98
C THR A 144 31.56 32.87 -17.79
N LYS A 145 32.74 33.54 -17.81
CA LYS A 145 33.78 33.51 -16.77
C LYS A 145 34.33 32.11 -16.42
N GLY A 146 34.39 31.23 -17.42
CA GLY A 146 34.89 29.86 -17.29
C GLY A 146 34.02 28.95 -16.45
N MET A 147 32.82 29.41 -16.07
CA MET A 147 31.89 28.66 -15.22
C MET A 147 31.19 27.54 -16.00
N ILE A 148 31.06 27.69 -17.32
CA ILE A 148 30.42 26.70 -18.19
C ILE A 148 31.49 25.81 -18.84
N SER A 149 31.32 24.46 -18.71
CA SER A 149 32.24 23.47 -19.27
C SER A 149 32.10 23.38 -20.80
N HIS A 150 33.17 22.90 -21.48
CA HIS A 150 33.27 22.73 -22.93
C HIS A 150 31.99 22.17 -23.59
N LEU A 151 31.62 22.75 -24.74
CA LEU A 151 30.44 22.32 -25.50
C LEU A 151 30.67 20.95 -26.15
N LEU A 152 29.65 20.08 -26.09
CA LEU A 152 29.67 18.73 -26.67
C LEU A 152 29.05 18.76 -28.07
N GLY A 153 28.15 19.72 -28.29
CA GLY A 153 27.44 19.91 -29.55
C GLY A 153 28.34 20.35 -30.70
N THR A 154 29.46 21.04 -30.37
CA THR A 154 30.45 21.54 -31.33
C THR A 154 31.11 20.45 -32.18
N GLY A 155 30.78 19.19 -31.91
CA GLY A 155 31.25 18.03 -32.65
C GLY A 155 30.56 17.93 -34.01
N ALA A 156 29.46 18.68 -34.18
CA ALA A 156 28.67 18.76 -35.41
C ALA A 156 29.24 19.81 -36.39
N VAL A 157 30.31 20.52 -35.99
CA VAL A 157 31.00 21.52 -36.80
C VAL A 157 31.79 20.81 -37.88
N ASP A 158 31.45 21.10 -39.15
CA ASP A 158 31.97 20.50 -40.37
C ASP A 158 32.60 21.57 -41.25
N GLN A 159 33.06 21.15 -42.44
CA GLN A 159 33.59 22.04 -43.48
C GLN A 159 32.36 22.64 -44.19
N LEU A 160 31.28 21.84 -44.33
CA LEU A 160 30.01 22.22 -44.96
C LEU A 160 29.13 23.11 -44.06
N THR A 161 29.54 23.28 -42.79
CA THR A 161 28.88 24.12 -41.78
C THR A 161 29.02 25.59 -42.20
N ARG A 162 27.91 26.35 -42.17
CA ARG A 162 27.89 27.76 -42.57
C ARG A 162 27.22 28.67 -41.53
N LEU A 163 26.35 28.10 -40.66
CA LEU A 163 25.63 28.87 -39.64
C LEU A 163 25.45 28.10 -38.33
N VAL A 164 26.03 28.62 -37.22
CA VAL A 164 25.99 28.05 -35.87
C VAL A 164 25.41 29.05 -34.87
N LEU A 165 24.45 28.60 -34.03
CA LEU A 165 23.80 29.41 -33.00
C LEU A 165 24.12 28.88 -31.63
N VAL A 166 24.66 29.74 -30.76
CA VAL A 166 25.03 29.37 -29.39
C VAL A 166 24.50 30.44 -28.40
N ASN A 167 23.97 29.97 -27.26
CA ASN A 167 23.49 30.79 -26.17
C ASN A 167 23.91 30.12 -24.85
N ALA A 168 24.76 30.79 -24.06
CA ALA A 168 25.25 30.24 -22.79
C ALA A 168 24.93 31.15 -21.61
N LEU A 169 24.45 30.55 -20.49
CA LEU A 169 24.08 31.28 -19.27
C LEU A 169 24.54 30.59 -18.00
N TYR A 170 25.07 31.36 -17.05
CA TYR A 170 25.50 30.87 -15.73
C TYR A 170 24.89 31.75 -14.63
N PHE A 171 24.26 31.11 -13.63
CA PHE A 171 23.65 31.81 -12.52
C PHE A 171 23.85 31.13 -11.17
N ASN A 172 24.34 31.92 -10.20
CA ASN A 172 24.54 31.54 -8.80
C ASN A 172 24.29 32.82 -8.01
N GLY A 173 23.02 33.03 -7.68
CA GLY A 173 22.56 34.25 -6.99
C GLY A 173 22.65 34.24 -5.48
N GLN A 174 22.93 35.43 -4.91
CA GLN A 174 23.01 35.67 -3.48
C GLN A 174 21.60 35.84 -2.93
N TRP A 175 21.23 35.01 -1.93
CA TRP A 175 19.91 35.06 -1.28
C TRP A 175 19.74 36.33 -0.45
N LYS A 176 18.50 36.81 -0.30
CA LYS A 176 18.17 37.98 0.51
C LYS A 176 18.43 37.62 1.98
N THR A 177 18.02 36.39 2.37
CA THR A 177 18.22 35.82 3.69
C THR A 177 18.94 34.47 3.49
N PRO A 178 20.27 34.40 3.78
CA PRO A 178 20.99 33.14 3.57
C PRO A 178 20.57 32.02 4.52
N PHE A 179 20.75 30.78 4.06
CA PHE A 179 20.46 29.59 4.84
C PHE A 179 21.66 29.33 5.77
N PRO A 180 21.46 29.09 7.09
CA PRO A 180 22.61 28.81 7.97
C PRO A 180 23.32 27.50 7.62
N ASP A 181 24.66 27.48 7.71
CA ASP A 181 25.47 26.30 7.40
C ASP A 181 25.27 25.17 8.41
N SER A 182 25.06 25.54 9.69
CA SER A 182 24.79 24.62 10.79
C SER A 182 23.45 23.89 10.59
N SER A 183 22.50 24.54 9.89
CA SER A 183 21.17 24.01 9.57
C SER A 183 21.16 23.02 8.38
N THR A 184 22.26 22.95 7.61
CA THR A 184 22.39 22.04 6.46
C THR A 184 22.70 20.62 6.94
N HIS A 185 21.75 19.71 6.69
CA HIS A 185 21.79 18.31 7.10
C HIS A 185 21.47 17.38 5.92
N ARG A 186 21.82 16.10 6.04
CA ARG A 186 21.49 15.14 5.00
C ARG A 186 20.13 14.53 5.32
N ARG A 187 19.25 14.52 4.31
CA ARG A 187 17.88 14.04 4.43
C ARG A 187 17.51 13.23 3.18
N LEU A 188 16.52 12.33 3.29
CA LEU A 188 16.07 11.50 2.18
C LEU A 188 15.24 12.28 1.16
N PHE A 189 15.54 12.05 -0.14
CA PHE A 189 14.84 12.65 -1.27
C PHE A 189 14.16 11.52 -2.03
N HIS A 190 12.84 11.62 -2.20
CA HIS A 190 12.02 10.63 -2.89
C HIS A 190 12.01 10.86 -4.39
N LYS A 191 12.69 9.98 -5.14
CA LYS A 191 12.76 10.01 -6.60
C LYS A 191 11.41 9.58 -7.19
N SER A 192 11.12 9.99 -8.46
CA SER A 192 9.87 9.67 -9.17
C SER A 192 9.55 8.17 -9.24
N ASP A 193 10.60 7.32 -9.30
CA ASP A 193 10.47 5.85 -9.33
C ASP A 193 10.28 5.23 -7.92
N GLY A 194 10.03 6.07 -6.93
CA GLY A 194 9.77 5.65 -5.55
C GLY A 194 10.98 5.59 -4.64
N SER A 195 12.16 5.30 -5.19
CA SER A 195 13.45 5.18 -4.48
C SER A 195 13.85 6.46 -3.73
N THR A 196 14.63 6.29 -2.64
CA THR A 196 15.11 7.38 -1.79
C THR A 196 16.63 7.52 -1.79
N VAL A 197 17.13 8.78 -1.81
CA VAL A 197 18.56 9.09 -1.78
C VAL A 197 18.90 10.09 -0.68
N SER A 198 20.04 9.91 -0.02
CA SER A 198 20.49 10.81 1.03
C SER A 198 21.23 11.98 0.39
N VAL A 199 20.58 13.15 0.36
CA VAL A 199 21.14 14.37 -0.25
C VAL A 199 21.29 15.51 0.79
N PRO A 200 22.28 16.44 0.64
CA PRO A 200 22.39 17.55 1.60
C PRO A 200 21.24 18.53 1.39
N MET A 201 20.53 18.87 2.47
CA MET A 201 19.40 19.79 2.42
C MET A 201 19.58 20.92 3.41
N MET A 202 19.47 22.15 2.94
CA MET A 202 19.57 23.32 3.79
C MET A 202 18.19 23.68 4.37
N ALA A 203 18.17 24.44 5.48
CA ALA A 203 16.92 24.82 6.16
C ALA A 203 16.93 26.20 6.80
N GLN A 204 15.79 26.90 6.73
CA GLN A 204 15.57 28.21 7.35
C GLN A 204 14.12 28.51 7.68
N THR A 205 13.89 29.08 8.86
CA THR A 205 12.59 29.50 9.37
C THR A 205 12.47 30.99 9.03
N ASN A 206 11.54 31.34 8.15
CA ASN A 206 11.34 32.73 7.68
C ASN A 206 9.89 32.97 7.21
N LYS A 207 9.55 34.24 6.93
CA LYS A 207 8.24 34.62 6.40
C LYS A 207 8.34 34.56 4.88
N PHE A 208 7.81 33.49 4.29
CA PHE A 208 7.87 33.24 2.84
C PHE A 208 6.59 33.60 2.11
N ASN A 209 6.72 34.07 0.85
CA ASN A 209 5.59 34.38 -0.03
C ASN A 209 5.15 33.01 -0.58
N TYR A 210 4.00 32.53 -0.08
CA TYR A 210 3.51 31.18 -0.35
C TYR A 210 2.07 31.16 -0.88
N THR A 211 1.81 30.27 -1.86
CA THR A 211 0.48 30.09 -2.48
C THR A 211 0.18 28.62 -2.81
N GLU A 212 -1.11 28.30 -3.07
CA GLU A 212 -1.60 26.98 -3.43
C GLU A 212 -2.52 27.07 -4.64
N PHE A 213 -2.26 26.24 -5.64
CA PHE A 213 -3.02 26.16 -6.88
C PHE A 213 -3.41 24.70 -7.18
N THR A 214 -4.30 24.46 -8.12
CA THR A 214 -4.70 23.10 -8.47
C THR A 214 -4.42 22.80 -9.93
N THR A 215 -4.27 21.54 -10.29
CA THR A 215 -4.08 21.18 -11.66
C THR A 215 -5.42 20.89 -12.25
N PRO A 216 -5.50 20.88 -13.63
CA PRO A 216 -6.79 20.50 -14.18
C PRO A 216 -7.44 19.22 -13.67
N ASP A 217 -6.67 18.19 -13.52
CA ASP A 217 -7.11 16.92 -13.00
C ASP A 217 -7.59 17.07 -11.57
N GLY A 218 -7.37 18.25 -11.02
CA GLY A 218 -7.85 18.64 -9.71
C GLY A 218 -6.94 18.58 -8.51
N HIS A 219 -5.67 18.37 -8.74
CA HIS A 219 -4.65 18.17 -7.72
C HIS A 219 -3.96 19.41 -7.21
N TYR A 220 -3.60 19.43 -5.94
CA TYR A 220 -2.97 20.56 -5.30
C TYR A 220 -1.48 20.64 -5.57
N TYR A 221 -1.00 21.81 -5.86
CA TYR A 221 0.42 22.10 -5.97
C TYR A 221 0.73 23.40 -5.26
N ASP A 222 1.90 23.48 -4.61
CA ASP A 222 2.29 24.66 -3.84
C ASP A 222 3.45 25.38 -4.47
N ILE A 223 3.43 26.72 -4.39
CA ILE A 223 4.46 27.60 -4.95
C ILE A 223 5.01 28.47 -3.83
N LEU A 224 6.33 28.41 -3.65
CA LEU A 224 7.05 29.18 -2.63
C LEU A 224 8.03 30.13 -3.32
N GLU A 225 8.03 31.41 -2.89
CA GLU A 225 8.90 32.45 -3.46
C GLU A 225 10.13 32.68 -2.59
N LEU A 226 11.32 32.58 -3.21
CA LEU A 226 12.62 32.77 -2.56
C LEU A 226 13.36 33.98 -3.16
N PRO A 227 13.38 35.14 -2.47
CA PRO A 227 14.02 36.32 -3.05
C PRO A 227 15.54 36.40 -2.94
N TYR A 228 16.15 37.03 -3.96
CA TYR A 228 17.58 37.31 -4.02
C TYR A 228 17.74 38.77 -3.56
N HIS A 229 18.94 39.14 -3.08
CA HIS A 229 19.25 40.49 -2.56
C HIS A 229 18.67 41.66 -3.38
N GLY A 230 18.06 42.62 -2.68
CA GLY A 230 17.45 43.79 -3.28
C GLY A 230 16.12 43.57 -3.99
N ASP A 231 15.50 42.37 -3.79
CA ASP A 231 14.22 41.95 -4.39
C ASP A 231 14.12 42.01 -5.93
N THR A 232 15.26 42.19 -6.62
CA THR A 232 15.35 42.26 -8.08
C THR A 232 14.98 40.89 -8.68
N LEU A 233 15.72 39.85 -8.29
CA LEU A 233 15.49 38.48 -8.72
C LEU A 233 14.87 37.67 -7.62
N SER A 234 14.20 36.58 -7.99
CA SER A 234 13.51 35.69 -7.07
C SER A 234 13.38 34.29 -7.67
N MET A 235 13.40 33.26 -6.82
CA MET A 235 13.24 31.86 -7.26
C MET A 235 11.95 31.25 -6.74
N PHE A 236 11.16 30.68 -7.64
CA PHE A 236 9.91 30.02 -7.31
C PHE A 236 10.12 28.52 -7.32
N ILE A 237 9.66 27.83 -6.27
CA ILE A 237 9.74 26.37 -6.16
C ILE A 237 8.31 25.85 -6.17
N ALA A 238 7.94 25.12 -7.23
CA ALA A 238 6.62 24.54 -7.40
C ALA A 238 6.70 23.03 -7.48
N ALA A 239 5.85 22.35 -6.71
CA ALA A 239 5.77 20.89 -6.65
C ALA A 239 4.38 20.45 -6.17
N PRO A 240 3.84 19.31 -6.67
CA PRO A 240 2.52 18.86 -6.17
C PRO A 240 2.61 18.41 -4.71
N TYR A 241 1.53 18.61 -3.94
CA TYR A 241 1.47 18.24 -2.52
C TYR A 241 1.63 16.74 -2.29
N GLU A 242 0.82 15.93 -2.98
CA GLU A 242 0.88 14.46 -2.87
C GLU A 242 2.02 13.90 -3.72
N LYS A 243 2.80 12.98 -3.14
CA LYS A 243 3.94 12.32 -3.79
C LYS A 243 3.53 11.38 -4.94
N GLU A 244 2.27 10.90 -4.93
CA GLU A 244 1.72 10.01 -5.96
C GLU A 244 1.49 10.76 -7.28
N VAL A 245 1.37 12.11 -7.20
CA VAL A 245 1.13 13.02 -8.33
C VAL A 245 2.47 13.32 -9.04
N PRO A 246 2.58 13.10 -10.37
CA PRO A 246 3.86 13.39 -11.06
C PRO A 246 4.07 14.88 -11.33
N LEU A 247 5.34 15.31 -11.37
CA LEU A 247 5.75 16.69 -11.64
C LEU A 247 5.38 17.10 -13.08
N SER A 248 5.19 16.11 -13.98
CA SER A 248 4.79 16.31 -15.37
C SER A 248 3.42 16.99 -15.45
N ALA A 249 2.51 16.65 -14.51
CA ALA A 249 1.15 17.21 -14.41
C ALA A 249 1.18 18.73 -14.20
N LEU A 250 2.28 19.23 -13.62
CA LEU A 250 2.53 20.64 -13.37
C LEU A 250 3.23 21.25 -14.59
N THR A 251 4.19 20.51 -15.19
CA THR A 251 4.96 20.92 -16.36
C THR A 251 4.11 21.06 -17.61
N ASN A 252 3.12 20.17 -17.79
CA ASN A 252 2.21 20.16 -18.93
C ASN A 252 1.29 21.38 -18.99
N ILE A 253 1.07 22.03 -17.83
CA ILE A 253 0.19 23.20 -17.71
C ILE A 253 0.93 24.54 -17.57
N LEU A 254 2.27 24.53 -17.65
CA LEU A 254 3.11 25.73 -17.51
C LEU A 254 2.92 26.75 -18.63
N SER A 255 2.89 28.04 -18.23
CA SER A 255 2.77 29.20 -19.10
C SER A 255 3.27 30.42 -18.35
N ALA A 256 3.62 31.51 -19.07
CA ALA A 256 4.09 32.76 -18.46
C ALA A 256 2.98 33.46 -17.66
N GLN A 257 1.71 33.27 -18.06
CA GLN A 257 0.55 33.86 -17.39
C GLN A 257 0.29 33.18 -16.05
N LEU A 258 0.47 31.84 -15.98
CA LEU A 258 0.28 31.06 -14.75
C LEU A 258 1.30 31.45 -13.67
N ILE A 259 2.57 31.65 -14.08
CA ILE A 259 3.67 32.08 -13.21
C ILE A 259 3.35 33.44 -12.58
N SER A 260 2.72 34.35 -13.35
CA SER A 260 2.28 35.67 -12.87
C SER A 260 1.12 35.52 -11.90
N HIS A 261 0.20 34.55 -12.14
CA HIS A 261 -0.94 34.26 -11.27
C HIS A 261 -0.47 33.75 -9.92
N TRP A 262 0.62 32.95 -9.91
CA TRP A 262 1.27 32.42 -8.71
C TRP A 262 1.71 33.59 -7.82
N LYS A 263 2.40 34.58 -8.42
CA LYS A 263 2.90 35.78 -7.76
C LYS A 263 1.77 36.67 -7.23
N GLY A 264 0.69 36.80 -8.01
CA GLY A 264 -0.48 37.60 -7.66
C GLY A 264 -1.30 37.03 -6.51
N ASN A 265 -1.37 35.69 -6.42
CA ASN A 265 -2.13 34.97 -5.39
C ASN A 265 -1.35 34.65 -4.12
N MET A 266 -0.08 35.09 -4.06
CA MET A 266 0.79 34.86 -2.91
C MET A 266 0.47 35.68 -1.68
N THR A 267 0.77 35.10 -0.50
CA THR A 267 0.57 35.68 0.82
C THR A 267 1.80 35.34 1.68
N ARG A 268 2.32 36.32 2.44
CA ARG A 268 3.47 36.11 3.30
C ARG A 268 3.04 35.30 4.53
N LEU A 269 3.60 34.09 4.68
CA LEU A 269 3.26 33.16 5.75
C LEU A 269 4.49 32.64 6.52
N PRO A 270 4.41 32.42 7.85
CA PRO A 270 5.58 31.89 8.56
C PRO A 270 5.74 30.39 8.34
N ARG A 271 6.92 29.96 7.83
CA ARG A 271 7.19 28.55 7.57
C ARG A 271 8.65 28.18 7.82
N LEU A 272 8.91 26.88 8.06
CA LEU A 272 10.25 26.32 8.20
C LEU A 272 10.49 25.61 6.87
N LEU A 273 11.42 26.12 6.06
CA LEU A 273 11.69 25.55 4.74
C LEU A 273 12.94 24.67 4.66
N VAL A 274 12.74 23.39 4.29
CA VAL A 274 13.84 22.45 4.06
C VAL A 274 13.91 22.29 2.55
N LEU A 275 14.96 22.82 1.93
CA LEU A 275 15.14 22.77 0.48
C LEU A 275 16.52 22.16 0.15
N PRO A 276 16.62 21.19 -0.79
CA PRO A 276 17.93 20.61 -1.09
C PRO A 276 18.88 21.53 -1.86
N LYS A 277 20.18 21.27 -1.73
CA LYS A 277 21.24 21.98 -2.45
C LYS A 277 21.32 21.32 -3.84
N PHE A 278 21.32 22.14 -4.92
CA PHE A 278 21.40 21.61 -6.28
C PHE A 278 22.31 22.41 -7.22
N SER A 279 23.08 21.69 -8.04
CA SER A 279 24.00 22.22 -9.02
C SER A 279 23.75 21.47 -10.32
N LEU A 280 23.14 22.14 -11.31
CA LEU A 280 22.81 21.53 -12.60
C LEU A 280 23.50 22.22 -13.75
N GLU A 281 23.88 21.43 -14.77
CA GLU A 281 24.48 21.88 -16.02
C GLU A 281 23.78 21.12 -17.14
N THR A 282 23.19 21.86 -18.09
CA THR A 282 22.45 21.25 -19.19
C THR A 282 22.78 21.89 -20.53
N GLU A 283 23.19 21.04 -21.50
CA GLU A 283 23.46 21.45 -22.87
C GLU A 283 22.32 20.89 -23.71
N VAL A 284 21.55 21.79 -24.34
CA VAL A 284 20.37 21.42 -25.12
C VAL A 284 20.59 21.67 -26.60
N ASP A 285 20.26 20.66 -27.45
CA ASP A 285 20.27 20.84 -28.89
C ASP A 285 18.87 21.37 -29.18
N LEU A 286 18.78 22.65 -29.54
CA LEU A 286 17.51 23.34 -29.79
C LEU A 286 16.75 22.90 -31.06
N ARG A 287 17.33 22.01 -31.89
CA ARG A 287 16.71 21.54 -33.14
C ARG A 287 15.31 20.93 -32.95
N LYS A 288 15.20 19.80 -32.21
CA LYS A 288 13.91 19.14 -31.97
C LYS A 288 12.88 20.00 -31.21
N PRO A 289 13.22 20.72 -30.08
CA PRO A 289 12.21 21.56 -29.43
C PRO A 289 11.65 22.67 -30.34
N LEU A 290 12.50 23.25 -31.24
CA LEU A 290 12.07 24.27 -32.18
C LEU A 290 11.27 23.69 -33.36
N GLU A 291 11.67 22.49 -33.86
CA GLU A 291 10.98 21.79 -34.96
C GLU A 291 9.58 21.37 -34.54
N ASN A 292 9.42 20.97 -33.25
CA ASN A 292 8.15 20.59 -32.64
C ASN A 292 7.22 21.79 -32.52
N LEU A 293 7.80 23.02 -32.50
CA LEU A 293 7.06 24.29 -32.42
C LEU A 293 6.85 24.93 -33.81
N GLY A 294 6.90 24.10 -34.86
CA GLY A 294 6.66 24.49 -36.24
C GLY A 294 7.76 25.23 -36.96
N MET A 295 8.95 25.36 -36.35
CA MET A 295 10.09 26.06 -36.95
C MET A 295 11.03 25.05 -37.62
N THR A 296 10.48 24.31 -38.60
CA THR A 296 11.15 23.24 -39.33
C THR A 296 12.11 23.69 -40.44
N ASP A 297 11.75 24.76 -41.16
CA ASP A 297 12.51 25.30 -42.29
C ASP A 297 13.96 25.63 -42.00
N MET A 298 14.25 26.26 -40.83
CA MET A 298 15.57 26.65 -40.33
C MET A 298 16.69 25.62 -40.54
N PHE A 299 16.37 24.33 -40.36
CA PHE A 299 17.33 23.23 -40.42
C PHE A 299 17.27 22.41 -41.71
N ARG A 300 16.40 22.81 -42.67
CA ARG A 300 16.27 22.14 -43.98
C ARG A 300 17.25 22.72 -45.00
N GLN A 301 17.94 21.84 -45.76
CA GLN A 301 18.99 22.18 -46.74
C GLN A 301 18.69 23.32 -47.71
N PHE A 302 17.57 23.24 -48.45
CA PHE A 302 17.19 24.25 -49.44
C PHE A 302 16.02 25.11 -49.00
N GLN A 303 15.09 24.52 -48.22
CA GLN A 303 13.87 25.17 -47.72
C GLN A 303 14.16 26.41 -46.85
N ALA A 304 15.28 26.38 -46.08
CA ALA A 304 15.69 27.49 -45.21
C ALA A 304 15.96 28.77 -45.98
N ASP A 305 15.29 29.84 -45.56
CA ASP A 305 15.38 31.16 -46.17
C ASP A 305 16.11 32.13 -45.22
N PHE A 306 17.43 32.29 -45.45
CA PHE A 306 18.30 33.19 -44.71
C PHE A 306 18.79 34.30 -45.66
N THR A 307 17.95 34.63 -46.66
CA THR A 307 18.20 35.61 -47.71
C THR A 307 18.43 37.03 -47.21
N SER A 308 17.96 37.35 -45.99
CA SER A 308 18.12 38.66 -45.35
C SER A 308 19.56 38.84 -44.83
N LEU A 309 20.24 37.71 -44.52
CA LEU A 309 21.63 37.68 -44.06
C LEU A 309 22.58 37.55 -45.25
N SER A 310 22.38 36.51 -46.08
CA SER A 310 23.19 36.21 -47.28
C SER A 310 22.40 35.38 -48.28
N ASP A 311 22.64 35.61 -49.58
CA ASP A 311 21.99 34.90 -50.68
C ASP A 311 23.02 34.28 -51.66
N GLN A 312 24.31 34.32 -51.28
CA GLN A 312 25.43 33.79 -52.06
C GLN A 312 25.47 32.27 -52.13
N GLU A 313 25.04 31.59 -51.04
CA GLU A 313 25.08 30.12 -50.93
C GLU A 313 23.80 29.60 -50.26
N PRO A 314 23.29 28.37 -50.57
CA PRO A 314 22.10 27.86 -49.85
C PRO A 314 22.46 27.70 -48.37
N LEU A 315 21.88 28.57 -47.54
CA LEU A 315 22.12 28.62 -46.09
C LEU A 315 21.07 27.89 -45.29
N HIS A 316 21.48 27.37 -44.11
CA HIS A 316 20.66 26.70 -43.09
C HIS A 316 21.46 26.47 -41.79
N VAL A 317 20.74 26.38 -40.65
CA VAL A 317 21.30 26.16 -39.32
C VAL A 317 21.94 24.77 -39.21
N ALA A 318 23.27 24.75 -39.03
CA ALA A 318 24.04 23.52 -38.89
C ALA A 318 24.05 23.05 -37.44
N LEU A 319 23.86 23.99 -36.49
CA LEU A 319 23.86 23.75 -35.04
C LEU A 319 23.21 24.90 -34.29
N ALA A 320 22.31 24.56 -33.35
CA ALA A 320 21.60 25.51 -32.50
C ALA A 320 21.63 24.94 -31.07
N LEU A 321 22.40 25.58 -30.18
CA LEU A 321 22.60 25.11 -28.81
C LEU A 321 22.31 26.12 -27.71
N GLN A 322 22.05 25.59 -26.50
CA GLN A 322 21.89 26.33 -25.25
C GLN A 322 22.50 25.53 -24.11
N LYS A 323 23.50 26.10 -23.42
CA LYS A 323 24.16 25.48 -22.28
C LYS A 323 23.98 26.38 -21.07
N VAL A 324 23.21 25.90 -20.08
CA VAL A 324 22.91 26.66 -18.87
C VAL A 324 23.45 25.93 -17.63
N LYS A 325 24.07 26.67 -16.70
CA LYS A 325 24.58 26.14 -15.43
C LYS A 325 24.00 26.95 -14.25
N ILE A 326 23.29 26.26 -13.33
CA ILE A 326 22.68 26.86 -12.14
C ILE A 326 23.24 26.26 -10.85
N GLU A 327 23.47 27.12 -9.85
CA GLU A 327 23.99 26.72 -8.54
C GLU A 327 23.07 27.25 -7.44
N VAL A 328 22.58 26.35 -6.60
CA VAL A 328 21.70 26.69 -5.47
C VAL A 328 22.31 26.14 -4.18
N ASN A 329 22.84 27.05 -3.35
CA ASN A 329 23.45 26.76 -2.06
C ASN A 329 22.98 27.76 -1.00
N GLU A 330 23.54 27.66 0.23
CA GLU A 330 23.23 28.48 1.40
C GLU A 330 23.22 29.99 1.13
N SER A 331 24.23 30.48 0.39
CA SER A 331 24.42 31.88 0.00
C SER A 331 25.31 31.93 -1.23
N GLY A 332 24.99 32.82 -2.18
CA GLY A 332 25.73 32.99 -3.42
C GLY A 332 27.24 33.02 -3.28
N THR A 333 27.74 33.82 -2.32
CA THR A 333 29.17 33.95 -2.02
C THR A 333 29.70 32.74 -1.26
N ALA A 345 14.82 33.82 17.85
CA ALA A 345 14.87 33.42 16.44
C ALA A 345 13.50 33.63 15.74
N ARG A 346 13.12 32.75 14.80
CA ARG A 346 11.87 32.81 14.05
C ARG A 346 10.90 31.68 14.45
N MET A 347 9.61 32.02 14.62
CA MET A 347 8.53 31.09 14.99
C MET A 347 7.73 30.69 13.75
N ALA A 348 7.39 29.39 13.63
CA ALA A 348 6.60 28.86 12.51
C ALA A 348 5.66 27.71 12.92
N PRO A 349 4.38 27.70 12.46
CA PRO A 349 3.46 26.62 12.86
C PRO A 349 3.62 25.32 12.07
N GLU A 350 4.02 25.40 10.79
CA GLU A 350 4.20 24.25 9.91
C GLU A 350 5.50 24.37 9.08
N GLU A 351 6.05 23.22 8.67
CA GLU A 351 7.27 23.13 7.88
C GLU A 351 6.98 22.64 6.44
N ILE A 352 7.79 23.11 5.49
CA ILE A 352 7.69 22.69 4.08
C ILE A 352 9.00 22.00 3.73
N ILE A 353 8.89 20.71 3.36
CA ILE A 353 10.04 19.89 3.00
C ILE A 353 9.96 19.56 1.51
N ILE A 354 10.99 19.97 0.75
CA ILE A 354 11.10 19.69 -0.68
C ILE A 354 11.92 18.39 -0.84
N ASP A 355 11.27 17.25 -0.53
CA ASP A 355 11.86 15.91 -0.58
C ASP A 355 11.36 15.07 -1.76
N ARG A 356 10.75 15.71 -2.76
CA ARG A 356 10.22 15.08 -3.98
C ARG A 356 10.60 15.94 -5.22
N PRO A 357 10.61 15.40 -6.47
CA PRO A 357 10.98 16.24 -7.63
C PRO A 357 10.17 17.54 -7.71
N PHE A 358 10.88 18.65 -7.98
CA PHE A 358 10.29 19.99 -8.02
C PHE A 358 10.67 20.81 -9.27
N LEU A 359 9.91 21.88 -9.52
CA LEU A 359 10.12 22.82 -10.61
C LEU A 359 10.63 24.13 -10.04
N PHE A 360 11.65 24.73 -10.68
CA PHE A 360 12.16 26.02 -10.24
C PHE A 360 12.03 27.07 -11.34
N VAL A 361 11.81 28.33 -10.96
CA VAL A 361 11.68 29.46 -11.89
C VAL A 361 12.43 30.67 -11.31
N VAL A 362 13.43 31.19 -12.06
CA VAL A 362 14.17 32.40 -11.67
C VAL A 362 13.52 33.55 -12.45
N ARG A 363 12.82 34.45 -11.72
CA ARG A 363 12.07 35.56 -12.29
C ARG A 363 12.63 36.92 -11.94
N HIS A 364 12.64 37.86 -12.92
CA HIS A 364 13.04 39.25 -12.73
C HIS A 364 11.74 40.01 -12.53
N ASN A 365 11.36 40.19 -11.26
CA ASN A 365 10.11 40.79 -10.81
C ASN A 365 9.64 42.14 -11.37
N PRO A 366 10.50 43.17 -11.59
CA PRO A 366 9.98 44.44 -12.14
C PRO A 366 9.39 44.36 -13.55
N THR A 367 9.81 43.36 -14.35
CA THR A 367 9.35 43.15 -15.74
C THR A 367 8.63 41.82 -15.98
N GLY A 368 8.84 40.86 -15.07
CA GLY A 368 8.24 39.53 -15.17
C GLY A 368 8.95 38.62 -16.15
N THR A 369 10.28 38.82 -16.31
CA THR A 369 11.11 38.03 -17.21
C THR A 369 11.45 36.69 -16.58
N VAL A 370 11.19 35.58 -17.30
CA VAL A 370 11.51 34.22 -16.81
C VAL A 370 12.91 33.91 -17.34
N LEU A 371 13.92 34.31 -16.56
CA LEU A 371 15.33 34.14 -16.92
C LEU A 371 15.75 32.68 -16.96
N PHE A 372 15.35 31.91 -15.95
CA PHE A 372 15.68 30.48 -15.83
C PHE A 372 14.50 29.68 -15.32
N MET A 373 14.50 28.39 -15.65
CA MET A 373 13.50 27.42 -15.24
C MET A 373 13.95 26.01 -15.55
N GLY A 374 13.58 25.08 -14.67
CA GLY A 374 13.93 23.70 -14.80
C GLY A 374 13.25 22.77 -13.83
N GLN A 375 13.60 21.47 -13.93
CA GLN A 375 13.08 20.40 -13.11
C GLN A 375 14.24 19.66 -12.43
N VAL A 376 14.19 19.58 -11.08
CA VAL A 376 15.20 18.89 -10.28
C VAL A 376 14.58 17.56 -9.84
N MET A 377 14.89 16.49 -10.62
CA MET A 377 14.42 15.12 -10.39
C MET A 377 15.28 14.39 -9.35
N GLU A 378 16.60 14.70 -9.31
CA GLU A 378 17.56 14.13 -8.37
C GLU A 378 18.70 15.12 -8.09
N PRO A 379 18.73 15.77 -6.89
CA PRO A 379 19.79 16.74 -6.59
C PRO A 379 21.17 16.11 -6.47
N SER B 6 44.25 -10.59 -50.84
CA SER B 6 43.85 -11.08 -49.53
C SER B 6 45.05 -11.51 -48.68
N TYR B 7 46.07 -12.11 -49.34
CA TYR B 7 47.32 -12.55 -48.72
C TYR B 7 48.17 -11.34 -48.37
N VAL B 8 48.22 -10.36 -49.29
CA VAL B 8 48.94 -9.09 -49.15
C VAL B 8 48.20 -8.24 -48.12
N ALA B 9 46.84 -8.28 -48.17
CA ALA B 9 45.95 -7.57 -47.25
C ALA B 9 46.14 -8.03 -45.80
N HIS B 10 46.27 -9.35 -45.58
CA HIS B 10 46.48 -9.93 -44.26
C HIS B 10 47.89 -9.69 -43.74
N LEU B 11 48.91 -9.73 -44.63
CA LEU B 11 50.31 -9.48 -44.28
C LEU B 11 50.49 -8.04 -43.83
N ALA B 12 49.86 -7.09 -44.53
CA ALA B 12 49.90 -5.65 -44.24
C ALA B 12 49.22 -5.38 -42.88
N SER B 13 48.03 -5.96 -42.67
CA SER B 13 47.25 -5.85 -41.44
C SER B 13 47.99 -6.45 -40.24
N ASP B 14 48.66 -7.61 -40.46
CA ASP B 14 49.45 -8.33 -39.45
C ASP B 14 50.59 -7.46 -38.94
N PHE B 15 51.28 -6.74 -39.83
CA PHE B 15 52.37 -5.83 -39.48
C PHE B 15 51.81 -4.63 -38.71
N GLY B 16 50.68 -4.10 -39.18
CA GLY B 16 49.98 -2.97 -38.57
C GLY B 16 49.49 -3.21 -37.17
N VAL B 17 49.06 -4.46 -36.87
CA VAL B 17 48.61 -4.85 -35.53
C VAL B 17 49.85 -4.89 -34.61
N ARG B 18 50.99 -5.41 -35.12
CA ARG B 18 52.27 -5.48 -34.38
C ARG B 18 52.74 -4.11 -33.91
N VAL B 19 52.60 -3.07 -34.77
CA VAL B 19 52.98 -1.68 -34.47
C VAL B 19 52.04 -1.13 -33.38
N PHE B 20 50.72 -1.44 -33.49
CA PHE B 20 49.69 -1.02 -32.53
C PHE B 20 49.98 -1.57 -31.13
N GLN B 21 50.41 -2.85 -31.04
CA GLN B 21 50.75 -3.52 -29.79
C GLN B 21 51.87 -2.80 -29.06
N GLN B 22 52.81 -2.19 -29.82
CA GLN B 22 53.93 -1.41 -29.27
C GLN B 22 53.43 -0.07 -28.76
N VAL B 23 52.43 0.53 -29.44
CA VAL B 23 51.82 1.81 -29.07
C VAL B 23 51.00 1.62 -27.79
N ALA B 24 50.13 0.58 -27.77
CA ALA B 24 49.27 0.19 -26.66
C ALA B 24 50.05 -0.16 -25.38
N GLN B 25 51.29 -0.69 -25.54
CA GLN B 25 52.19 -1.06 -24.44
C GLN B 25 52.74 0.20 -23.76
N ALA B 26 53.16 1.20 -24.58
CA ALA B 26 53.71 2.47 -24.11
C ALA B 26 52.65 3.36 -23.44
N SER B 27 51.39 3.24 -23.87
CA SER B 27 50.27 4.00 -23.32
C SER B 27 49.64 3.26 -22.14
N LYS B 28 49.05 2.07 -22.39
CA LYS B 28 48.38 1.17 -21.43
C LYS B 28 47.11 1.72 -20.80
N ASP B 29 47.21 2.83 -20.05
CA ASP B 29 46.08 3.44 -19.36
C ASP B 29 45.28 4.46 -20.19
N ARG B 30 45.87 4.99 -21.28
CA ARG B 30 45.27 6.02 -22.13
C ARG B 30 44.57 5.52 -23.40
N ASN B 31 43.65 6.35 -23.94
CA ASN B 31 42.90 6.08 -25.17
C ASN B 31 43.82 6.11 -26.37
N VAL B 32 43.79 5.05 -27.20
CA VAL B 32 44.63 4.92 -28.39
C VAL B 32 43.77 4.55 -29.60
N VAL B 33 44.01 5.22 -30.73
CA VAL B 33 43.38 4.95 -32.02
C VAL B 33 44.50 4.90 -33.07
N PHE B 34 44.54 3.81 -33.86
CA PHE B 34 45.61 3.56 -34.83
C PHE B 34 45.08 2.94 -36.11
N SER B 35 45.88 3.03 -37.20
CA SER B 35 45.53 2.45 -38.50
C SER B 35 46.54 1.39 -38.96
N PRO B 36 46.21 0.08 -38.81
CA PRO B 36 47.12 -0.98 -39.28
C PRO B 36 47.44 -0.89 -40.77
N TYR B 37 46.42 -0.59 -41.61
CA TYR B 37 46.55 -0.44 -43.06
C TYR B 37 47.46 0.76 -43.40
N GLY B 38 47.15 1.93 -42.84
CA GLY B 38 47.87 3.18 -43.03
C GLY B 38 49.35 3.14 -42.79
N VAL B 39 49.79 2.45 -41.71
CA VAL B 39 51.21 2.32 -41.37
C VAL B 39 51.94 1.36 -42.32
N ALA B 40 51.26 0.25 -42.72
CA ALA B 40 51.80 -0.74 -43.64
C ALA B 40 51.89 -0.15 -45.03
N SER B 41 50.91 0.69 -45.42
CA SER B 41 50.83 1.37 -46.71
C SER B 41 51.92 2.42 -46.85
N VAL B 42 52.17 3.19 -45.78
CA VAL B 42 53.19 4.25 -45.78
C VAL B 42 54.62 3.69 -45.69
N LEU B 43 54.80 2.50 -45.10
CA LEU B 43 56.11 1.87 -44.97
C LEU B 43 56.49 0.99 -46.16
N ALA B 44 55.49 0.53 -46.93
CA ALA B 44 55.70 -0.26 -48.15
C ALA B 44 56.27 0.65 -49.24
N MET B 45 56.01 1.96 -49.13
CA MET B 45 56.49 3.02 -50.03
C MET B 45 57.95 3.34 -49.72
N LEU B 46 58.30 3.35 -48.42
CA LEU B 46 59.64 3.62 -47.90
C LEU B 46 60.64 2.51 -48.28
N GLN B 47 60.12 1.31 -48.62
CA GLN B 47 60.90 0.15 -49.06
C GLN B 47 61.60 0.44 -50.39
N LEU B 48 60.92 1.20 -51.27
CA LEU B 48 61.42 1.60 -52.58
C LEU B 48 62.49 2.70 -52.51
N THR B 49 62.52 3.45 -51.39
CA THR B 49 63.47 4.54 -51.18
C THR B 49 64.75 4.05 -50.49
N THR B 50 64.65 2.92 -49.75
CA THR B 50 65.74 2.29 -48.98
C THR B 50 66.54 1.25 -49.76
N GLY B 51 67.67 0.83 -49.18
CA GLY B 51 68.58 -0.18 -49.72
C GLY B 51 69.45 -0.79 -48.62
N GLY B 52 70.07 -1.93 -48.94
CA GLY B 52 70.95 -2.64 -48.02
C GLY B 52 70.22 -3.26 -46.84
N GLU B 53 70.83 -3.20 -45.63
CA GLU B 53 70.25 -3.75 -44.40
C GLU B 53 69.04 -2.96 -43.93
N THR B 54 68.97 -1.65 -44.28
CA THR B 54 67.85 -0.76 -43.94
C THR B 54 66.58 -1.27 -44.65
N GLN B 55 66.72 -1.73 -45.92
CA GLN B 55 65.62 -2.32 -46.71
C GLN B 55 65.29 -3.72 -46.20
N GLN B 56 66.31 -4.48 -45.72
CA GLN B 56 66.16 -5.82 -45.16
C GLN B 56 65.34 -5.76 -43.88
N GLN B 57 65.62 -4.75 -43.02
CA GLN B 57 64.93 -4.52 -41.75
C GLN B 57 63.43 -4.27 -41.94
N ILE B 58 63.04 -3.57 -43.02
CA ILE B 58 61.64 -3.28 -43.33
C ILE B 58 60.96 -4.54 -43.88
N GLN B 59 61.56 -5.18 -44.92
CA GLN B 59 61.06 -6.37 -45.60
C GLN B 59 60.86 -7.58 -44.68
N ALA B 60 61.78 -7.80 -43.73
CA ALA B 60 61.71 -8.91 -42.77
C ALA B 60 60.59 -8.67 -41.75
N ALA B 61 60.49 -7.44 -41.22
CA ALA B 61 59.45 -7.06 -40.25
C ALA B 61 58.07 -6.93 -40.89
N MET B 62 58.02 -6.60 -42.19
CA MET B 62 56.77 -6.45 -42.95
C MET B 62 56.19 -7.82 -43.33
N GLY B 63 57.05 -8.69 -43.85
CA GLY B 63 56.69 -10.03 -44.29
C GLY B 63 56.79 -10.18 -45.80
N PHE B 64 56.69 -9.06 -46.53
CA PHE B 64 56.77 -9.04 -47.99
C PHE B 64 57.69 -7.93 -48.54
N LYS B 65 58.08 -8.08 -49.81
CA LYS B 65 58.91 -7.14 -50.55
C LYS B 65 58.04 -6.45 -51.59
N ILE B 66 58.14 -5.11 -51.70
CA ILE B 66 57.37 -4.32 -52.67
C ILE B 66 57.78 -4.67 -54.12
N ASP B 67 59.02 -5.17 -54.30
CA ASP B 67 59.61 -5.60 -55.57
C ASP B 67 58.87 -6.79 -56.16
N ASP B 68 58.48 -7.78 -55.30
CA ASP B 68 57.79 -9.02 -55.67
C ASP B 68 56.57 -8.83 -56.58
N LYS B 69 56.40 -9.78 -57.53
CA LYS B 69 55.32 -9.82 -58.53
C LYS B 69 53.94 -9.95 -57.89
N GLY B 70 53.05 -9.02 -58.23
CA GLY B 70 51.68 -8.98 -57.74
C GLY B 70 51.49 -8.30 -56.40
N MET B 71 52.60 -7.83 -55.77
CA MET B 71 52.53 -7.17 -54.46
C MET B 71 52.01 -5.73 -54.54
N ALA B 72 52.54 -4.93 -55.48
CA ALA B 72 52.12 -3.54 -55.71
C ALA B 72 50.69 -3.40 -56.27
N PRO B 73 50.25 -4.16 -57.30
CA PRO B 73 48.86 -4.01 -57.79
C PRO B 73 47.78 -4.43 -56.80
N ALA B 74 48.09 -5.36 -55.89
CA ALA B 74 47.16 -5.84 -54.86
C ALA B 74 46.83 -4.72 -53.88
N LEU B 75 47.87 -3.97 -53.43
CA LEU B 75 47.74 -2.83 -52.51
C LEU B 75 47.05 -1.67 -53.21
N ARG B 76 47.25 -1.57 -54.54
CA ARG B 76 46.64 -0.55 -55.40
C ARG B 76 45.15 -0.87 -55.53
N HIS B 77 44.81 -2.17 -55.68
CA HIS B 77 43.43 -2.66 -55.76
C HIS B 77 42.71 -2.41 -54.44
N LEU B 78 43.42 -2.64 -53.31
CA LEU B 78 42.92 -2.44 -51.96
C LEU B 78 42.43 -1.00 -51.82
N TYR B 79 43.32 -0.06 -52.03
CA TYR B 79 43.01 1.34 -51.92
C TYR B 79 41.79 1.68 -52.68
N LYS B 80 41.70 1.18 -53.90
CA LYS B 80 40.67 1.60 -54.79
C LYS B 80 39.38 0.90 -54.49
N GLU B 81 39.44 -0.09 -53.64
CA GLU B 81 38.25 -0.75 -53.17
C GLU B 81 37.91 -0.31 -51.78
N LEU B 82 38.89 0.20 -51.05
CA LEU B 82 38.67 0.65 -49.69
C LEU B 82 38.04 1.99 -49.79
N MET B 83 38.51 2.79 -50.73
CA MET B 83 38.01 4.12 -50.87
C MET B 83 38.32 4.72 -52.22
N GLY B 84 37.54 4.37 -53.24
CA GLY B 84 36.74 3.20 -53.24
C GLY B 84 35.30 3.48 -52.99
N PRO B 85 34.43 2.42 -53.17
CA PRO B 85 33.04 2.69 -52.77
C PRO B 85 32.61 2.13 -51.42
N TRP B 86 31.91 2.92 -50.61
CA TRP B 86 31.60 4.31 -50.93
C TRP B 86 31.50 5.22 -49.73
N ASN B 87 32.06 6.41 -49.85
CA ASN B 87 32.18 7.31 -48.72
C ASN B 87 31.08 8.32 -48.51
N LYS B 88 31.42 9.48 -47.98
CA LYS B 88 30.40 10.46 -47.70
C LYS B 88 30.83 11.87 -47.87
N ASP B 89 32.02 12.24 -47.40
CA ASP B 89 33.01 11.35 -46.80
C ASP B 89 32.65 10.53 -45.55
N GLU B 90 33.29 9.38 -45.46
CA GLU B 90 33.23 8.55 -44.33
C GLU B 90 34.64 8.43 -43.88
N ILE B 91 35.50 8.04 -44.79
CA ILE B 91 36.90 7.92 -44.48
C ILE B 91 37.67 8.89 -45.34
N SER B 92 38.76 9.39 -44.82
CA SER B 92 39.66 10.32 -45.49
C SER B 92 41.10 9.93 -45.16
N THR B 93 41.83 9.39 -46.15
CA THR B 93 43.21 8.98 -45.95
C THR B 93 44.18 9.91 -46.66
N THR B 94 45.37 10.07 -46.07
CA THR B 94 46.48 10.85 -46.61
C THR B 94 47.80 10.27 -46.15
N ASP B 95 48.78 10.25 -47.05
CA ASP B 95 50.13 9.74 -46.82
C ASP B 95 51.09 10.44 -47.75
N ALA B 96 52.13 11.05 -47.18
CA ALA B 96 53.12 11.78 -47.98
C ALA B 96 54.53 11.66 -47.42
N ILE B 97 55.50 11.45 -48.33
CA ILE B 97 56.92 11.40 -48.00
C ILE B 97 57.49 12.76 -48.42
N PHE B 98 58.07 13.48 -47.51
CA PHE B 98 58.52 14.80 -47.83
C PHE B 98 60.01 14.77 -47.92
N VAL B 99 60.58 15.25 -49.00
CA VAL B 99 62.02 15.18 -49.18
C VAL B 99 62.58 16.53 -49.58
N GLN B 100 63.88 16.76 -49.44
CA GLN B 100 64.50 18.06 -49.74
C GLN B 100 64.44 18.55 -51.20
N ARG B 101 64.11 19.82 -51.37
CA ARG B 101 63.50 20.26 -52.60
C ARG B 101 64.31 20.04 -53.83
N ASP B 102 65.59 20.35 -53.76
CA ASP B 102 66.39 20.43 -54.95
C ASP B 102 67.53 19.54 -54.62
N LEU B 103 67.22 18.27 -54.63
CA LEU B 103 68.13 17.25 -54.16
C LEU B 103 68.32 16.33 -55.30
N LYS B 104 69.54 15.80 -55.42
CA LYS B 104 69.80 14.98 -56.55
C LYS B 104 69.31 13.58 -56.21
N LEU B 105 68.17 13.25 -56.75
CA LEU B 105 67.68 11.88 -56.56
C LEU B 105 67.90 11.04 -57.82
N VAL B 106 68.24 9.74 -57.63
CA VAL B 106 68.54 8.77 -58.70
C VAL B 106 67.54 8.74 -59.86
N GLN B 107 68.06 8.63 -61.10
CA GLN B 107 67.27 8.58 -62.33
C GLN B 107 66.35 7.37 -62.36
N GLY B 108 65.13 7.58 -62.85
CA GLY B 108 64.11 6.55 -62.97
C GLY B 108 63.33 6.26 -61.70
N PHE B 109 63.72 6.85 -60.55
CA PHE B 109 63.03 6.64 -59.28
C PHE B 109 61.60 7.18 -59.29
N MET B 110 61.42 8.45 -59.71
CA MET B 110 60.12 9.12 -59.77
C MET B 110 59.08 8.41 -60.67
N PRO B 111 59.36 8.05 -61.95
CA PRO B 111 58.35 7.33 -62.74
C PRO B 111 58.06 5.91 -62.23
N HIS B 112 59.02 5.32 -61.49
CA HIS B 112 58.92 3.99 -60.89
C HIS B 112 58.00 4.05 -59.67
N PHE B 113 58.20 5.05 -58.78
CA PHE B 113 57.40 5.27 -57.57
C PHE B 113 55.94 5.53 -57.94
N PHE B 114 55.71 6.31 -59.01
CA PHE B 114 54.37 6.63 -59.49
C PHE B 114 53.68 5.39 -60.09
N ARG B 115 54.45 4.51 -60.78
CA ARG B 115 53.97 3.28 -61.38
C ARG B 115 53.45 2.30 -60.32
N LEU B 116 54.09 2.29 -59.15
CA LEU B 116 53.74 1.40 -58.05
C LEU B 116 52.68 1.95 -57.09
N PHE B 117 52.70 3.27 -56.81
CA PHE B 117 51.77 3.85 -55.83
C PHE B 117 50.78 4.93 -56.30
N ARG B 118 50.92 5.44 -57.54
CA ARG B 118 50.07 6.50 -58.13
C ARG B 118 50.15 7.84 -57.35
N SER B 119 51.19 7.98 -56.50
CA SER B 119 51.50 9.13 -55.66
C SER B 119 52.91 9.62 -56.00
N THR B 120 53.30 10.82 -55.51
CA THR B 120 54.63 11.39 -55.72
C THR B 120 55.29 11.72 -54.38
N VAL B 121 56.63 11.71 -54.34
CA VAL B 121 57.39 12.07 -53.14
C VAL B 121 57.45 13.61 -53.15
N LYS B 122 56.86 14.24 -52.13
CA LYS B 122 56.76 15.70 -52.04
C LYS B 122 58.08 16.41 -51.77
N GLN B 123 58.38 17.42 -52.61
CA GLN B 123 59.59 18.23 -52.50
C GLN B 123 59.30 19.51 -51.73
N VAL B 124 60.05 19.73 -50.64
CA VAL B 124 59.89 20.89 -49.73
C VAL B 124 61.27 21.36 -49.20
N ASP B 125 61.45 22.69 -49.05
CA ASP B 125 62.71 23.26 -48.55
C ASP B 125 62.68 23.38 -47.02
N PHE B 126 63.41 22.45 -46.35
CA PHE B 126 63.51 22.35 -44.89
C PHE B 126 64.28 23.48 -44.19
N SER B 127 65.07 24.28 -44.94
CA SER B 127 65.83 25.41 -44.39
C SER B 127 64.88 26.50 -43.87
N GLU B 128 63.74 26.70 -44.57
CA GLU B 128 62.68 27.61 -44.18
C GLU B 128 61.75 26.78 -43.30
N VAL B 129 62.17 26.63 -42.03
CA VAL B 129 61.54 25.82 -40.97
C VAL B 129 60.03 26.02 -40.77
N GLU B 130 59.57 27.26 -40.54
CA GLU B 130 58.13 27.52 -40.33
C GLU B 130 57.30 27.27 -41.58
N ARG B 131 57.84 27.61 -42.77
CA ARG B 131 57.20 27.39 -44.06
C ARG B 131 57.03 25.89 -44.32
N ALA B 132 58.10 25.09 -44.04
CA ALA B 132 58.11 23.63 -44.21
C ALA B 132 57.09 22.96 -43.28
N ARG B 133 57.00 23.43 -42.02
CA ARG B 133 56.06 22.92 -41.00
C ARG B 133 54.61 23.22 -41.42
N PHE B 134 54.40 24.36 -42.09
CA PHE B 134 53.10 24.78 -42.60
C PHE B 134 52.66 23.88 -43.76
N ILE B 135 53.56 23.66 -44.75
CA ILE B 135 53.32 22.83 -45.95
C ILE B 135 52.92 21.39 -45.58
N ILE B 136 53.60 20.80 -44.57
CA ILE B 136 53.34 19.45 -44.06
C ILE B 136 51.95 19.41 -43.41
N ASN B 137 51.69 20.35 -42.49
CA ASN B 137 50.42 20.46 -41.77
C ASN B 137 49.23 20.80 -42.67
N ASP B 138 49.45 21.63 -43.70
CA ASP B 138 48.38 22.02 -44.64
C ASP B 138 48.03 20.91 -45.62
N TRP B 139 48.98 20.00 -45.90
CA TRP B 139 48.75 18.84 -46.78
C TRP B 139 47.70 17.94 -46.14
N VAL B 140 47.83 17.74 -44.81
CA VAL B 140 46.97 16.94 -43.95
C VAL B 140 45.57 17.57 -43.90
N LYS B 141 45.48 18.89 -43.68
CA LYS B 141 44.23 19.65 -43.61
C LYS B 141 43.44 19.56 -44.91
N THR B 142 44.09 19.83 -46.05
CA THR B 142 43.50 19.81 -47.39
C THR B 142 43.04 18.42 -47.83
N HIS B 143 43.67 17.35 -47.30
CA HIS B 143 43.36 15.98 -47.68
C HIS B 143 42.50 15.15 -46.69
N THR B 144 42.27 15.66 -45.46
CA THR B 144 41.42 15.00 -44.48
C THR B 144 40.15 15.84 -44.16
N LYS B 145 39.91 16.90 -44.96
CA LYS B 145 38.78 17.84 -44.86
C LYS B 145 38.75 18.61 -43.51
N GLY B 146 39.95 18.92 -43.00
CA GLY B 146 40.15 19.65 -41.75
C GLY B 146 39.76 18.89 -40.49
N MET B 147 39.43 17.59 -40.63
CA MET B 147 39.02 16.72 -39.53
C MET B 147 40.13 16.32 -38.55
N ILE B 148 41.41 16.45 -38.97
CA ILE B 148 42.57 16.16 -38.13
C ILE B 148 43.20 17.47 -37.60
N SER B 149 43.53 17.48 -36.29
CA SER B 149 44.13 18.61 -35.57
C SER B 149 45.57 18.90 -36.04
N HIS B 150 46.05 20.11 -35.83
CA HIS B 150 47.37 20.49 -36.28
C HIS B 150 48.30 19.57 -35.58
N LEU B 151 49.35 19.13 -36.25
CA LEU B 151 50.32 18.19 -35.73
C LEU B 151 51.29 18.81 -34.77
N LEU B 152 51.41 18.19 -33.61
CA LEU B 152 52.40 18.50 -32.61
C LEU B 152 53.82 18.16 -32.94
N GLY B 153 54.02 17.03 -33.59
CA GLY B 153 55.31 16.46 -33.90
C GLY B 153 56.17 17.24 -34.84
N THR B 154 55.58 18.06 -35.68
CA THR B 154 56.30 18.83 -36.70
C THR B 154 57.24 19.81 -36.03
N GLY B 155 57.03 20.02 -34.76
CA GLY B 155 57.91 20.85 -34.00
C GLY B 155 59.26 20.26 -34.08
N ALA B 156 59.37 18.97 -34.32
CA ALA B 156 60.67 18.32 -34.39
C ALA B 156 61.50 18.78 -35.55
N VAL B 157 60.85 19.24 -36.59
CA VAL B 157 61.50 19.54 -37.83
C VAL B 157 62.54 20.60 -37.65
N ASP B 158 63.65 20.43 -38.32
CA ASP B 158 64.88 21.15 -38.07
C ASP B 158 65.43 21.62 -39.38
N GLN B 159 66.40 22.48 -39.30
CA GLN B 159 67.14 22.93 -40.45
C GLN B 159 67.84 21.77 -41.13
N LEU B 160 68.23 20.79 -40.35
CA LEU B 160 69.01 19.68 -40.86
C LEU B 160 68.19 18.48 -41.27
N THR B 161 66.88 18.62 -41.14
CA THR B 161 65.90 17.56 -41.44
C THR B 161 65.84 17.40 -42.96
N ARG B 162 65.93 16.15 -43.47
CA ARG B 162 65.93 15.90 -44.91
C ARG B 162 64.77 15.01 -45.37
N LEU B 163 64.30 14.12 -44.49
CA LEU B 163 63.20 13.20 -44.79
C LEU B 163 62.15 13.19 -43.68
N VAL B 164 60.86 13.21 -44.07
CA VAL B 164 59.71 13.21 -43.17
C VAL B 164 58.62 12.27 -43.73
N LEU B 165 58.04 11.43 -42.85
CA LEU B 165 56.97 10.49 -43.20
C LEU B 165 55.72 10.83 -42.39
N VAL B 166 54.63 11.18 -43.10
CA VAL B 166 53.35 11.57 -42.49
C VAL B 166 52.21 10.73 -43.09
N ASN B 167 51.33 10.22 -42.22
CA ASN B 167 50.17 9.43 -42.61
C ASN B 167 48.97 9.81 -41.71
N ALA B 168 47.92 10.41 -42.29
CA ALA B 168 46.74 10.82 -41.53
C ALA B 168 45.45 10.18 -42.03
N LEU B 169 44.58 9.74 -41.10
CA LEU B 169 43.31 9.09 -41.43
C LEU B 169 42.12 9.56 -40.59
N TYR B 170 40.97 9.81 -41.23
CA TYR B 170 39.73 10.20 -40.55
C TYR B 170 38.63 9.18 -40.84
N PHE B 171 37.81 8.86 -39.82
CA PHE B 171 36.69 7.94 -39.97
C PHE B 171 35.46 8.20 -39.11
N ASN B 172 34.29 8.21 -39.76
CA ASN B 172 32.95 8.33 -39.19
C ASN B 172 31.99 7.69 -40.18
N GLY B 173 31.78 6.39 -40.01
CA GLY B 173 30.94 5.59 -40.90
C GLY B 173 29.47 5.53 -40.57
N GLN B 174 28.65 5.36 -41.62
CA GLN B 174 27.20 5.23 -41.54
C GLN B 174 26.86 3.75 -41.36
N TRP B 175 26.21 3.41 -40.22
CA TRP B 175 25.80 2.05 -39.86
C TRP B 175 24.73 1.48 -40.80
N LYS B 176 24.62 0.14 -40.87
CA LYS B 176 23.61 -0.56 -41.70
C LYS B 176 22.23 -0.22 -41.14
N THR B 177 22.08 -0.33 -39.80
CA THR B 177 20.89 0.00 -39.03
C THR B 177 21.32 1.05 -37.99
N PRO B 178 20.91 2.34 -38.13
CA PRO B 178 21.36 3.36 -37.16
C PRO B 178 20.69 3.22 -35.79
N PHE B 179 21.39 3.70 -34.75
CA PHE B 179 20.92 3.69 -33.37
C PHE B 179 19.82 4.76 -33.19
N PRO B 180 18.70 4.43 -32.50
CA PRO B 180 17.67 5.46 -32.28
C PRO B 180 18.21 6.62 -31.45
N ASP B 181 17.93 7.86 -31.87
CA ASP B 181 18.37 9.08 -31.17
C ASP B 181 17.65 9.26 -29.84
N SER B 182 16.43 8.71 -29.73
CA SER B 182 15.56 8.71 -28.54
C SER B 182 16.15 7.78 -27.44
N SER B 183 16.95 6.79 -27.86
CA SER B 183 17.58 5.79 -26.99
C SER B 183 18.89 6.26 -26.36
N THR B 184 19.46 7.40 -26.81
CA THR B 184 20.70 7.93 -26.24
C THR B 184 20.43 8.49 -24.84
N HIS B 185 21.15 7.94 -23.85
CA HIS B 185 21.02 8.26 -22.44
C HIS B 185 22.39 8.26 -21.76
N ARG B 186 22.50 8.90 -20.59
CA ARG B 186 23.74 8.92 -19.82
C ARG B 186 23.79 7.73 -18.89
N ARG B 187 24.84 6.93 -19.01
CA ARG B 187 25.08 5.73 -18.21
C ARG B 187 26.53 5.75 -17.70
N LEU B 188 26.77 5.15 -16.52
CA LEU B 188 28.10 5.09 -15.92
C LEU B 188 29.06 4.17 -16.66
N PHE B 189 30.27 4.66 -16.92
CA PHE B 189 31.34 3.90 -17.55
C PHE B 189 32.35 3.59 -16.47
N HIS B 190 32.72 2.31 -16.34
CA HIS B 190 33.67 1.87 -15.33
C HIS B 190 35.07 1.82 -15.91
N LYS B 191 35.97 2.65 -15.37
CA LYS B 191 37.36 2.72 -15.80
C LYS B 191 38.18 1.57 -15.19
N SER B 192 39.42 1.35 -15.69
CA SER B 192 40.30 0.28 -15.21
C SER B 192 40.75 0.42 -13.75
N ASP B 193 40.85 1.67 -13.25
CA ASP B 193 41.22 1.95 -11.85
C ASP B 193 40.01 1.91 -10.91
N GLY B 194 38.85 1.52 -11.45
CA GLY B 194 37.60 1.38 -10.70
C GLY B 194 36.74 2.61 -10.58
N SER B 195 37.23 3.78 -11.05
CA SER B 195 36.49 5.04 -11.00
C SER B 195 35.38 5.06 -12.06
N THR B 196 34.36 5.93 -11.88
CA THR B 196 33.24 6.01 -12.83
C THR B 196 33.05 7.39 -13.45
N VAL B 197 32.50 7.41 -14.68
CA VAL B 197 32.17 8.60 -15.46
C VAL B 197 30.80 8.45 -16.12
N SER B 198 29.95 9.49 -16.04
CA SER B 198 28.62 9.49 -16.67
C SER B 198 28.81 9.97 -18.10
N VAL B 199 28.69 9.06 -19.08
CA VAL B 199 28.91 9.37 -20.49
C VAL B 199 27.68 9.05 -21.38
N PRO B 200 27.45 9.75 -22.52
CA PRO B 200 26.29 9.40 -23.37
C PRO B 200 26.49 8.06 -24.06
N MET B 201 25.52 7.15 -23.86
CA MET B 201 25.54 5.81 -24.42
C MET B 201 24.26 5.54 -25.20
N MET B 202 24.41 5.17 -26.48
CA MET B 202 23.30 4.85 -27.38
C MET B 202 22.91 3.37 -27.27
N ALA B 203 21.60 3.06 -27.44
CA ALA B 203 21.05 1.71 -27.32
C ALA B 203 20.28 1.26 -28.54
N GLN B 204 20.34 -0.04 -28.87
CA GLN B 204 19.66 -0.65 -30.02
C GLN B 204 19.41 -2.13 -29.81
N THR B 205 18.19 -2.59 -30.15
CA THR B 205 17.80 -4.01 -30.08
C THR B 205 17.77 -4.53 -31.52
N ASN B 206 18.53 -5.61 -31.78
CA ASN B 206 18.64 -6.22 -33.10
C ASN B 206 19.20 -7.64 -33.00
N LYS B 207 19.31 -8.33 -34.14
CA LYS B 207 19.92 -9.66 -34.24
C LYS B 207 21.35 -9.37 -34.68
N PHE B 208 22.25 -9.23 -33.71
CA PHE B 208 23.66 -8.89 -33.93
C PHE B 208 24.54 -10.13 -34.11
N ASN B 209 25.59 -10.01 -34.94
CA ASN B 209 26.59 -11.06 -35.12
C ASN B 209 27.45 -10.97 -33.86
N TYR B 210 27.47 -12.05 -33.09
CA TYR B 210 28.15 -12.11 -31.80
C TYR B 210 28.83 -13.46 -31.59
N THR B 211 29.99 -13.45 -30.91
CA THR B 211 30.77 -14.65 -30.57
C THR B 211 31.55 -14.50 -29.24
N GLU B 212 32.05 -15.62 -28.73
CA GLU B 212 32.83 -15.69 -27.50
C GLU B 212 34.12 -16.48 -27.77
N PHE B 213 35.24 -15.97 -27.26
CA PHE B 213 36.56 -16.57 -27.41
C PHE B 213 37.27 -16.58 -26.06
N THR B 214 38.42 -17.27 -25.97
CA THR B 214 39.19 -17.35 -24.72
C THR B 214 40.63 -16.91 -24.92
N THR B 215 41.23 -16.37 -23.85
CA THR B 215 42.63 -15.95 -23.79
C THR B 215 43.45 -17.19 -23.39
N PRO B 216 44.80 -17.22 -23.55
CA PRO B 216 45.57 -18.40 -23.10
C PRO B 216 45.44 -18.63 -21.59
N ASP B 217 45.33 -17.54 -20.80
CA ASP B 217 45.11 -17.61 -19.35
C ASP B 217 43.71 -18.16 -18.98
N GLY B 218 42.88 -18.37 -20.00
CA GLY B 218 41.54 -18.94 -19.87
C GLY B 218 40.42 -18.00 -19.49
N HIS B 219 40.54 -16.71 -19.83
CA HIS B 219 39.52 -15.72 -19.51
C HIS B 219 38.57 -15.48 -20.69
N TYR B 220 37.26 -15.36 -20.41
CA TYR B 220 36.22 -15.18 -21.43
C TYR B 220 36.13 -13.77 -21.96
N TYR B 221 36.21 -13.62 -23.28
CA TYR B 221 36.07 -12.33 -23.97
C TYR B 221 35.03 -12.42 -25.08
N ASP B 222 34.19 -11.36 -25.19
CA ASP B 222 33.08 -11.32 -26.13
C ASP B 222 33.28 -10.33 -27.26
N ILE B 223 33.08 -10.79 -28.50
CA ILE B 223 33.23 -9.98 -29.72
C ILE B 223 31.87 -9.79 -30.38
N LEU B 224 31.53 -8.53 -30.69
CA LEU B 224 30.29 -8.16 -31.34
C LEU B 224 30.60 -7.39 -32.63
N GLU B 225 29.90 -7.74 -33.72
CA GLU B 225 30.08 -7.09 -35.02
C GLU B 225 28.96 -6.09 -35.29
N LEU B 226 29.37 -4.88 -35.68
CA LEU B 226 28.47 -3.79 -36.03
C LEU B 226 28.74 -3.41 -37.50
N PRO B 227 27.88 -3.83 -38.44
CA PRO B 227 28.17 -3.52 -39.85
C PRO B 227 27.76 -2.11 -40.29
N TYR B 228 28.52 -1.57 -41.25
CA TYR B 228 28.25 -0.28 -41.87
C TYR B 228 27.39 -0.53 -43.12
N HIS B 229 26.93 0.54 -43.80
CA HIS B 229 26.07 0.44 -44.97
C HIS B 229 26.66 -0.45 -46.08
N GLY B 230 25.82 -1.33 -46.63
CA GLY B 230 26.18 -2.26 -47.69
C GLY B 230 27.09 -3.40 -47.29
N ASP B 231 27.27 -3.62 -45.97
CA ASP B 231 28.11 -4.68 -45.36
C ASP B 231 29.61 -4.66 -45.73
N THR B 232 30.05 -3.67 -46.54
CA THR B 232 31.44 -3.50 -47.00
C THR B 232 32.40 -3.40 -45.81
N LEU B 233 32.05 -2.57 -44.81
CA LEU B 233 32.83 -2.39 -43.58
C LEU B 233 32.03 -2.81 -42.35
N SER B 234 32.74 -3.13 -41.26
CA SER B 234 32.18 -3.55 -39.97
C SER B 234 33.10 -3.19 -38.83
N MET B 235 32.52 -2.89 -37.66
CA MET B 235 33.28 -2.63 -36.45
C MET B 235 33.10 -3.79 -35.48
N PHE B 236 34.22 -4.29 -34.94
CA PHE B 236 34.21 -5.38 -33.99
C PHE B 236 34.49 -4.83 -32.59
N ILE B 237 33.57 -5.02 -31.64
CA ILE B 237 33.72 -4.56 -30.26
C ILE B 237 34.10 -5.76 -29.39
N ALA B 238 35.39 -5.83 -29.01
CA ALA B 238 35.92 -6.90 -28.18
C ALA B 238 36.23 -6.37 -26.79
N ALA B 239 35.79 -7.10 -25.76
CA ALA B 239 35.98 -6.77 -24.34
C ALA B 239 35.87 -8.02 -23.47
N PRO B 240 36.73 -8.19 -22.42
CA PRO B 240 36.60 -9.38 -21.55
C PRO B 240 35.31 -9.33 -20.72
N TYR B 241 34.74 -10.50 -20.44
CA TYR B 241 33.49 -10.63 -19.68
C TYR B 241 33.60 -10.07 -18.26
N GLU B 242 34.52 -10.62 -17.44
CA GLU B 242 34.71 -10.16 -16.06
C GLU B 242 35.45 -8.82 -16.03
N LYS B 243 34.89 -7.84 -15.29
CA LYS B 243 35.43 -6.49 -15.13
C LYS B 243 36.87 -6.43 -14.60
N GLU B 244 37.27 -7.42 -13.77
CA GLU B 244 38.62 -7.48 -13.20
C GLU B 244 39.70 -7.93 -14.20
N VAL B 245 39.30 -8.43 -15.39
CA VAL B 245 40.23 -8.87 -16.42
C VAL B 245 40.73 -7.63 -17.21
N PRO B 246 42.07 -7.39 -17.32
CA PRO B 246 42.54 -6.22 -18.06
C PRO B 246 42.41 -6.37 -19.58
N LEU B 247 42.30 -5.25 -20.28
CA LEU B 247 42.16 -5.23 -21.74
C LEU B 247 43.46 -5.67 -22.43
N SER B 248 44.59 -5.64 -21.69
CA SER B 248 45.93 -6.04 -22.10
C SER B 248 45.96 -7.53 -22.45
N ALA B 249 45.17 -8.35 -21.72
CA ALA B 249 45.03 -9.80 -21.91
C ALA B 249 44.48 -10.13 -23.29
N LEU B 250 43.76 -9.17 -23.89
CA LEU B 250 43.15 -9.26 -25.21
C LEU B 250 44.04 -8.63 -26.28
N THR B 251 44.70 -7.50 -25.95
CA THR B 251 45.60 -6.75 -26.83
C THR B 251 46.84 -7.58 -27.19
N ASN B 252 47.49 -8.19 -26.18
CA ASN B 252 48.71 -8.99 -26.35
C ASN B 252 48.55 -10.23 -27.24
N ILE B 253 47.32 -10.75 -27.38
CA ILE B 253 47.01 -11.92 -28.20
C ILE B 253 46.45 -11.61 -29.61
N LEU B 254 46.23 -10.31 -29.92
CA LEU B 254 45.69 -9.85 -31.20
C LEU B 254 46.57 -10.11 -32.42
N SER B 255 45.92 -10.40 -33.57
CA SER B 255 46.50 -10.66 -34.89
C SER B 255 45.37 -10.62 -35.94
N ALA B 256 45.72 -10.38 -37.22
CA ALA B 256 44.78 -10.34 -38.35
C ALA B 256 44.05 -11.69 -38.55
N GLN B 257 44.72 -12.81 -38.20
CA GLN B 257 44.16 -14.16 -38.27
C GLN B 257 43.12 -14.36 -37.16
N LEU B 258 43.37 -13.78 -35.96
CA LEU B 258 42.46 -13.85 -34.81
C LEU B 258 41.16 -13.12 -35.14
N ILE B 259 41.26 -11.92 -35.75
CA ILE B 259 40.11 -11.11 -36.17
C ILE B 259 39.31 -11.86 -37.25
N SER B 260 40.00 -12.62 -38.13
CA SER B 260 39.39 -13.45 -39.18
C SER B 260 38.62 -14.62 -38.56
N HIS B 261 39.11 -15.16 -37.43
CA HIS B 261 38.45 -16.27 -36.72
C HIS B 261 37.22 -15.79 -35.97
N TRP B 262 37.23 -14.53 -35.48
CA TRP B 262 36.13 -13.90 -34.77
C TRP B 262 34.91 -13.77 -35.69
N LYS B 263 35.13 -13.22 -36.90
CA LYS B 263 34.10 -13.00 -37.92
C LYS B 263 33.51 -14.33 -38.44
N GLY B 264 34.34 -15.35 -38.58
CA GLY B 264 33.94 -16.66 -39.07
C GLY B 264 33.10 -17.47 -38.09
N ASN B 265 33.30 -17.25 -36.77
CA ASN B 265 32.60 -17.97 -35.71
C ASN B 265 31.33 -17.28 -35.20
N MET B 266 31.00 -16.10 -35.74
CA MET B 266 29.84 -15.32 -35.34
C MET B 266 28.50 -15.87 -35.79
N THR B 267 27.45 -15.61 -34.98
CA THR B 267 26.06 -16.02 -35.20
C THR B 267 25.13 -14.86 -34.83
N ARG B 268 23.98 -14.76 -35.52
CA ARG B 268 23.00 -13.72 -35.25
C ARG B 268 22.13 -14.06 -34.04
N LEU B 269 22.29 -13.28 -32.96
CA LEU B 269 21.57 -13.46 -31.69
C LEU B 269 20.80 -12.21 -31.30
N PRO B 270 19.51 -12.32 -30.88
CA PRO B 270 18.78 -11.12 -30.46
C PRO B 270 19.35 -10.57 -29.14
N ARG B 271 19.78 -9.29 -29.16
CA ARG B 271 20.37 -8.61 -27.99
C ARG B 271 20.03 -7.14 -27.97
N LEU B 272 20.09 -6.52 -26.79
CA LEU B 272 19.87 -5.09 -26.59
C LEU B 272 21.26 -4.52 -26.31
N LEU B 273 21.85 -3.81 -27.29
CA LEU B 273 23.20 -3.26 -27.14
C LEU B 273 23.22 -1.84 -26.66
N VAL B 274 23.99 -1.57 -25.60
CA VAL B 274 24.21 -0.24 -25.05
C VAL B 274 25.69 0.03 -25.33
N LEU B 275 25.97 0.88 -26.32
CA LEU B 275 27.32 1.25 -26.77
C LEU B 275 27.61 2.73 -26.53
N PRO B 276 28.75 3.08 -25.89
CA PRO B 276 29.04 4.51 -25.67
C PRO B 276 29.51 5.25 -26.92
N LYS B 277 29.06 6.51 -27.06
CA LYS B 277 29.45 7.40 -28.15
C LYS B 277 30.87 7.87 -27.85
N PHE B 278 31.78 7.82 -28.84
CA PHE B 278 33.15 8.27 -28.64
C PHE B 278 33.74 9.01 -29.83
N SER B 279 34.67 9.92 -29.55
CA SER B 279 35.39 10.71 -30.55
C SER B 279 36.86 10.79 -30.13
N LEU B 280 37.66 9.81 -30.60
CA LEU B 280 39.08 9.69 -30.26
C LEU B 280 40.00 10.23 -31.34
N GLU B 281 41.12 10.85 -30.92
CA GLU B 281 42.16 11.38 -31.79
C GLU B 281 43.53 11.06 -31.19
N THR B 282 44.42 10.39 -31.96
CA THR B 282 45.75 10.01 -31.48
C THR B 282 46.84 10.32 -32.49
N GLU B 283 47.89 11.03 -32.05
CA GLU B 283 49.07 11.35 -32.84
C GLU B 283 50.21 10.51 -32.30
N VAL B 284 50.73 9.58 -33.13
CA VAL B 284 51.79 8.65 -32.74
C VAL B 284 53.11 8.94 -33.44
N ASP B 285 54.21 9.00 -32.66
CA ASP B 285 55.55 9.13 -33.23
C ASP B 285 56.01 7.69 -33.43
N LEU B 286 56.00 7.26 -34.70
CA LEU B 286 56.32 5.90 -35.13
C LEU B 286 57.75 5.41 -34.88
N ARG B 287 58.69 6.30 -34.48
CA ARG B 287 60.09 5.95 -34.20
C ARG B 287 60.21 4.82 -33.18
N LYS B 288 59.77 5.05 -31.92
CA LYS B 288 59.83 4.06 -30.84
C LYS B 288 59.17 2.69 -31.18
N PRO B 289 57.90 2.61 -31.69
CA PRO B 289 57.34 1.30 -32.05
C PRO B 289 58.07 0.56 -33.20
N LEU B 290 58.60 1.30 -34.20
CA LEU B 290 59.30 0.70 -35.34
C LEU B 290 60.73 0.24 -35.00
N GLU B 291 61.35 0.85 -33.97
CA GLU B 291 62.69 0.50 -33.48
C GLU B 291 62.64 -0.85 -32.75
N ASN B 292 61.57 -1.10 -31.97
CA ASN B 292 61.34 -2.34 -31.22
C ASN B 292 61.07 -3.51 -32.16
N LEU B 293 60.44 -3.23 -33.31
CA LEU B 293 60.11 -4.20 -34.34
C LEU B 293 61.30 -4.60 -35.25
N GLY B 294 62.44 -3.93 -35.06
CA GLY B 294 63.67 -4.23 -35.79
C GLY B 294 64.21 -3.17 -36.73
N MET B 295 63.37 -2.16 -37.09
CA MET B 295 63.74 -1.08 -38.02
C MET B 295 64.45 0.10 -37.32
N THR B 296 65.66 -0.15 -36.82
CA THR B 296 66.47 0.83 -36.10
C THR B 296 67.34 1.71 -37.00
N ASP B 297 67.93 1.11 -38.06
CA ASP B 297 68.84 1.77 -39.01
C ASP B 297 68.30 3.05 -39.65
N MET B 298 67.03 3.03 -40.12
CA MET B 298 66.37 4.15 -40.80
C MET B 298 66.31 5.50 -40.04
N PHE B 299 66.33 5.45 -38.70
CA PHE B 299 66.28 6.64 -37.85
C PHE B 299 67.67 7.15 -37.43
N ARG B 300 68.71 6.29 -37.58
CA ARG B 300 70.10 6.61 -37.24
C ARG B 300 70.76 7.36 -38.40
N GLN B 301 71.34 8.54 -38.09
CA GLN B 301 71.99 9.47 -39.04
C GLN B 301 73.03 8.82 -39.96
N PHE B 302 73.87 7.92 -39.44
CA PHE B 302 74.91 7.28 -40.23
C PHE B 302 74.64 5.85 -40.70
N GLN B 303 73.81 5.09 -39.98
CA GLN B 303 73.47 3.71 -40.33
C GLN B 303 72.45 3.62 -41.48
N ALA B 304 71.54 4.61 -41.61
CA ALA B 304 70.49 4.65 -42.64
C ALA B 304 71.02 4.66 -44.07
N ASP B 305 70.33 3.93 -44.95
CA ASP B 305 70.66 3.82 -46.36
C ASP B 305 69.43 4.13 -47.22
N PHE B 306 69.51 5.22 -47.99
CA PHE B 306 68.46 5.69 -48.90
C PHE B 306 69.02 5.88 -50.32
N THR B 307 69.91 4.95 -50.73
CA THR B 307 70.59 4.91 -52.04
C THR B 307 69.62 4.76 -53.22
N SER B 308 68.49 4.04 -52.99
CA SER B 308 67.44 3.82 -53.98
C SER B 308 66.62 5.11 -54.23
N LEU B 309 66.73 6.10 -53.33
CA LEU B 309 66.09 7.41 -53.42
C LEU B 309 67.11 8.42 -53.94
N SER B 310 68.20 8.67 -53.18
CA SER B 310 69.28 9.59 -53.55
C SER B 310 70.64 9.11 -53.04
N ASP B 311 71.68 9.24 -53.88
CA ASP B 311 73.04 8.82 -53.53
C ASP B 311 74.03 9.99 -53.36
N GLN B 312 73.56 11.24 -53.54
CA GLN B 312 74.39 12.44 -53.44
C GLN B 312 74.61 12.93 -52.00
N GLU B 313 73.64 12.68 -51.12
CA GLU B 313 73.66 13.14 -49.73
C GLU B 313 73.24 12.04 -48.76
N PRO B 314 73.82 11.96 -47.52
CA PRO B 314 73.35 10.94 -46.57
C PRO B 314 72.00 11.33 -45.97
N LEU B 315 71.03 10.40 -46.04
CA LEU B 315 69.67 10.65 -45.55
C LEU B 315 69.25 9.68 -44.45
N HIS B 316 68.35 10.16 -43.57
CA HIS B 316 67.73 9.43 -42.47
C HIS B 316 66.42 10.14 -42.11
N VAL B 317 65.38 9.38 -41.75
CA VAL B 317 64.10 9.96 -41.36
C VAL B 317 64.18 10.59 -39.97
N ALA B 318 63.85 11.89 -39.88
CA ALA B 318 63.87 12.67 -38.65
C ALA B 318 62.49 12.76 -37.99
N LEU B 319 61.41 12.42 -38.75
CA LEU B 319 60.04 12.46 -38.25
C LEU B 319 59.12 11.44 -38.93
N ALA B 320 58.57 10.50 -38.14
CA ALA B 320 57.62 9.48 -38.59
C ALA B 320 56.35 9.63 -37.76
N LEU B 321 55.27 10.16 -38.36
CA LEU B 321 54.01 10.42 -37.67
C LEU B 321 52.76 9.81 -38.27
N GLN B 322 51.89 9.30 -37.38
CA GLN B 322 50.58 8.77 -37.75
C GLN B 322 49.55 9.42 -36.84
N LYS B 323 48.58 10.15 -37.44
CA LYS B 323 47.50 10.81 -36.72
C LYS B 323 46.15 10.30 -37.24
N VAL B 324 45.37 9.63 -36.37
CA VAL B 324 44.07 9.06 -36.72
C VAL B 324 42.96 9.65 -35.83
N LYS B 325 41.82 10.02 -36.44
CA LYS B 325 40.64 10.56 -35.77
C LYS B 325 39.45 9.66 -36.09
N ILE B 326 38.85 9.04 -35.06
CA ILE B 326 37.69 8.17 -35.19
C ILE B 326 36.48 8.73 -34.43
N GLU B 327 35.31 8.75 -35.09
CA GLU B 327 34.07 9.24 -34.51
C GLU B 327 33.00 8.17 -34.58
N VAL B 328 32.32 7.89 -33.45
CA VAL B 328 31.25 6.91 -33.36
C VAL B 328 30.01 7.54 -32.73
N ASN B 329 28.92 7.58 -33.51
CA ASN B 329 27.64 8.13 -33.09
C ASN B 329 26.45 7.30 -33.60
N GLU B 330 25.21 7.79 -33.40
CA GLU B 330 23.95 7.11 -33.74
C GLU B 330 23.80 6.69 -35.21
N SER B 331 23.93 7.65 -36.16
CA SER B 331 23.74 7.36 -37.57
C SER B 331 25.00 7.45 -38.42
N GLY B 332 25.89 8.39 -38.09
CA GLY B 332 27.11 8.66 -38.84
C GLY B 332 26.98 9.91 -39.70
N THR B 333 25.83 10.59 -39.62
CA THR B 333 25.46 11.83 -40.31
C THR B 333 24.69 12.74 -39.35
N ALA B 345 9.53 -2.94 -31.32
CA ALA B 345 9.27 -3.93 -32.38
C ALA B 345 10.12 -5.19 -32.21
N ARG B 346 11.38 -5.04 -31.78
CA ARG B 346 12.32 -6.15 -31.59
C ARG B 346 12.44 -6.57 -30.12
N MET B 347 12.34 -7.90 -29.88
CA MET B 347 12.43 -8.52 -28.56
C MET B 347 13.80 -9.20 -28.40
N ALA B 348 14.37 -9.11 -27.19
CA ALA B 348 15.68 -9.68 -26.85
C ALA B 348 15.69 -10.34 -25.46
N PRO B 349 16.36 -11.50 -25.28
CA PRO B 349 16.37 -12.13 -23.96
C PRO B 349 17.48 -11.63 -23.01
N GLU B 350 18.51 -10.97 -23.56
CA GLU B 350 19.65 -10.46 -22.80
C GLU B 350 20.22 -9.17 -23.41
N GLU B 351 20.90 -8.36 -22.58
CA GLU B 351 21.52 -7.10 -22.97
C GLU B 351 23.05 -7.15 -22.90
N ILE B 352 23.73 -6.52 -23.88
CA ILE B 352 25.19 -6.43 -23.91
C ILE B 352 25.52 -4.96 -23.65
N ILE B 353 26.01 -4.67 -22.45
CA ILE B 353 26.37 -3.32 -22.05
C ILE B 353 27.87 -3.14 -22.11
N ILE B 354 28.31 -2.20 -22.97
CA ILE B 354 29.73 -1.87 -23.14
C ILE B 354 30.03 -0.68 -22.20
N ASP B 355 30.23 -0.96 -20.90
CA ASP B 355 30.48 0.05 -19.87
C ASP B 355 31.84 -0.08 -19.17
N ARG B 356 32.78 -0.77 -19.83
CA ARG B 356 34.15 -0.99 -19.35
C ARG B 356 35.11 -0.81 -20.55
N PRO B 357 36.45 -0.65 -20.36
CA PRO B 357 37.33 -0.51 -21.53
C PRO B 357 37.21 -1.64 -22.54
N PHE B 358 37.23 -1.29 -23.84
CA PHE B 358 37.07 -2.23 -24.94
C PHE B 358 37.97 -1.92 -26.12
N LEU B 359 38.15 -2.93 -26.98
CA LEU B 359 38.91 -2.84 -28.23
C LEU B 359 37.92 -2.75 -29.38
N PHE B 360 38.18 -1.87 -30.34
CA PHE B 360 37.35 -1.75 -31.55
C PHE B 360 38.23 -2.01 -32.76
N VAL B 361 37.67 -2.68 -33.78
CA VAL B 361 38.40 -3.01 -35.01
C VAL B 361 37.50 -2.72 -36.21
N VAL B 362 37.93 -1.78 -37.08
CA VAL B 362 37.21 -1.44 -38.31
C VAL B 362 37.84 -2.31 -39.40
N ARG B 363 37.05 -3.27 -39.93
CA ARG B 363 37.51 -4.25 -40.90
C ARG B 363 36.76 -4.19 -42.23
N HIS B 364 37.51 -4.30 -43.34
CA HIS B 364 36.95 -4.37 -44.69
C HIS B 364 36.82 -5.86 -44.99
N ASN B 365 35.64 -6.41 -44.67
CA ASN B 365 35.29 -7.82 -44.81
C ASN B 365 35.69 -8.56 -46.11
N PRO B 366 35.48 -8.01 -47.34
CA PRO B 366 35.86 -8.76 -48.56
C PRO B 366 37.36 -9.06 -48.70
N THR B 367 38.23 -8.18 -48.19
CA THR B 367 39.69 -8.33 -48.26
C THR B 367 40.32 -8.77 -46.93
N GLY B 368 39.62 -8.54 -45.82
CA GLY B 368 40.08 -8.86 -44.48
C GLY B 368 41.10 -7.86 -43.94
N THR B 369 41.13 -6.66 -44.53
CA THR B 369 42.06 -5.59 -44.15
C THR B 369 41.56 -4.91 -42.87
N VAL B 370 42.48 -4.71 -41.92
CA VAL B 370 42.18 -4.00 -40.69
C VAL B 370 42.56 -2.54 -40.97
N LEU B 371 41.53 -1.71 -41.17
CA LEU B 371 41.70 -0.29 -41.47
C LEU B 371 42.05 0.47 -40.21
N PHE B 372 41.27 0.27 -39.14
CA PHE B 372 41.43 0.95 -37.87
C PHE B 372 41.29 0.01 -36.70
N MET B 373 42.01 0.33 -35.62
CA MET B 373 41.93 -0.38 -34.36
C MET B 373 42.31 0.54 -33.21
N GLY B 374 41.77 0.26 -32.03
CA GLY B 374 42.06 1.07 -30.86
C GLY B 374 41.51 0.54 -29.56
N GLN B 375 41.84 1.24 -28.47
CA GLN B 375 41.39 0.92 -27.12
C GLN B 375 40.69 2.11 -26.53
N VAL B 376 39.41 1.92 -26.12
CA VAL B 376 38.61 2.97 -25.51
C VAL B 376 38.70 2.79 -24.00
N MET B 377 39.61 3.52 -23.36
CA MET B 377 39.84 3.47 -21.91
C MET B 377 38.85 4.37 -21.16
N GLU B 378 38.45 5.49 -21.79
CA GLU B 378 37.50 6.46 -21.26
C GLU B 378 36.90 7.27 -22.43
N PRO B 379 35.62 7.03 -22.81
CA PRO B 379 35.04 7.81 -23.90
C PRO B 379 34.59 9.23 -23.46
N SER C 6 -2.21 -39.09 31.23
CA SER C 6 -1.35 -38.75 30.09
C SER C 6 -1.86 -39.36 28.77
N TYR C 7 -2.11 -40.69 28.74
CA TYR C 7 -2.61 -41.40 27.56
C TYR C 7 -4.03 -40.96 27.21
N VAL C 8 -4.95 -41.02 28.18
CA VAL C 8 -6.34 -40.59 28.03
C VAL C 8 -6.40 -39.07 27.83
N ALA C 9 -5.49 -38.33 28.51
CA ALA C 9 -5.35 -36.87 28.46
C ALA C 9 -5.06 -36.40 27.05
N HIS C 10 -4.26 -37.18 26.27
CA HIS C 10 -3.94 -36.83 24.90
C HIS C 10 -5.15 -37.07 23.99
N LEU C 11 -5.77 -38.27 24.08
CA LEU C 11 -6.95 -38.67 23.30
C LEU C 11 -8.16 -37.77 23.52
N ALA C 12 -8.38 -37.33 24.78
CA ALA C 12 -9.46 -36.43 25.19
C ALA C 12 -9.21 -35.02 24.65
N SER C 13 -7.95 -34.53 24.74
CA SER C 13 -7.53 -33.22 24.24
C SER C 13 -7.56 -33.17 22.70
N ASP C 14 -7.00 -34.21 22.05
CA ASP C 14 -6.94 -34.36 20.58
C ASP C 14 -8.34 -34.28 19.99
N PHE C 15 -9.30 -35.00 20.60
CA PHE C 15 -10.71 -34.98 20.21
C PHE C 15 -11.31 -33.59 20.43
N GLY C 16 -11.05 -33.03 21.61
CA GLY C 16 -11.54 -31.71 22.02
C GLY C 16 -11.07 -30.56 21.16
N VAL C 17 -9.78 -30.58 20.71
CA VAL C 17 -9.18 -29.56 19.83
C VAL C 17 -9.90 -29.59 18.48
N ARG C 18 -10.26 -30.79 18.00
CA ARG C 18 -11.02 -31.01 16.76
C ARG C 18 -12.44 -30.41 16.86
N VAL C 19 -13.05 -30.41 18.07
CA VAL C 19 -14.38 -29.84 18.31
C VAL C 19 -14.29 -28.30 18.32
N PHE C 20 -13.22 -27.74 18.93
CA PHE C 20 -12.98 -26.30 18.97
C PHE C 20 -12.75 -25.77 17.56
N GLN C 21 -12.03 -26.56 16.72
CA GLN C 21 -11.71 -26.27 15.33
C GLN C 21 -12.98 -26.04 14.51
N GLN C 22 -14.00 -26.90 14.69
CA GLN C 22 -15.29 -26.84 14.01
C GLN C 22 -16.13 -25.64 14.46
N VAL C 23 -15.95 -25.22 15.72
CA VAL C 23 -16.64 -24.07 16.32
C VAL C 23 -15.98 -22.77 15.80
N ALA C 24 -14.63 -22.71 15.85
CA ALA C 24 -13.82 -21.56 15.42
C ALA C 24 -14.04 -21.25 13.94
N GLN C 25 -14.14 -22.30 13.08
CA GLN C 25 -14.38 -22.15 11.64
C GLN C 25 -15.79 -21.62 11.36
N ALA C 26 -16.78 -22.01 12.20
CA ALA C 26 -18.19 -21.58 12.11
C ALA C 26 -18.40 -20.09 12.44
N SER C 27 -17.42 -19.45 13.12
CA SER C 27 -17.46 -18.04 13.49
C SER C 27 -16.04 -17.49 13.75
N LYS C 28 -15.22 -17.39 12.68
CA LYS C 28 -13.84 -16.89 12.83
C LYS C 28 -13.74 -15.36 12.79
N ASP C 29 -14.89 -14.70 12.81
CA ASP C 29 -15.04 -13.25 12.86
C ASP C 29 -15.17 -12.84 14.33
N ARG C 30 -15.90 -13.65 15.12
CA ARG C 30 -16.22 -13.45 16.54
C ARG C 30 -15.25 -14.15 17.51
N ASN C 31 -15.29 -13.72 18.78
CA ASN C 31 -14.51 -14.26 19.89
C ASN C 31 -15.11 -15.60 20.32
N VAL C 32 -14.24 -16.59 20.57
CA VAL C 32 -14.62 -17.94 20.98
C VAL C 32 -13.75 -18.36 22.17
N VAL C 33 -14.37 -19.04 23.15
CA VAL C 33 -13.74 -19.67 24.31
C VAL C 33 -14.38 -21.05 24.50
N PHE C 34 -13.55 -22.10 24.49
CA PHE C 34 -14.02 -23.47 24.54
C PHE C 34 -13.21 -24.33 25.51
N SER C 35 -13.83 -25.41 26.02
CA SER C 35 -13.18 -26.36 26.92
C SER C 35 -13.01 -27.72 26.22
N PRO C 36 -11.81 -28.02 25.67
CA PRO C 36 -11.59 -29.31 24.99
C PRO C 36 -11.69 -30.53 25.92
N TYR C 37 -11.28 -30.35 27.20
CA TYR C 37 -11.36 -31.40 28.22
C TYR C 37 -12.81 -31.61 28.67
N GLY C 38 -13.54 -30.50 28.86
CA GLY C 38 -14.93 -30.49 29.28
C GLY C 38 -15.87 -31.21 28.32
N VAL C 39 -15.69 -30.98 27.01
CA VAL C 39 -16.50 -31.61 25.95
C VAL C 39 -16.23 -33.12 25.88
N ALA C 40 -14.95 -33.52 26.04
CA ALA C 40 -14.51 -34.92 26.04
C ALA C 40 -14.99 -35.62 27.30
N SER C 41 -15.06 -34.90 28.43
CA SER C 41 -15.52 -35.42 29.73
C SER C 41 -17.02 -35.75 29.67
N VAL C 42 -17.84 -34.85 29.09
CA VAL C 42 -19.28 -35.01 28.96
C VAL C 42 -19.68 -36.06 27.90
N LEU C 43 -18.89 -36.17 26.81
CA LEU C 43 -19.16 -37.15 25.75
C LEU C 43 -18.71 -38.57 26.10
N ALA C 44 -17.73 -38.71 27.03
CA ALA C 44 -17.24 -40.00 27.52
C ALA C 44 -18.31 -40.63 28.42
N MET C 45 -19.11 -39.77 29.10
CA MET C 45 -20.23 -40.14 29.96
C MET C 45 -21.42 -40.55 29.10
N LEU C 46 -21.60 -39.86 27.95
CA LEU C 46 -22.66 -40.12 26.97
C LEU C 46 -22.43 -41.46 26.25
N GLN C 47 -21.17 -41.94 26.22
CA GLN C 47 -20.79 -43.22 25.59
C GLN C 47 -21.43 -44.42 26.32
N LEU C 48 -21.83 -44.23 27.60
CA LEU C 48 -22.50 -45.23 28.44
C LEU C 48 -23.97 -45.36 28.09
N THR C 49 -24.60 -44.25 27.65
CA THR C 49 -26.02 -44.20 27.28
C THR C 49 -26.25 -44.75 25.87
N THR C 50 -25.22 -44.72 25.01
CA THR C 50 -25.28 -45.12 23.60
C THR C 50 -25.01 -46.59 23.28
N GLY C 51 -25.56 -47.01 22.15
CA GLY C 51 -25.42 -48.33 21.57
C GLY C 51 -25.50 -48.25 20.05
N GLY C 52 -25.41 -49.39 19.39
CA GLY C 52 -25.49 -49.52 17.93
C GLY C 52 -24.59 -48.58 17.15
N GLU C 53 -25.12 -48.01 16.04
CA GLU C 53 -24.41 -47.08 15.16
C GLU C 53 -24.09 -45.73 15.83
N THR C 54 -24.92 -45.31 16.80
CA THR C 54 -24.75 -44.06 17.55
C THR C 54 -23.48 -44.14 18.41
N GLN C 55 -23.25 -45.27 19.10
CA GLN C 55 -22.07 -45.50 19.94
C GLN C 55 -20.81 -45.57 19.08
N GLN C 56 -20.93 -46.13 17.86
CA GLN C 56 -19.84 -46.26 16.90
C GLN C 56 -19.33 -44.89 16.46
N GLN C 57 -20.25 -43.92 16.25
CA GLN C 57 -19.94 -42.56 15.82
C GLN C 57 -19.13 -41.79 16.88
N ILE C 58 -19.46 -41.98 18.17
CA ILE C 58 -18.74 -41.32 19.26
C ILE C 58 -17.39 -41.98 19.49
N GLN C 59 -17.37 -43.33 19.63
CA GLN C 59 -16.17 -44.13 19.86
C GLN C 59 -15.09 -43.97 18.79
N ALA C 60 -15.50 -43.84 17.51
CA ALA C 60 -14.57 -43.67 16.38
C ALA C 60 -13.96 -42.26 16.36
N ALA C 61 -14.80 -41.20 16.45
CA ALA C 61 -14.36 -39.80 16.43
C ALA C 61 -13.57 -39.40 17.68
N MET C 62 -13.85 -40.05 18.83
CA MET C 62 -13.16 -39.80 20.10
C MET C 62 -11.83 -40.52 20.17
N GLY C 63 -11.74 -41.70 19.56
CA GLY C 63 -10.53 -42.52 19.52
C GLY C 63 -10.44 -43.57 20.61
N PHE C 64 -11.44 -43.61 21.52
CA PHE C 64 -11.46 -44.58 22.62
C PHE C 64 -12.87 -45.01 23.05
N LYS C 65 -12.99 -46.26 23.55
CA LYS C 65 -14.21 -46.86 24.08
C LYS C 65 -14.21 -46.66 25.59
N ILE C 66 -15.37 -46.28 26.16
CA ILE C 66 -15.49 -46.06 27.61
C ILE C 66 -15.42 -47.35 28.43
N ASP C 67 -16.13 -48.40 27.98
CA ASP C 67 -16.17 -49.71 28.63
C ASP C 67 -14.90 -50.55 28.43
N ASP C 68 -13.87 -49.99 27.75
CA ASP C 68 -12.59 -50.63 27.54
C ASP C 68 -11.82 -50.67 28.85
N LYS C 69 -11.00 -51.72 29.03
CA LYS C 69 -10.22 -52.00 30.23
C LYS C 69 -9.25 -50.89 30.65
N GLY C 70 -9.53 -50.30 31.82
CA GLY C 70 -8.73 -49.25 32.43
C GLY C 70 -8.91 -47.85 31.85
N MET C 71 -10.09 -47.56 31.29
CA MET C 71 -10.35 -46.24 30.71
C MET C 71 -10.95 -45.28 31.73
N ALA C 72 -11.94 -45.73 32.51
CA ALA C 72 -12.59 -44.95 33.56
C ALA C 72 -11.66 -44.71 34.77
N PRO C 73 -10.89 -45.71 35.31
CA PRO C 73 -9.99 -45.42 36.44
C PRO C 73 -8.88 -44.42 36.09
N ALA C 74 -8.49 -44.38 34.80
CA ALA C 74 -7.50 -43.45 34.27
C ALA C 74 -8.12 -42.04 34.21
N LEU C 75 -9.40 -41.94 33.78
CA LEU C 75 -10.17 -40.69 33.70
C LEU C 75 -10.51 -40.14 35.08
N ARG C 76 -10.78 -41.04 36.05
CA ARG C 76 -11.09 -40.68 37.44
C ARG C 76 -9.85 -40.07 38.08
N HIS C 77 -8.68 -40.72 37.89
CA HIS C 77 -7.39 -40.24 38.41
C HIS C 77 -6.98 -38.95 37.70
N LEU C 78 -7.32 -38.82 36.40
CA LEU C 78 -7.06 -37.65 35.58
C LEU C 78 -7.78 -36.45 36.20
N TYR C 79 -9.05 -36.61 36.48
CA TYR C 79 -9.84 -35.60 37.11
C TYR C 79 -9.44 -35.34 38.53
N LYS C 80 -8.84 -36.33 39.17
CA LYS C 80 -8.38 -36.16 40.52
C LYS C 80 -7.12 -35.32 40.58
N GLU C 81 -6.31 -35.39 39.53
CA GLU C 81 -5.09 -34.60 39.38
C GLU C 81 -5.36 -33.19 38.89
N LEU C 82 -6.41 -33.05 38.12
CA LEU C 82 -6.82 -31.78 37.59
C LEU C 82 -7.46 -30.89 38.62
N MET C 83 -8.09 -31.46 39.64
CA MET C 83 -8.65 -30.63 40.70
C MET C 83 -8.07 -30.96 42.07
N GLY C 84 -7.97 -29.96 42.91
CA GLY C 84 -7.38 -30.14 44.21
C GLY C 84 -7.19 -28.81 44.91
N PRO C 85 -6.22 -28.81 45.90
CA PRO C 85 -6.10 -27.54 46.60
C PRO C 85 -5.54 -26.35 45.80
N TRP C 86 -5.43 -26.44 44.47
CA TRP C 86 -4.94 -25.31 43.69
C TRP C 86 -6.01 -24.64 42.82
N ASN C 87 -7.27 -24.82 43.19
CA ASN C 87 -8.38 -24.14 42.57
C ASN C 87 -9.00 -23.30 43.65
N LYS C 88 -8.69 -22.01 43.60
CA LYS C 88 -8.88 -21.07 44.71
C LYS C 88 -10.27 -20.61 45.20
N ASP C 89 -11.37 -21.08 44.62
CA ASP C 89 -11.39 -21.77 43.37
C ASP C 89 -10.79 -20.84 42.35
N GLU C 90 -10.12 -21.43 41.38
CA GLU C 90 -9.71 -20.73 40.19
C GLU C 90 -10.51 -21.27 39.08
N ILE C 91 -10.76 -22.57 39.14
CA ILE C 91 -11.60 -23.24 38.19
C ILE C 91 -12.72 -24.02 38.85
N SER C 92 -13.90 -23.84 38.31
CA SER C 92 -15.13 -24.45 38.79
C SER C 92 -15.76 -25.18 37.61
N THR C 93 -15.80 -26.52 37.69
CA THR C 93 -16.34 -27.34 36.61
C THR C 93 -17.63 -28.06 36.96
N THR C 94 -18.44 -28.34 35.94
CA THR C 94 -19.71 -29.07 36.00
C THR C 94 -20.07 -29.71 34.67
N ASP C 95 -20.66 -30.91 34.73
CA ASP C 95 -21.14 -31.68 33.59
C ASP C 95 -22.34 -32.49 34.05
N ALA C 96 -23.50 -32.26 33.43
CA ALA C 96 -24.73 -32.94 33.81
C ALA C 96 -25.58 -33.45 32.65
N ILE C 97 -26.12 -34.66 32.79
CA ILE C 97 -27.01 -35.31 31.83
C ILE C 97 -28.39 -35.32 32.46
N PHE C 98 -29.38 -34.74 31.76
CA PHE C 98 -30.76 -34.68 32.25
C PHE C 98 -31.67 -35.63 31.47
N VAL C 99 -32.22 -36.64 32.12
CA VAL C 99 -33.00 -37.62 31.41
C VAL C 99 -34.37 -37.48 32.00
N GLN C 100 -35.41 -37.90 31.28
CA GLN C 100 -36.78 -37.73 31.75
C GLN C 100 -37.13 -38.73 32.83
N ARG C 101 -37.43 -38.21 34.01
CA ARG C 101 -37.67 -39.02 35.17
C ARG C 101 -38.94 -39.70 34.90
N ASP C 102 -38.96 -40.99 35.15
CA ASP C 102 -40.01 -41.92 34.75
C ASP C 102 -39.79 -42.72 33.51
N LEU C 103 -38.71 -42.51 32.81
CA LEU C 103 -38.36 -43.39 31.71
C LEU C 103 -37.94 -44.67 32.37
N LYS C 104 -38.23 -45.80 31.76
CA LYS C 104 -37.79 -47.04 32.34
C LYS C 104 -36.46 -47.33 31.73
N LEU C 105 -35.44 -47.25 32.56
CA LEU C 105 -34.09 -47.44 32.16
C LEU C 105 -33.76 -48.90 32.16
N VAL C 106 -32.57 -49.24 31.68
CA VAL C 106 -32.04 -50.61 31.69
C VAL C 106 -31.51 -51.00 33.08
N GLN C 107 -31.66 -52.29 33.43
CA GLN C 107 -31.24 -52.90 34.69
C GLN C 107 -29.74 -52.68 34.93
N GLY C 108 -29.42 -52.11 36.09
CA GLY C 108 -28.05 -51.84 36.51
C GLY C 108 -27.30 -50.80 35.71
N PHE C 109 -27.99 -49.74 35.25
CA PHE C 109 -27.33 -48.65 34.52
C PHE C 109 -26.83 -47.60 35.50
N MET C 110 -27.70 -47.19 36.45
CA MET C 110 -27.41 -46.20 37.48
C MET C 110 -26.21 -46.57 38.38
N PRO C 111 -26.08 -47.81 38.94
CA PRO C 111 -24.89 -48.12 39.75
C PRO C 111 -23.60 -48.17 38.92
N HIS C 112 -23.70 -48.71 37.67
CA HIS C 112 -22.59 -48.84 36.73
C HIS C 112 -22.02 -47.48 36.32
N PHE C 113 -22.91 -46.47 36.14
CA PHE C 113 -22.51 -45.10 35.78
C PHE C 113 -21.75 -44.46 36.94
N PHE C 114 -22.23 -44.70 38.18
CA PHE C 114 -21.61 -44.19 39.41
C PHE C 114 -20.31 -44.96 39.70
N ARG C 115 -20.21 -46.21 39.24
CA ARG C 115 -19.02 -47.06 39.40
C ARG C 115 -17.86 -46.55 38.52
N LEU C 116 -18.19 -45.92 37.37
CA LEU C 116 -17.18 -45.42 36.43
C LEU C 116 -16.86 -43.92 36.52
N PHE C 117 -17.80 -43.11 37.04
CA PHE C 117 -17.59 -41.66 37.13
C PHE C 117 -17.73 -41.06 38.53
N ARG C 118 -18.35 -41.80 39.47
CA ARG C 118 -18.64 -41.36 40.85
C ARG C 118 -19.58 -40.13 40.84
N SER C 119 -20.45 -40.10 39.80
CA SER C 119 -21.46 -39.08 39.53
C SER C 119 -22.76 -39.79 39.14
N THR C 120 -23.90 -39.05 39.12
CA THR C 120 -25.21 -39.62 38.81
C THR C 120 -25.90 -38.93 37.62
N VAL C 121 -26.73 -39.71 36.89
CA VAL C 121 -27.53 -39.20 35.76
C VAL C 121 -28.77 -38.57 36.36
N LYS C 122 -28.91 -37.24 36.23
CA LYS C 122 -29.99 -36.42 36.77
C LYS C 122 -31.34 -36.75 36.16
N GLN C 123 -32.32 -37.11 37.01
CA GLN C 123 -33.67 -37.46 36.61
C GLN C 123 -34.60 -36.30 36.96
N VAL C 124 -35.20 -35.69 35.92
CA VAL C 124 -36.09 -34.53 36.02
C VAL C 124 -37.32 -34.67 35.09
N ASP C 125 -38.49 -34.22 35.56
CA ASP C 125 -39.74 -34.26 34.78
C ASP C 125 -39.80 -33.04 33.86
N PHE C 126 -39.81 -33.31 32.53
CA PHE C 126 -39.85 -32.26 31.49
C PHE C 126 -41.25 -31.71 31.21
N SER C 127 -42.31 -32.33 31.79
CA SER C 127 -43.71 -31.91 31.67
C SER C 127 -43.90 -30.56 32.37
N GLU C 128 -43.14 -30.33 33.45
CA GLU C 128 -43.09 -29.09 34.22
C GLU C 128 -41.92 -28.30 33.59
N VAL C 129 -42.18 -27.72 32.39
CA VAL C 129 -41.22 -26.99 31.55
C VAL C 129 -40.37 -25.93 32.27
N GLU C 130 -41.01 -24.94 32.93
CA GLU C 130 -40.32 -23.87 33.65
C GLU C 130 -39.45 -24.37 34.82
N ARG C 131 -39.91 -25.42 35.53
CA ARG C 131 -39.20 -26.05 36.65
C ARG C 131 -37.99 -26.84 36.11
N ALA C 132 -38.19 -27.59 35.01
CA ALA C 132 -37.13 -28.38 34.35
C ALA C 132 -36.05 -27.46 33.81
N ARG C 133 -36.45 -26.30 33.22
CA ARG C 133 -35.54 -25.28 32.70
C ARG C 133 -34.78 -24.63 33.86
N PHE C 134 -35.44 -24.48 35.03
CA PHE C 134 -34.87 -23.92 36.26
C PHE C 134 -33.84 -24.87 36.87
N ILE C 135 -34.18 -26.18 36.96
CA ILE C 135 -33.30 -27.24 37.51
C ILE C 135 -31.98 -27.35 36.72
N ILE C 136 -32.07 -27.27 35.37
CA ILE C 136 -30.92 -27.30 34.45
C ILE C 136 -30.03 -26.06 34.71
N ASN C 137 -30.67 -24.88 34.86
CA ASN C 137 -30.00 -23.60 35.14
C ASN C 137 -29.41 -23.54 36.55
N ASP C 138 -30.19 -23.93 37.58
CA ASP C 138 -29.81 -23.92 38.99
C ASP C 138 -28.61 -24.81 39.30
N TRP C 139 -28.52 -25.99 38.64
CA TRP C 139 -27.41 -26.93 38.82
C TRP C 139 -26.08 -26.28 38.42
N VAL C 140 -26.08 -25.51 37.32
CA VAL C 140 -24.92 -24.80 36.78
C VAL C 140 -24.45 -23.70 37.74
N LYS C 141 -25.39 -22.82 38.16
CA LYS C 141 -25.15 -21.68 39.06
C LYS C 141 -24.53 -22.07 40.41
N THR C 142 -25.05 -23.14 41.04
CA THR C 142 -24.58 -23.63 42.34
C THR C 142 -23.20 -24.30 42.27
N HIS C 143 -22.88 -24.94 41.13
CA HIS C 143 -21.62 -25.66 40.91
C HIS C 143 -20.48 -24.84 40.26
N THR C 144 -20.80 -23.65 39.69
CA THR C 144 -19.79 -22.77 39.08
C THR C 144 -19.64 -21.44 39.86
N LYS C 145 -20.02 -21.44 41.15
CA LYS C 145 -19.95 -20.30 42.08
C LYS C 145 -20.76 -19.05 41.65
N GLY C 146 -21.74 -19.26 40.77
CA GLY C 146 -22.59 -18.20 40.24
C GLY C 146 -21.84 -17.24 39.32
N MET C 147 -20.85 -17.77 38.59
CA MET C 147 -20.00 -17.03 37.67
C MET C 147 -20.46 -17.20 36.23
N ILE C 148 -21.07 -18.35 35.92
CA ILE C 148 -21.63 -18.65 34.60
C ILE C 148 -23.05 -18.09 34.58
N SER C 149 -23.31 -17.12 33.68
CA SER C 149 -24.61 -16.45 33.56
C SER C 149 -25.75 -17.36 33.03
N HIS C 150 -26.98 -16.81 32.97
CA HIS C 150 -28.22 -17.45 32.53
C HIS C 150 -28.06 -18.13 31.16
N LEU C 151 -28.33 -19.46 31.11
CA LEU C 151 -28.26 -20.27 29.90
C LEU C 151 -29.37 -19.86 28.93
N LEU C 152 -28.99 -19.53 27.69
CA LEU C 152 -29.94 -19.10 26.65
C LEU C 152 -30.49 -20.27 25.85
N GLY C 153 -29.69 -21.33 25.72
CA GLY C 153 -30.03 -22.54 24.99
C GLY C 153 -31.18 -23.34 25.58
N THR C 154 -31.48 -23.14 26.90
CA THR C 154 -32.58 -23.80 27.62
C THR C 154 -33.96 -23.55 27.01
N GLY C 155 -34.03 -22.62 26.05
CA GLY C 155 -35.25 -22.30 25.31
C GLY C 155 -35.68 -23.36 24.32
N ALA C 156 -34.85 -24.42 24.18
CA ALA C 156 -35.08 -25.59 23.33
C ALA C 156 -35.81 -26.71 24.09
N VAL C 157 -35.96 -26.56 25.42
CA VAL C 157 -36.63 -27.52 26.31
C VAL C 157 -38.16 -27.48 26.09
N ASP C 158 -38.71 -28.63 25.63
CA ASP C 158 -40.12 -28.86 25.34
C ASP C 158 -40.68 -29.92 26.28
N GLN C 159 -41.92 -30.37 26.03
CA GLN C 159 -42.57 -31.45 26.76
C GLN C 159 -42.17 -32.76 26.10
N LEU C 160 -41.64 -32.66 24.85
CA LEU C 160 -41.16 -33.79 24.04
C LEU C 160 -39.70 -34.11 24.37
N THR C 161 -39.03 -33.19 25.09
CA THR C 161 -37.64 -33.29 25.54
C THR C 161 -37.46 -34.46 26.51
N ARG C 162 -36.44 -35.30 26.25
CA ARG C 162 -36.13 -36.48 27.07
C ARG C 162 -34.65 -36.53 27.47
N LEU C 163 -33.76 -35.89 26.67
CA LEU C 163 -32.31 -35.91 26.94
C LEU C 163 -31.64 -34.55 26.70
N VAL C 164 -30.99 -34.01 27.76
CA VAL C 164 -30.28 -32.72 27.75
C VAL C 164 -28.87 -32.86 28.34
N LEU C 165 -27.86 -32.38 27.61
CA LEU C 165 -26.46 -32.39 28.01
C LEU C 165 -25.96 -30.97 28.24
N VAL C 166 -25.46 -30.70 29.45
CA VAL C 166 -24.94 -29.39 29.83
C VAL C 166 -23.54 -29.54 30.46
N ASN C 167 -22.59 -28.72 29.99
CA ASN C 167 -21.21 -28.68 30.47
C ASN C 167 -20.82 -27.21 30.67
N ALA C 168 -20.41 -26.84 31.90
CA ALA C 168 -20.02 -25.45 32.18
C ALA C 168 -18.73 -25.36 32.97
N LEU C 169 -17.87 -24.41 32.58
CA LEU C 169 -16.56 -24.20 33.22
C LEU C 169 -16.23 -22.72 33.35
N TYR C 170 -15.67 -22.32 34.50
CA TYR C 170 -15.21 -20.97 34.75
C TYR C 170 -13.71 -20.98 35.05
N PHE C 171 -12.97 -19.96 34.59
CA PHE C 171 -11.53 -19.86 34.84
C PHE C 171 -11.01 -18.45 35.07
N ASN C 172 -10.27 -18.28 36.17
CA ASN C 172 -9.61 -17.04 36.58
C ASN C 172 -8.44 -17.37 37.51
N GLY C 173 -7.41 -17.99 36.93
CA GLY C 173 -6.20 -18.41 37.64
C GLY C 173 -5.23 -17.29 37.92
N GLN C 174 -4.42 -17.43 38.99
CA GLN C 174 -3.43 -16.40 39.32
C GLN C 174 -2.05 -16.67 38.73
N TRP C 175 -1.45 -15.62 38.12
CA TRP C 175 -0.14 -15.68 37.49
C TRP C 175 0.97 -15.94 38.49
N LYS C 176 1.99 -16.72 38.09
CA LYS C 176 3.17 -17.04 38.88
C LYS C 176 3.87 -15.73 39.21
N THR C 177 4.06 -14.87 38.20
CA THR C 177 4.60 -13.53 38.32
C THR C 177 3.49 -12.57 37.86
N PRO C 178 2.87 -11.80 38.78
CA PRO C 178 1.78 -10.90 38.37
C PRO C 178 2.28 -9.68 37.59
N PHE C 179 1.44 -9.20 36.66
CA PHE C 179 1.71 -8.02 35.83
C PHE C 179 1.52 -6.77 36.70
N PRO C 180 2.47 -5.80 36.69
CA PRO C 180 2.28 -4.58 37.49
C PRO C 180 1.07 -3.78 37.02
N ASP C 181 0.28 -3.24 37.98
CA ASP C 181 -0.91 -2.44 37.69
C ASP C 181 -0.55 -1.08 37.10
N SER C 182 0.65 -0.56 37.43
CA SER C 182 1.16 0.70 36.90
C SER C 182 1.61 0.53 35.45
N SER C 183 1.98 -0.70 35.06
CA SER C 183 2.42 -1.05 33.71
C SER C 183 1.28 -1.13 32.69
N THR C 184 0.03 -1.36 33.17
CA THR C 184 -1.15 -1.44 32.31
C THR C 184 -1.44 -0.08 31.68
N HIS C 185 -1.47 -0.05 30.34
CA HIS C 185 -1.69 1.14 29.51
C HIS C 185 -2.73 0.86 28.43
N ARG C 186 -3.18 1.90 27.72
CA ARG C 186 -4.12 1.77 26.63
C ARG C 186 -3.32 1.70 25.33
N ARG C 187 -3.60 0.67 24.50
CA ARG C 187 -2.88 0.47 23.24
C ARG C 187 -3.82 0.02 22.12
N LEU C 188 -3.46 0.33 20.87
CA LEU C 188 -4.25 -0.04 19.70
C LEU C 188 -4.15 -1.53 19.37
N PHE C 189 -5.31 -2.15 19.11
CA PHE C 189 -5.43 -3.55 18.72
C PHE C 189 -5.94 -3.61 17.29
N HIS C 190 -5.17 -4.25 16.41
CA HIS C 190 -5.51 -4.42 15.00
C HIS C 190 -6.47 -5.59 14.85
N LYS C 191 -7.61 -5.35 14.19
CA LYS C 191 -8.61 -6.38 13.92
C LYS C 191 -8.29 -7.02 12.57
N SER C 192 -8.90 -8.20 12.30
CA SER C 192 -8.70 -8.95 11.05
C SER C 192 -9.17 -8.21 9.79
N ASP C 193 -10.17 -7.31 9.94
CA ASP C 193 -10.71 -6.52 8.82
C ASP C 193 -9.92 -5.22 8.52
N GLY C 194 -8.88 -4.95 9.32
CA GLY C 194 -8.04 -3.77 9.20
C GLY C 194 -8.46 -2.59 10.04
N SER C 195 -9.25 -2.84 11.10
CA SER C 195 -9.74 -1.82 12.02
C SER C 195 -8.85 -1.78 13.26
N THR C 196 -8.73 -0.62 13.90
CA THR C 196 -7.94 -0.47 15.13
C THR C 196 -8.83 0.00 16.26
N VAL C 197 -8.69 -0.62 17.44
CA VAL C 197 -9.46 -0.29 18.64
C VAL C 197 -8.54 0.00 19.84
N SER C 198 -8.93 0.97 20.68
CA SER C 198 -8.13 1.32 21.85
C SER C 198 -8.55 0.42 23.03
N VAL C 199 -7.73 -0.60 23.32
CA VAL C 199 -7.99 -1.59 24.38
C VAL C 199 -6.95 -1.53 25.52
N PRO C 200 -7.30 -1.88 26.79
CA PRO C 200 -6.27 -1.86 27.86
C PRO C 200 -5.33 -3.06 27.75
N MET C 201 -4.02 -2.79 27.75
CA MET C 201 -2.99 -3.81 27.61
C MET C 201 -2.02 -3.77 28.78
N MET C 202 -1.76 -4.94 29.38
CA MET C 202 -0.81 -5.06 30.49
C MET C 202 0.59 -5.42 30.00
N ALA C 203 1.63 -4.98 30.72
CA ALA C 203 3.03 -5.21 30.37
C ALA C 203 3.85 -5.86 31.48
N GLN C 204 4.83 -6.72 31.10
CA GLN C 204 5.72 -7.43 32.02
C GLN C 204 7.06 -7.78 31.37
N THR C 205 8.18 -7.53 32.09
CA THR C 205 9.53 -7.87 31.65
C THR C 205 9.97 -9.10 32.45
N ASN C 206 10.05 -10.27 31.79
CA ASN C 206 10.42 -11.54 32.43
C ASN C 206 11.05 -12.51 31.43
N LYS C 207 11.65 -13.60 31.92
CA LYS C 207 12.22 -14.64 31.07
C LYS C 207 11.10 -15.63 30.77
N PHE C 208 10.49 -15.50 29.57
CA PHE C 208 9.37 -16.34 29.14
C PHE C 208 9.82 -17.51 28.28
N ASN C 209 9.02 -18.60 28.25
CA ASN C 209 9.28 -19.77 27.42
C ASN C 209 8.80 -19.39 26.02
N TYR C 210 9.72 -19.42 25.05
CA TYR C 210 9.45 -18.96 23.70
C TYR C 210 9.91 -19.90 22.60
N THR C 211 9.11 -20.01 21.52
CA THR C 211 9.39 -20.82 20.32
C THR C 211 8.73 -20.24 19.06
N GLU C 212 9.25 -20.61 17.88
CA GLU C 212 8.77 -20.19 16.58
C GLU C 212 8.54 -21.43 15.71
N PHE C 213 7.39 -21.48 15.05
CA PHE C 213 6.99 -22.57 14.17
C PHE C 213 6.53 -22.02 12.83
N THR C 214 6.26 -22.91 11.85
CA THR C 214 5.82 -22.51 10.51
C THR C 214 4.54 -23.20 10.05
N THR C 215 3.65 -22.45 9.38
CA THR C 215 2.41 -22.97 8.80
C THR C 215 2.79 -23.73 7.50
N PRO C 216 1.95 -24.65 6.95
CA PRO C 216 2.32 -25.35 5.71
C PRO C 216 2.61 -24.45 4.52
N ASP C 217 2.12 -23.19 4.55
CA ASP C 217 2.34 -22.17 3.51
C ASP C 217 3.74 -21.55 3.66
N GLY C 218 4.33 -21.68 4.85
CA GLY C 218 5.67 -21.20 5.16
C GLY C 218 5.76 -19.93 5.99
N HIS C 219 4.64 -19.53 6.61
CA HIS C 219 4.57 -18.32 7.44
C HIS C 219 5.03 -18.59 8.87
N TYR C 220 5.65 -17.59 9.51
CA TYR C 220 6.11 -17.70 10.89
C TYR C 220 5.02 -17.33 11.89
N TYR C 221 4.86 -18.16 12.94
CA TYR C 221 3.94 -17.90 14.04
C TYR C 221 4.66 -18.17 15.36
N ASP C 222 4.49 -17.27 16.33
CA ASP C 222 5.17 -17.33 17.63
C ASP C 222 4.30 -17.82 18.76
N ILE C 223 4.83 -18.77 19.55
CA ILE C 223 4.15 -19.36 20.71
C ILE C 223 4.91 -18.99 21.98
N LEU C 224 4.22 -18.35 22.92
CA LEU C 224 4.76 -17.88 24.19
C LEU C 224 3.96 -18.51 25.35
N GLU C 225 4.67 -19.08 26.35
CA GLU C 225 4.07 -19.74 27.50
C GLU C 225 4.07 -18.86 28.75
N LEU C 226 2.87 -18.64 29.31
CA LEU C 226 2.65 -17.84 30.52
C LEU C 226 2.23 -18.77 31.68
N PRO C 227 3.09 -18.97 32.69
CA PRO C 227 2.73 -19.90 33.77
C PRO C 227 1.94 -19.31 34.94
N TYR C 228 1.08 -20.16 35.54
CA TYR C 228 0.27 -19.82 36.71
C TYR C 228 1.02 -20.28 37.98
N HIS C 229 0.43 -20.03 39.19
CA HIS C 229 1.04 -20.38 40.48
C HIS C 229 1.36 -21.87 40.63
N GLY C 230 2.58 -22.15 41.07
CA GLY C 230 3.08 -23.51 41.28
C GLY C 230 3.37 -24.29 40.00
N ASP C 231 3.39 -23.58 38.85
CA ASP C 231 3.66 -24.11 37.50
C ASP C 231 2.74 -25.24 36.97
N THR C 232 1.72 -25.66 37.75
CA THR C 232 0.76 -26.72 37.38
C THR C 232 0.00 -26.41 36.09
N LEU C 233 -0.40 -25.14 35.90
CA LEU C 233 -1.10 -24.68 34.70
C LEU C 233 -0.31 -23.61 33.96
N SER C 234 -0.50 -23.53 32.64
CA SER C 234 0.16 -22.57 31.77
C SER C 234 -0.77 -22.07 30.68
N MET C 235 -0.51 -20.85 30.17
CA MET C 235 -1.29 -20.28 29.08
C MET C 235 -0.39 -19.98 27.88
N PHE C 236 -0.71 -20.61 26.74
CA PHE C 236 0.05 -20.44 25.51
C PHE C 236 -0.61 -19.42 24.61
N ILE C 237 0.14 -18.38 24.19
CA ILE C 237 -0.36 -17.34 23.28
C ILE C 237 0.29 -17.57 21.92
N ALA C 238 -0.53 -17.96 20.93
CA ALA C 238 -0.06 -18.25 19.58
C ALA C 238 -0.69 -17.31 18.56
N ALA C 239 0.15 -16.66 17.75
CA ALA C 239 -0.26 -15.71 16.72
C ALA C 239 0.79 -15.57 15.61
N PRO C 240 0.37 -15.44 14.33
CA PRO C 240 1.35 -15.26 13.25
C PRO C 240 2.06 -13.91 13.36
N TYR C 241 3.37 -13.87 13.02
CA TYR C 241 4.17 -12.64 13.10
C TYR C 241 3.66 -11.55 12.16
N GLU C 242 3.42 -11.89 10.88
CA GLU C 242 2.90 -10.93 9.90
C GLU C 242 1.41 -10.74 10.12
N LYS C 243 0.97 -9.47 10.23
CA LYS C 243 -0.43 -9.10 10.45
C LYS C 243 -1.30 -9.41 9.23
N GLU C 244 -0.66 -9.50 8.05
CA GLU C 244 -1.26 -9.83 6.76
C GLU C 244 -1.76 -11.28 6.75
N VAL C 245 -1.13 -12.14 7.57
CA VAL C 245 -1.46 -13.55 7.73
C VAL C 245 -2.68 -13.67 8.67
N PRO C 246 -3.80 -14.32 8.25
CA PRO C 246 -4.95 -14.45 9.16
C PRO C 246 -4.72 -15.52 10.22
N LEU C 247 -5.42 -15.41 11.37
CA LEU C 247 -5.33 -16.37 12.46
C LEU C 247 -5.89 -17.76 12.05
N SER C 248 -6.72 -17.78 10.99
CA SER C 248 -7.32 -18.99 10.41
C SER C 248 -6.27 -20.02 9.97
N ALA C 249 -5.11 -19.54 9.46
CA ALA C 249 -3.98 -20.36 9.01
C ALA C 249 -3.39 -21.21 10.14
N LEU C 250 -3.42 -20.65 11.36
CA LEU C 250 -2.93 -21.29 12.58
C LEU C 250 -3.98 -22.26 13.14
N THR C 251 -5.27 -21.86 13.09
CA THR C 251 -6.43 -22.62 13.57
C THR C 251 -6.66 -23.89 12.75
N ASN C 252 -6.44 -23.81 11.42
CA ASN C 252 -6.63 -24.94 10.50
C ASN C 252 -5.63 -26.08 10.70
N ILE C 253 -4.50 -25.82 11.38
CA ILE C 253 -3.46 -26.82 11.62
C ILE C 253 -3.37 -27.32 13.08
N LEU C 254 -4.26 -26.80 13.96
CA LEU C 254 -4.32 -27.15 15.38
C LEU C 254 -4.57 -28.62 15.65
N SER C 255 -3.85 -29.17 16.64
CA SER C 255 -3.93 -30.54 17.12
C SER C 255 -3.21 -30.60 18.47
N ALA C 256 -3.49 -31.65 19.26
CA ALA C 256 -2.84 -31.85 20.56
C ALA C 256 -1.35 -32.13 20.35
N GLN C 257 -1.00 -32.82 19.23
CA GLN C 257 0.37 -33.15 18.80
C GLN C 257 1.20 -31.89 18.57
N LEU C 258 0.59 -30.86 17.93
CA LEU C 258 1.22 -29.57 17.63
C LEU C 258 1.50 -28.77 18.91
N ILE C 259 0.48 -28.64 19.80
CA ILE C 259 0.59 -27.94 21.09
C ILE C 259 1.67 -28.60 21.97
N SER C 260 1.75 -29.94 21.92
CA SER C 260 2.76 -30.72 22.64
C SER C 260 4.15 -30.44 22.09
N HIS C 261 4.27 -30.29 20.75
CA HIS C 261 5.53 -29.97 20.08
C HIS C 261 5.99 -28.55 20.33
N TRP C 262 5.04 -27.63 20.58
CA TRP C 262 5.31 -26.23 20.91
C TRP C 262 6.09 -26.17 22.21
N LYS C 263 5.60 -26.84 23.28
CA LYS C 263 6.21 -26.90 24.60
C LYS C 263 7.59 -27.57 24.57
N GLY C 264 7.70 -28.66 23.79
CA GLY C 264 8.93 -29.41 23.63
C GLY C 264 10.06 -28.62 23.00
N ASN C 265 9.73 -27.76 22.01
CA ASN C 265 10.69 -26.92 21.29
C ASN C 265 10.99 -25.57 21.96
N MET C 266 10.28 -25.25 23.05
CA MET C 266 10.43 -24.00 23.79
C MET C 266 11.71 -23.89 24.57
N THR C 267 12.21 -22.64 24.68
CA THR C 267 13.42 -22.27 25.44
C THR C 267 13.15 -20.94 26.14
N ARG C 268 13.72 -20.75 27.34
CA ARG C 268 13.53 -19.51 28.09
C ARG C 268 14.38 -18.37 27.53
N LEU C 269 13.72 -17.26 27.18
CA LEU C 269 14.36 -16.07 26.60
C LEU C 269 13.88 -14.77 27.26
N PRO C 270 14.78 -13.78 27.50
CA PRO C 270 14.32 -12.51 28.10
C PRO C 270 13.53 -11.66 27.11
N ARG C 271 12.28 -11.29 27.45
CA ARG C 271 11.40 -10.48 26.60
C ARG C 271 10.53 -9.50 27.41
N LEU C 272 9.97 -8.50 26.72
CA LEU C 272 9.05 -7.51 27.31
C LEU C 272 7.68 -7.74 26.65
N LEU C 273 6.78 -8.43 27.37
CA LEU C 273 5.47 -8.76 26.85
C LEU C 273 4.40 -7.70 27.11
N VAL C 274 3.68 -7.32 26.03
CA VAL C 274 2.55 -6.41 26.06
C VAL C 274 1.35 -7.25 25.59
N LEU C 275 0.51 -7.68 26.54
CA LEU C 275 -0.65 -8.54 26.29
C LEU C 275 -1.95 -7.83 26.71
N PRO C 276 -3.02 -7.83 25.86
CA PRO C 276 -4.26 -7.16 26.25
C PRO C 276 -5.08 -7.92 27.29
N LYS C 277 -5.82 -7.18 28.13
CA LYS C 277 -6.71 -7.73 29.16
C LYS C 277 -7.98 -8.22 28.47
N PHE C 278 -8.41 -9.46 28.77
CA PHE C 278 -9.61 -10.02 28.14
C PHE C 278 -10.51 -10.84 29.05
N SER C 279 -11.83 -10.73 28.81
CA SER C 279 -12.89 -11.45 29.51
C SER C 279 -13.89 -11.95 28.47
N LEU C 280 -13.88 -13.27 28.22
CA LEU C 280 -14.75 -13.91 27.23
C LEU C 280 -15.69 -14.93 27.85
N GLU C 281 -16.93 -14.99 27.34
CA GLU C 281 -17.97 -15.94 27.75
C GLU C 281 -18.66 -16.44 26.48
N THR C 282 -18.57 -17.75 26.21
CA THR C 282 -19.18 -18.34 25.00
C THR C 282 -20.06 -19.53 25.34
N GLU C 283 -21.30 -19.50 24.83
CA GLU C 283 -22.26 -20.59 24.96
C GLU C 283 -22.33 -21.26 23.60
N VAL C 284 -21.90 -22.53 23.54
CA VAL C 284 -21.82 -23.29 22.31
C VAL C 284 -22.88 -24.39 22.20
N ASP C 285 -23.63 -24.40 21.08
CA ASP C 285 -24.59 -25.45 20.76
C ASP C 285 -23.76 -26.51 20.05
N LEU C 286 -23.47 -27.60 20.77
CA LEU C 286 -22.64 -28.71 20.31
C LEU C 286 -23.17 -29.52 19.11
N ARG C 287 -24.45 -29.33 18.72
CA ARG C 287 -25.08 -30.04 17.60
C ARG C 287 -24.27 -29.97 16.31
N LYS C 288 -24.12 -28.76 15.73
CA LYS C 288 -23.36 -28.55 14.48
C LYS C 288 -21.88 -28.99 14.49
N PRO C 289 -21.00 -28.63 15.49
CA PRO C 289 -19.63 -29.14 15.45
C PRO C 289 -19.52 -30.67 15.52
N LEU C 290 -20.41 -31.32 16.32
CA LEU C 290 -20.44 -32.78 16.46
C LEU C 290 -21.02 -33.47 15.23
N GLU C 291 -22.02 -32.85 14.57
CA GLU C 291 -22.63 -33.39 13.34
C GLU C 291 -21.61 -33.38 12.20
N ASN C 292 -20.72 -32.36 12.19
CA ASN C 292 -19.62 -32.21 11.22
C ASN C 292 -18.53 -33.25 11.49
N LEU C 293 -18.37 -33.66 12.76
CA LEU C 293 -17.39 -34.66 13.18
C LEU C 293 -17.92 -36.11 13.08
N GLY C 294 -19.01 -36.30 12.35
CA GLY C 294 -19.60 -37.61 12.08
C GLY C 294 -20.65 -38.11 13.06
N MET C 295 -20.90 -37.37 14.16
CA MET C 295 -21.89 -37.75 15.18
C MET C 295 -23.29 -37.19 14.83
N THR C 296 -23.85 -37.67 13.71
CA THR C 296 -25.15 -37.25 13.18
C THR C 296 -26.35 -37.97 13.77
N ASP C 297 -26.22 -39.29 14.05
CA ASP C 297 -27.29 -40.13 14.59
C ASP C 297 -27.92 -39.69 15.90
N MET C 298 -27.10 -39.30 16.90
CA MET C 298 -27.57 -38.87 18.23
C MET C 298 -28.60 -37.72 18.27
N PHE C 299 -28.58 -36.83 17.27
CA PHE C 299 -29.51 -35.70 17.16
C PHE C 299 -30.72 -36.00 16.26
N ARG C 300 -30.71 -37.16 15.57
CA ARG C 300 -31.78 -37.62 14.68
C ARG C 300 -32.92 -38.28 15.46
N GLN C 301 -34.17 -38.05 15.02
CA GLN C 301 -35.40 -38.55 15.64
C GLN C 301 -35.43 -40.08 15.82
N PHE C 302 -35.16 -40.85 14.76
CA PHE C 302 -35.19 -42.32 14.82
C PHE C 302 -33.82 -42.99 14.83
N GLN C 303 -32.85 -42.46 14.06
CA GLN C 303 -31.50 -43.02 13.95
C GLN C 303 -30.73 -43.13 15.26
N ALA C 304 -31.05 -42.24 16.24
CA ALA C 304 -30.42 -42.22 17.55
C ALA C 304 -30.68 -43.48 18.35
N ASP C 305 -29.58 -44.11 18.80
CA ASP C 305 -29.61 -45.34 19.58
C ASP C 305 -29.07 -45.09 20.99
N PHE C 306 -30.00 -45.00 21.95
CA PHE C 306 -29.71 -44.82 23.36
C PHE C 306 -30.26 -45.99 24.17
N THR C 307 -30.22 -47.19 23.55
CA THR C 307 -30.71 -48.47 24.09
C THR C 307 -29.96 -48.93 25.34
N SER C 308 -28.70 -48.48 25.52
CA SER C 308 -27.87 -48.80 26.68
C SER C 308 -28.29 -47.94 27.89
N LEU C 309 -29.23 -46.99 27.68
CA LEU C 309 -29.82 -46.10 28.68
C LEU C 309 -31.29 -46.51 28.89
N SER C 310 -32.11 -46.43 27.82
CA SER C 310 -33.53 -46.81 27.81
C SER C 310 -34.00 -47.13 26.39
N ASP C 311 -34.92 -48.12 26.26
CA ASP C 311 -35.44 -48.58 24.96
C ASP C 311 -36.96 -48.37 24.79
N GLN C 312 -37.65 -47.87 25.84
CA GLN C 312 -39.10 -47.67 25.87
C GLN C 312 -39.66 -46.56 24.98
N GLU C 313 -38.79 -45.71 24.37
CA GLU C 313 -39.21 -44.59 23.52
C GLU C 313 -38.08 -44.20 22.55
N PRO C 314 -38.38 -43.73 21.29
CA PRO C 314 -37.30 -43.30 20.39
C PRO C 314 -36.58 -42.08 20.97
N LEU C 315 -35.46 -42.36 21.68
CA LEU C 315 -34.63 -41.41 22.42
C LEU C 315 -33.58 -40.71 21.56
N HIS C 316 -33.42 -39.38 21.76
CA HIS C 316 -32.44 -38.53 21.07
C HIS C 316 -32.05 -37.30 21.90
N VAL C 317 -30.89 -36.69 21.61
CA VAL C 317 -30.39 -35.51 22.32
C VAL C 317 -31.18 -34.27 21.85
N ALA C 318 -31.98 -33.70 22.76
CA ALA C 318 -32.79 -32.51 22.48
C ALA C 318 -31.97 -31.23 22.57
N LEU C 319 -30.98 -31.20 23.48
CA LEU C 319 -30.11 -30.05 23.71
C LEU C 319 -28.72 -30.46 24.24
N ALA C 320 -27.66 -30.04 23.54
CA ALA C 320 -26.26 -30.29 23.89
C ALA C 320 -25.58 -28.93 23.97
N LEU C 321 -25.16 -28.51 25.19
CA LEU C 321 -24.56 -27.20 25.42
C LEU C 321 -23.30 -27.20 26.25
N GLN C 322 -22.45 -26.19 25.98
CA GLN C 322 -21.25 -25.86 26.73
C GLN C 322 -21.15 -24.35 26.89
N LYS C 323 -21.03 -23.87 28.14
CA LYS C 323 -20.89 -22.46 28.45
C LYS C 323 -19.61 -22.26 29.25
N VAL C 324 -18.64 -21.56 28.66
CA VAL C 324 -17.32 -21.35 29.29
C VAL C 324 -17.04 -19.84 29.45
N LYS C 325 -16.53 -19.45 30.64
CA LYS C 325 -16.12 -18.07 30.91
C LYS C 325 -14.66 -18.02 31.37
N ILE C 326 -13.84 -17.19 30.68
CA ILE C 326 -12.43 -16.99 31.00
C ILE C 326 -12.15 -15.51 31.34
N GLU C 327 -11.27 -15.28 32.32
CA GLU C 327 -10.91 -13.92 32.75
C GLU C 327 -9.39 -13.83 32.84
N VAL C 328 -8.79 -12.88 32.09
CA VAL C 328 -7.35 -12.66 32.06
C VAL C 328 -7.03 -11.21 32.42
N ASN C 329 -6.45 -11.03 33.61
CA ASN C 329 -6.05 -9.73 34.17
C ASN C 329 -4.66 -9.82 34.82
N GLU C 330 -4.14 -8.66 35.28
CA GLU C 330 -2.82 -8.47 35.90
C GLU C 330 -2.35 -9.57 36.83
N SER C 331 -3.21 -10.01 37.77
CA SER C 331 -2.86 -11.04 38.72
C SER C 331 -3.84 -12.20 38.74
N GLY C 332 -5.14 -11.89 38.86
CA GLY C 332 -6.20 -12.88 38.93
C GLY C 332 -6.56 -13.25 40.36
N THR C 333 -6.17 -12.38 41.31
CA THR C 333 -6.40 -12.56 42.75
C THR C 333 -7.43 -11.57 43.32
N ALA C 345 12.71 -4.05 37.60
CA ALA C 345 14.16 -4.10 37.51
C ALA C 345 14.64 -5.35 36.71
N ARG C 346 14.14 -5.47 35.45
CA ARG C 346 14.47 -6.57 34.54
C ARG C 346 14.90 -6.08 33.16
N MET C 347 15.97 -6.69 32.59
CA MET C 347 16.53 -6.32 31.29
C MET C 347 16.17 -7.30 30.18
N ALA C 348 15.68 -6.78 29.04
CA ALA C 348 15.29 -7.57 27.88
C ALA C 348 15.79 -6.96 26.56
N PRO C 349 16.29 -7.79 25.60
CA PRO C 349 16.77 -7.21 24.33
C PRO C 349 15.66 -6.80 23.36
N GLU C 350 14.52 -7.51 23.38
CA GLU C 350 13.38 -7.28 22.49
C GLU C 350 12.04 -7.41 23.22
N GLU C 351 11.03 -6.69 22.73
CA GLU C 351 9.66 -6.70 23.23
C GLU C 351 8.72 -7.49 22.32
N ILE C 352 7.67 -8.08 22.90
CA ILE C 352 6.63 -8.81 22.17
C ILE C 352 5.30 -8.09 22.39
N ILE C 353 4.68 -7.60 21.31
CA ILE C 353 3.39 -6.89 21.40
C ILE C 353 2.29 -7.71 20.74
N ILE C 354 1.33 -8.17 21.55
CA ILE C 354 0.18 -8.95 21.11
C ILE C 354 -0.95 -7.96 20.75
N ASP C 355 -0.86 -7.33 19.57
CA ASP C 355 -1.86 -6.35 19.10
C ASP C 355 -2.60 -6.77 17.83
N ARG C 356 -2.75 -8.08 17.63
CA ARG C 356 -3.45 -8.71 16.49
C ARG C 356 -4.22 -9.95 16.99
N PRO C 357 -5.29 -10.45 16.31
CA PRO C 357 -6.01 -11.63 16.82
C PRO C 357 -5.11 -12.83 17.15
N PHE C 358 -5.32 -13.42 18.33
CA PHE C 358 -4.50 -14.52 18.82
C PHE C 358 -5.26 -15.72 19.36
N LEU C 359 -4.59 -16.89 19.32
CA LEU C 359 -5.09 -18.15 19.85
C LEU C 359 -4.48 -18.35 21.24
N PHE C 360 -5.32 -18.70 22.23
CA PHE C 360 -4.85 -18.98 23.59
C PHE C 360 -5.15 -20.42 23.95
N VAL C 361 -4.28 -21.06 24.73
CA VAL C 361 -4.43 -22.45 25.16
C VAL C 361 -4.05 -22.56 26.63
N VAL C 362 -5.00 -22.98 27.49
CA VAL C 362 -4.77 -23.21 28.92
C VAL C 362 -4.54 -24.72 29.05
N ARG C 363 -3.28 -25.11 29.33
CA ARG C 363 -2.82 -26.50 29.40
C ARG C 363 -2.38 -26.90 30.81
N HIS C 364 -2.64 -28.16 31.17
CA HIS C 364 -2.23 -28.74 32.45
C HIS C 364 -0.94 -29.52 32.18
N ASN C 365 0.21 -28.86 32.43
CA ASN C 365 1.56 -29.36 32.17
C ASN C 365 1.94 -30.81 32.54
N PRO C 366 1.68 -31.33 33.78
CA PRO C 366 2.12 -32.72 34.08
C PRO C 366 1.46 -33.85 33.28
N THR C 367 0.28 -33.61 32.69
CA THR C 367 -0.44 -34.62 31.88
C THR C 367 -0.59 -34.22 30.41
N GLY C 368 -0.60 -32.92 30.15
CA GLY C 368 -0.77 -32.36 28.80
C GLY C 368 -2.23 -32.22 28.41
N THR C 369 -3.10 -32.04 29.42
CA THR C 369 -4.54 -31.89 29.22
C THR C 369 -4.85 -30.46 28.79
N VAL C 370 -5.59 -30.30 27.69
CA VAL C 370 -5.98 -28.98 27.20
C VAL C 370 -7.34 -28.68 27.84
N LEU C 371 -7.32 -27.97 28.97
CA LEU C 371 -8.51 -27.60 29.74
C LEU C 371 -9.33 -26.53 29.04
N PHE C 372 -8.64 -25.50 28.49
CA PHE C 372 -9.26 -24.38 27.79
C PHE C 372 -8.43 -23.98 26.57
N MET C 373 -9.11 -23.36 25.60
CA MET C 373 -8.53 -22.82 24.38
C MET C 373 -9.54 -21.92 23.67
N GLY C 374 -9.06 -20.85 23.07
CA GLY C 374 -9.92 -19.90 22.37
C GLY C 374 -9.20 -18.93 21.47
N GLN C 375 -9.99 -18.11 20.77
CA GLN C 375 -9.51 -17.08 19.86
C GLN C 375 -9.99 -15.69 20.29
N VAL C 376 -9.04 -14.78 20.52
CA VAL C 376 -9.34 -13.41 20.93
C VAL C 376 -9.28 -12.52 19.68
N MET C 377 -10.46 -12.21 19.10
CA MET C 377 -10.60 -11.36 17.91
C MET C 377 -10.62 -9.88 18.29
N GLU C 378 -11.22 -9.56 19.45
CA GLU C 378 -11.32 -8.21 19.99
C GLU C 378 -11.41 -8.27 21.53
N PRO C 379 -10.35 -7.85 22.25
CA PRO C 379 -10.40 -7.89 23.72
C PRO C 379 -11.16 -6.67 24.31
N SER D 6 -66.39 -11.80 9.02
CA SER D 6 -65.44 -10.72 8.77
C SER D 6 -65.82 -9.41 9.47
N TYR D 7 -67.13 -9.14 9.59
CA TYR D 7 -67.66 -7.96 10.28
C TYR D 7 -67.48 -8.14 11.79
N VAL D 8 -67.68 -9.38 12.28
CA VAL D 8 -67.54 -9.76 13.69
C VAL D 8 -66.06 -9.83 14.03
N ALA D 9 -65.23 -10.26 13.07
CA ALA D 9 -63.77 -10.38 13.18
C ALA D 9 -63.11 -9.04 13.52
N HIS D 10 -63.58 -7.96 12.88
CA HIS D 10 -63.06 -6.61 13.10
C HIS D 10 -63.56 -6.00 14.41
N LEU D 11 -64.78 -6.36 14.83
CA LEU D 11 -65.39 -5.88 16.07
C LEU D 11 -64.64 -6.44 17.28
N ALA D 12 -64.31 -7.75 17.22
CA ALA D 12 -63.57 -8.45 18.26
C ALA D 12 -62.13 -7.95 18.33
N SER D 13 -61.53 -7.69 17.15
CA SER D 13 -60.15 -7.20 17.00
C SER D 13 -60.01 -5.76 17.48
N ASP D 14 -60.90 -4.84 17.01
CA ASP D 14 -60.89 -3.42 17.39
C ASP D 14 -61.10 -3.23 18.88
N PHE D 15 -61.93 -4.11 19.51
CA PHE D 15 -62.17 -4.09 20.95
C PHE D 15 -60.91 -4.57 21.67
N GLY D 16 -60.30 -5.65 21.16
CA GLY D 16 -59.07 -6.22 21.68
C GLY D 16 -57.88 -5.28 21.68
N VAL D 17 -57.77 -4.45 20.61
CA VAL D 17 -56.73 -3.41 20.43
C VAL D 17 -56.92 -2.35 21.54
N ARG D 18 -58.18 -1.93 21.79
CA ARG D 18 -58.56 -0.97 22.83
C ARG D 18 -58.14 -1.41 24.24
N VAL D 19 -58.14 -2.74 24.49
CA VAL D 19 -57.72 -3.35 25.76
C VAL D 19 -56.19 -3.26 25.84
N PHE D 20 -55.49 -3.62 24.74
CA PHE D 20 -54.04 -3.59 24.59
C PHE D 20 -53.47 -2.19 24.85
N GLN D 21 -54.12 -1.16 24.28
CA GLN D 21 -53.75 0.25 24.41
C GLN D 21 -53.72 0.67 25.89
N GLN D 22 -54.64 0.12 26.71
CA GLN D 22 -54.72 0.38 28.15
C GLN D 22 -53.59 -0.31 28.91
N VAL D 23 -53.14 -1.48 28.40
CA VAL D 23 -52.04 -2.27 28.97
C VAL D 23 -50.72 -1.57 28.64
N ALA D 24 -50.51 -1.22 27.34
CA ALA D 24 -49.33 -0.53 26.80
C ALA D 24 -49.09 0.85 27.43
N GLN D 25 -50.15 1.48 27.97
CA GLN D 25 -50.08 2.77 28.63
C GLN D 25 -49.53 2.68 30.07
N ALA D 26 -49.42 1.47 30.65
CA ALA D 26 -49.01 1.30 32.05
C ALA D 26 -47.55 1.56 32.53
N SER D 27 -46.45 0.94 32.03
CA SER D 27 -46.14 -0.02 30.95
C SER D 27 -45.78 0.56 29.57
N LYS D 28 -45.45 1.87 29.54
CA LYS D 28 -44.98 2.57 28.35
C LYS D 28 -43.51 2.19 28.09
N ASP D 29 -42.82 1.73 29.16
CA ASP D 29 -41.41 1.34 29.18
C ASP D 29 -41.15 -0.16 29.00
N ARG D 30 -42.03 -1.01 29.57
CA ARG D 30 -41.89 -2.47 29.57
C ARG D 30 -42.31 -3.18 28.28
N ASN D 31 -41.81 -4.44 28.13
CA ASN D 31 -42.15 -5.34 27.03
C ASN D 31 -43.56 -5.85 27.30
N VAL D 32 -44.43 -5.80 26.29
CA VAL D 32 -45.82 -6.24 26.41
C VAL D 32 -46.17 -7.18 25.26
N VAL D 33 -46.91 -8.26 25.58
CA VAL D 33 -47.46 -9.26 24.65
C VAL D 33 -48.93 -9.47 25.00
N PHE D 34 -49.82 -9.33 24.01
CA PHE D 34 -51.25 -9.42 24.26
C PHE D 34 -52.03 -10.10 23.14
N SER D 35 -53.19 -10.71 23.47
CA SER D 35 -54.05 -11.36 22.50
C SER D 35 -55.41 -10.63 22.32
N PRO D 36 -55.54 -9.80 21.25
CA PRO D 36 -56.83 -9.10 21.01
C PRO D 36 -58.00 -10.03 20.70
N TYR D 37 -57.72 -11.18 20.05
CA TYR D 37 -58.73 -12.20 19.75
C TYR D 37 -59.17 -12.93 21.04
N GLY D 38 -58.20 -13.18 21.93
CA GLY D 38 -58.42 -13.88 23.19
C GLY D 38 -59.29 -13.14 24.18
N VAL D 39 -58.90 -11.89 24.51
CA VAL D 39 -59.63 -11.01 25.44
C VAL D 39 -61.10 -10.80 25.02
N ALA D 40 -61.34 -10.69 23.69
CA ALA D 40 -62.66 -10.53 23.08
C ALA D 40 -63.50 -11.80 23.26
N SER D 41 -62.92 -12.99 22.97
CA SER D 41 -63.58 -14.31 23.10
C SER D 41 -63.98 -14.59 24.54
N VAL D 42 -63.03 -14.42 25.49
CA VAL D 42 -63.26 -14.64 26.92
C VAL D 42 -64.29 -13.67 27.51
N LEU D 43 -64.47 -12.50 26.86
CA LEU D 43 -65.45 -11.52 27.31
C LEU D 43 -66.76 -11.62 26.53
N ALA D 44 -66.75 -12.30 25.37
CA ALA D 44 -67.94 -12.57 24.56
C ALA D 44 -68.73 -13.69 25.25
N MET D 45 -68.01 -14.58 25.96
CA MET D 45 -68.55 -15.70 26.74
C MET D 45 -69.22 -15.18 28.02
N LEU D 46 -68.60 -14.16 28.66
CA LEU D 46 -69.11 -13.53 29.88
C LEU D 46 -70.39 -12.70 29.66
N GLN D 47 -70.66 -12.32 28.40
CA GLN D 47 -71.84 -11.56 27.96
C GLN D 47 -73.14 -12.37 28.17
N LEU D 48 -73.04 -13.71 28.06
CA LEU D 48 -74.14 -14.65 28.24
C LEU D 48 -74.36 -14.99 29.72
N THR D 49 -73.35 -14.70 30.58
CA THR D 49 -73.39 -14.92 32.03
C THR D 49 -73.88 -13.66 32.76
N THR D 50 -73.84 -12.49 32.08
CA THR D 50 -74.23 -11.19 32.64
C THR D 50 -75.63 -10.69 32.26
N GLY D 51 -76.15 -9.79 33.10
CA GLY D 51 -77.44 -9.13 32.94
C GLY D 51 -77.35 -7.66 33.33
N GLY D 52 -78.52 -7.01 33.39
CA GLY D 52 -78.69 -5.60 33.77
C GLY D 52 -77.67 -4.61 33.23
N GLU D 53 -77.17 -3.72 34.12
CA GLU D 53 -76.18 -2.68 33.84
C GLU D 53 -74.83 -3.26 33.39
N THR D 54 -74.44 -4.41 34.01
CA THR D 54 -73.19 -5.12 33.72
C THR D 54 -73.10 -5.51 32.23
N GLN D 55 -74.23 -5.98 31.65
CA GLN D 55 -74.37 -6.38 30.25
C GLN D 55 -74.32 -5.20 29.27
N GLN D 56 -74.81 -4.02 29.70
CA GLN D 56 -74.84 -2.79 28.89
C GLN D 56 -73.43 -2.25 28.69
N GLN D 57 -72.58 -2.37 29.73
CA GLN D 57 -71.18 -1.93 29.74
C GLN D 57 -70.34 -2.77 28.79
N ILE D 58 -70.52 -4.11 28.85
CA ILE D 58 -69.83 -5.11 28.04
C ILE D 58 -70.18 -4.99 26.54
N GLN D 59 -71.49 -4.95 26.21
CA GLN D 59 -72.00 -4.85 24.84
C GLN D 59 -71.61 -3.54 24.14
N ALA D 60 -71.70 -2.39 24.86
CA ALA D 60 -71.34 -1.07 24.30
C ALA D 60 -69.86 -0.94 23.99
N ALA D 61 -68.98 -1.50 24.85
CA ALA D 61 -67.53 -1.46 24.64
C ALA D 61 -67.10 -2.45 23.54
N MET D 62 -67.76 -3.62 23.47
CA MET D 62 -67.49 -4.63 22.45
C MET D 62 -67.99 -4.20 21.07
N GLY D 63 -69.14 -3.52 21.04
CA GLY D 63 -69.79 -3.02 19.84
C GLY D 63 -70.82 -3.94 19.24
N PHE D 64 -71.07 -5.11 19.88
CA PHE D 64 -72.03 -6.11 19.41
C PHE D 64 -72.63 -6.99 20.53
N LYS D 65 -73.76 -7.67 20.21
CA LYS D 65 -74.46 -8.61 21.09
C LYS D 65 -74.12 -10.01 20.58
N ILE D 66 -73.73 -10.93 21.48
CA ILE D 66 -73.38 -12.31 21.10
C ILE D 66 -74.62 -13.09 20.61
N ASP D 67 -75.78 -12.84 21.24
CA ASP D 67 -77.09 -13.43 20.93
C ASP D 67 -77.65 -12.93 19.60
N ASP D 68 -77.13 -11.79 19.09
CA ASP D 68 -77.56 -11.18 17.83
C ASP D 68 -77.35 -12.12 16.64
N LYS D 69 -78.34 -12.12 15.73
CA LYS D 69 -78.42 -12.97 14.53
C LYS D 69 -77.23 -12.85 13.58
N GLY D 70 -76.51 -13.96 13.45
CA GLY D 70 -75.33 -14.07 12.59
C GLY D 70 -74.02 -13.90 13.32
N MET D 71 -74.03 -13.24 14.50
CA MET D 71 -72.82 -12.97 15.29
C MET D 71 -72.21 -14.22 15.91
N ALA D 72 -73.03 -15.00 16.67
CA ALA D 72 -72.62 -16.23 17.34
C ALA D 72 -71.99 -17.33 16.44
N PRO D 73 -72.54 -17.68 15.25
CA PRO D 73 -71.90 -18.72 14.41
C PRO D 73 -70.62 -18.27 13.71
N ALA D 74 -70.38 -16.94 13.65
CA ALA D 74 -69.18 -16.37 13.05
C ALA D 74 -67.94 -16.63 13.91
N LEU D 75 -68.10 -16.56 15.26
CA LEU D 75 -67.03 -16.85 16.24
C LEU D 75 -66.61 -18.32 16.20
N ARG D 76 -67.57 -19.23 15.86
CA ARG D 76 -67.30 -20.67 15.71
C ARG D 76 -66.44 -20.91 14.47
N HIS D 77 -66.80 -20.25 13.33
CA HIS D 77 -66.06 -20.33 12.06
C HIS D 77 -64.69 -19.64 12.22
N LEU D 78 -64.61 -18.66 13.13
CA LEU D 78 -63.38 -17.93 13.46
C LEU D 78 -62.46 -18.77 14.35
N TYR D 79 -62.98 -19.78 15.00
CA TYR D 79 -62.12 -20.65 15.77
C TYR D 79 -61.82 -21.93 15.04
N LYS D 80 -62.72 -22.38 14.18
CA LYS D 80 -62.41 -23.51 13.33
C LYS D 80 -61.40 -23.16 12.26
N GLU D 81 -61.68 -22.07 11.56
CA GLU D 81 -60.84 -21.66 10.46
C GLU D 81 -59.52 -21.31 11.06
N LEU D 82 -59.58 -20.67 12.20
CA LEU D 82 -58.40 -20.35 12.94
C LEU D 82 -58.52 -20.95 14.31
N MET D 83 -57.63 -21.84 14.68
CA MET D 83 -56.84 -22.61 13.78
C MET D 83 -57.02 -24.05 14.20
N GLY D 84 -57.14 -24.96 13.23
CA GLY D 84 -57.14 -26.39 13.50
C GLY D 84 -55.94 -27.16 12.98
N PRO D 85 -56.14 -27.87 11.80
CA PRO D 85 -54.98 -28.67 11.34
C PRO D 85 -53.67 -27.94 10.97
N TRP D 86 -53.76 -26.81 10.30
CA TRP D 86 -52.58 -26.07 9.86
C TRP D 86 -51.81 -25.69 11.06
N ASN D 87 -52.55 -25.38 12.11
CA ASN D 87 -52.00 -25.02 13.39
C ASN D 87 -51.20 -26.15 14.02
N LYS D 88 -50.15 -25.76 14.69
CA LYS D 88 -49.50 -26.54 15.70
C LYS D 88 -48.22 -27.19 15.33
N ASP D 89 -47.53 -27.51 16.39
CA ASP D 89 -46.43 -26.83 16.94
C ASP D 89 -46.92 -25.52 17.54
N GLU D 90 -47.49 -24.70 16.65
CA GLU D 90 -47.60 -23.25 16.74
C GLU D 90 -48.47 -22.50 17.72
N ILE D 91 -49.74 -22.83 17.81
CA ILE D 91 -50.66 -22.01 18.58
C ILE D 91 -51.47 -22.83 19.49
N SER D 92 -51.47 -22.47 20.76
CA SER D 92 -52.28 -23.13 21.75
C SER D 92 -53.11 -22.11 22.47
N THR D 93 -54.39 -22.38 22.62
CA THR D 93 -55.24 -21.49 23.36
C THR D 93 -56.27 -22.18 24.22
N THR D 94 -56.61 -21.56 25.33
CA THR D 94 -57.64 -22.02 26.28
C THR D 94 -58.37 -20.87 26.99
N ASP D 95 -59.68 -21.06 27.20
CA ASP D 95 -60.56 -20.10 27.87
C ASP D 95 -61.22 -20.83 29.04
N ALA D 96 -61.08 -20.29 30.26
CA ALA D 96 -61.65 -20.94 31.42
C ALA D 96 -62.33 -19.97 32.39
N ILE D 97 -63.64 -20.19 32.62
CA ILE D 97 -64.46 -19.41 33.54
C ILE D 97 -64.70 -20.34 34.75
N PHE D 98 -63.98 -20.08 35.86
CA PHE D 98 -64.06 -20.87 37.08
C PHE D 98 -65.15 -20.38 38.03
N VAL D 99 -66.22 -21.17 38.15
CA VAL D 99 -67.35 -20.86 39.02
C VAL D 99 -67.38 -21.80 40.24
N GLN D 100 -68.09 -21.41 41.32
CA GLN D 100 -68.21 -22.19 42.55
C GLN D 100 -69.20 -23.35 42.39
N ARG D 101 -68.80 -24.54 42.87
CA ARG D 101 -69.56 -25.81 42.83
C ARG D 101 -70.97 -25.74 43.43
N ASP D 102 -71.12 -25.07 44.60
CA ASP D 102 -72.40 -24.95 45.32
C ASP D 102 -73.51 -24.24 44.55
N LEU D 103 -73.16 -23.25 43.71
CA LEU D 103 -74.10 -22.44 42.92
C LEU D 103 -75.00 -23.27 42.02
N LYS D 104 -76.28 -22.88 41.97
CA LYS D 104 -77.28 -23.54 41.15
C LYS D 104 -77.69 -22.58 40.06
N LEU D 105 -77.05 -22.74 38.88
CA LEU D 105 -77.27 -21.92 37.69
C LEU D 105 -78.69 -21.99 37.15
N VAL D 106 -79.10 -20.98 36.36
CA VAL D 106 -80.44 -20.87 35.77
C VAL D 106 -80.73 -22.03 34.81
N GLN D 107 -81.98 -22.54 34.81
CA GLN D 107 -82.40 -23.65 33.96
C GLN D 107 -82.38 -23.23 32.49
N GLY D 108 -81.40 -23.75 31.77
CA GLY D 108 -81.20 -23.46 30.36
C GLY D 108 -79.94 -22.67 30.04
N PHE D 109 -79.08 -22.43 31.05
CA PHE D 109 -77.83 -21.70 30.83
C PHE D 109 -76.82 -22.54 30.06
N MET D 110 -76.42 -23.69 30.64
CA MET D 110 -75.45 -24.61 30.04
C MET D 110 -75.77 -25.07 28.61
N PRO D 111 -77.02 -25.50 28.27
CA PRO D 111 -77.30 -25.87 26.87
C PRO D 111 -77.15 -24.71 25.88
N HIS D 112 -77.50 -23.48 26.31
CA HIS D 112 -77.40 -22.25 25.52
C HIS D 112 -75.94 -21.83 25.37
N PHE D 113 -75.15 -21.96 26.46
CA PHE D 113 -73.73 -21.60 26.49
C PHE D 113 -72.90 -22.54 25.61
N PHE D 114 -73.31 -23.82 25.53
CA PHE D 114 -72.66 -24.84 24.72
C PHE D 114 -73.06 -24.74 23.25
N ARG D 115 -74.31 -24.31 22.96
CA ARG D 115 -74.82 -24.14 21.60
C ARG D 115 -74.17 -22.92 20.92
N LEU D 116 -73.67 -21.97 21.74
CA LEU D 116 -73.03 -20.74 21.27
C LEU D 116 -71.50 -20.73 21.33
N PHE D 117 -70.88 -21.60 22.16
CA PHE D 117 -69.41 -21.62 22.31
C PHE D 117 -68.72 -22.99 22.25
N ARG D 118 -69.49 -24.11 22.46
CA ARG D 118 -68.98 -25.50 22.49
C ARG D 118 -67.97 -25.71 23.64
N SER D 119 -68.04 -24.84 24.67
CA SER D 119 -67.17 -24.83 25.85
C SER D 119 -68.04 -24.87 27.11
N THR D 120 -67.54 -25.51 28.18
CA THR D 120 -68.26 -25.61 29.44
C THR D 120 -67.68 -24.69 30.51
N VAL D 121 -68.51 -24.29 31.48
CA VAL D 121 -68.09 -23.44 32.60
C VAL D 121 -67.57 -24.35 33.71
N LYS D 122 -66.33 -24.10 34.16
CA LYS D 122 -65.60 -24.86 35.16
C LYS D 122 -66.25 -24.84 36.54
N GLN D 123 -66.38 -26.04 37.14
CA GLN D 123 -66.91 -26.24 38.48
C GLN D 123 -65.73 -26.49 39.42
N VAL D 124 -65.50 -25.55 40.35
CA VAL D 124 -64.38 -25.63 41.28
C VAL D 124 -64.74 -25.19 42.72
N ASP D 125 -64.14 -25.86 43.72
CA ASP D 125 -64.35 -25.56 45.14
C ASP D 125 -63.29 -24.59 45.64
N PHE D 126 -63.71 -23.33 45.82
CA PHE D 126 -62.87 -22.21 46.25
C PHE D 126 -62.59 -22.18 47.76
N SER D 127 -63.41 -22.88 48.57
CA SER D 127 -63.27 -22.96 50.02
C SER D 127 -61.93 -23.57 50.47
N GLU D 128 -61.43 -24.55 49.70
CA GLU D 128 -60.12 -25.17 49.94
C GLU D 128 -59.14 -24.51 48.97
N VAL D 129 -58.39 -23.51 49.49
CA VAL D 129 -57.47 -22.60 48.80
C VAL D 129 -56.41 -23.20 47.85
N GLU D 130 -55.37 -23.88 48.38
CA GLU D 130 -54.22 -24.43 47.63
C GLU D 130 -54.56 -25.26 46.40
N ARG D 131 -55.59 -26.14 46.49
CA ARG D 131 -56.02 -26.99 45.38
C ARG D 131 -56.80 -26.18 44.33
N ALA D 132 -57.56 -25.15 44.77
CA ALA D 132 -58.33 -24.27 43.89
C ALA D 132 -57.41 -23.45 42.98
N ARG D 133 -56.25 -23.00 43.51
CA ARG D 133 -55.23 -22.25 42.77
C ARG D 133 -54.49 -23.23 41.85
N PHE D 134 -54.34 -24.49 42.32
CA PHE D 134 -53.70 -25.58 41.59
C PHE D 134 -54.50 -25.99 40.36
N ILE D 135 -55.84 -26.20 40.51
CA ILE D 135 -56.77 -26.60 39.43
C ILE D 135 -56.75 -25.59 38.27
N ILE D 136 -56.69 -24.28 38.59
CA ILE D 136 -56.63 -23.17 37.62
C ILE D 136 -55.32 -23.27 36.82
N ASN D 137 -54.18 -23.37 37.53
CA ASN D 137 -52.82 -23.48 36.99
C ASN D 137 -52.59 -24.78 36.19
N ASP D 138 -53.16 -25.91 36.65
CA ASP D 138 -53.03 -27.20 35.97
C ASP D 138 -53.80 -27.20 34.66
N TRP D 139 -54.95 -26.49 34.63
CA TRP D 139 -55.77 -26.36 33.42
C TRP D 139 -55.01 -25.52 32.40
N VAL D 140 -54.24 -24.54 32.88
CA VAL D 140 -53.41 -23.64 32.08
C VAL D 140 -52.21 -24.37 31.46
N LYS D 141 -51.58 -25.30 32.22
CA LYS D 141 -50.43 -26.08 31.78
C LYS D 141 -50.77 -27.31 30.91
N THR D 142 -51.94 -27.93 31.14
CA THR D 142 -52.37 -29.12 30.38
C THR D 142 -52.99 -28.72 29.04
N HIS D 143 -53.26 -27.42 28.84
CA HIS D 143 -53.87 -26.94 27.60
C HIS D 143 -52.95 -26.10 26.70
N THR D 144 -51.82 -25.58 27.25
CA THR D 144 -50.84 -24.81 26.48
C THR D 144 -49.51 -25.59 26.35
N LYS D 145 -49.55 -26.90 26.65
CA LYS D 145 -48.43 -27.84 26.63
C LYS D 145 -47.29 -27.39 27.58
N GLY D 146 -47.69 -26.85 28.74
CA GLY D 146 -46.80 -26.37 29.79
C GLY D 146 -45.85 -25.25 29.41
N MET D 147 -46.07 -24.62 28.24
CA MET D 147 -45.26 -23.52 27.69
C MET D 147 -45.43 -22.22 28.48
N ILE D 148 -46.67 -21.96 28.95
CA ILE D 148 -47.00 -20.76 29.75
C ILE D 148 -46.52 -21.00 31.19
N SER D 149 -45.85 -20.01 31.78
CA SER D 149 -45.31 -20.06 33.14
C SER D 149 -46.41 -20.06 34.21
N HIS D 150 -46.08 -20.56 35.42
CA HIS D 150 -46.97 -20.64 36.58
C HIS D 150 -47.55 -19.26 36.91
N LEU D 151 -48.90 -19.14 36.90
CA LEU D 151 -49.65 -17.91 37.15
C LEU D 151 -49.33 -17.25 38.49
N LEU D 152 -48.93 -15.97 38.46
CA LEU D 152 -48.60 -15.20 39.66
C LEU D 152 -49.86 -14.62 40.30
N GLY D 153 -50.89 -14.37 39.47
CA GLY D 153 -52.17 -13.80 39.85
C GLY D 153 -53.03 -14.68 40.75
N THR D 154 -52.79 -16.01 40.74
CA THR D 154 -53.55 -16.99 41.55
C THR D 154 -53.53 -16.75 43.06
N GLY D 155 -52.58 -15.95 43.55
CA GLY D 155 -52.45 -15.58 44.95
C GLY D 155 -53.60 -14.75 45.48
N ALA D 156 -54.40 -14.16 44.57
CA ALA D 156 -55.58 -13.35 44.89
C ALA D 156 -56.80 -14.23 45.19
N VAL D 157 -56.77 -15.52 44.76
CA VAL D 157 -57.86 -16.48 44.97
C VAL D 157 -58.10 -16.69 46.48
N ASP D 158 -59.17 -16.03 46.97
CA ASP D 158 -59.64 -16.02 48.35
C ASP D 158 -60.67 -17.13 48.60
N GLN D 159 -61.14 -17.24 49.85
CA GLN D 159 -62.19 -18.16 50.28
C GLN D 159 -63.52 -17.50 49.89
N LEU D 160 -63.51 -16.15 49.82
CA LEU D 160 -64.60 -15.25 49.46
C LEU D 160 -64.82 -15.25 47.93
N THR D 161 -63.75 -15.59 47.16
CA THR D 161 -63.72 -15.67 45.70
C THR D 161 -64.75 -16.69 45.18
N ARG D 162 -65.61 -16.28 44.21
CA ARG D 162 -66.64 -17.13 43.64
C ARG D 162 -66.55 -17.28 42.11
N LEU D 163 -65.93 -16.28 41.42
CA LEU D 163 -65.77 -16.29 39.96
C LEU D 163 -64.38 -15.78 39.53
N VAL D 164 -63.71 -16.54 38.63
CA VAL D 164 -62.39 -16.26 38.07
C VAL D 164 -62.38 -16.45 36.54
N LEU D 165 -61.81 -15.45 35.82
CA LEU D 165 -61.65 -15.46 34.37
C LEU D 165 -60.18 -15.69 34.04
N VAL D 166 -59.86 -16.74 33.27
CA VAL D 166 -58.49 -17.09 32.88
C VAL D 166 -58.41 -17.43 31.38
N ASN D 167 -57.42 -16.85 30.69
CA ASN D 167 -57.15 -17.04 29.27
C ASN D 167 -55.63 -17.14 29.06
N ALA D 168 -55.18 -18.20 28.36
CA ALA D 168 -53.76 -18.45 28.08
C ALA D 168 -53.55 -18.77 26.61
N LEU D 169 -52.54 -18.14 25.99
CA LEU D 169 -52.22 -18.32 24.57
C LEU D 169 -50.72 -18.40 24.35
N TYR D 170 -50.27 -19.42 23.62
CA TYR D 170 -48.86 -19.59 23.29
C TYR D 170 -48.67 -19.55 21.77
N PHE D 171 -47.61 -18.87 21.30
CA PHE D 171 -47.33 -18.76 19.87
C PHE D 171 -45.85 -18.81 19.46
N ASN D 172 -45.57 -19.63 18.45
CA ASN D 172 -44.28 -19.81 17.79
C ASN D 172 -44.57 -20.40 16.41
N GLY D 173 -44.95 -19.52 15.49
CA GLY D 173 -45.28 -19.89 14.12
C GLY D 173 -44.09 -20.29 13.27
N GLN D 174 -44.37 -21.04 12.21
CA GLN D 174 -43.35 -21.51 11.25
C GLN D 174 -43.45 -20.66 9.97
N TRP D 175 -42.44 -19.80 9.74
CA TRP D 175 -42.34 -18.88 8.60
C TRP D 175 -42.43 -19.59 7.26
N LYS D 176 -43.07 -18.93 6.26
CA LYS D 176 -43.22 -19.43 4.89
C LYS D 176 -41.84 -19.70 4.27
N THR D 177 -40.94 -18.71 4.38
CA THR D 177 -39.55 -18.79 3.94
C THR D 177 -38.72 -18.61 5.23
N PRO D 178 -38.02 -19.68 5.69
CA PRO D 178 -37.26 -19.56 6.95
C PRO D 178 -36.05 -18.66 6.86
N PHE D 179 -35.66 -18.08 8.00
CA PHE D 179 -34.49 -17.23 8.08
C PHE D 179 -33.24 -18.14 8.09
N PRO D 180 -32.27 -17.95 7.16
CA PRO D 180 -31.07 -18.81 7.15
C PRO D 180 -30.29 -18.76 8.47
N ASP D 181 -30.00 -19.93 9.02
CA ASP D 181 -29.29 -20.14 10.29
C ASP D 181 -27.89 -19.54 10.32
N SER D 182 -27.15 -19.62 9.19
CA SER D 182 -25.81 -19.09 9.04
C SER D 182 -25.77 -17.56 9.05
N SER D 183 -26.94 -16.92 8.78
CA SER D 183 -27.12 -15.47 8.73
C SER D 183 -27.45 -14.85 10.09
N THR D 184 -27.64 -15.69 11.13
CA THR D 184 -27.94 -15.22 12.48
C THR D 184 -26.65 -14.76 13.19
N HIS D 185 -26.55 -13.45 13.43
CA HIS D 185 -25.41 -12.77 14.07
C HIS D 185 -25.88 -11.88 15.23
N ARG D 186 -24.94 -11.34 16.03
CA ARG D 186 -25.27 -10.44 17.12
C ARG D 186 -25.12 -8.99 16.68
N ARG D 187 -26.17 -8.18 16.92
CA ARG D 187 -26.22 -6.76 16.58
C ARG D 187 -26.66 -5.91 17.76
N LEU D 188 -26.38 -4.61 17.71
CA LEU D 188 -26.77 -3.67 18.76
C LEU D 188 -28.21 -3.22 18.60
N PHE D 189 -28.97 -3.29 19.69
CA PHE D 189 -30.35 -2.84 19.75
C PHE D 189 -30.37 -1.52 20.50
N HIS D 190 -30.94 -0.48 19.89
CA HIS D 190 -31.03 0.84 20.48
C HIS D 190 -32.34 0.97 21.26
N LYS D 191 -32.23 1.09 22.58
CA LYS D 191 -33.38 1.22 23.47
C LYS D 191 -33.92 2.65 23.42
N SER D 192 -35.15 2.86 23.94
CA SER D 192 -35.79 4.18 23.96
C SER D 192 -35.00 5.24 24.75
N ASP D 193 -34.20 4.83 25.76
CA ASP D 193 -33.38 5.73 26.58
C ASP D 193 -31.99 6.00 25.97
N GLY D 194 -31.72 5.42 24.81
CA GLY D 194 -30.46 5.61 24.11
C GLY D 194 -29.39 4.57 24.39
N SER D 195 -29.60 3.73 25.43
CA SER D 195 -28.67 2.66 25.80
C SER D 195 -28.71 1.52 24.77
N THR D 196 -27.65 0.69 24.74
CA THR D 196 -27.51 -0.41 23.80
C THR D 196 -27.34 -1.77 24.47
N VAL D 197 -27.83 -2.82 23.78
CA VAL D 197 -27.73 -4.23 24.19
C VAL D 197 -27.37 -5.10 22.99
N SER D 198 -26.40 -6.01 23.14
CA SER D 198 -26.00 -6.92 22.07
C SER D 198 -26.95 -8.11 22.08
N VAL D 199 -27.77 -8.25 21.03
CA VAL D 199 -28.78 -9.29 20.91
C VAL D 199 -28.67 -10.10 19.61
N PRO D 200 -28.92 -11.45 19.61
CA PRO D 200 -28.88 -12.20 18.33
C PRO D 200 -30.01 -11.76 17.40
N MET D 201 -29.66 -11.53 16.12
CA MET D 201 -30.57 -11.03 15.10
C MET D 201 -30.57 -11.90 13.84
N MET D 202 -31.75 -12.24 13.34
CA MET D 202 -31.95 -13.02 12.12
C MET D 202 -31.70 -12.12 10.92
N ALA D 203 -31.34 -12.70 9.76
CA ALA D 203 -31.11 -11.94 8.53
C ALA D 203 -31.60 -12.73 7.32
N GLN D 204 -32.33 -12.06 6.41
CA GLN D 204 -32.89 -12.66 5.18
C GLN D 204 -33.08 -11.60 4.09
N THR D 205 -32.86 -12.01 2.83
CA THR D 205 -33.05 -11.18 1.65
C THR D 205 -34.19 -11.81 0.86
N ASN D 206 -35.28 -11.07 0.68
CA ASN D 206 -36.49 -11.56 0.00
C ASN D 206 -37.34 -10.39 -0.50
N LYS D 207 -38.38 -10.70 -1.31
CA LYS D 207 -39.34 -9.71 -1.78
C LYS D 207 -40.43 -9.72 -0.71
N PHE D 208 -40.37 -8.74 0.19
CA PHE D 208 -41.30 -8.65 1.31
C PHE D 208 -42.46 -7.72 1.01
N ASN D 209 -43.65 -7.99 1.59
CA ASN D 209 -44.80 -7.11 1.47
C ASN D 209 -44.49 -5.95 2.41
N TYR D 210 -44.31 -4.74 1.86
CA TYR D 210 -43.88 -3.59 2.65
C TYR D 210 -44.62 -2.30 2.28
N THR D 211 -44.90 -1.48 3.31
CA THR D 211 -45.57 -0.18 3.16
C THR D 211 -45.10 0.87 4.18
N GLU D 212 -45.40 2.14 3.90
CA GLU D 212 -45.08 3.28 4.75
C GLU D 212 -46.33 4.09 5.01
N PHE D 213 -46.53 4.50 6.27
CA PHE D 213 -47.69 5.29 6.69
C PHE D 213 -47.24 6.48 7.56
N THR D 214 -48.17 7.42 7.86
CA THR D 214 -47.86 8.59 8.70
C THR D 214 -48.81 8.77 9.86
N THR D 215 -48.25 9.22 10.98
CA THR D 215 -48.95 9.53 12.23
C THR D 215 -49.70 10.88 12.02
N PRO D 216 -50.69 11.27 12.87
CA PRO D 216 -51.31 12.60 12.70
C PRO D 216 -50.32 13.76 12.88
N ASP D 217 -49.21 13.51 13.61
CA ASP D 217 -48.12 14.46 13.86
C ASP D 217 -47.23 14.66 12.61
N GLY D 218 -47.27 13.70 11.68
CA GLY D 218 -46.53 13.74 10.43
C GLY D 218 -45.26 12.92 10.35
N HIS D 219 -45.05 12.01 11.31
CA HIS D 219 -43.86 11.16 11.35
C HIS D 219 -44.05 9.86 10.54
N TYR D 220 -42.99 9.45 9.82
CA TYR D 220 -43.00 8.25 8.97
C TYR D 220 -42.77 6.98 9.76
N TYR D 221 -43.68 6.01 9.61
CA TYR D 221 -43.55 4.69 10.23
C TYR D 221 -43.67 3.58 9.18
N ASP D 222 -42.83 2.55 9.30
CA ASP D 222 -42.77 1.45 8.33
C ASP D 222 -43.43 0.19 8.81
N ILE D 223 -44.23 -0.44 7.94
CA ILE D 223 -44.93 -1.70 8.24
C ILE D 223 -44.46 -2.77 7.25
N LEU D 224 -43.97 -3.89 7.79
CA LEU D 224 -43.45 -5.02 7.01
C LEU D 224 -44.18 -6.33 7.38
N GLU D 225 -44.71 -7.04 6.38
CA GLU D 225 -45.42 -8.30 6.58
C GLU D 225 -44.52 -9.52 6.48
N LEU D 226 -44.54 -10.36 7.53
CA LEU D 226 -43.77 -11.60 7.64
C LEU D 226 -44.72 -12.79 7.65
N PRO D 227 -45.07 -13.36 6.48
CA PRO D 227 -46.02 -14.48 6.46
C PRO D 227 -45.48 -15.85 6.87
N TYR D 228 -46.37 -16.68 7.42
CA TYR D 228 -46.11 -18.05 7.84
C TYR D 228 -46.54 -19.00 6.70
N HIS D 229 -46.45 -20.34 6.93
CA HIS D 229 -46.82 -21.37 5.95
C HIS D 229 -48.29 -21.31 5.51
N GLY D 230 -48.49 -21.49 4.20
CA GLY D 230 -49.81 -21.49 3.56
C GLY D 230 -50.53 -20.15 3.51
N ASP D 231 -49.81 -19.05 3.82
CA ASP D 231 -50.30 -17.66 3.86
C ASP D 231 -51.54 -17.43 4.76
N THR D 232 -51.86 -18.41 5.64
CA THR D 232 -52.99 -18.34 6.58
C THR D 232 -52.69 -17.27 7.64
N LEU D 233 -51.46 -17.27 8.19
CA LEU D 233 -51.04 -16.28 9.18
C LEU D 233 -49.87 -15.41 8.71
N SER D 234 -49.69 -14.24 9.37
CA SER D 234 -48.65 -13.26 9.10
C SER D 234 -48.37 -12.40 10.33
N MET D 235 -47.14 -11.85 10.42
CA MET D 235 -46.73 -10.94 11.48
C MET D 235 -46.27 -9.63 10.86
N PHE D 236 -46.90 -8.53 11.29
CA PHE D 236 -46.63 -7.18 10.83
C PHE D 236 -45.63 -6.53 11.79
N ILE D 237 -44.50 -6.07 11.25
CA ILE D 237 -43.47 -5.39 12.02
C ILE D 237 -43.62 -3.91 11.75
N ALA D 238 -44.02 -3.16 12.77
CA ALA D 238 -44.23 -1.72 12.67
C ALA D 238 -43.29 -0.99 13.62
N ALA D 239 -42.65 0.09 13.13
CA ALA D 239 -41.71 0.93 13.89
C ALA D 239 -41.51 2.27 13.18
N PRO D 240 -41.42 3.42 13.90
CA PRO D 240 -41.18 4.69 13.22
C PRO D 240 -39.77 4.70 12.61
N TYR D 241 -39.65 5.32 11.43
CA TYR D 241 -38.39 5.45 10.69
C TYR D 241 -37.34 6.21 11.52
N GLU D 242 -37.74 7.36 12.11
CA GLU D 242 -36.86 8.18 12.96
C GLU D 242 -36.73 7.50 14.33
N LYS D 243 -35.51 7.47 14.88
CA LYS D 243 -35.19 6.90 16.19
C LYS D 243 -35.84 7.70 17.31
N GLU D 244 -35.86 9.05 17.15
CA GLU D 244 -36.37 10.04 18.10
C GLU D 244 -37.87 9.90 18.37
N VAL D 245 -38.64 9.46 17.38
CA VAL D 245 -40.09 9.27 17.51
C VAL D 245 -40.35 8.05 18.43
N PRO D 246 -40.97 8.22 19.62
CA PRO D 246 -41.25 7.05 20.47
C PRO D 246 -42.31 6.13 19.89
N LEU D 247 -42.34 4.87 20.36
CA LEU D 247 -43.31 3.86 19.92
C LEU D 247 -44.75 4.21 20.31
N SER D 248 -44.90 5.08 21.35
CA SER D 248 -46.17 5.60 21.89
C SER D 248 -46.99 6.32 20.82
N ALA D 249 -46.33 7.00 19.86
CA ALA D 249 -46.96 7.70 18.74
C ALA D 249 -47.69 6.75 17.79
N LEU D 250 -47.17 5.50 17.62
CA LEU D 250 -47.75 4.46 16.78
C LEU D 250 -48.85 3.72 17.55
N THR D 251 -48.58 3.40 18.83
CA THR D 251 -49.47 2.69 19.77
C THR D 251 -50.82 3.42 19.95
N ASN D 252 -50.77 4.74 20.15
CA ASN D 252 -51.93 5.62 20.38
C ASN D 252 -52.96 5.64 19.25
N ILE D 253 -52.50 5.47 17.99
CA ILE D 253 -53.38 5.52 16.81
C ILE D 253 -53.85 4.14 16.29
N LEU D 254 -53.50 3.05 17.00
CA LEU D 254 -53.86 1.69 16.59
C LEU D 254 -55.35 1.40 16.59
N SER D 255 -55.79 0.62 15.56
CA SER D 255 -57.16 0.18 15.31
C SER D 255 -57.15 -0.97 14.29
N ALA D 256 -58.20 -1.84 14.30
CA ALA D 256 -58.34 -2.96 13.36
C ALA D 256 -58.40 -2.50 11.89
N GLN D 257 -58.98 -1.31 11.65
CA GLN D 257 -59.09 -0.70 10.32
C GLN D 257 -57.71 -0.24 9.82
N LEU D 258 -56.85 0.28 10.73
CA LEU D 258 -55.49 0.74 10.42
C LEU D 258 -54.63 -0.42 9.92
N ILE D 259 -54.64 -1.55 10.65
CA ILE D 259 -53.92 -2.77 10.30
C ILE D 259 -54.48 -3.33 8.97
N SER D 260 -55.81 -3.21 8.76
CA SER D 260 -56.47 -3.61 7.52
C SER D 260 -56.07 -2.71 6.35
N HIS D 261 -55.81 -1.40 6.63
CA HIS D 261 -55.35 -0.41 5.66
C HIS D 261 -53.89 -0.64 5.28
N TRP D 262 -53.06 -1.11 6.26
CA TRP D 262 -51.65 -1.45 6.06
C TRP D 262 -51.52 -2.56 5.03
N LYS D 263 -52.26 -3.67 5.21
CA LYS D 263 -52.24 -4.84 4.32
C LYS D 263 -52.63 -4.54 2.87
N GLY D 264 -53.68 -3.75 2.69
CA GLY D 264 -54.19 -3.38 1.37
C GLY D 264 -53.29 -2.46 0.58
N ASN D 265 -52.46 -1.68 1.29
CA ASN D 265 -51.53 -0.71 0.70
C ASN D 265 -50.09 -1.27 0.61
N MET D 266 -49.93 -2.59 0.76
CA MET D 266 -48.64 -3.27 0.70
C MET D 266 -48.25 -3.76 -0.68
N THR D 267 -46.94 -3.67 -0.98
CA THR D 267 -46.32 -4.09 -2.25
C THR D 267 -45.07 -4.92 -2.00
N ARG D 268 -44.74 -5.81 -2.95
CA ARG D 268 -43.58 -6.70 -2.87
C ARG D 268 -42.32 -5.98 -3.33
N LEU D 269 -41.38 -5.76 -2.40
CA LEU D 269 -40.13 -5.05 -2.64
C LEU D 269 -38.90 -5.87 -2.22
N PRO D 270 -37.79 -5.84 -2.99
CA PRO D 270 -36.59 -6.58 -2.56
C PRO D 270 -35.87 -5.83 -1.45
N ARG D 271 -35.72 -6.47 -0.28
CA ARG D 271 -35.07 -5.88 0.89
C ARG D 271 -34.34 -6.91 1.73
N LEU D 272 -33.21 -6.50 2.33
CA LEU D 272 -32.45 -7.35 3.25
C LEU D 272 -32.99 -7.02 4.63
N LEU D 273 -33.67 -7.98 5.25
CA LEU D 273 -34.26 -7.78 6.57
C LEU D 273 -33.40 -8.31 7.69
N VAL D 274 -33.19 -7.48 8.73
CA VAL D 274 -32.46 -7.87 9.94
C VAL D 274 -33.43 -7.68 11.10
N LEU D 275 -33.96 -8.81 11.63
CA LEU D 275 -34.94 -8.84 12.71
C LEU D 275 -34.38 -9.53 13.98
N PRO D 276 -34.48 -8.91 15.17
CA PRO D 276 -33.96 -9.58 16.38
C PRO D 276 -34.84 -10.72 16.89
N LYS D 277 -34.21 -11.71 17.54
CA LYS D 277 -34.88 -12.86 18.14
C LYS D 277 -35.50 -12.41 19.47
N PHE D 278 -36.74 -12.84 19.75
CA PHE D 278 -37.40 -12.49 21.02
C PHE D 278 -38.34 -13.58 21.51
N SER D 279 -38.41 -13.72 22.83
CA SER D 279 -39.29 -14.65 23.53
C SER D 279 -39.89 -13.89 24.70
N LEU D 280 -41.05 -13.25 24.50
CA LEU D 280 -41.68 -12.44 25.55
C LEU D 280 -42.90 -13.14 26.14
N GLU D 281 -43.13 -12.93 27.44
CA GLU D 281 -44.24 -13.52 28.20
C GLU D 281 -44.76 -12.45 29.16
N THR D 282 -46.10 -12.21 29.14
CA THR D 282 -46.75 -11.19 29.98
C THR D 282 -48.08 -11.66 30.55
N GLU D 283 -48.26 -11.50 31.88
CA GLU D 283 -49.50 -11.81 32.59
C GLU D 283 -50.21 -10.49 32.90
N VAL D 284 -51.47 -10.34 32.45
CA VAL D 284 -52.24 -9.11 32.65
C VAL D 284 -53.43 -9.29 33.59
N ASP D 285 -53.57 -8.38 34.59
CA ASP D 285 -54.70 -8.33 35.53
C ASP D 285 -55.70 -7.38 34.85
N LEU D 286 -56.61 -7.97 34.05
CA LEU D 286 -57.59 -7.29 33.21
C LEU D 286 -58.60 -6.33 33.85
N ARG D 287 -58.62 -6.16 35.20
CA ARG D 287 -59.57 -5.23 35.80
C ARG D 287 -59.39 -3.77 35.42
N LYS D 288 -58.16 -3.19 35.59
CA LYS D 288 -57.87 -1.80 35.21
C LYS D 288 -58.13 -1.52 33.72
N PRO D 289 -57.62 -2.35 32.74
CA PRO D 289 -57.92 -2.07 31.32
C PRO D 289 -59.40 -2.07 30.94
N LEU D 290 -60.18 -3.04 31.51
CA LEU D 290 -61.62 -3.15 31.25
C LEU D 290 -62.45 -2.05 31.93
N GLU D 291 -62.03 -1.58 33.13
CA GLU D 291 -62.68 -0.49 33.90
C GLU D 291 -62.58 0.83 33.12
N ASN D 292 -61.41 1.08 32.50
CA ASN D 292 -61.14 2.26 31.69
C ASN D 292 -61.94 2.26 30.38
N LEU D 293 -62.39 1.06 29.92
CA LEU D 293 -63.21 0.93 28.72
C LEU D 293 -64.71 1.01 29.00
N GLY D 294 -65.08 1.14 30.29
CA GLY D 294 -66.46 1.28 30.72
C GLY D 294 -67.04 0.11 31.50
N MET D 295 -66.31 -1.02 31.56
CA MET D 295 -66.74 -2.24 32.26
C MET D 295 -66.26 -2.25 33.72
N THR D 296 -66.69 -1.24 34.46
CA THR D 296 -66.49 -1.16 35.89
C THR D 296 -67.28 -2.13 36.77
N ASP D 297 -68.53 -2.32 36.42
CA ASP D 297 -69.52 -2.94 37.30
C ASP D 297 -69.24 -4.39 37.64
N MET D 298 -68.69 -5.10 36.67
CA MET D 298 -68.48 -6.54 36.79
C MET D 298 -67.51 -6.97 37.87
N PHE D 299 -66.62 -6.09 38.29
CA PHE D 299 -65.70 -6.41 39.37
C PHE D 299 -66.13 -5.88 40.72
N ARG D 300 -67.28 -5.26 40.78
CA ARG D 300 -67.79 -4.69 42.03
C ARG D 300 -68.53 -5.67 42.93
N GLN D 301 -68.36 -5.51 44.24
CA GLN D 301 -68.87 -6.46 45.23
C GLN D 301 -70.38 -6.62 45.16
N PHE D 302 -71.06 -5.50 45.02
CA PHE D 302 -72.46 -5.49 44.68
C PHE D 302 -72.63 -4.43 43.60
N GLN D 303 -73.67 -4.58 42.79
CA GLN D 303 -73.95 -3.85 41.53
C GLN D 303 -73.77 -4.72 40.31
N ALA D 304 -73.21 -5.89 40.53
CA ALA D 304 -72.90 -6.79 39.44
C ALA D 304 -74.00 -7.79 39.24
N ASP D 305 -74.48 -7.92 38.01
CA ASP D 305 -75.47 -8.92 37.69
C ASP D 305 -74.88 -10.09 36.97
N PHE D 306 -74.86 -11.24 37.61
CA PHE D 306 -74.57 -12.48 36.93
C PHE D 306 -75.77 -13.39 36.99
N THR D 307 -76.91 -12.74 37.13
CA THR D 307 -78.22 -13.40 37.25
C THR D 307 -78.59 -14.22 36.01
N SER D 308 -77.90 -13.96 34.87
CA SER D 308 -78.03 -14.70 33.61
C SER D 308 -77.34 -16.07 33.76
N LEU D 309 -76.37 -16.17 34.72
CA LEU D 309 -75.65 -17.39 35.08
C LEU D 309 -76.39 -18.03 36.28
N SER D 310 -76.32 -17.43 37.49
CA SER D 310 -77.01 -17.92 38.69
C SER D 310 -77.82 -16.79 39.33
N ASP D 311 -79.13 -17.05 39.56
CA ASP D 311 -80.09 -16.10 40.13
C ASP D 311 -80.19 -16.19 41.67
N GLN D 312 -79.53 -17.18 42.27
CA GLN D 312 -79.57 -17.44 43.71
C GLN D 312 -78.63 -16.55 44.55
N GLU D 313 -77.31 -16.65 44.35
CA GLU D 313 -76.31 -15.91 45.14
C GLU D 313 -75.66 -14.72 44.39
N PRO D 314 -75.17 -13.66 45.10
CA PRO D 314 -74.53 -12.55 44.38
C PRO D 314 -73.16 -12.94 43.81
N LEU D 315 -72.86 -12.47 42.59
CA LEU D 315 -71.60 -12.79 41.92
C LEU D 315 -70.91 -11.58 41.29
N HIS D 316 -69.57 -11.67 41.17
CA HIS D 316 -68.68 -10.69 40.56
C HIS D 316 -67.36 -11.35 40.15
N VAL D 317 -66.55 -10.68 39.30
CA VAL D 317 -65.26 -11.18 38.87
C VAL D 317 -64.23 -10.79 39.93
N ALA D 318 -63.57 -11.79 40.51
CA ALA D 318 -62.56 -11.63 41.55
C ALA D 318 -61.15 -11.55 40.95
N LEU D 319 -60.95 -12.20 39.79
CA LEU D 319 -59.69 -12.24 39.07
C LEU D 319 -59.93 -12.47 37.59
N ALA D 320 -59.39 -11.57 36.76
CA ALA D 320 -59.47 -11.61 35.30
C ALA D 320 -58.05 -11.61 34.79
N LEU D 321 -57.61 -12.74 34.20
CA LEU D 321 -56.24 -12.87 33.72
C LEU D 321 -56.10 -13.19 32.24
N GLN D 322 -54.98 -12.76 31.67
CA GLN D 322 -54.60 -13.04 30.30
C GLN D 322 -53.09 -13.10 30.24
N LYS D 323 -52.56 -14.33 30.19
CA LYS D 323 -51.14 -14.61 30.11
C LYS D 323 -50.80 -15.13 28.72
N VAL D 324 -50.05 -14.32 27.95
CA VAL D 324 -49.66 -14.63 26.57
C VAL D 324 -48.13 -14.80 26.49
N LYS D 325 -47.66 -15.71 25.63
CA LYS D 325 -46.24 -15.94 25.38
C LYS D 325 -46.01 -16.11 23.88
N ILE D 326 -45.17 -15.23 23.31
CA ILE D 326 -44.81 -15.26 21.89
C ILE D 326 -43.30 -15.48 21.70
N GLU D 327 -42.94 -16.34 20.75
CA GLU D 327 -41.55 -16.64 20.46
C GLU D 327 -41.26 -16.49 18.99
N VAL D 328 -40.16 -15.80 18.67
CA VAL D 328 -39.70 -15.56 17.29
C VAL D 328 -38.28 -16.07 17.10
N ASN D 329 -38.12 -17.03 16.17
CA ASN D 329 -36.85 -17.64 15.80
C ASN D 329 -36.79 -17.94 14.29
N GLU D 330 -35.60 -18.35 13.82
CA GLU D 330 -35.22 -18.64 12.43
C GLU D 330 -36.22 -19.45 11.60
N SER D 331 -36.75 -20.55 12.17
CA SER D 331 -37.67 -21.43 11.45
C SER D 331 -39.01 -21.66 12.14
N GLY D 332 -38.97 -22.04 13.41
CA GLY D 332 -40.13 -22.36 14.23
C GLY D 332 -40.13 -23.83 14.63
N THR D 333 -39.28 -24.65 13.96
CA THR D 333 -39.08 -26.10 14.13
C THR D 333 -40.39 -26.90 14.05
N ALA D 345 -28.52 -16.10 -3.72
CA ALA D 345 -29.53 -16.13 -4.78
C ALA D 345 -30.28 -14.81 -4.91
N ARG D 346 -30.70 -14.21 -3.77
CA ARG D 346 -31.48 -12.97 -3.73
C ARG D 346 -30.65 -11.69 -3.71
N MET D 347 -31.08 -10.70 -4.53
CA MET D 347 -30.47 -9.39 -4.71
C MET D 347 -31.43 -8.29 -4.21
N ALA D 348 -30.94 -7.35 -3.37
CA ALA D 348 -31.75 -6.26 -2.82
C ALA D 348 -31.02 -4.91 -2.80
N PRO D 349 -31.69 -3.78 -3.14
CA PRO D 349 -31.00 -2.49 -3.13
C PRO D 349 -30.88 -1.81 -1.76
N GLU D 350 -31.84 -2.07 -0.85
CA GLU D 350 -31.87 -1.48 0.48
C GLU D 350 -32.07 -2.52 1.58
N GLU D 351 -31.69 -2.19 2.82
CA GLU D 351 -31.84 -3.07 3.98
C GLU D 351 -32.71 -2.48 5.09
N ILE D 352 -33.42 -3.36 5.84
CA ILE D 352 -34.27 -2.96 6.96
C ILE D 352 -33.72 -3.60 8.24
N ILE D 353 -33.09 -2.78 9.10
CA ILE D 353 -32.53 -3.24 10.37
C ILE D 353 -33.41 -2.75 11.51
N ILE D 354 -34.01 -3.71 12.24
CA ILE D 354 -34.87 -3.40 13.38
C ILE D 354 -34.03 -3.40 14.67
N ASP D 355 -33.45 -2.23 14.98
CA ASP D 355 -32.58 -2.00 16.14
C ASP D 355 -33.24 -1.10 17.18
N ARG D 356 -34.39 -0.50 16.84
CA ARG D 356 -35.16 0.35 17.74
C ARG D 356 -36.41 -0.41 18.27
N PRO D 357 -37.06 0.01 19.39
CA PRO D 357 -38.27 -0.70 19.85
C PRO D 357 -39.39 -0.68 18.81
N PHE D 358 -40.03 -1.85 18.59
CA PHE D 358 -41.06 -2.03 17.57
C PHE D 358 -42.34 -2.71 18.02
N LEU D 359 -43.42 -2.50 17.25
CA LEU D 359 -44.71 -3.12 17.45
C LEU D 359 -44.85 -4.29 16.48
N PHE D 360 -45.51 -5.36 16.92
CA PHE D 360 -45.78 -6.54 16.09
C PHE D 360 -47.26 -6.89 16.19
N VAL D 361 -47.86 -7.34 15.08
CA VAL D 361 -49.27 -7.71 15.00
C VAL D 361 -49.40 -9.04 14.25
N VAL D 362 -49.78 -10.12 14.95
CA VAL D 362 -50.00 -11.44 14.36
C VAL D 362 -51.46 -11.44 13.91
N ARG D 363 -51.66 -11.35 12.59
CA ARG D 363 -52.96 -11.22 11.96
C ARG D 363 -53.36 -12.44 11.14
N HIS D 364 -54.66 -12.78 11.16
CA HIS D 364 -55.23 -13.87 10.39
C HIS D 364 -55.75 -13.25 9.09
N ASN D 365 -55.02 -13.47 7.99
CA ASN D 365 -55.27 -12.92 6.65
C ASN D 365 -56.69 -13.00 6.04
N PRO D 366 -57.39 -14.16 5.99
CA PRO D 366 -58.72 -14.18 5.33
C PRO D 366 -59.85 -13.45 6.06
N THR D 367 -59.72 -13.22 7.37
CA THR D 367 -60.75 -12.56 8.18
C THR D 367 -60.37 -11.18 8.72
N GLY D 368 -59.08 -10.96 8.95
CA GLY D 368 -58.54 -9.72 9.50
C GLY D 368 -58.58 -9.73 11.02
N THR D 369 -58.44 -10.91 11.62
CA THR D 369 -58.46 -11.12 13.06
C THR D 369 -57.09 -10.88 13.67
N VAL D 370 -57.02 -10.02 14.69
CA VAL D 370 -55.75 -9.75 15.37
C VAL D 370 -55.61 -10.76 16.50
N LEU D 371 -54.81 -11.81 16.25
CA LEU D 371 -54.54 -12.89 17.19
C LEU D 371 -53.65 -12.41 18.32
N PHE D 372 -52.51 -11.79 17.97
CA PHE D 372 -51.50 -11.31 18.91
C PHE D 372 -50.96 -9.94 18.52
N MET D 373 -50.57 -9.16 19.53
CA MET D 373 -49.96 -7.84 19.38
C MET D 373 -49.17 -7.45 20.61
N GLY D 374 -48.10 -6.70 20.40
CA GLY D 374 -47.24 -6.27 21.49
C GLY D 374 -46.13 -5.32 21.10
N GLN D 375 -45.37 -4.86 22.12
CA GLN D 375 -44.27 -3.94 21.96
C GLN D 375 -42.97 -4.53 22.50
N VAL D 376 -41.95 -4.65 21.64
CA VAL D 376 -40.64 -5.19 22.00
C VAL D 376 -39.76 -3.99 22.32
N MET D 377 -39.55 -3.72 23.61
CA MET D 377 -38.74 -2.59 24.08
C MET D 377 -37.27 -2.99 24.27
N GLU D 378 -37.01 -4.28 24.56
CA GLU D 378 -35.68 -4.87 24.74
C GLU D 378 -35.74 -6.40 24.51
N PRO D 379 -35.18 -6.92 23.40
CA PRO D 379 -35.21 -8.36 23.17
C PRO D 379 -33.97 -9.08 23.76
N GLN E 1 6.19 8.67 27.51
CA GLN E 1 6.03 8.90 28.95
C GLN E 1 6.04 10.41 29.30
N VAL E 2 5.64 11.27 28.34
CA VAL E 2 5.58 12.73 28.49
C VAL E 2 4.44 13.11 29.44
N GLN E 3 4.76 13.95 30.45
CA GLN E 3 3.83 14.43 31.48
C GLN E 3 3.96 15.95 31.63
N LEU E 4 2.84 16.63 31.85
CA LEU E 4 2.81 18.08 32.06
C LEU E 4 2.05 18.40 33.34
N VAL E 5 2.81 18.68 34.42
CA VAL E 5 2.26 18.98 35.75
C VAL E 5 2.19 20.50 35.94
N GLN E 6 0.99 21.01 36.25
CA GLN E 6 0.73 22.44 36.44
C GLN E 6 0.50 22.81 37.91
N SER E 7 0.71 24.10 38.25
CA SER E 7 0.50 24.64 39.60
C SER E 7 -0.99 24.65 39.99
N GLY E 8 -1.26 24.70 41.29
CA GLY E 8 -2.61 24.70 41.86
C GLY E 8 -3.47 25.89 41.46
N ALA E 9 -4.81 25.67 41.48
CA ALA E 9 -5.84 26.66 41.15
C ALA E 9 -5.72 27.92 41.99
N GLU E 10 -6.01 29.09 41.40
CA GLU E 10 -5.90 30.38 42.08
C GLU E 10 -7.11 31.30 41.93
N VAL E 11 -7.46 32.00 43.03
CA VAL E 11 -8.56 32.96 43.08
C VAL E 11 -7.98 34.35 43.42
N LYS E 12 -8.05 35.28 42.45
CA LYS E 12 -7.48 36.62 42.60
C LYS E 12 -8.45 37.76 42.30
N LYS E 13 -8.26 38.89 43.00
CA LYS E 13 -9.06 40.12 42.85
C LYS E 13 -8.75 40.77 41.49
N PRO E 14 -9.64 41.59 40.89
CA PRO E 14 -9.34 42.16 39.56
C PRO E 14 -8.24 43.24 39.51
N GLY E 15 -7.12 42.97 40.19
CA GLY E 15 -5.95 43.83 40.25
C GLY E 15 -5.18 43.78 38.95
N SER E 16 -4.18 42.86 38.75
CA SER E 16 -3.56 41.81 39.58
C SER E 16 -2.71 40.93 38.65
N SER E 17 -1.77 40.14 39.19
CA SER E 17 -0.93 39.25 38.39
C SER E 17 -1.00 37.79 38.84
N VAL E 18 -1.36 36.88 37.92
CA VAL E 18 -1.43 35.44 38.17
C VAL E 18 -0.33 34.72 37.37
N LYS E 19 0.51 33.92 38.04
CA LYS E 19 1.60 33.20 37.38
C LYS E 19 1.46 31.69 37.56
N VAL E 20 1.19 30.99 36.45
CA VAL E 20 1.01 29.54 36.38
C VAL E 20 2.25 28.84 35.81
N SER E 21 2.74 27.78 36.49
CA SER E 21 3.91 26.99 36.09
C SER E 21 3.50 25.69 35.39
N CYS E 22 4.45 25.05 34.66
CA CYS E 22 4.22 23.80 33.94
C CYS E 22 5.50 22.96 33.84
N LYS E 23 5.64 21.96 34.74
CA LYS E 23 6.79 21.07 34.79
C LYS E 23 6.67 19.98 33.72
N ALA E 24 7.68 19.89 32.84
CA ALA E 24 7.73 18.91 31.73
C ALA E 24 8.73 17.79 31.99
N SER E 25 8.29 16.53 31.76
CA SER E 25 9.07 15.29 31.91
C SER E 25 8.34 14.14 31.19
N GLY E 26 9.04 13.31 30.42
CA GLY E 26 10.48 13.37 30.16
C GLY E 26 10.76 13.36 28.67
N GLY E 27 11.53 14.36 28.24
CA GLY E 27 11.95 14.56 26.86
C GLY E 27 12.80 15.82 26.76
N THR E 28 13.33 16.12 25.56
CA THR E 28 14.14 17.33 25.37
C THR E 28 13.29 18.59 25.50
N PHE E 29 13.58 19.38 26.54
CA PHE E 29 12.89 20.62 26.88
C PHE E 29 13.24 21.78 25.93
N SER E 30 14.54 22.02 25.70
CA SER E 30 15.10 23.09 24.88
C SER E 30 14.56 23.24 23.45
N SER E 31 14.37 22.11 22.73
CA SER E 31 13.94 22.08 21.34
C SER E 31 12.44 22.23 21.04
N TYR E 32 11.58 21.65 21.89
CA TYR E 32 10.12 21.63 21.66
C TYR E 32 9.35 22.75 22.34
N ALA E 33 8.36 23.29 21.60
CA ALA E 33 7.51 24.40 22.03
C ALA E 33 6.43 24.04 23.05
N ILE E 34 6.28 24.91 24.06
CA ILE E 34 5.27 24.80 25.12
C ILE E 34 4.37 26.02 24.98
N SER E 35 3.08 25.77 24.72
CA SER E 35 2.08 26.81 24.54
C SER E 35 1.08 26.89 25.69
N TRP E 36 0.33 28.00 25.73
CA TRP E 36 -0.68 28.25 26.74
C TRP E 36 -2.04 28.50 26.07
N VAL E 37 -3.00 27.59 26.33
CA VAL E 37 -4.35 27.64 25.78
C VAL E 37 -5.35 27.79 26.95
N ARG E 38 -6.26 28.77 26.87
CA ARG E 38 -7.26 28.98 27.92
C ARG E 38 -8.68 28.62 27.49
N GLN E 39 -9.53 28.27 28.47
CA GLN E 39 -10.93 27.89 28.22
C GLN E 39 -11.86 28.47 29.27
N ALA E 40 -12.72 29.42 28.87
CA ALA E 40 -13.70 30.08 29.73
C ALA E 40 -14.82 29.09 30.11
N PRO E 41 -15.55 29.27 31.24
CA PRO E 41 -16.61 28.31 31.59
C PRO E 41 -17.72 28.23 30.53
N GLY E 42 -17.97 27.02 30.04
CA GLY E 42 -18.96 26.74 29.01
C GLY E 42 -18.65 27.42 27.69
N GLN E 43 -17.35 27.56 27.37
CA GLN E 43 -16.85 28.20 26.15
C GLN E 43 -15.70 27.43 25.50
N GLY E 44 -15.30 27.88 24.32
CA GLY E 44 -14.25 27.27 23.52
C GLY E 44 -12.84 27.53 24.01
N LEU E 45 -11.84 27.11 23.20
CA LEU E 45 -10.41 27.25 23.49
C LEU E 45 -9.81 28.51 22.87
N GLU E 46 -8.76 29.06 23.49
CA GLU E 46 -8.08 30.28 23.04
C GLU E 46 -6.58 30.26 23.31
N TRP E 47 -5.78 30.35 22.24
CA TRP E 47 -4.31 30.36 22.31
C TRP E 47 -3.82 31.77 22.72
N MET E 48 -2.89 31.81 23.68
CA MET E 48 -2.33 33.06 24.20
C MET E 48 -0.92 33.29 23.68
N GLY E 49 -0.11 32.24 23.68
CA GLY E 49 1.26 32.27 23.23
C GLY E 49 2.01 30.97 23.42
N GLY E 50 3.26 30.96 22.99
CA GLY E 50 4.14 29.80 23.08
C GLY E 50 5.60 30.18 23.17
N ILE E 51 6.45 29.22 23.58
CA ILE E 51 7.89 29.43 23.74
C ILE E 51 8.73 28.17 23.44
N ILE E 52 9.84 28.36 22.73
CA ILE E 52 10.84 27.33 22.47
C ILE E 52 11.96 27.70 23.45
N PRO E 53 12.16 26.93 24.54
CA PRO E 53 13.16 27.30 25.58
C PRO E 53 14.55 27.77 25.14
N THR E 54 15.08 27.24 24.01
CA THR E 54 16.39 27.66 23.48
C THR E 54 16.36 29.08 22.85
N PHE E 55 15.17 29.51 22.36
CA PHE E 55 14.94 30.83 21.73
C PHE E 55 15.04 31.95 22.75
N GLY E 56 14.47 31.73 23.94
CA GLY E 56 14.44 32.70 25.02
C GLY E 56 13.21 33.60 24.95
N THR E 57 12.90 34.10 23.74
CA THR E 57 11.77 34.99 23.48
C THR E 57 10.52 34.18 23.06
N ALA E 58 9.36 34.58 23.60
CA ALA E 58 8.08 33.93 23.35
C ALA E 58 7.24 34.61 22.26
N ASN E 59 6.35 33.84 21.64
CA ASN E 59 5.40 34.29 20.61
C ASN E 59 4.11 34.62 21.36
N TYR E 60 3.40 35.70 20.97
CA TYR E 60 2.17 36.12 21.64
C TYR E 60 1.03 36.46 20.68
N ALA E 61 -0.20 36.56 21.24
CA ALA E 61 -1.40 36.97 20.52
C ALA E 61 -1.56 38.47 20.77
N GLN E 62 -1.77 39.26 19.69
CA GLN E 62 -1.91 40.73 19.75
C GLN E 62 -3.02 41.22 20.69
N LYS E 63 -3.99 40.34 20.97
CA LYS E 63 -5.13 40.54 21.85
C LYS E 63 -4.68 40.70 23.31
N PHE E 64 -3.66 39.92 23.72
CA PHE E 64 -3.12 39.92 25.09
C PHE E 64 -1.81 40.71 25.25
N GLN E 65 -1.38 41.44 24.20
CA GLN E 65 -0.16 42.24 24.23
C GLN E 65 -0.18 43.34 25.29
N GLY E 66 0.88 43.35 26.11
CA GLY E 66 1.04 44.28 27.22
C GLY E 66 0.59 43.71 28.55
N ARG E 67 0.05 42.47 28.54
CA ARG E 67 -0.45 41.77 29.73
C ARG E 67 0.34 40.51 30.02
N VAL E 68 0.46 39.60 29.02
CA VAL E 68 1.16 38.32 29.12
C VAL E 68 2.68 38.41 29.05
N THR E 69 3.34 37.46 29.72
CA THR E 69 4.79 37.27 29.76
C THR E 69 5.01 35.76 29.87
N ILE E 70 5.52 35.14 28.80
CA ILE E 70 5.78 33.70 28.76
C ILE E 70 7.29 33.46 28.81
N THR E 71 7.74 32.73 29.85
CA THR E 71 9.14 32.40 30.11
C THR E 71 9.30 30.90 30.34
N ALA E 72 10.55 30.40 30.19
CA ALA E 72 10.87 28.99 30.39
C ALA E 72 12.28 28.86 30.94
N ASP E 73 12.39 28.19 32.10
CA ASP E 73 13.69 27.96 32.76
C ASP E 73 14.20 26.58 32.33
N GLU E 74 15.23 26.57 31.46
CA GLU E 74 15.86 25.36 30.91
C GLU E 74 16.42 24.41 31.97
N SER E 75 16.99 24.98 33.05
CA SER E 75 17.59 24.24 34.17
C SER E 75 16.52 23.59 35.07
N THR E 76 15.38 24.29 35.27
CA THR E 76 14.25 23.84 36.09
C THR E 76 13.30 22.94 35.26
N SER E 77 13.35 23.07 33.91
CA SER E 77 12.50 22.39 32.93
C SER E 77 11.01 22.67 33.17
N THR E 78 10.72 23.94 33.54
CA THR E 78 9.39 24.47 33.84
C THR E 78 9.15 25.71 33.00
N ALA E 79 7.97 25.80 32.37
CA ALA E 79 7.54 26.93 31.58
C ALA E 79 6.53 27.72 32.41
N TYR E 80 6.55 29.05 32.30
CA TYR E 80 5.68 29.94 33.07
C TYR E 80 4.80 30.82 32.19
N MET E 81 3.72 31.36 32.78
CA MET E 81 2.78 32.23 32.10
C MET E 81 2.15 33.18 33.11
N GLU E 82 2.56 34.46 33.08
CA GLU E 82 1.96 35.44 33.97
C GLU E 82 1.03 36.39 33.22
N LEU E 83 -0.12 36.69 33.82
CA LEU E 83 -1.14 37.57 33.22
C LEU E 83 -1.44 38.76 34.15
N SER E 84 -1.05 39.97 33.71
CA SER E 84 -1.27 41.22 34.45
C SER E 84 -2.61 41.88 34.07
N SER E 85 -3.04 42.90 34.84
CA SER E 85 -4.28 43.66 34.69
C SER E 85 -5.50 42.72 34.52
N LEU E 86 -5.66 41.79 35.48
CA LEU E 86 -6.73 40.78 35.51
C LEU E 86 -8.11 41.41 35.70
N ARG E 87 -9.13 40.76 35.12
CA ARG E 87 -10.54 41.16 35.19
C ARG E 87 -11.47 39.94 35.05
N SER E 88 -12.79 40.12 35.31
CA SER E 88 -13.82 39.07 35.25
C SER E 88 -13.81 38.22 33.96
N GLU E 89 -13.32 38.80 32.86
CA GLU E 89 -13.22 38.16 31.54
C GLU E 89 -12.10 37.13 31.46
N ASP E 90 -11.13 37.21 32.39
CA ASP E 90 -9.99 36.28 32.46
C ASP E 90 -10.30 35.01 33.24
N THR E 91 -11.54 34.89 33.78
CA THR E 91 -11.99 33.71 34.53
C THR E 91 -12.09 32.55 33.54
N ALA E 92 -11.09 31.64 33.59
CA ALA E 92 -10.95 30.50 32.67
C ALA E 92 -10.01 29.41 33.22
N VAL E 93 -10.06 28.21 32.61
CA VAL E 93 -9.16 27.08 32.92
C VAL E 93 -7.97 27.27 31.98
N TYR E 94 -6.75 27.28 32.53
CA TYR E 94 -5.52 27.50 31.77
C TYR E 94 -4.75 26.20 31.53
N TYR E 95 -4.67 25.78 30.26
CA TYR E 95 -4.00 24.55 29.84
C TYR E 95 -2.60 24.78 29.29
N CYS E 96 -1.69 23.86 29.61
CA CYS E 96 -0.30 23.85 29.18
C CYS E 96 -0.17 22.78 28.10
N ALA E 97 0.15 23.19 26.87
CA ALA E 97 0.25 22.29 25.73
C ALA E 97 1.67 22.17 25.17
N ARG E 98 2.06 20.96 24.69
CA ARG E 98 3.38 20.70 24.14
C ARG E 98 3.32 20.10 22.72
N GLU E 99 4.22 20.57 21.84
CA GLU E 99 4.35 20.13 20.46
C GLU E 99 5.07 18.79 20.35
N ARG E 100 4.65 17.95 19.39
CA ARG E 100 5.25 16.64 19.10
C ARG E 100 6.42 16.85 18.14
N ARG E 101 6.32 17.89 17.29
CA ARG E 101 7.32 18.24 16.29
C ARG E 101 8.34 19.24 16.84
N GLN E 102 9.60 19.08 16.43
CA GLN E 102 10.72 19.93 16.83
C GLN E 102 10.68 21.29 16.12
N TRP E 103 11.10 22.36 16.83
CA TRP E 103 11.21 23.75 16.35
C TRP E 103 9.90 24.44 15.92
N LEU E 104 8.79 23.70 15.85
CA LEU E 104 7.51 24.25 15.39
C LEU E 104 6.56 24.58 16.55
N GLU E 105 5.58 25.48 16.29
CA GLU E 105 4.56 25.91 17.24
C GLU E 105 3.20 25.99 16.52
N GLY E 106 2.60 24.84 16.27
CA GLY E 106 1.33 24.70 15.56
C GLY E 106 0.25 23.91 16.27
N HIS E 107 0.36 22.56 16.26
CA HIS E 107 -0.59 21.67 16.92
C HIS E 107 0.04 20.91 18.09
N PHE E 108 -0.77 20.64 19.12
CA PHE E 108 -0.30 20.04 20.37
C PHE E 108 -0.83 18.65 20.68
N ASP E 109 0.10 17.71 20.97
CA ASP E 109 -0.20 16.31 21.29
C ASP E 109 -0.32 16.07 22.79
N TYR E 110 0.53 16.75 23.57
CA TYR E 110 0.60 16.62 25.03
C TYR E 110 -0.06 17.81 25.69
N TRP E 111 -0.93 17.54 26.66
CA TRP E 111 -1.66 18.57 27.39
C TRP E 111 -1.60 18.35 28.89
N GLY E 112 -1.54 19.45 29.64
CA GLY E 112 -1.55 19.46 31.10
C GLY E 112 -2.97 19.41 31.59
N ARG E 113 -3.18 19.01 32.86
CA ARG E 113 -4.51 18.88 33.47
C ARG E 113 -5.37 20.16 33.56
N GLY E 114 -4.72 21.31 33.64
CA GLY E 114 -5.38 22.61 33.72
C GLY E 114 -5.34 23.27 35.08
N THR E 115 -5.21 24.61 35.11
CA THR E 115 -5.18 25.43 36.33
C THR E 115 -6.31 26.46 36.26
N LEU E 116 -7.31 26.33 37.17
CA LEU E 116 -8.45 27.24 37.19
C LEU E 116 -8.11 28.56 37.86
N VAL E 117 -8.31 29.67 37.13
CA VAL E 117 -8.07 31.02 37.64
C VAL E 117 -9.41 31.76 37.70
N THR E 118 -9.93 31.96 38.92
CA THR E 118 -11.21 32.63 39.18
C THR E 118 -10.91 34.10 39.48
N VAL E 119 -11.57 35.01 38.74
CA VAL E 119 -11.35 36.45 38.92
C VAL E 119 -12.53 37.16 39.58
N SER E 120 -12.40 37.44 40.89
CA SER E 120 -13.35 38.13 41.76
C SER E 120 -12.58 38.77 42.93
N SER E 121 -12.97 39.94 43.53
CA SER E 121 -14.16 40.82 43.42
C SER E 121 -15.22 40.46 44.46
N ALA E 122 -15.19 39.20 44.96
CA ALA E 122 -16.11 38.69 45.97
C ALA E 122 -15.35 38.36 47.27
N SER E 123 -16.02 38.56 48.41
CA SER E 123 -15.51 38.43 49.77
C SER E 123 -15.00 37.07 50.24
N THR E 124 -15.83 36.01 50.06
CA THR E 124 -15.74 34.58 50.46
C THR E 124 -16.91 34.33 51.44
N LYS E 125 -18.15 34.56 50.92
CA LYS E 125 -19.44 34.47 51.61
C LYS E 125 -20.00 33.05 51.63
N GLY E 126 -20.71 32.74 52.71
CA GLY E 126 -21.37 31.46 52.90
C GLY E 126 -22.69 31.34 52.18
N PRO E 127 -23.24 30.11 52.00
CA PRO E 127 -24.50 29.97 51.26
C PRO E 127 -25.78 30.06 52.10
N SER E 128 -26.78 30.76 51.54
CA SER E 128 -28.10 30.91 52.17
C SER E 128 -29.02 29.81 51.60
N VAL E 129 -29.39 28.84 52.46
CA VAL E 129 -30.22 27.70 52.05
C VAL E 129 -31.71 27.99 52.20
N PHE E 130 -32.48 27.83 51.09
CA PHE E 130 -33.93 28.03 51.05
C PHE E 130 -34.66 26.79 50.51
N PRO E 131 -35.83 26.39 51.07
CA PRO E 131 -36.51 25.21 50.53
C PRO E 131 -37.51 25.48 49.40
N LEU E 132 -37.82 24.45 48.61
CA LEU E 132 -38.80 24.51 47.53
C LEU E 132 -39.87 23.43 47.80
N ALA E 133 -40.87 23.81 48.61
CA ALA E 133 -41.95 22.94 49.07
C ALA E 133 -43.00 22.57 48.00
N PRO E 134 -43.59 21.35 48.04
CA PRO E 134 -44.61 20.99 47.03
C PRO E 134 -46.01 21.41 47.48
N THR E 143 -46.19 10.78 41.92
CA THR E 143 -45.01 11.51 41.46
C THR E 143 -45.12 12.99 41.87
N ALA E 144 -44.10 13.48 42.62
CA ALA E 144 -44.05 14.86 43.12
C ALA E 144 -42.61 15.35 43.27
N ALA E 145 -42.39 16.66 43.01
CA ALA E 145 -41.06 17.28 43.10
C ALA E 145 -40.94 18.30 44.22
N LEU E 146 -39.77 18.32 44.86
CA LEU E 146 -39.38 19.25 45.93
C LEU E 146 -37.89 19.53 45.86
N GLY E 147 -37.50 20.78 46.07
CA GLY E 147 -36.11 21.20 45.95
C GLY E 147 -35.45 21.85 47.15
N CYS E 148 -34.25 22.39 46.91
CA CYS E 148 -33.39 23.05 47.89
C CYS E 148 -32.56 24.10 47.14
N LEU E 149 -32.86 25.40 47.37
CA LEU E 149 -32.19 26.53 46.73
C LEU E 149 -31.02 27.06 47.58
N VAL E 150 -29.79 26.95 47.03
CA VAL E 150 -28.55 27.41 47.66
C VAL E 150 -28.21 28.79 47.06
N LYS E 151 -28.06 29.83 47.90
CA LYS E 151 -27.82 31.20 47.40
C LYS E 151 -26.64 31.99 47.96
N ASP E 152 -26.12 32.90 47.10
CA ASP E 152 -25.03 33.87 47.34
C ASP E 152 -23.74 33.32 47.98
N TYR E 153 -23.27 32.17 47.48
CA TYR E 153 -22.04 31.54 47.96
C TYR E 153 -20.82 31.85 47.10
N PHE E 154 -19.65 31.93 47.75
CA PHE E 154 -18.37 32.17 47.11
C PHE E 154 -17.22 31.63 47.95
N PRO E 155 -16.24 30.92 47.37
CA PRO E 155 -16.10 30.53 45.95
C PRO E 155 -16.64 29.13 45.63
N GLN E 156 -16.56 28.73 44.36
CA GLN E 156 -16.97 27.41 43.88
C GLN E 156 -15.88 26.38 44.31
N PRO E 157 -16.22 25.10 44.61
CA PRO E 157 -17.53 24.43 44.49
C PRO E 157 -18.32 24.26 45.80
N VAL E 158 -19.55 23.71 45.66
CA VAL E 158 -20.48 23.37 46.72
C VAL E 158 -21.07 21.98 46.40
N THR E 159 -20.89 21.02 47.31
CA THR E 159 -21.38 19.65 47.17
C THR E 159 -22.69 19.51 47.94
N VAL E 160 -23.74 19.04 47.30
CA VAL E 160 -25.02 18.99 47.94
C VAL E 160 -25.52 17.60 47.96
N SER E 161 -26.27 17.26 49.00
CA SER E 161 -26.80 15.91 49.15
C SER E 161 -28.19 15.88 49.72
N TRP E 162 -28.85 14.76 49.52
CA TRP E 162 -30.16 14.56 50.11
C TRP E 162 -30.27 13.30 50.97
N ASN E 163 -30.76 13.47 52.19
CA ASN E 163 -30.96 12.41 53.14
C ASN E 163 -29.64 11.77 53.50
N SER E 164 -28.59 12.58 53.45
CA SER E 164 -27.26 12.14 53.81
C SER E 164 -26.61 10.97 53.04
N GLY E 165 -26.82 10.95 51.73
CA GLY E 165 -26.35 9.89 50.87
C GLY E 165 -27.42 8.84 50.65
N ALA E 166 -28.51 9.01 51.38
CA ALA E 166 -29.67 8.16 51.34
C ALA E 166 -30.40 8.15 50.00
N LEU E 167 -30.44 9.30 49.33
CA LEU E 167 -31.07 9.38 48.02
C LEU E 167 -30.11 9.74 46.92
N THR E 168 -29.97 8.86 45.94
CA THR E 168 -29.24 9.17 44.72
C THR E 168 -30.22 9.31 43.55
N SER E 169 -31.31 8.56 43.62
CA SER E 169 -32.20 8.37 42.50
C SER E 169 -33.19 9.50 42.35
N GLY E 170 -33.27 10.03 41.15
CA GLY E 170 -34.19 11.08 40.85
C GLY E 170 -33.78 12.43 41.35
N VAL E 171 -32.52 12.60 41.70
CA VAL E 171 -32.01 13.86 42.20
C VAL E 171 -31.15 14.58 41.19
N HIS E 172 -31.47 15.84 40.93
CA HIS E 172 -30.71 16.66 40.00
C HIS E 172 -30.16 17.91 40.63
N THR E 173 -28.85 18.03 40.62
CA THR E 173 -28.24 19.23 41.12
C THR E 173 -27.62 19.98 39.98
N PHE E 174 -28.16 21.15 39.73
CA PHE E 174 -27.79 21.95 38.61
C PHE E 174 -26.44 22.58 38.82
N PRO E 175 -25.76 22.90 37.66
CA PRO E 175 -24.52 23.62 37.86
C PRO E 175 -24.74 24.99 38.49
N ALA E 176 -23.70 25.56 39.07
CA ALA E 176 -23.73 26.89 39.61
C ALA E 176 -23.95 27.88 38.54
N VAL E 177 -24.74 28.89 38.84
CA VAL E 177 -24.94 30.00 37.94
C VAL E 177 -24.42 31.25 38.62
N LEU E 178 -23.60 32.02 37.94
CA LEU E 178 -23.06 33.23 38.48
C LEU E 178 -23.95 34.43 38.23
N GLN E 179 -24.24 35.15 39.30
CA GLN E 179 -25.16 36.27 39.34
C GLN E 179 -24.50 37.58 39.04
N SER E 180 -25.30 38.60 38.82
CA SER E 180 -24.77 39.93 38.52
C SER E 180 -24.01 40.46 39.68
N SER E 181 -24.29 39.90 40.84
CA SER E 181 -23.83 40.36 42.12
C SER E 181 -22.49 39.77 42.47
N GLY E 182 -21.92 38.98 41.57
CA GLY E 182 -20.62 38.41 41.80
C GLY E 182 -20.61 37.13 42.58
N LEU E 183 -21.79 36.58 42.82
CA LEU E 183 -21.97 35.45 43.70
C LEU E 183 -22.85 34.41 43.06
N TYR E 184 -22.77 33.19 43.56
CA TYR E 184 -23.46 32.04 42.99
C TYR E 184 -24.72 31.58 43.69
N SER E 185 -25.54 30.90 42.94
CA SER E 185 -26.71 30.22 43.40
C SER E 185 -26.82 28.87 42.69
N LEU E 186 -27.40 27.90 43.35
CA LEU E 186 -27.42 26.53 42.90
C LEU E 186 -28.81 26.14 43.20
N SER E 187 -29.28 25.06 42.62
CA SER E 187 -30.53 24.52 42.99
C SER E 187 -30.34 23.05 43.00
N SER E 188 -31.13 22.36 43.79
CA SER E 188 -31.09 20.93 43.82
C SER E 188 -32.52 20.55 43.78
N VAL E 189 -32.85 19.50 43.05
CA VAL E 189 -34.23 18.95 43.06
C VAL E 189 -34.27 17.42 43.24
N VAL E 190 -35.44 16.89 43.65
CA VAL E 190 -35.69 15.46 43.85
C VAL E 190 -37.12 15.06 43.45
N THR E 191 -37.25 13.97 42.67
CA THR E 191 -38.54 13.43 42.22
C THR E 191 -38.89 12.23 43.11
N VAL E 192 -39.95 12.37 43.89
CA VAL E 192 -40.33 11.42 44.90
C VAL E 192 -41.81 11.11 44.79
N PRO E 193 -42.21 9.94 45.42
CA PRO E 193 -43.66 9.67 45.28
C PRO E 193 -44.54 10.56 46.11
N SER E 194 -45.61 11.03 45.53
CA SER E 194 -46.53 11.95 46.18
C SER E 194 -47.19 11.31 47.40
N SER E 195 -47.39 10.00 47.32
CA SER E 195 -47.99 9.24 48.38
C SER E 195 -47.10 9.38 49.59
N SER E 196 -45.80 9.34 49.33
CA SER E 196 -44.78 9.43 50.34
C SER E 196 -44.74 10.83 50.91
N LEU E 197 -45.40 11.75 50.24
CA LEU E 197 -45.40 13.13 50.67
C LEU E 197 -46.03 13.28 52.02
N GLY E 198 -45.40 14.06 52.89
CA GLY E 198 -46.00 14.43 54.15
C GLY E 198 -45.99 13.27 55.12
N THR E 199 -45.30 12.21 54.72
CA THR E 199 -45.16 11.05 55.57
C THR E 199 -43.70 10.62 55.72
N GLN E 200 -42.83 11.20 54.91
CA GLN E 200 -41.43 10.85 55.00
C GLN E 200 -40.66 12.13 55.03
N THR E 201 -39.71 12.22 55.93
CA THR E 201 -38.83 13.37 56.01
C THR E 201 -37.91 13.39 54.82
N TYR E 202 -37.62 14.59 54.34
CA TYR E 202 -36.58 14.85 53.36
C TYR E 202 -35.70 16.02 53.85
N ILE E 203 -34.39 15.84 53.84
CA ILE E 203 -33.41 16.84 54.27
C ILE E 203 -32.26 17.03 53.27
N CYS E 204 -31.99 18.29 52.87
CA CYS E 204 -30.90 18.62 51.94
C CYS E 204 -29.64 19.09 52.68
N ASN E 205 -28.55 18.33 52.53
CA ASN E 205 -27.25 18.59 53.18
C ASN E 205 -26.34 19.38 52.25
N VAL E 206 -26.12 20.66 52.58
CA VAL E 206 -25.28 21.57 51.81
C VAL E 206 -23.92 21.73 52.49
N ASN E 207 -22.84 21.38 51.78
CA ASN E 207 -21.47 21.49 52.31
C ASN E 207 -20.63 22.46 51.48
N HIS E 208 -20.20 23.55 52.13
CA HIS E 208 -19.36 24.60 51.53
C HIS E 208 -18.07 24.72 52.35
N LYS E 209 -17.05 23.90 52.00
CA LYS E 209 -15.75 23.81 52.65
C LYS E 209 -14.93 25.13 52.68
N PRO E 210 -14.77 25.92 51.56
CA PRO E 210 -13.93 27.14 51.64
C PRO E 210 -14.23 28.14 52.76
N SER E 211 -15.51 28.28 53.15
CA SER E 211 -15.92 29.15 54.25
C SER E 211 -16.36 28.31 55.47
N ASN E 212 -16.31 26.96 55.31
CA ASN E 212 -16.70 25.94 56.29
C ASN E 212 -18.15 26.11 56.77
N THR E 213 -19.10 25.88 55.85
CA THR E 213 -20.53 26.00 56.13
C THR E 213 -21.25 24.67 55.83
N LYS E 214 -21.97 24.14 56.84
CA LYS E 214 -22.72 22.88 56.74
C LYS E 214 -24.15 23.09 57.23
N VAL E 215 -25.12 23.13 56.28
CA VAL E 215 -26.54 23.37 56.54
C VAL E 215 -27.39 22.15 56.13
N ASP E 216 -28.34 21.74 57.00
CA ASP E 216 -29.23 20.61 56.77
C ASP E 216 -30.70 21.03 56.95
N LYS E 217 -31.32 21.55 55.88
CA LYS E 217 -32.69 22.05 55.86
C LYS E 217 -33.73 20.98 55.53
N LYS E 218 -34.88 20.99 56.24
CA LYS E 218 -35.99 20.05 56.04
C LYS E 218 -37.06 20.66 55.13
N VAL E 219 -37.50 19.90 54.10
CA VAL E 219 -38.52 20.34 53.14
C VAL E 219 -39.85 19.61 53.42
N GLU E 220 -40.90 20.38 53.79
CA GLU E 220 -42.25 19.87 54.10
C GLU E 220 -43.32 20.66 53.32
N PRO E 221 -44.47 20.04 52.93
CA PRO E 221 -45.51 20.84 52.23
C PRO E 221 -46.26 21.79 53.17
N LYS E 222 -46.15 23.11 52.92
CA LYS E 222 -46.79 24.14 53.75
C LYS E 222 -47.53 25.18 52.90
N GLN F 1 10.40 -7.19 -5.22
CA GLN F 1 9.23 -6.90 -4.41
C GLN F 1 7.97 -6.63 -5.26
N VAL F 2 7.81 -7.41 -6.34
CA VAL F 2 6.70 -7.33 -7.29
C VAL F 2 5.81 -8.57 -7.11
N GLN F 3 4.48 -8.39 -7.21
CA GLN F 3 3.51 -9.48 -7.06
C GLN F 3 2.64 -9.69 -8.31
N LEU F 4 2.57 -10.95 -8.79
CA LEU F 4 1.77 -11.36 -9.94
C LEU F 4 0.59 -12.23 -9.48
N VAL F 5 -0.65 -11.77 -9.74
CA VAL F 5 -1.89 -12.46 -9.36
C VAL F 5 -2.62 -12.94 -10.61
N GLN F 6 -3.00 -14.23 -10.64
CA GLN F 6 -3.69 -14.84 -11.79
C GLN F 6 -5.15 -15.17 -11.51
N SER F 7 -5.98 -15.23 -12.59
CA SER F 7 -7.40 -15.56 -12.48
C SER F 7 -7.61 -17.02 -12.07
N GLY F 8 -8.75 -17.29 -11.43
CA GLY F 8 -9.13 -18.60 -10.94
C GLY F 8 -9.21 -19.69 -11.99
N ALA F 9 -9.23 -20.97 -11.52
CA ALA F 9 -9.28 -22.15 -12.37
C ALA F 9 -10.44 -22.12 -13.35
N GLU F 10 -10.20 -22.58 -14.57
CA GLU F 10 -11.20 -22.58 -15.64
C GLU F 10 -11.48 -23.98 -16.19
N VAL F 11 -12.75 -24.23 -16.52
CA VAL F 11 -13.21 -25.49 -17.11
C VAL F 11 -14.09 -25.15 -18.33
N LYS F 12 -13.62 -25.53 -19.53
CA LYS F 12 -14.29 -25.20 -20.79
C LYS F 12 -14.44 -26.39 -21.73
N LYS F 13 -15.44 -26.33 -22.63
CA LYS F 13 -15.75 -27.35 -23.64
C LYS F 13 -14.74 -27.33 -24.79
N PRO F 14 -14.43 -28.48 -25.45
CA PRO F 14 -13.48 -28.45 -26.57
C PRO F 14 -14.07 -27.83 -27.84
N GLY F 15 -13.28 -27.02 -28.53
CA GLY F 15 -13.67 -26.33 -29.75
C GLY F 15 -14.09 -24.88 -29.53
N SER F 16 -13.91 -24.37 -28.28
CA SER F 16 -14.24 -23.01 -27.89
C SER F 16 -12.96 -22.19 -27.54
N SER F 17 -13.13 -21.04 -26.85
CA SER F 17 -12.01 -20.16 -26.48
C SER F 17 -11.98 -19.77 -25.01
N VAL F 18 -10.76 -19.54 -24.48
CA VAL F 18 -10.52 -19.14 -23.08
C VAL F 18 -9.50 -17.99 -23.01
N LYS F 19 -9.71 -17.01 -22.10
CA LYS F 19 -8.83 -15.86 -21.92
C LYS F 19 -8.41 -15.72 -20.44
N VAL F 20 -7.15 -16.11 -20.17
CA VAL F 20 -6.54 -16.07 -18.83
C VAL F 20 -5.88 -14.71 -18.62
N SER F 21 -6.12 -14.10 -17.45
CA SER F 21 -5.56 -12.80 -17.09
C SER F 21 -4.49 -12.89 -15.98
N CYS F 22 -3.62 -11.86 -15.90
CA CYS F 22 -2.55 -11.75 -14.91
C CYS F 22 -2.36 -10.30 -14.45
N LYS F 23 -2.72 -10.03 -13.19
CA LYS F 23 -2.60 -8.73 -12.55
C LYS F 23 -1.16 -8.58 -12.01
N ALA F 24 -0.48 -7.49 -12.39
CA ALA F 24 0.89 -7.20 -11.95
C ALA F 24 0.95 -5.92 -11.10
N SER F 25 1.60 -6.01 -9.91
CA SER F 25 1.76 -4.89 -8.97
C SER F 25 2.90 -5.17 -7.95
N GLY F 26 3.89 -4.28 -7.81
CA GLY F 26 4.07 -3.03 -8.55
C GLY F 26 5.51 -2.55 -8.52
N GLY F 27 5.79 -1.35 -9.05
CA GLY F 27 4.83 -0.43 -9.65
C GLY F 27 4.78 -0.50 -11.16
N THR F 28 5.78 0.15 -11.82
CA THR F 28 5.94 0.25 -13.29
C THR F 28 5.59 -1.03 -14.06
N PHE F 29 4.77 -0.88 -15.12
CA PHE F 29 4.22 -1.99 -15.91
C PHE F 29 4.59 -1.98 -17.40
N SER F 30 4.42 -0.82 -18.07
CA SER F 30 4.64 -0.61 -19.52
C SER F 30 5.95 -1.12 -20.10
N SER F 31 7.08 -0.93 -19.38
CA SER F 31 8.43 -1.30 -19.82
C SER F 31 8.89 -2.73 -19.46
N TYR F 32 8.11 -3.45 -18.63
CA TYR F 32 8.45 -4.81 -18.22
C TYR F 32 7.68 -5.88 -18.98
N ALA F 33 8.43 -6.83 -19.57
CA ALA F 33 7.92 -7.93 -20.39
C ALA F 33 7.27 -9.03 -19.56
N ILE F 34 6.00 -9.33 -19.87
CA ILE F 34 5.22 -10.37 -19.19
C ILE F 34 5.13 -11.59 -20.12
N SER F 35 5.70 -12.72 -19.70
CA SER F 35 5.68 -13.96 -20.46
C SER F 35 4.61 -14.92 -19.96
N TRP F 36 4.33 -15.96 -20.75
CA TRP F 36 3.36 -17.00 -20.42
C TRP F 36 4.00 -18.36 -20.60
N VAL F 37 3.99 -19.16 -19.52
CA VAL F 37 4.59 -20.50 -19.48
C VAL F 37 3.50 -21.53 -19.13
N ARG F 38 3.44 -22.66 -19.87
CA ARG F 38 2.48 -23.73 -19.59
C ARG F 38 3.12 -25.00 -19.04
N GLN F 39 2.32 -25.79 -18.32
CA GLN F 39 2.77 -27.05 -17.71
C GLN F 39 1.65 -28.08 -17.72
N ALA F 40 1.77 -29.07 -18.62
CA ALA F 40 0.84 -30.19 -18.77
C ALA F 40 0.93 -31.12 -17.54
N PRO F 41 -0.09 -31.98 -17.23
CA PRO F 41 0.00 -32.83 -16.03
C PRO F 41 1.13 -33.86 -16.10
N GLY F 42 2.01 -33.82 -15.10
CA GLY F 42 3.17 -34.71 -15.00
C GLY F 42 4.32 -34.32 -15.91
N GLN F 43 4.17 -33.22 -16.66
CA GLN F 43 5.15 -32.68 -17.60
C GLN F 43 5.88 -31.45 -17.07
N GLY F 44 6.87 -30.97 -17.83
CA GLY F 44 7.67 -29.81 -17.51
C GLY F 44 7.09 -28.49 -17.98
N LEU F 45 7.93 -27.42 -17.94
CA LEU F 45 7.56 -26.05 -18.31
C LEU F 45 7.86 -25.69 -19.78
N GLU F 46 6.87 -25.14 -20.47
CA GLU F 46 6.93 -24.72 -21.88
C GLU F 46 6.68 -23.21 -22.00
N TRP F 47 7.58 -22.47 -22.66
CA TRP F 47 7.40 -21.04 -22.88
C TRP F 47 6.53 -20.84 -24.14
N MET F 48 5.42 -20.09 -24.01
CA MET F 48 4.48 -19.82 -25.10
C MET F 48 4.79 -18.54 -25.84
N GLY F 49 5.11 -17.50 -25.07
CA GLY F 49 5.43 -16.18 -25.58
C GLY F 49 5.42 -15.13 -24.49
N GLY F 50 5.49 -13.86 -24.90
CA GLY F 50 5.50 -12.73 -23.98
C GLY F 50 5.16 -11.42 -24.64
N ILE F 51 4.94 -10.37 -23.82
CA ILE F 51 4.59 -9.04 -24.34
C ILE F 51 5.17 -7.90 -23.51
N ILE F 52 5.58 -6.81 -24.19
CA ILE F 52 6.01 -5.57 -23.56
C ILE F 52 4.79 -4.66 -23.78
N PRO F 53 4.04 -4.31 -22.70
CA PRO F 53 2.80 -3.53 -22.88
C PRO F 53 2.89 -2.24 -23.68
N THR F 54 4.05 -1.55 -23.64
CA THR F 54 4.27 -0.32 -24.41
C THR F 54 4.44 -0.60 -25.91
N PHE F 55 4.98 -1.80 -26.25
CA PHE F 55 5.19 -2.25 -27.63
C PHE F 55 3.87 -2.55 -28.35
N GLY F 56 2.92 -3.16 -27.64
CA GLY F 56 1.61 -3.50 -28.16
C GLY F 56 1.53 -4.82 -28.92
N THR F 57 2.68 -5.36 -29.37
CA THR F 57 2.75 -6.61 -30.12
C THR F 57 3.60 -7.65 -29.40
N ALA F 58 3.01 -8.83 -29.20
CA ALA F 58 3.59 -9.96 -28.49
C ALA F 58 4.55 -10.80 -29.31
N ASN F 59 5.49 -11.43 -28.60
CA ASN F 59 6.52 -12.35 -29.06
C ASN F 59 5.94 -13.75 -28.78
N TYR F 60 6.03 -14.68 -29.70
CA TYR F 60 5.43 -15.99 -29.54
C TYR F 60 6.37 -17.08 -29.90
N ALA F 61 6.07 -18.28 -29.45
CA ALA F 61 6.77 -19.46 -29.84
C ALA F 61 6.02 -20.11 -30.95
N GLN F 62 6.72 -20.53 -31.98
CA GLN F 62 6.11 -21.02 -33.18
C GLN F 62 5.34 -22.25 -32.95
N LYS F 63 5.61 -22.95 -31.89
CA LYS F 63 4.91 -24.18 -31.60
C LYS F 63 3.46 -23.84 -31.46
N PHE F 64 3.18 -22.74 -30.80
CA PHE F 64 1.84 -22.25 -30.54
C PHE F 64 1.51 -21.22 -31.59
N GLN F 65 1.52 -19.95 -31.23
CA GLN F 65 1.47 -18.82 -32.19
C GLN F 65 0.14 -18.64 -32.85
N GLY F 66 -0.30 -19.69 -33.51
CA GLY F 66 -1.60 -19.78 -34.10
C GLY F 66 -2.82 -19.81 -33.21
N ARG F 67 -2.77 -20.58 -32.13
CA ARG F 67 -3.93 -20.68 -31.28
C ARG F 67 -3.91 -19.64 -30.20
N VAL F 68 -2.79 -19.00 -29.99
CA VAL F 68 -2.65 -18.11 -28.85
C VAL F 68 -2.49 -16.65 -29.20
N THR F 69 -3.03 -15.84 -28.33
CA THR F 69 -3.10 -14.39 -28.49
C THR F 69 -2.73 -13.76 -27.14
N ILE F 70 -1.50 -13.23 -27.06
CA ILE F 70 -0.99 -12.57 -25.85
C ILE F 70 -1.19 -11.06 -25.99
N THR F 71 -1.93 -10.48 -25.03
CA THR F 71 -2.27 -9.06 -24.96
C THR F 71 -2.00 -8.50 -23.56
N ALA F 72 -2.08 -7.17 -23.40
CA ALA F 72 -1.87 -6.46 -22.13
C ALA F 72 -2.67 -5.16 -22.14
N ASP F 73 -3.11 -4.72 -20.95
CA ASP F 73 -3.84 -3.46 -20.82
C ASP F 73 -3.12 -2.54 -19.83
N GLU F 74 -2.61 -1.40 -20.36
CA GLU F 74 -1.84 -0.38 -19.64
C GLU F 74 -2.58 0.17 -18.40
N SER F 75 -3.90 0.47 -18.55
CA SER F 75 -4.77 1.03 -17.53
C SER F 75 -4.91 0.17 -16.26
N THR F 76 -5.34 -1.11 -16.40
CA THR F 76 -5.54 -2.05 -15.29
C THR F 76 -4.27 -2.74 -14.80
N SER F 77 -3.15 -2.59 -15.56
CA SER F 77 -1.84 -3.23 -15.31
C SER F 77 -1.97 -4.77 -15.32
N THR F 78 -2.88 -5.27 -16.18
CA THR F 78 -3.20 -6.68 -16.35
C THR F 78 -2.75 -7.19 -17.72
N ALA F 79 -2.13 -8.38 -17.73
CA ALA F 79 -1.67 -9.09 -18.93
C ALA F 79 -2.68 -10.19 -19.25
N TYR F 80 -2.82 -10.55 -20.53
CA TYR F 80 -3.78 -11.56 -20.98
C TYR F 80 -3.15 -12.68 -21.81
N MET F 81 -3.89 -13.78 -22.01
CA MET F 81 -3.48 -14.94 -22.79
C MET F 81 -4.73 -15.66 -23.29
N GLU F 82 -4.91 -15.73 -24.62
CA GLU F 82 -6.08 -16.37 -25.24
C GLU F 82 -5.74 -17.69 -25.90
N LEU F 83 -6.67 -18.66 -25.86
CA LEU F 83 -6.51 -19.97 -26.49
C LEU F 83 -7.77 -20.41 -27.27
N SER F 84 -7.76 -20.17 -28.59
CA SER F 84 -8.86 -20.51 -29.51
C SER F 84 -8.82 -21.99 -29.90
N SER F 85 -9.99 -22.56 -30.26
CA SER F 85 -10.19 -23.98 -30.66
C SER F 85 -9.54 -24.92 -29.65
N LEU F 86 -10.14 -24.99 -28.44
CA LEU F 86 -9.65 -25.79 -27.32
C LEU F 86 -9.66 -27.29 -27.57
N ARG F 87 -8.65 -27.99 -27.02
CA ARG F 87 -8.42 -29.43 -27.13
C ARG F 87 -8.14 -30.04 -25.76
N SER F 88 -8.28 -31.38 -25.64
CA SER F 88 -7.98 -32.11 -24.39
C SER F 88 -6.47 -32.03 -24.08
N GLU F 89 -5.66 -31.73 -25.11
CA GLU F 89 -4.21 -31.56 -25.04
C GLU F 89 -3.86 -30.24 -24.34
N ASP F 90 -4.78 -29.25 -24.40
CA ASP F 90 -4.63 -27.92 -23.79
C ASP F 90 -4.86 -27.90 -22.27
N THR F 91 -5.12 -29.08 -21.65
CA THR F 91 -5.31 -29.23 -20.21
C THR F 91 -3.93 -29.05 -19.55
N ALA F 92 -3.71 -27.86 -18.96
CA ALA F 92 -2.43 -27.48 -18.33
C ALA F 92 -2.57 -26.29 -17.37
N VAL F 93 -1.53 -26.08 -16.54
CA VAL F 93 -1.42 -24.96 -15.62
C VAL F 93 -0.66 -23.86 -16.36
N TYR F 94 -1.29 -22.69 -16.53
CA TYR F 94 -0.71 -21.56 -17.25
C TYR F 94 -0.17 -20.55 -16.26
N TYR F 95 1.15 -20.33 -16.31
CA TYR F 95 1.88 -19.43 -15.42
C TYR F 95 2.14 -18.07 -16.04
N CYS F 96 2.22 -17.07 -15.18
CA CYS F 96 2.51 -15.69 -15.53
C CYS F 96 3.88 -15.37 -14.95
N ALA F 97 4.79 -14.81 -15.76
CA ALA F 97 6.15 -14.54 -15.31
C ALA F 97 6.79 -13.28 -15.89
N ARG F 98 7.64 -12.60 -15.11
CA ARG F 98 8.34 -11.40 -15.56
C ARG F 98 9.78 -11.22 -15.06
N GLU F 99 10.56 -10.40 -15.80
CA GLU F 99 11.96 -10.05 -15.53
C GLU F 99 12.06 -8.97 -14.45
N ARG F 100 13.26 -8.79 -13.87
CA ARG F 100 13.53 -7.74 -12.89
C ARG F 100 13.99 -6.47 -13.63
N ARG F 101 14.67 -6.65 -14.79
CA ARG F 101 15.16 -5.57 -15.65
C ARG F 101 14.11 -5.22 -16.70
N GLN F 102 14.20 -4.00 -17.27
CA GLN F 102 13.28 -3.52 -18.31
C GLN F 102 13.63 -4.07 -19.69
N TRP F 103 12.63 -4.06 -20.61
CA TRP F 103 12.74 -4.43 -22.03
C TRP F 103 13.07 -5.88 -22.40
N LEU F 104 13.74 -6.61 -21.50
CA LEU F 104 14.16 -7.98 -21.78
C LEU F 104 13.12 -9.05 -21.48
N GLU F 105 13.13 -10.12 -22.30
CA GLU F 105 12.26 -11.28 -22.20
C GLU F 105 13.16 -12.52 -22.20
N GLY F 106 13.85 -12.74 -21.07
CA GLY F 106 14.78 -13.85 -20.91
C GLY F 106 14.45 -14.78 -19.77
N HIS F 107 15.03 -14.53 -18.58
CA HIS F 107 14.79 -15.31 -17.37
C HIS F 107 13.61 -14.75 -16.55
N PHE F 108 13.11 -15.49 -15.55
CA PHE F 108 11.93 -15.06 -14.79
C PHE F 108 12.15 -14.98 -13.27
N ASP F 109 12.22 -13.75 -12.76
CA ASP F 109 12.43 -13.44 -11.34
C ASP F 109 11.15 -13.55 -10.55
N TYR F 110 10.00 -13.24 -11.18
CA TYR F 110 8.69 -13.29 -10.54
C TYR F 110 7.75 -14.25 -11.25
N TRP F 111 6.96 -15.01 -10.48
CA TRP F 111 6.02 -15.99 -11.00
C TRP F 111 4.63 -15.86 -10.37
N GLY F 112 3.61 -16.20 -11.13
CA GLY F 112 2.22 -16.21 -10.68
C GLY F 112 1.87 -17.55 -10.07
N ARG F 113 0.75 -17.62 -9.33
CA ARG F 113 0.27 -18.84 -8.67
C ARG F 113 -0.02 -19.96 -9.68
N GLY F 114 -0.55 -19.59 -10.83
CA GLY F 114 -0.88 -20.51 -11.92
C GLY F 114 -2.37 -20.63 -12.12
N THR F 115 -2.81 -20.73 -13.38
CA THR F 115 -4.22 -20.89 -13.73
C THR F 115 -4.41 -22.26 -14.38
N LEU F 116 -5.20 -23.11 -13.71
CA LEU F 116 -5.51 -24.45 -14.21
C LEU F 116 -6.65 -24.34 -15.21
N VAL F 117 -6.39 -24.72 -16.46
CA VAL F 117 -7.37 -24.69 -17.54
C VAL F 117 -7.58 -26.12 -18.01
N THR F 118 -8.69 -26.72 -17.54
CA THR F 118 -9.08 -28.09 -17.88
C THR F 118 -10.10 -28.09 -19.00
N VAL F 119 -9.81 -28.83 -20.08
CA VAL F 119 -10.69 -28.90 -21.26
C VAL F 119 -11.36 -30.28 -21.40
N SER F 120 -12.71 -30.30 -21.25
CA SER F 120 -13.56 -31.49 -21.36
C SER F 120 -15.03 -31.11 -21.53
N SER F 121 -15.74 -31.84 -22.40
CA SER F 121 -17.15 -31.62 -22.69
C SER F 121 -18.08 -32.05 -21.54
N ALA F 122 -17.58 -32.90 -20.63
CA ALA F 122 -18.31 -33.44 -19.47
C ALA F 122 -18.85 -32.37 -18.51
N SER F 123 -20.07 -32.62 -17.99
CA SER F 123 -20.78 -31.74 -17.06
C SER F 123 -20.45 -32.12 -15.60
N THR F 124 -21.01 -31.36 -14.62
CA THR F 124 -20.82 -31.61 -13.18
C THR F 124 -21.62 -32.88 -12.80
N LYS F 125 -20.90 -33.94 -12.39
CA LYS F 125 -21.50 -35.23 -12.02
C LYS F 125 -21.26 -35.63 -10.55
N GLY F 126 -22.19 -36.40 -10.00
CA GLY F 126 -22.15 -36.87 -8.61
C GLY F 126 -21.17 -37.99 -8.34
N PRO F 127 -20.34 -37.88 -7.28
CA PRO F 127 -19.39 -38.97 -6.97
C PRO F 127 -20.04 -40.21 -6.37
N SER F 128 -20.01 -41.33 -7.10
CA SER F 128 -20.54 -42.59 -6.60
C SER F 128 -19.45 -43.24 -5.76
N VAL F 129 -19.63 -43.21 -4.43
CA VAL F 129 -18.67 -43.74 -3.45
C VAL F 129 -18.94 -45.22 -3.19
N PHE F 130 -17.88 -46.05 -3.23
CA PHE F 130 -17.94 -47.49 -2.99
C PHE F 130 -16.84 -47.93 -2.03
N PRO F 131 -17.11 -48.85 -1.08
CA PRO F 131 -16.04 -49.25 -0.14
C PRO F 131 -15.10 -50.32 -0.70
N LEU F 132 -13.89 -50.40 -0.13
CA LEU F 132 -12.89 -51.40 -0.50
C LEU F 132 -12.67 -52.30 0.72
N ALA F 133 -13.42 -53.41 0.77
CA ALA F 133 -13.41 -54.37 1.87
C ALA F 133 -12.08 -55.12 2.00
N PRO F 134 -11.51 -55.21 3.24
CA PRO F 134 -10.25 -55.95 3.43
C PRO F 134 -10.43 -57.46 3.36
N THR F 143 -1.17 -54.71 9.42
CA THR F 143 -1.46 -56.08 9.00
C THR F 143 -2.54 -56.11 7.92
N ALA F 144 -3.62 -55.34 8.10
CA ALA F 144 -4.74 -55.27 7.17
C ALA F 144 -4.91 -53.88 6.57
N ALA F 145 -5.29 -53.82 5.29
CA ALA F 145 -5.53 -52.57 4.58
C ALA F 145 -6.97 -52.50 4.12
N LEU F 146 -7.65 -51.39 4.42
CA LEU F 146 -9.04 -51.14 4.02
C LEU F 146 -9.16 -49.76 3.39
N GLY F 147 -9.97 -49.66 2.34
CA GLY F 147 -10.13 -48.40 1.63
C GLY F 147 -11.53 -47.95 1.29
N CYS F 148 -11.58 -46.76 0.70
CA CYS F 148 -12.77 -46.05 0.24
C CYS F 148 -12.48 -45.63 -1.20
N LEU F 149 -13.40 -45.93 -2.11
CA LEU F 149 -13.22 -45.60 -3.52
C LEU F 149 -14.23 -44.55 -4.01
N VAL F 150 -13.72 -43.49 -4.60
CA VAL F 150 -14.53 -42.42 -5.13
C VAL F 150 -14.51 -42.48 -6.62
N LYS F 151 -15.67 -42.40 -7.26
CA LYS F 151 -15.72 -42.51 -8.69
C LYS F 151 -16.67 -41.55 -9.33
N ASP F 152 -16.38 -41.22 -10.58
CA ASP F 152 -17.29 -40.59 -11.51
C ASP F 152 -17.52 -39.12 -11.35
N TYR F 153 -16.76 -38.49 -10.45
CA TYR F 153 -16.90 -37.06 -10.20
C TYR F 153 -16.36 -36.02 -11.19
N PHE F 154 -17.03 -34.87 -11.22
CA PHE F 154 -16.57 -33.70 -11.91
C PHE F 154 -17.05 -32.56 -11.06
N PRO F 155 -16.28 -31.40 -10.92
CA PRO F 155 -14.86 -31.49 -11.28
C PRO F 155 -14.05 -31.66 -10.00
N GLN F 156 -12.72 -31.55 -10.02
CA GLN F 156 -11.95 -31.63 -8.79
C GLN F 156 -12.16 -30.33 -8.07
N PRO F 157 -11.98 -30.24 -6.69
CA PRO F 157 -11.50 -31.43 -5.97
C PRO F 157 -12.51 -32.21 -5.11
N VAL F 158 -12.01 -33.18 -4.34
CA VAL F 158 -12.75 -33.91 -3.31
C VAL F 158 -11.92 -33.84 -2.04
N THR F 159 -12.54 -33.91 -0.88
CA THR F 159 -11.78 -33.98 0.35
C THR F 159 -12.13 -35.24 1.10
N VAL F 160 -11.13 -36.02 1.44
CA VAL F 160 -11.38 -37.33 2.02
C VAL F 160 -10.78 -37.43 3.41
N SER F 161 -11.56 -37.96 4.34
CA SER F 161 -11.15 -38.08 5.73
C SER F 161 -11.49 -39.43 6.33
N TRP F 162 -10.81 -39.80 7.40
CA TRP F 162 -11.13 -41.05 8.02
C TRP F 162 -11.44 -40.85 9.48
N ASN F 163 -12.68 -41.19 9.81
CA ASN F 163 -13.22 -41.10 11.15
C ASN F 163 -13.15 -39.68 11.67
N SER F 164 -13.37 -38.73 10.78
CA SER F 164 -13.37 -37.34 11.17
C SER F 164 -12.05 -36.82 11.74
N GLY F 165 -10.94 -37.26 11.17
CA GLY F 165 -9.65 -36.86 11.68
C GLY F 165 -9.22 -37.73 12.82
N ALA F 166 -10.07 -38.67 13.17
CA ALA F 166 -9.73 -39.70 14.11
C ALA F 166 -8.62 -40.59 13.53
N LEU F 167 -8.65 -40.80 12.22
CA LEU F 167 -7.56 -41.49 11.59
C LEU F 167 -6.63 -40.56 10.82
N THR F 168 -5.43 -40.40 11.32
CA THR F 168 -4.38 -39.73 10.57
C THR F 168 -3.36 -40.75 10.12
N SER F 169 -3.00 -41.63 11.03
CA SER F 169 -1.88 -42.49 10.87
C SER F 169 -2.17 -43.66 10.02
N GLY F 170 -1.39 -43.78 8.95
CA GLY F 170 -1.50 -44.89 8.04
C GLY F 170 -2.36 -44.67 6.85
N VAL F 171 -3.02 -43.52 6.80
CA VAL F 171 -3.91 -43.15 5.70
C VAL F 171 -3.18 -42.77 4.44
N HIS F 172 -3.69 -43.16 3.29
CA HIS F 172 -3.18 -42.69 2.03
C HIS F 172 -4.25 -42.37 1.04
N THR F 173 -4.42 -41.12 0.67
CA THR F 173 -5.40 -40.76 -0.32
C THR F 173 -4.70 -40.47 -1.61
N PHE F 174 -5.20 -41.03 -2.70
CA PHE F 174 -4.55 -40.92 -3.99
C PHE F 174 -5.09 -39.88 -4.92
N PRO F 175 -4.10 -39.30 -5.68
CA PRO F 175 -4.52 -38.26 -6.58
C PRO F 175 -5.46 -38.76 -7.64
N ALA F 176 -6.41 -37.96 -8.03
CA ALA F 176 -7.44 -38.43 -8.91
C ALA F 176 -6.90 -38.69 -10.26
N VAL F 177 -7.46 -39.70 -10.89
CA VAL F 177 -7.07 -40.10 -12.21
C VAL F 177 -8.25 -39.95 -13.15
N LEU F 178 -8.05 -39.19 -14.20
CA LEU F 178 -9.03 -38.89 -15.17
C LEU F 178 -9.30 -40.13 -15.97
N GLN F 179 -10.53 -40.33 -16.38
CA GLN F 179 -10.92 -41.60 -16.95
C GLN F 179 -11.33 -41.46 -18.38
N SER F 180 -11.33 -42.57 -19.07
CA SER F 180 -11.58 -42.57 -20.48
C SER F 180 -12.92 -41.92 -20.70
N SER F 181 -13.81 -42.13 -19.76
CA SER F 181 -15.13 -41.55 -19.84
C SER F 181 -14.93 -40.06 -19.93
N GLY F 182 -13.88 -39.57 -19.30
CA GLY F 182 -13.74 -38.16 -19.07
C GLY F 182 -14.05 -37.73 -17.67
N LEU F 183 -14.11 -38.67 -16.75
CA LEU F 183 -14.44 -38.34 -15.38
C LEU F 183 -13.38 -38.85 -14.43
N TYR F 184 -13.35 -38.33 -13.21
CA TYR F 184 -12.30 -38.65 -12.24
C TYR F 184 -12.68 -39.47 -11.03
N SER F 185 -11.96 -40.55 -10.78
CA SER F 185 -12.14 -41.31 -9.58
C SER F 185 -10.85 -41.41 -8.81
N LEU F 186 -10.94 -41.31 -7.51
CA LEU F 186 -9.78 -41.41 -6.67
C LEU F 186 -9.96 -42.44 -5.58
N SER F 187 -8.85 -42.87 -4.99
CA SER F 187 -8.91 -43.87 -3.98
C SER F 187 -8.15 -43.45 -2.78
N SER F 188 -8.63 -43.88 -1.63
CA SER F 188 -8.03 -43.59 -0.38
C SER F 188 -8.03 -44.85 0.49
N VAL F 189 -6.98 -45.13 1.22
CA VAL F 189 -6.93 -46.30 2.07
C VAL F 189 -6.16 -46.09 3.36
N VAL F 190 -6.44 -46.85 4.39
CA VAL F 190 -5.67 -46.79 5.61
C VAL F 190 -5.34 -48.22 5.97
N THR F 191 -4.26 -48.42 6.69
CA THR F 191 -3.86 -49.77 7.05
C THR F 191 -3.89 -49.95 8.53
N VAL F 192 -4.55 -51.01 8.96
CA VAL F 192 -4.86 -51.19 10.35
C VAL F 192 -4.61 -52.60 10.79
N PRO F 193 -4.45 -52.78 12.15
CA PRO F 193 -4.28 -54.18 12.56
C PRO F 193 -5.51 -54.99 12.25
N SER F 194 -5.34 -56.24 11.83
CA SER F 194 -6.46 -57.13 11.54
C SER F 194 -7.25 -57.40 12.81
N SER F 195 -6.52 -57.49 13.91
CA SER F 195 -7.06 -57.69 15.21
C SER F 195 -8.00 -56.56 15.50
N SER F 196 -7.62 -55.38 15.06
CA SER F 196 -8.41 -54.19 15.25
C SER F 196 -9.73 -54.43 14.56
N LEU F 197 -9.68 -55.18 13.47
CA LEU F 197 -10.84 -55.36 12.66
C LEU F 197 -11.84 -56.02 13.53
N GLY F 198 -13.11 -55.80 13.23
CA GLY F 198 -14.22 -56.26 14.07
C GLY F 198 -14.46 -55.41 15.29
N THR F 199 -13.48 -55.28 16.16
CA THR F 199 -13.63 -54.46 17.34
C THR F 199 -13.85 -52.99 16.98
N GLN F 200 -13.29 -52.58 15.86
CA GLN F 200 -13.11 -51.17 15.53
C GLN F 200 -13.87 -50.68 14.34
N THR F 201 -14.26 -49.41 14.42
CA THR F 201 -15.14 -48.80 13.45
C THR F 201 -14.29 -47.95 12.58
N TYR F 202 -14.40 -48.13 11.27
CA TYR F 202 -13.68 -47.31 10.35
C TYR F 202 -14.64 -46.79 9.30
N ILE F 203 -14.75 -45.48 9.15
CA ILE F 203 -15.62 -44.89 8.15
C ILE F 203 -14.82 -43.86 7.40
N CYS F 204 -15.24 -43.59 6.18
CA CYS F 204 -14.56 -42.64 5.30
C CYS F 204 -15.43 -41.42 4.99
N ASN F 205 -15.05 -40.26 5.55
CA ASN F 205 -15.73 -38.97 5.38
C ASN F 205 -15.29 -38.36 4.05
N VAL F 206 -16.22 -37.91 3.22
CA VAL F 206 -15.91 -37.30 1.95
C VAL F 206 -16.61 -35.96 1.66
N ASN F 207 -15.90 -34.85 1.47
CA ASN F 207 -16.54 -33.59 1.05
C ASN F 207 -16.26 -33.29 -0.39
N HIS F 208 -17.28 -33.00 -1.16
CA HIS F 208 -17.11 -32.49 -2.50
C HIS F 208 -18.01 -31.24 -2.66
N LYS F 209 -17.42 -30.06 -2.72
CA LYS F 209 -18.18 -28.80 -2.73
C LYS F 209 -19.08 -28.59 -3.91
N PRO F 210 -18.55 -28.91 -5.15
CA PRO F 210 -19.36 -28.46 -6.29
C PRO F 210 -20.76 -29.00 -6.26
N SER F 211 -20.93 -30.24 -5.81
CA SER F 211 -22.25 -30.80 -5.59
C SER F 211 -22.74 -30.48 -4.20
N ASN F 212 -21.82 -30.05 -3.38
CA ASN F 212 -22.07 -29.86 -1.98
C ASN F 212 -22.55 -31.15 -1.36
N THR F 213 -22.06 -32.22 -1.94
CA THR F 213 -22.27 -33.56 -1.48
C THR F 213 -21.51 -33.79 -0.20
N LYS F 214 -21.93 -34.79 0.53
CA LYS F 214 -21.15 -35.33 1.61
C LYS F 214 -21.54 -36.77 1.58
N VAL F 215 -20.74 -37.61 2.18
CA VAL F 215 -20.95 -39.03 2.22
C VAL F 215 -20.17 -39.55 3.37
N ASP F 216 -20.55 -40.71 3.87
CA ASP F 216 -19.66 -41.52 4.69
C ASP F 216 -19.96 -42.94 4.40
N LYS F 217 -18.96 -43.79 4.45
CA LYS F 217 -19.18 -45.19 4.37
C LYS F 217 -18.50 -45.81 5.52
N LYS F 218 -18.98 -46.99 5.88
CA LYS F 218 -18.44 -47.77 6.96
C LYS F 218 -17.74 -48.89 6.27
N VAL F 219 -16.59 -49.29 6.78
CA VAL F 219 -15.84 -50.31 6.10
C VAL F 219 -15.55 -51.44 7.05
N GLU F 220 -16.09 -52.59 6.69
CA GLU F 220 -15.90 -53.82 7.45
C GLU F 220 -16.02 -54.93 6.48
N PRO F 221 -15.46 -56.06 6.83
CA PRO F 221 -15.56 -57.24 5.95
C PRO F 221 -16.97 -57.81 5.84
N LYS F 222 -17.28 -58.44 4.70
CA LYS F 222 -18.58 -59.04 4.40
C LYS F 222 -18.57 -60.53 4.74
N GLN G 1 19.58 16.32 17.42
CA GLN G 1 18.80 15.66 18.48
C GLN G 1 19.67 14.97 19.56
N VAL G 2 19.68 13.61 19.62
CA VAL G 2 20.44 12.81 20.59
C VAL G 2 21.94 12.87 20.24
N GLN G 3 22.79 13.22 21.23
CA GLN G 3 24.24 13.31 21.05
C GLN G 3 24.96 12.63 22.21
N LEU G 4 26.03 11.87 21.92
CA LEU G 4 26.80 11.16 22.94
C LEU G 4 28.27 11.61 22.96
N VAL G 5 28.59 12.54 23.88
CA VAL G 5 29.93 13.12 24.03
C VAL G 5 30.76 12.25 24.98
N GLN G 6 31.87 11.71 24.48
CA GLN G 6 32.78 10.85 25.23
C GLN G 6 34.06 11.55 25.65
N SER G 7 34.71 11.02 26.71
CA SER G 7 35.97 11.55 27.26
C SER G 7 37.18 11.23 26.37
N GLY G 8 38.26 11.98 26.57
CA GLY G 8 39.49 11.88 25.80
C GLY G 8 40.22 10.55 25.87
N ALA G 9 41.05 10.26 24.84
CA ALA G 9 41.84 9.03 24.73
C ALA G 9 42.85 8.93 25.87
N GLU G 10 43.11 7.69 26.32
CA GLU G 10 44.02 7.44 27.44
C GLU G 10 45.01 6.32 27.19
N VAL G 11 46.21 6.47 27.78
CA VAL G 11 47.28 5.47 27.74
C VAL G 11 47.51 4.98 29.18
N LYS G 12 47.25 3.68 29.42
CA LYS G 12 47.35 3.07 30.75
C LYS G 12 48.40 1.96 30.82
N LYS G 13 49.03 1.83 31.99
CA LYS G 13 50.04 0.78 32.25
C LYS G 13 49.32 -0.56 32.52
N PRO G 14 49.91 -1.72 32.18
CA PRO G 14 49.21 -3.00 32.45
C PRO G 14 48.99 -3.31 33.93
N GLY G 15 47.72 -3.46 34.31
CA GLY G 15 47.30 -3.74 35.67
C GLY G 15 46.48 -2.62 36.30
N SER G 16 46.41 -1.46 35.61
CA SER G 16 45.68 -0.26 36.04
C SER G 16 44.16 -0.37 35.87
N SER G 17 43.43 0.73 36.14
CA SER G 17 41.99 0.86 35.98
C SER G 17 41.66 2.13 35.19
N VAL G 18 40.78 2.02 34.18
CA VAL G 18 40.38 3.16 33.37
C VAL G 18 38.89 3.47 33.56
N LYS G 19 38.53 4.76 33.74
CA LYS G 19 37.14 5.20 33.89
C LYS G 19 36.78 6.00 32.65
N VAL G 20 35.88 5.45 31.82
CA VAL G 20 35.42 6.08 30.58
C VAL G 20 34.00 6.59 30.77
N SER G 21 33.80 7.91 30.58
CA SER G 21 32.51 8.57 30.73
C SER G 21 31.85 8.86 29.37
N CYS G 22 30.53 9.15 29.38
CA CYS G 22 29.74 9.45 28.19
C CYS G 22 28.50 10.27 28.55
N LYS G 23 28.49 11.56 28.17
CA LYS G 23 27.37 12.47 28.46
C LYS G 23 26.32 12.38 27.35
N ALA G 24 25.05 12.15 27.74
CA ALA G 24 23.92 12.01 26.82
C ALA G 24 22.98 13.22 26.89
N SER G 25 22.70 13.83 25.72
CA SER G 25 21.81 14.99 25.55
C SER G 25 21.43 15.13 24.06
N GLY G 26 20.18 14.84 23.69
CA GLY G 26 19.08 14.41 24.54
C GLY G 26 17.77 14.20 23.79
N GLY G 27 16.65 14.04 24.51
CA GLY G 27 16.57 14.06 25.96
C GLY G 27 16.31 12.70 26.56
N THR G 28 15.56 12.67 27.70
CA THR G 28 15.17 11.48 28.48
C THR G 28 16.29 10.44 28.69
N PHE G 29 17.08 10.65 29.76
CA PHE G 29 18.24 9.83 30.13
C PHE G 29 17.91 8.57 30.94
N SER G 30 17.06 8.70 31.97
CA SER G 30 16.68 7.64 32.91
C SER G 30 16.09 6.32 32.37
N SER G 31 15.12 6.39 31.43
CA SER G 31 14.44 5.21 30.90
C SER G 31 15.03 4.56 29.63
N TYR G 32 16.17 5.08 29.13
CA TYR G 32 16.83 4.58 27.93
C TYR G 32 18.21 4.00 28.19
N ALA G 33 18.46 2.79 27.66
CA ALA G 33 19.69 2.03 27.84
C ALA G 33 20.92 2.58 27.14
N ILE G 34 22.01 2.73 27.92
CA ILE G 34 23.32 3.16 27.42
C ILE G 34 24.23 1.94 27.53
N SER G 35 24.78 1.47 26.40
CA SER G 35 25.66 0.32 26.37
C SER G 35 27.10 0.67 26.04
N TRP G 36 28.00 -0.27 26.31
CA TRP G 36 29.43 -0.15 26.06
C TRP G 36 29.89 -1.26 25.12
N VAL G 37 30.42 -0.86 23.95
CA VAL G 37 30.91 -1.75 22.90
C VAL G 37 32.38 -1.40 22.63
N ARG G 38 33.29 -2.41 22.61
CA ARG G 38 34.70 -2.17 22.33
C ARG G 38 35.17 -2.74 21.00
N GLN G 39 36.23 -2.15 20.41
CA GLN G 39 36.77 -2.57 19.12
C GLN G 39 38.30 -2.62 19.09
N ALA G 40 38.86 -3.85 19.09
CA ALA G 40 40.29 -4.13 19.03
C ALA G 40 40.86 -3.65 17.68
N PRO G 41 42.17 -3.25 17.58
CA PRO G 41 42.69 -2.76 16.30
C PRO G 41 42.61 -3.76 15.15
N GLY G 42 41.87 -3.38 14.10
CA GLY G 42 41.65 -4.20 12.93
C GLY G 42 40.83 -5.44 13.21
N GLN G 43 39.88 -5.33 14.17
CA GLN G 43 38.99 -6.41 14.60
C GLN G 43 37.55 -5.94 14.80
N GLY G 44 36.63 -6.90 14.90
CA GLY G 44 35.19 -6.65 15.05
C GLY G 44 34.73 -6.01 16.35
N LEU G 45 33.40 -5.83 16.46
CA LEU G 45 32.75 -5.22 17.63
C LEU G 45 32.46 -6.24 18.73
N GLU G 46 32.48 -5.79 19.99
CA GLU G 46 32.29 -6.65 21.17
C GLU G 46 31.50 -5.93 22.27
N TRP G 47 30.36 -6.53 22.67
CA TRP G 47 29.49 -5.98 23.70
C TRP G 47 29.99 -6.33 25.11
N MET G 48 30.09 -5.30 25.97
CA MET G 48 30.57 -5.42 27.34
C MET G 48 29.43 -5.38 28.35
N GLY G 49 28.43 -4.54 28.08
CA GLY G 49 27.28 -4.37 28.95
C GLY G 49 26.55 -3.05 28.80
N GLY G 50 25.32 -3.02 29.30
CA GLY G 50 24.46 -1.85 29.25
C GLY G 50 23.82 -1.50 30.59
N ILE G 51 23.16 -0.33 30.65
CA ILE G 51 22.51 0.17 31.86
C ILE G 51 21.32 1.11 31.58
N ILE G 52 20.22 0.87 32.29
CA ILE G 52 19.06 1.76 32.26
C ILE G 52 19.22 2.56 33.58
N PRO G 53 19.57 3.87 33.49
CA PRO G 53 19.84 4.66 34.72
C PRO G 53 18.86 4.58 35.88
N THR G 54 17.56 4.43 35.59
CA THR G 54 16.51 4.32 36.60
C THR G 54 16.54 3.00 37.39
N PHE G 55 17.16 1.94 36.81
CA PHE G 55 17.28 0.62 37.44
C PHE G 55 18.41 0.61 38.49
N GLY G 56 19.50 1.32 38.19
CA GLY G 56 20.65 1.44 39.09
C GLY G 56 21.65 0.31 39.02
N THR G 57 21.29 -0.80 38.34
CA THR G 57 22.14 -1.97 38.19
C THR G 57 22.36 -2.26 36.70
N ALA G 58 23.61 -2.53 36.31
CA ALA G 58 23.97 -2.78 34.91
C ALA G 58 23.94 -4.25 34.50
N ASN G 59 23.68 -4.47 33.21
CA ASN G 59 23.67 -5.77 32.56
C ASN G 59 25.10 -5.95 32.04
N TYR G 60 25.71 -7.11 32.22
CA TYR G 60 27.10 -7.30 31.91
C TYR G 60 27.30 -8.53 31.07
N ALA G 61 28.40 -8.57 30.35
CA ALA G 61 28.85 -9.76 29.68
C ALA G 61 29.73 -10.51 30.62
N GLN G 62 29.50 -11.79 30.75
CA GLN G 62 30.13 -12.54 31.79
C GLN G 62 31.57 -12.77 31.52
N LYS G 63 32.00 -12.43 30.32
CA LYS G 63 33.34 -12.67 29.85
C LYS G 63 34.26 -11.88 30.71
N PHE G 64 33.82 -10.71 31.15
CA PHE G 64 34.54 -9.98 32.15
C PHE G 64 33.86 -10.11 33.53
N GLN G 65 32.76 -9.38 33.63
CA GLN G 65 31.83 -9.31 34.75
C GLN G 65 32.43 -8.65 35.93
N GLY G 66 33.45 -9.33 36.49
CA GLY G 66 34.24 -8.83 37.61
C GLY G 66 35.08 -7.66 37.27
N ARG G 67 35.66 -7.72 36.09
CA ARG G 67 36.57 -6.72 35.57
C ARG G 67 35.94 -5.41 35.31
N VAL G 68 34.72 -5.45 34.85
CA VAL G 68 34.07 -4.26 34.32
C VAL G 68 32.88 -3.82 35.15
N THR G 69 32.82 -2.52 35.41
CA THR G 69 31.76 -1.89 36.16
C THR G 69 31.12 -0.77 35.37
N ILE G 70 29.80 -0.81 35.26
CA ILE G 70 29.04 0.22 34.54
C ILE G 70 28.05 0.90 35.49
N THR G 71 28.12 2.23 35.58
CA THR G 71 27.25 3.07 36.42
C THR G 71 26.65 4.21 35.61
N ALA G 72 25.56 4.80 36.11
CA ALA G 72 24.88 5.91 35.44
C ALA G 72 24.39 6.96 36.43
N ASP G 73 24.97 8.19 36.36
CA ASP G 73 24.59 9.31 37.21
C ASP G 73 23.51 10.12 36.50
N GLU G 74 22.27 10.05 37.03
CA GLU G 74 21.08 10.72 36.51
C GLU G 74 21.15 12.25 36.55
N SER G 75 21.87 12.80 37.56
CA SER G 75 22.04 14.24 37.77
C SER G 75 22.83 14.92 36.64
N THR G 76 23.97 14.32 36.22
CA THR G 76 24.83 14.85 35.16
C THR G 76 24.49 14.26 33.79
N SER G 77 23.60 13.24 33.74
CA SER G 77 23.20 12.50 32.54
C SER G 77 24.44 11.93 31.83
N THR G 78 25.34 11.33 32.64
CA THR G 78 26.60 10.76 32.23
C THR G 78 26.67 9.27 32.58
N ALA G 79 27.01 8.44 31.59
CA ALA G 79 27.18 6.99 31.76
C ALA G 79 28.66 6.69 31.87
N TYR G 80 29.05 5.90 32.88
CA TYR G 80 30.44 5.57 33.15
C TYR G 80 30.73 4.08 33.01
N MET G 81 31.99 3.74 32.68
CA MET G 81 32.45 2.35 32.61
C MET G 81 33.90 2.22 33.10
N GLU G 82 34.11 1.37 34.13
CA GLU G 82 35.42 1.15 34.72
C GLU G 82 35.93 -0.27 34.48
N LEU G 83 37.10 -0.38 33.84
CA LEU G 83 37.73 -1.66 33.54
C LEU G 83 39.04 -1.81 34.31
N SER G 84 39.02 -2.67 35.35
CA SER G 84 40.15 -2.95 36.23
C SER G 84 41.02 -4.11 35.72
N SER G 85 42.29 -4.16 36.20
CA SER G 85 43.32 -5.16 35.85
C SER G 85 43.54 -5.25 34.33
N LEU G 86 43.90 -4.10 33.73
CA LEU G 86 44.13 -3.92 32.30
C LEU G 86 45.31 -4.73 31.78
N ARG G 87 45.15 -5.28 30.57
CA ARG G 87 46.15 -6.10 29.87
C ARG G 87 46.33 -5.59 28.43
N SER G 88 47.44 -5.97 27.75
CA SER G 88 47.75 -5.53 26.38
C SER G 88 46.63 -5.84 25.37
N GLU G 89 45.86 -6.92 25.60
CA GLU G 89 44.72 -7.32 24.76
C GLU G 89 43.44 -6.50 25.02
N ASP G 90 43.50 -5.53 25.96
CA ASP G 90 42.39 -4.62 26.27
C ASP G 90 42.49 -3.31 25.48
N THR G 91 43.58 -3.16 24.68
CA THR G 91 43.83 -2.01 23.83
C THR G 91 42.78 -2.05 22.72
N ALA G 92 41.80 -1.12 22.80
CA ALA G 92 40.65 -1.04 21.90
C ALA G 92 39.99 0.35 21.92
N VAL G 93 39.04 0.59 20.99
CA VAL G 93 38.25 1.82 20.93
C VAL G 93 36.94 1.52 21.64
N TYR G 94 36.66 2.27 22.71
CA TYR G 94 35.51 2.08 23.57
C TYR G 94 34.37 2.99 23.18
N TYR G 95 33.31 2.40 22.60
CA TYR G 95 32.12 3.10 22.13
C TYR G 95 31.01 3.11 23.14
N CYS G 96 30.34 4.27 23.24
CA CYS G 96 29.19 4.50 24.09
C CYS G 96 28.00 4.56 23.13
N ALA G 97 27.11 3.56 23.21
CA ALA G 97 25.95 3.45 22.33
C ALA G 97 24.62 3.52 23.10
N ARG G 98 23.60 4.16 22.51
CA ARG G 98 22.29 4.35 23.12
C ARG G 98 21.15 3.78 22.25
N GLU G 99 20.14 3.18 22.92
CA GLU G 99 18.94 2.63 22.29
C GLU G 99 17.99 3.76 21.86
N ARG G 100 17.10 3.45 20.91
CA ARG G 100 16.06 4.35 20.39
C ARG G 100 14.73 3.97 21.05
N ARG G 101 14.60 2.68 21.42
CA ARG G 101 13.45 2.09 22.10
C ARG G 101 13.64 2.21 23.61
N GLN G 102 12.53 2.44 24.33
CA GLN G 102 12.51 2.59 25.78
C GLN G 102 12.54 1.23 26.48
N TRP G 103 13.18 1.16 27.67
CA TRP G 103 13.31 -0.02 28.55
C TRP G 103 14.13 -1.19 28.01
N LEU G 104 14.30 -1.28 26.67
CA LEU G 104 15.01 -2.37 26.01
C LEU G 104 16.50 -2.07 25.82
N GLU G 105 17.30 -3.13 25.67
CA GLU G 105 18.75 -3.09 25.44
C GLU G 105 19.11 -4.20 24.42
N GLY G 106 18.84 -3.92 23.15
CA GLY G 106 19.08 -4.86 22.05
C GLY G 106 19.98 -4.36 20.95
N HIS G 107 19.53 -3.34 20.19
CA HIS G 107 20.28 -2.70 19.10
C HIS G 107 20.41 -1.20 19.33
N PHE G 108 21.50 -0.58 18.82
CA PHE G 108 21.77 0.82 19.07
C PHE G 108 21.76 1.73 17.85
N ASP G 109 20.91 2.76 17.91
CA ASP G 109 20.72 3.77 16.86
C ASP G 109 21.70 4.93 16.99
N TYR G 110 22.13 5.22 18.23
CA TYR G 110 23.02 6.33 18.55
C TYR G 110 24.35 5.85 19.07
N TRP G 111 25.44 6.49 18.62
CA TRP G 111 26.80 6.12 18.99
C TRP G 111 27.65 7.35 19.31
N GLY G 112 28.60 7.18 20.22
CA GLY G 112 29.58 8.21 20.57
C GLY G 112 30.79 8.05 19.67
N ARG G 113 31.67 9.07 19.61
CA ARG G 113 32.87 9.07 18.77
C ARG G 113 33.83 7.89 19.06
N GLY G 114 33.89 7.50 20.33
CA GLY G 114 34.76 6.42 20.79
C GLY G 114 35.91 6.95 21.62
N THR G 115 36.43 6.11 22.52
CA THR G 115 37.56 6.47 23.38
C THR G 115 38.64 5.42 23.23
N LEU G 116 39.79 5.81 22.70
CA LEU G 116 40.90 4.89 22.51
C LEU G 116 41.66 4.69 23.82
N VAL G 117 41.70 3.44 24.28
CA VAL G 117 42.42 3.08 25.50
C VAL G 117 43.61 2.24 25.07
N THR G 118 44.83 2.74 25.30
CA THR G 118 46.06 2.07 24.92
C THR G 118 46.71 1.45 26.16
N VAL G 119 46.80 0.10 26.20
CA VAL G 119 47.40 -0.61 27.34
C VAL G 119 48.79 -1.16 26.97
N SER G 120 49.83 -0.44 27.39
CA SER G 120 51.22 -0.79 27.12
C SER G 120 52.16 -0.31 28.22
N SER G 121 53.17 -1.13 28.54
CA SER G 121 54.18 -0.84 29.57
C SER G 121 55.29 0.09 29.05
N ALA G 122 55.35 0.30 27.72
CA ALA G 122 56.32 1.14 27.03
C ALA G 122 56.19 2.62 27.39
N SER G 123 57.33 3.32 27.50
CA SER G 123 57.39 4.76 27.80
C SER G 123 57.50 5.57 26.50
N THR G 124 57.22 6.88 26.57
CA THR G 124 57.27 7.79 25.42
C THR G 124 58.67 7.84 24.79
N LYS G 125 58.80 7.30 23.56
CA LYS G 125 60.05 7.26 22.81
C LYS G 125 59.91 7.92 21.45
N GLY G 126 60.96 8.66 21.06
CA GLY G 126 61.06 9.33 19.77
C GLY G 126 61.51 8.35 18.70
N PRO G 127 61.10 8.53 17.42
CA PRO G 127 61.52 7.57 16.39
C PRO G 127 62.92 7.79 15.82
N SER G 128 63.51 6.71 15.27
CA SER G 128 64.79 6.72 14.59
C SER G 128 64.46 6.65 13.09
N VAL G 129 64.82 7.71 12.34
CA VAL G 129 64.51 7.79 10.91
C VAL G 129 65.70 7.36 10.06
N PHE G 130 65.51 6.29 9.27
CA PHE G 130 66.51 5.74 8.36
C PHE G 130 66.03 5.83 6.91
N PRO G 131 66.84 6.36 5.96
CA PRO G 131 66.36 6.45 4.58
C PRO G 131 66.44 5.12 3.81
N LEU G 132 65.44 4.87 2.95
CA LEU G 132 65.37 3.68 2.09
C LEU G 132 65.85 4.12 0.69
N ALA G 133 67.12 3.86 0.38
CA ALA G 133 67.79 4.27 -0.86
C ALA G 133 67.51 3.40 -2.09
N PRO G 134 67.27 4.02 -3.28
CA PRO G 134 67.04 3.23 -4.49
C PRO G 134 68.34 2.67 -5.08
N THR G 143 59.05 4.63 -11.78
CA THR G 143 60.13 3.78 -12.27
C THR G 143 61.16 3.46 -11.17
N ALA G 144 61.39 4.40 -10.23
CA ALA G 144 62.32 4.22 -9.11
C ALA G 144 61.62 4.44 -7.78
N ALA G 145 61.85 3.54 -6.82
CA ALA G 145 61.25 3.62 -5.50
C ALA G 145 62.26 3.91 -4.40
N LEU G 146 61.91 4.87 -3.55
CA LEU G 146 62.70 5.29 -2.40
C LEU G 146 61.76 5.60 -1.24
N GLY G 147 62.22 5.36 -0.03
CA GLY G 147 61.40 5.58 1.15
C GLY G 147 62.09 6.17 2.35
N CYS G 148 61.35 6.22 3.46
CA CYS G 148 61.75 6.75 4.75
C CYS G 148 61.26 5.79 5.82
N LEU G 149 62.20 5.12 6.53
CA LEU G 149 61.88 4.15 7.58
C LEU G 149 61.80 4.79 8.97
N VAL G 150 60.58 4.81 9.54
CA VAL G 150 60.30 5.36 10.87
C VAL G 150 60.33 4.19 11.84
N LYS G 151 61.35 4.13 12.72
CA LYS G 151 61.50 3.00 13.62
C LYS G 151 61.49 3.33 15.10
N ASP G 152 60.88 2.42 15.88
CA ASP G 152 60.77 2.40 17.34
C ASP G 152 60.33 3.71 18.01
N TYR G 153 59.00 3.90 18.11
CA TYR G 153 58.39 5.07 18.74
C TYR G 153 57.16 4.68 19.54
N PHE G 154 56.79 5.50 20.53
CA PHE G 154 55.61 5.28 21.36
C PHE G 154 55.09 6.60 21.94
N PRO G 155 53.76 6.89 21.86
CA PRO G 155 52.69 6.09 21.26
C PRO G 155 52.39 6.53 19.82
N GLN G 156 51.16 6.25 19.36
CA GLN G 156 50.66 6.64 18.04
C GLN G 156 50.04 8.05 18.18
N PRO G 157 50.07 8.92 17.15
CA PRO G 157 50.55 8.72 15.78
C PRO G 157 51.86 9.42 15.42
N VAL G 158 52.30 9.20 14.18
CA VAL G 158 53.47 9.80 13.53
C VAL G 158 53.00 10.29 12.16
N THR G 159 53.19 11.59 11.88
CA THR G 159 52.80 12.21 10.62
C THR G 159 54.01 12.35 9.69
N VAL G 160 53.92 11.73 8.51
CA VAL G 160 54.99 11.73 7.51
C VAL G 160 54.58 12.46 6.23
N SER G 161 55.41 13.43 5.80
CA SER G 161 55.23 14.21 4.57
C SER G 161 56.56 14.27 3.79
N TRP G 162 56.49 14.50 2.46
CA TRP G 162 57.66 14.61 1.60
C TRP G 162 57.75 16.01 1.00
N ASN G 163 58.98 16.59 0.98
CA ASN G 163 59.30 17.93 0.46
C ASN G 163 58.39 19.03 1.02
N SER G 164 58.07 18.93 2.33
CA SER G 164 57.20 19.84 3.10
C SER G 164 55.74 19.93 2.62
N GLY G 165 55.33 18.97 1.79
CA GLY G 165 53.98 18.90 1.24
C GLY G 165 53.91 18.99 -0.27
N ALA G 166 55.03 19.39 -0.93
CA ALA G 166 55.16 19.52 -2.39
C ALA G 166 54.96 18.19 -3.12
N LEU G 167 55.38 17.07 -2.48
CA LEU G 167 55.24 15.73 -3.04
C LEU G 167 54.03 15.02 -2.41
N THR G 168 53.02 14.70 -3.25
CA THR G 168 51.79 14.00 -2.83
C THR G 168 51.54 12.75 -3.68
N SER G 169 51.79 12.86 -5.02
CA SER G 169 51.60 11.79 -5.99
C SER G 169 52.68 10.71 -5.84
N GLY G 170 52.24 9.45 -5.77
CA GLY G 170 53.12 8.28 -5.64
C GLY G 170 53.42 7.88 -4.21
N VAL G 171 53.27 8.84 -3.26
CA VAL G 171 53.50 8.72 -1.81
C VAL G 171 52.58 7.66 -1.18
N HIS G 172 53.18 6.71 -0.43
CA HIS G 172 52.47 5.64 0.29
C HIS G 172 53.00 5.49 1.72
N THR G 173 52.35 6.16 2.70
CA THR G 173 52.71 6.07 4.11
C THR G 173 51.91 4.89 4.70
N PHE G 174 52.61 3.78 4.99
CA PHE G 174 52.03 2.54 5.50
C PHE G 174 51.54 2.66 6.95
N PRO G 175 50.52 1.87 7.38
CA PRO G 175 50.09 1.92 8.79
C PRO G 175 51.15 1.33 9.70
N ALA G 176 51.23 1.81 10.95
CA ALA G 176 52.18 1.34 11.96
C ALA G 176 51.96 -0.09 12.40
N VAL G 177 53.05 -0.82 12.63
CA VAL G 177 53.03 -2.21 13.09
C VAL G 177 53.62 -2.26 14.51
N LEU G 178 52.92 -2.91 15.43
CA LEU G 178 53.37 -3.06 16.82
C LEU G 178 54.32 -4.25 16.93
N GLN G 179 55.54 -3.99 17.41
CA GLN G 179 56.59 -5.00 17.58
C GLN G 179 56.51 -5.57 19.00
N SER G 180 57.19 -6.72 19.23
CA SER G 180 57.25 -7.40 20.54
C SER G 180 57.92 -6.52 21.63
N SER G 181 58.60 -5.44 21.20
CA SER G 181 59.25 -4.44 22.05
C SER G 181 58.19 -3.57 22.75
N GLY G 182 57.02 -3.44 22.13
CA GLY G 182 55.92 -2.61 22.60
C GLY G 182 55.91 -1.27 21.89
N LEU G 183 56.85 -1.10 20.93
CA LEU G 183 57.06 0.09 20.11
C LEU G 183 56.53 -0.11 18.69
N TYR G 184 56.24 0.99 17.99
CA TYR G 184 55.72 0.98 16.62
C TYR G 184 56.78 1.28 15.57
N SER G 185 56.64 0.65 14.40
CA SER G 185 57.51 0.85 13.24
C SER G 185 56.65 1.18 12.04
N LEU G 186 57.09 2.15 11.24
CA LEU G 186 56.37 2.66 10.09
C LEU G 186 57.31 2.84 8.88
N SER G 187 56.72 2.80 7.67
CA SER G 187 57.43 2.98 6.40
C SER G 187 56.63 3.89 5.48
N SER G 188 57.31 4.83 4.81
CA SER G 188 56.69 5.74 3.85
C SER G 188 57.50 5.74 2.57
N VAL G 189 56.92 5.24 1.49
CA VAL G 189 57.57 5.13 0.17
C VAL G 189 57.00 6.08 -0.87
N VAL G 190 57.80 6.38 -1.92
CA VAL G 190 57.42 7.24 -3.03
C VAL G 190 58.06 6.76 -4.34
N THR G 191 57.23 6.60 -5.39
CA THR G 191 57.69 6.17 -6.73
C THR G 191 57.88 7.37 -7.63
N VAL G 192 59.14 7.61 -8.02
CA VAL G 192 59.56 8.73 -8.86
C VAL G 192 60.22 8.21 -10.16
N PRO G 193 60.25 8.99 -11.28
CA PRO G 193 60.93 8.48 -12.49
C PRO G 193 62.44 8.41 -12.29
N SER G 194 63.03 7.22 -12.56
CA SER G 194 64.44 6.89 -12.40
C SER G 194 65.44 7.91 -12.98
N SER G 195 65.01 8.68 -14.00
CA SER G 195 65.79 9.71 -14.67
C SER G 195 66.09 10.90 -13.74
N SER G 196 65.15 11.23 -12.84
CA SER G 196 65.23 12.33 -11.88
C SER G 196 66.25 12.14 -10.75
N LEU G 197 66.68 10.89 -10.47
CA LEU G 197 67.65 10.57 -9.41
C LEU G 197 68.97 11.28 -9.67
N GLY G 198 69.46 12.00 -8.66
CA GLY G 198 70.68 12.79 -8.74
C GLY G 198 70.39 14.23 -9.14
N THR G 199 69.44 14.43 -10.07
CA THR G 199 68.98 15.72 -10.56
C THR G 199 68.01 16.35 -9.54
N GLN G 200 67.12 15.51 -8.94
CA GLN G 200 66.12 15.93 -7.97
C GLN G 200 66.37 15.40 -6.57
N THR G 201 66.15 16.26 -5.55
CA THR G 201 66.34 15.93 -4.14
C THR G 201 65.00 15.58 -3.49
N TYR G 202 64.98 14.52 -2.68
CA TYR G 202 63.77 14.05 -1.99
C TYR G 202 64.00 14.01 -0.48
N ILE G 203 63.26 14.87 0.26
CA ILE G 203 63.35 14.99 1.72
C ILE G 203 62.06 14.58 2.43
N CYS G 204 62.16 13.63 3.38
CA CYS G 204 61.01 13.15 4.16
C CYS G 204 60.94 13.82 5.53
N ASN G 205 59.77 14.40 5.83
CA ASN G 205 59.51 15.10 7.08
C ASN G 205 58.69 14.19 8.00
N VAL G 206 59.26 13.85 9.16
CA VAL G 206 58.63 12.97 10.15
C VAL G 206 58.34 13.78 11.42
N ASN G 207 57.08 13.79 11.86
CA ASN G 207 56.68 14.52 13.06
C ASN G 207 56.00 13.60 14.09
N HIS G 208 56.59 13.55 15.30
CA HIS G 208 56.09 12.79 16.43
C HIS G 208 55.79 13.78 17.55
N LYS G 209 54.52 14.24 17.59
CA LYS G 209 54.01 15.22 18.55
C LYS G 209 54.12 14.81 20.04
N PRO G 210 53.79 13.55 20.46
CA PRO G 210 53.91 13.21 21.89
C PRO G 210 55.30 13.38 22.52
N SER G 211 56.37 13.11 21.75
CA SER G 211 57.75 13.26 22.24
C SER G 211 58.43 14.54 21.71
N ASN G 212 57.67 15.40 21.00
CA ASN G 212 58.11 16.66 20.41
C ASN G 212 59.35 16.48 19.51
N THR G 213 59.23 15.55 18.54
CA THR G 213 60.30 15.21 17.60
C THR G 213 59.94 15.63 16.18
N LYS G 214 60.90 16.25 15.48
CA LYS G 214 60.77 16.68 14.10
C LYS G 214 62.05 16.28 13.36
N VAL G 215 61.97 15.18 12.59
CA VAL G 215 63.12 14.66 11.85
C VAL G 215 62.92 14.82 10.34
N ASP G 216 63.83 15.56 9.71
CA ASP G 216 63.82 15.79 8.27
C ASP G 216 65.05 15.14 7.66
N LYS G 217 64.85 13.99 7.00
CA LYS G 217 65.92 13.22 6.37
C LYS G 217 65.88 13.30 4.84
N LYS G 218 67.07 13.35 4.20
CA LYS G 218 67.24 13.43 2.76
C LYS G 218 67.52 12.03 2.21
N VAL G 219 66.74 11.59 1.21
CA VAL G 219 66.92 10.28 0.58
C VAL G 219 67.62 10.46 -0.76
N GLU G 220 68.82 9.87 -0.91
CA GLU G 220 69.66 9.95 -2.11
C GLU G 220 69.84 8.57 -2.80
N PRO G 221 70.22 8.49 -4.11
CA PRO G 221 70.36 7.17 -4.77
C PRO G 221 71.27 6.16 -4.06
N LYS G 222 72.56 6.50 -3.86
CA LYS G 222 73.55 5.65 -3.18
C LYS G 222 74.82 6.43 -2.85
N GLN H 1 -13.05 4.04 1.59
CA GLN H 1 -11.94 4.42 0.72
C GLN H 1 -11.48 3.26 -0.19
N VAL H 2 -12.34 2.92 -1.16
CA VAL H 2 -12.17 1.85 -2.16
C VAL H 2 -11.82 2.50 -3.51
N GLN H 3 -10.88 1.89 -4.26
CA GLN H 3 -10.46 2.41 -5.57
C GLN H 3 -10.75 1.43 -6.71
N LEU H 4 -11.56 1.87 -7.69
CA LEU H 4 -11.94 1.07 -8.86
C LEU H 4 -11.20 1.53 -10.12
N VAL H 5 -10.48 0.60 -10.75
CA VAL H 5 -9.71 0.86 -11.97
C VAL H 5 -10.31 0.07 -13.12
N GLN H 6 -10.66 0.76 -14.21
CA GLN H 6 -11.25 0.13 -15.39
C GLN H 6 -10.24 -0.06 -16.50
N SER H 7 -10.53 -0.98 -17.43
CA SER H 7 -9.68 -1.25 -18.60
C SER H 7 -9.78 -0.08 -19.59
N GLY H 8 -8.74 0.08 -20.41
CA GLY H 8 -8.64 1.15 -21.40
C GLY H 8 -9.73 1.16 -22.46
N ALA H 9 -9.80 2.26 -23.23
CA ALA H 9 -10.78 2.45 -24.30
C ALA H 9 -10.68 1.34 -25.35
N GLU H 10 -11.84 0.77 -25.71
CA GLU H 10 -11.92 -0.32 -26.67
C GLU H 10 -12.59 0.11 -27.96
N VAL H 11 -12.02 -0.29 -29.09
CA VAL H 11 -12.57 -0.02 -30.42
C VAL H 11 -12.82 -1.36 -31.12
N LYS H 12 -14.10 -1.65 -31.40
CA LYS H 12 -14.54 -2.90 -32.02
C LYS H 12 -15.40 -2.65 -33.27
N LYS H 13 -15.36 -3.60 -34.22
CA LYS H 13 -16.14 -3.54 -35.47
C LYS H 13 -17.58 -4.01 -35.23
N PRO H 14 -18.62 -3.49 -35.96
CA PRO H 14 -20.00 -3.93 -35.72
C PRO H 14 -20.23 -5.43 -35.94
N GLY H 15 -21.05 -6.03 -35.07
CA GLY H 15 -21.37 -7.45 -35.12
C GLY H 15 -20.53 -8.32 -34.22
N SER H 16 -19.41 -7.77 -33.72
CA SER H 16 -18.47 -8.46 -32.83
C SER H 16 -18.85 -8.33 -31.34
N SER H 17 -18.00 -8.87 -30.45
CA SER H 17 -18.20 -8.86 -28.99
C SER H 17 -17.07 -8.10 -28.28
N VAL H 18 -17.36 -7.57 -27.08
CA VAL H 18 -16.39 -6.81 -26.26
C VAL H 18 -16.54 -7.12 -24.76
N LYS H 19 -15.41 -7.38 -24.07
CA LYS H 19 -15.40 -7.68 -22.63
C LYS H 19 -14.60 -6.64 -21.83
N VAL H 20 -15.31 -5.83 -21.03
CA VAL H 20 -14.75 -4.76 -20.19
C VAL H 20 -14.50 -5.28 -18.76
N SER H 21 -13.33 -4.96 -18.17
CA SER H 21 -12.97 -5.37 -16.82
C SER H 21 -12.94 -4.18 -15.84
N CYS H 22 -13.02 -4.48 -14.53
CA CYS H 22 -13.01 -3.48 -13.46
C CYS H 22 -12.27 -4.01 -12.23
N LYS H 23 -11.04 -3.51 -12.00
CA LYS H 23 -10.16 -3.87 -10.89
C LYS H 23 -10.62 -3.18 -9.62
N ALA H 24 -10.72 -3.91 -8.51
CA ALA H 24 -11.17 -3.36 -7.22
C ALA H 24 -10.14 -3.58 -6.10
N SER H 25 -9.93 -2.55 -5.26
CA SER H 25 -9.00 -2.54 -4.10
C SER H 25 -9.25 -1.30 -3.20
N GLY H 26 -9.57 -1.49 -1.91
CA GLY H 26 -9.78 -2.77 -1.22
C GLY H 26 -10.74 -2.63 -0.04
N GLY H 27 -10.78 -3.61 0.87
CA GLY H 27 -10.00 -4.85 0.82
C GLY H 27 -10.82 -6.01 0.30
N THR H 28 -11.83 -6.44 1.09
CA THR H 28 -12.75 -7.55 0.75
C THR H 28 -13.53 -7.30 -0.53
N PHE H 29 -13.55 -8.30 -1.41
CA PHE H 29 -14.18 -8.27 -2.73
C PHE H 29 -15.52 -9.02 -2.80
N SER H 30 -15.57 -10.25 -2.23
CA SER H 30 -16.72 -11.15 -2.24
C SER H 30 -18.05 -10.60 -1.72
N SER H 31 -18.06 -9.95 -0.54
CA SER H 31 -19.27 -9.43 0.09
C SER H 31 -19.87 -8.15 -0.52
N TYR H 32 -19.14 -7.48 -1.41
CA TYR H 32 -19.59 -6.22 -2.05
C TYR H 32 -20.05 -6.40 -3.49
N ALA H 33 -21.20 -5.78 -3.82
CA ALA H 33 -21.81 -5.83 -5.14
C ALA H 33 -21.29 -4.77 -6.09
N ILE H 34 -20.80 -5.22 -7.27
CA ILE H 34 -20.29 -4.35 -8.32
C ILE H 34 -21.31 -4.26 -9.44
N SER H 35 -21.72 -3.05 -9.78
CA SER H 35 -22.70 -2.78 -10.83
C SER H 35 -22.05 -2.15 -12.06
N TRP H 36 -22.78 -2.14 -13.19
CA TRP H 36 -22.35 -1.56 -14.45
C TRP H 36 -23.39 -0.57 -14.97
N VAL H 37 -22.98 0.68 -15.18
CA VAL H 37 -23.82 1.79 -15.66
C VAL H 37 -23.24 2.32 -16.99
N ARG H 38 -24.09 2.55 -18.00
CA ARG H 38 -23.65 3.08 -19.30
C ARG H 38 -24.13 4.50 -19.59
N GLN H 39 -23.36 5.22 -20.43
CA GLN H 39 -23.67 6.59 -20.81
C GLN H 39 -23.30 6.87 -22.27
N ALA H 40 -24.32 6.96 -23.14
CA ALA H 40 -24.19 7.28 -24.57
C ALA H 40 -23.84 8.78 -24.72
N PRO H 41 -23.20 9.24 -25.84
CA PRO H 41 -22.84 10.66 -25.94
C PRO H 41 -24.01 11.64 -25.88
N GLY H 42 -23.90 12.61 -24.96
CA GLY H 42 -24.90 13.63 -24.71
C GLY H 42 -26.14 13.11 -24.02
N GLN H 43 -26.06 11.91 -23.42
CA GLN H 43 -27.16 11.23 -22.75
C GLN H 43 -26.86 11.01 -21.26
N GLY H 44 -27.83 10.47 -20.53
CA GLY H 44 -27.73 10.21 -19.10
C GLY H 44 -27.25 8.82 -18.74
N LEU H 45 -27.16 8.56 -17.42
CA LEU H 45 -26.73 7.30 -16.83
C LEU H 45 -27.79 6.21 -16.94
N GLU H 46 -27.39 5.01 -17.36
CA GLU H 46 -28.27 3.87 -17.59
C GLU H 46 -27.75 2.59 -16.91
N TRP H 47 -28.44 2.12 -15.87
CA TRP H 47 -28.05 0.90 -15.14
C TRP H 47 -28.35 -0.36 -15.97
N MET H 48 -27.35 -1.24 -16.09
CA MET H 48 -27.44 -2.49 -16.87
C MET H 48 -27.64 -3.70 -15.97
N GLY H 49 -26.75 -3.85 -14.98
CA GLY H 49 -26.81 -4.95 -14.03
C GLY H 49 -25.75 -4.86 -12.95
N GLY H 50 -25.74 -5.85 -12.07
CA GLY H 50 -24.81 -5.95 -10.95
C GLY H 50 -24.48 -7.38 -10.57
N ILE H 51 -23.41 -7.57 -9.78
CA ILE H 51 -22.97 -8.89 -9.33
C ILE H 51 -22.32 -8.92 -7.94
N ILE H 52 -22.65 -9.95 -7.14
CA ILE H 52 -22.02 -10.25 -5.87
C ILE H 52 -21.10 -11.44 -6.23
N PRO H 53 -19.75 -11.30 -6.17
CA PRO H 53 -18.88 -12.42 -6.60
C PRO H 53 -19.01 -13.75 -5.88
N THR H 54 -19.44 -13.75 -4.59
CA THR H 54 -19.65 -14.98 -3.83
C THR H 54 -20.89 -15.74 -4.31
N PHE H 55 -21.86 -15.02 -4.90
CA PHE H 55 -23.13 -15.52 -5.43
C PHE H 55 -22.96 -16.23 -6.78
N GLY H 56 -22.10 -15.70 -7.65
CA GLY H 56 -21.83 -16.25 -8.98
C GLY H 56 -22.77 -15.78 -10.07
N THR H 57 -24.05 -15.51 -9.71
CA THR H 57 -25.11 -15.06 -10.61
C THR H 57 -25.25 -13.54 -10.55
N ALA H 58 -25.48 -12.91 -11.72
CA ALA H 58 -25.64 -11.47 -11.87
C ALA H 58 -27.10 -11.05 -12.02
N ASN H 59 -27.42 -9.85 -11.52
CA ASN H 59 -28.73 -9.20 -11.59
C ASN H 59 -28.75 -8.42 -12.92
N TYR H 60 -29.88 -8.43 -13.65
CA TYR H 60 -29.95 -7.75 -14.95
C TYR H 60 -31.19 -6.91 -15.16
N ALA H 61 -31.15 -6.04 -16.18
CA ALA H 61 -32.26 -5.19 -16.64
C ALA H 61 -32.78 -5.80 -17.95
N GLN H 62 -34.11 -6.00 -18.05
CA GLN H 62 -34.77 -6.61 -19.22
C GLN H 62 -34.47 -5.98 -20.58
N LYS H 63 -34.09 -4.68 -20.61
CA LYS H 63 -33.74 -3.96 -21.84
C LYS H 63 -32.42 -4.52 -22.42
N PHE H 64 -31.46 -4.84 -21.53
CA PHE H 64 -30.14 -5.36 -21.86
C PHE H 64 -30.07 -6.89 -21.90
N GLN H 65 -31.10 -7.56 -21.35
CA GLN H 65 -31.25 -9.03 -21.27
C GLN H 65 -30.96 -9.73 -22.60
N GLY H 66 -30.07 -10.74 -22.55
CA GLY H 66 -29.66 -11.53 -23.70
C GLY H 66 -28.43 -11.03 -24.41
N ARG H 67 -28.12 -9.73 -24.27
CA ARG H 67 -26.98 -9.06 -24.90
C ARG H 67 -25.76 -8.99 -23.96
N VAL H 68 -26.02 -8.76 -22.65
CA VAL H 68 -24.99 -8.63 -21.62
C VAL H 68 -24.77 -9.88 -20.79
N THR H 69 -23.53 -10.05 -20.31
CA THR H 69 -23.10 -11.12 -19.44
C THR H 69 -22.12 -10.52 -18.43
N ILE H 70 -22.60 -10.27 -17.20
CA ILE H 70 -21.81 -9.69 -16.12
C ILE H 70 -21.25 -10.83 -15.27
N THR H 71 -19.92 -10.86 -15.14
CA THR H 71 -19.17 -11.89 -14.41
C THR H 71 -18.16 -11.24 -13.45
N ALA H 72 -17.55 -12.02 -12.56
CA ALA H 72 -16.54 -11.55 -11.61
C ALA H 72 -15.57 -12.67 -11.22
N ASP H 73 -14.28 -12.33 -11.08
CA ASP H 73 -13.26 -13.28 -10.68
C ASP H 73 -12.73 -12.93 -9.30
N GLU H 74 -13.04 -13.78 -8.32
CA GLU H 74 -12.70 -13.67 -6.89
C GLU H 74 -11.19 -13.59 -6.62
N SER H 75 -10.39 -14.33 -7.41
CA SER H 75 -8.93 -14.42 -7.29
C SER H 75 -8.22 -13.09 -7.59
N THR H 76 -8.51 -12.47 -8.75
CA THR H 76 -7.90 -11.21 -9.18
C THR H 76 -8.60 -9.97 -8.65
N SER H 77 -9.77 -10.16 -7.99
CA SER H 77 -10.65 -9.10 -7.45
C SER H 77 -11.03 -8.12 -8.58
N THR H 78 -11.53 -8.69 -9.68
CA THR H 78 -11.92 -7.97 -10.89
C THR H 78 -13.28 -8.45 -11.38
N ALA H 79 -14.17 -7.49 -11.67
CA ALA H 79 -15.50 -7.74 -12.21
C ALA H 79 -15.49 -7.47 -13.71
N TYR H 80 -16.22 -8.28 -14.47
CA TYR H 80 -16.27 -8.21 -15.93
C TYR H 80 -17.69 -7.93 -16.44
N MET H 81 -17.79 -7.54 -17.73
CA MET H 81 -19.05 -7.31 -18.45
C MET H 81 -18.85 -7.43 -19.97
N GLU H 82 -19.49 -8.45 -20.57
CA GLU H 82 -19.38 -8.72 -22.01
C GLU H 82 -20.66 -8.44 -22.79
N LEU H 83 -20.53 -7.64 -23.86
CA LEU H 83 -21.62 -7.23 -24.73
C LEU H 83 -21.42 -7.75 -26.16
N SER H 84 -22.35 -8.60 -26.64
CA SER H 84 -22.31 -9.19 -27.97
C SER H 84 -23.26 -8.49 -28.95
N SER H 85 -23.03 -8.69 -30.28
CA SER H 85 -23.78 -8.10 -31.41
C SER H 85 -23.88 -6.57 -31.27
N LEU H 86 -22.74 -5.89 -31.47
CA LEU H 86 -22.57 -4.45 -31.33
C LEU H 86 -23.25 -3.61 -32.42
N ARG H 87 -23.89 -2.50 -31.98
CA ARG H 87 -24.59 -1.53 -32.84
C ARG H 87 -23.93 -0.15 -32.73
N SER H 88 -24.40 0.82 -33.54
CA SER H 88 -23.92 2.20 -33.49
C SER H 88 -24.41 2.85 -32.19
N GLU H 89 -25.54 2.33 -31.65
CA GLU H 89 -26.16 2.77 -30.40
C GLU H 89 -25.27 2.39 -29.20
N ASP H 90 -24.51 1.27 -29.33
CA ASP H 90 -23.61 0.73 -28.31
C ASP H 90 -22.36 1.57 -28.00
N THR H 91 -22.11 2.63 -28.79
CA THR H 91 -20.98 3.54 -28.57
C THR H 91 -21.32 4.38 -27.33
N ALA H 92 -20.78 3.98 -26.17
CA ALA H 92 -21.03 4.61 -24.87
C ALA H 92 -19.88 4.42 -23.89
N VAL H 93 -19.91 5.16 -22.76
CA VAL H 93 -18.92 5.07 -21.69
C VAL H 93 -19.50 4.13 -20.62
N TYR H 94 -18.85 2.98 -20.42
CA TYR H 94 -19.28 1.97 -19.46
C TYR H 94 -18.55 2.17 -18.14
N TYR H 95 -19.34 2.58 -17.12
CA TYR H 95 -18.88 2.85 -15.76
C TYR H 95 -19.05 1.65 -14.84
N CYS H 96 -18.07 1.49 -13.95
CA CYS H 96 -18.04 0.45 -12.94
C CYS H 96 -18.43 1.13 -11.62
N ALA H 97 -19.37 0.54 -10.87
CA ALA H 97 -19.84 1.16 -9.63
C ALA H 97 -19.95 0.21 -8.44
N ARG H 98 -19.69 0.73 -7.22
CA ARG H 98 -19.66 -0.04 -5.98
C ARG H 98 -20.41 0.62 -4.81
N GLU H 99 -20.97 -0.22 -3.90
CA GLU H 99 -21.70 0.18 -2.69
C GLU H 99 -20.75 0.16 -1.49
N ARG H 100 -20.96 1.07 -0.51
CA ARG H 100 -20.15 1.12 0.71
C ARG H 100 -20.48 -0.03 1.67
N ARG H 101 -21.74 -0.51 1.64
CA ARG H 101 -22.25 -1.60 2.48
C ARG H 101 -22.14 -2.95 1.79
N GLN H 102 -22.13 -4.04 2.57
CA GLN H 102 -22.07 -5.41 2.06
C GLN H 102 -23.45 -5.87 1.58
N TRP H 103 -23.48 -6.81 0.62
CA TRP H 103 -24.67 -7.45 0.04
C TRP H 103 -25.61 -6.59 -0.79
N LEU H 104 -25.89 -5.34 -0.38
CA LEU H 104 -26.79 -4.43 -1.07
C LEU H 104 -26.32 -4.04 -2.48
N GLU H 105 -27.27 -3.74 -3.38
CA GLU H 105 -27.06 -3.31 -4.76
C GLU H 105 -27.98 -2.12 -5.06
N GLY H 106 -27.74 -1.00 -4.35
CA GLY H 106 -28.57 0.20 -4.46
C GLY H 106 -27.91 1.42 -5.05
N HIS H 107 -27.45 2.34 -4.18
CA HIS H 107 -26.76 3.57 -4.59
C HIS H 107 -25.27 3.30 -4.83
N PHE H 108 -24.53 4.27 -5.41
CA PHE H 108 -23.12 4.05 -5.72
C PHE H 108 -22.17 5.07 -5.10
N ASP H 109 -21.43 4.65 -4.06
CA ASP H 109 -20.47 5.48 -3.34
C ASP H 109 -19.15 5.56 -4.11
N TYR H 110 -18.72 4.44 -4.73
CA TYR H 110 -17.48 4.32 -5.48
C TYR H 110 -17.74 4.11 -6.97
N TRP H 111 -17.06 4.88 -7.81
CA TRP H 111 -17.18 4.84 -9.27
C TRP H 111 -15.85 4.60 -9.96
N GLY H 112 -15.91 4.07 -11.18
CA GLY H 112 -14.75 3.84 -12.03
C GLY H 112 -14.62 4.98 -13.01
N ARG H 113 -13.39 5.27 -13.48
CA ARG H 113 -13.10 6.36 -14.42
C ARG H 113 -13.97 6.33 -15.68
N GLY H 114 -14.24 5.11 -16.18
CA GLY H 114 -15.04 4.87 -17.37
C GLY H 114 -14.27 4.12 -18.43
N THR H 115 -15.01 3.48 -19.35
CA THR H 115 -14.43 2.74 -20.48
C THR H 115 -15.21 3.10 -21.74
N LEU H 116 -14.56 3.82 -22.66
CA LEU H 116 -15.18 4.23 -23.92
C LEU H 116 -15.13 3.08 -24.93
N VAL H 117 -16.29 2.51 -25.25
CA VAL H 117 -16.39 1.43 -26.23
C VAL H 117 -16.91 2.06 -27.52
N THR H 118 -16.05 2.15 -28.56
CA THR H 118 -16.40 2.73 -29.86
C THR H 118 -16.69 1.61 -30.87
N VAL H 119 -17.87 1.67 -31.49
CA VAL H 119 -18.29 0.69 -32.49
C VAL H 119 -18.23 1.32 -33.89
N SER H 120 -17.22 0.93 -34.68
CA SER H 120 -17.00 1.41 -36.04
C SER H 120 -16.18 0.42 -36.88
N SER H 121 -16.42 0.45 -38.20
CA SER H 121 -15.72 -0.37 -39.20
C SER H 121 -14.43 0.31 -39.69
N ALA H 122 -14.24 1.60 -39.34
CA ALA H 122 -13.09 2.42 -39.73
C ALA H 122 -11.78 1.99 -39.06
N SER H 123 -10.68 2.11 -39.81
CA SER H 123 -9.31 1.79 -39.39
C SER H 123 -8.53 3.10 -39.10
N THR H 124 -7.30 2.98 -38.54
CA THR H 124 -6.42 4.11 -38.22
C THR H 124 -6.14 4.97 -39.46
N LYS H 125 -6.53 6.26 -39.40
CA LYS H 125 -6.37 7.20 -40.49
C LYS H 125 -5.84 8.56 -40.02
N GLY H 126 -4.93 9.12 -40.81
CA GLY H 126 -4.35 10.44 -40.57
C GLY H 126 -5.34 11.53 -40.96
N PRO H 127 -5.36 12.68 -40.27
CA PRO H 127 -6.34 13.71 -40.61
C PRO H 127 -6.02 14.53 -41.85
N SER H 128 -7.07 14.98 -42.55
CA SER H 128 -6.97 15.86 -43.71
C SER H 128 -7.29 17.26 -43.17
N VAL H 129 -6.34 18.19 -43.31
CA VAL H 129 -6.48 19.56 -42.78
C VAL H 129 -6.74 20.57 -43.90
N PHE H 130 -7.93 21.18 -43.87
CA PHE H 130 -8.39 22.17 -44.86
C PHE H 130 -8.56 23.55 -44.23
N PRO H 131 -8.16 24.65 -44.90
CA PRO H 131 -8.32 25.97 -44.29
C PRO H 131 -9.69 26.60 -44.44
N LEU H 132 -10.21 27.20 -43.35
CA LEU H 132 -11.48 27.92 -43.33
C LEU H 132 -11.06 29.39 -43.47
N ALA H 133 -10.86 29.82 -44.72
CA ALA H 133 -10.38 31.15 -45.10
C ALA H 133 -11.37 32.29 -44.83
N PRO H 134 -10.88 33.46 -44.32
CA PRO H 134 -11.78 34.60 -44.08
C PRO H 134 -12.07 35.36 -45.38
N THR H 143 -13.58 42.82 -36.89
CA THR H 143 -13.18 41.47 -36.47
C THR H 143 -13.40 40.45 -37.59
N ALA H 144 -12.40 39.58 -37.80
CA ALA H 144 -12.43 38.54 -38.82
C ALA H 144 -12.21 37.15 -38.22
N ALA H 145 -13.05 36.18 -38.61
CA ALA H 145 -12.93 34.82 -38.13
C ALA H 145 -12.36 33.89 -39.20
N LEU H 146 -11.35 33.11 -38.82
CA LEU H 146 -10.69 32.13 -39.68
C LEU H 146 -10.51 30.84 -38.89
N GLY H 147 -10.56 29.71 -39.57
CA GLY H 147 -10.44 28.43 -38.90
C GLY H 147 -9.62 27.37 -39.60
N CYS H 148 -9.74 26.14 -39.08
CA CYS H 148 -9.06 24.95 -39.58
C CYS H 148 -10.04 23.79 -39.54
N LEU H 149 -10.23 23.11 -40.67
CA LEU H 149 -11.13 21.96 -40.75
C LEU H 149 -10.36 20.64 -40.77
N VAL H 150 -10.35 19.95 -39.62
CA VAL H 150 -9.69 18.65 -39.43
C VAL H 150 -10.74 17.61 -39.83
N LYS H 151 -10.53 16.91 -40.95
CA LYS H 151 -11.51 15.96 -41.45
C LYS H 151 -10.96 14.56 -41.73
N ASP H 152 -11.83 13.54 -41.56
CA ASP H 152 -11.60 12.11 -41.81
C ASP H 152 -10.37 11.49 -41.14
N TYR H 153 -10.44 11.35 -39.81
CA TYR H 153 -9.39 10.73 -39.00
C TYR H 153 -9.98 9.69 -38.07
N PHE H 154 -9.14 8.73 -37.64
CA PHE H 154 -9.52 7.67 -36.72
C PHE H 154 -8.28 7.06 -36.03
N PRO H 155 -8.32 6.80 -34.70
CA PRO H 155 -9.42 7.06 -33.76
C PRO H 155 -9.26 8.45 -33.11
N GLN H 156 -9.60 8.57 -31.83
CA GLN H 156 -9.47 9.81 -31.07
C GLN H 156 -8.22 9.73 -30.16
N PRO H 157 -7.55 10.84 -29.80
CA PRO H 157 -7.87 12.25 -30.07
C PRO H 157 -6.92 12.96 -31.06
N VAL H 158 -7.19 14.25 -31.29
CA VAL H 158 -6.36 15.16 -32.09
C VAL H 158 -6.12 16.43 -31.28
N THR H 159 -4.87 16.88 -31.23
CA THR H 159 -4.56 18.11 -30.51
C THR H 159 -4.38 19.24 -31.50
N VAL H 160 -5.17 20.30 -31.33
CA VAL H 160 -5.12 21.45 -32.22
C VAL H 160 -4.65 22.68 -31.44
N SER H 161 -3.64 23.37 -31.97
CA SER H 161 -3.08 24.59 -31.42
C SER H 161 -2.89 25.58 -32.57
N TRP H 162 -2.89 26.88 -32.27
CA TRP H 162 -2.73 27.93 -33.27
C TRP H 162 -1.43 28.68 -33.00
N ASN H 163 -0.59 28.83 -34.05
CA ASN H 163 0.72 29.49 -34.01
C ASN H 163 1.68 28.88 -32.96
N SER H 164 1.54 27.55 -32.71
CA SER H 164 2.29 26.73 -31.77
C SER H 164 2.20 27.20 -30.31
N GLY H 165 0.97 27.51 -29.88
CA GLY H 165 0.67 27.96 -28.53
C GLY H 165 0.68 29.46 -28.31
N ALA H 166 1.22 30.22 -29.30
CA ALA H 166 1.30 31.68 -29.24
C ALA H 166 -0.08 32.34 -29.39
N LEU H 167 -1.01 31.66 -30.08
CA LEU H 167 -2.40 32.12 -30.25
C LEU H 167 -3.29 31.26 -29.36
N THR H 168 -3.95 31.90 -28.39
CA THR H 168 -4.84 31.23 -27.44
C THR H 168 -6.14 32.01 -27.32
N SER H 169 -6.03 33.36 -27.34
CA SER H 169 -7.13 34.30 -27.25
C SER H 169 -8.01 34.20 -28.50
N GLY H 170 -9.30 33.96 -28.28
CA GLY H 170 -10.31 33.83 -29.34
C GLY H 170 -10.39 32.49 -30.04
N VAL H 171 -9.57 31.51 -29.61
CA VAL H 171 -9.53 30.15 -30.17
C VAL H 171 -10.66 29.29 -29.61
N HIS H 172 -11.38 28.58 -30.49
CA HIS H 172 -12.48 27.68 -30.14
C HIS H 172 -12.32 26.35 -30.88
N THR H 173 -11.73 25.34 -30.22
CA THR H 173 -11.60 24.02 -30.83
C THR H 173 -12.86 23.23 -30.44
N PHE H 174 -13.66 22.86 -31.43
CA PHE H 174 -14.93 22.15 -31.24
C PHE H 174 -14.75 20.66 -31.00
N PRO H 175 -15.59 20.05 -30.12
CA PRO H 175 -15.49 18.60 -29.89
C PRO H 175 -15.78 17.81 -31.17
N ALA H 176 -14.96 16.76 -31.41
CA ALA H 176 -15.05 15.89 -32.58
C ALA H 176 -16.42 15.27 -32.74
N VAL H 177 -16.87 15.14 -34.00
CA VAL H 177 -18.16 14.56 -34.34
C VAL H 177 -17.95 13.28 -35.17
N LEU H 178 -18.56 12.18 -34.73
CA LEU H 178 -18.47 10.90 -35.42
C LEU H 178 -19.49 10.84 -36.55
N GLN H 179 -19.03 11.08 -37.80
CA GLN H 179 -19.89 11.06 -38.98
C GLN H 179 -20.22 9.62 -39.41
N SER H 180 -21.20 9.46 -40.33
CA SER H 180 -21.67 8.18 -40.85
C SER H 180 -20.59 7.27 -41.44
N SER H 181 -19.48 7.85 -41.94
CA SER H 181 -18.35 7.11 -42.51
C SER H 181 -17.57 6.30 -41.46
N GLY H 182 -17.77 6.63 -40.18
CA GLY H 182 -17.13 5.98 -39.05
C GLY H 182 -15.89 6.72 -38.59
N LEU H 183 -15.54 7.81 -39.30
CA LEU H 183 -14.37 8.65 -39.02
C LEU H 183 -14.77 9.91 -38.27
N TYR H 184 -13.89 10.39 -37.37
CA TYR H 184 -14.14 11.60 -36.58
C TYR H 184 -13.78 12.86 -37.38
N SER H 185 -14.41 14.00 -37.04
CA SER H 185 -14.18 15.27 -37.70
C SER H 185 -14.43 16.44 -36.76
N LEU H 186 -13.55 17.45 -36.80
CA LEU H 186 -13.69 18.67 -35.99
C LEU H 186 -13.21 19.94 -36.69
N SER H 187 -13.43 21.08 -36.02
CA SER H 187 -13.05 22.39 -36.51
C SER H 187 -12.54 23.24 -35.36
N SER H 188 -11.48 24.01 -35.60
CA SER H 188 -10.88 24.92 -34.63
C SER H 188 -10.88 26.29 -35.28
N VAL H 189 -11.64 27.24 -34.70
CA VAL H 189 -11.76 28.60 -35.22
C VAL H 189 -11.04 29.61 -34.32
N VAL H 190 -10.80 30.82 -34.84
CA VAL H 190 -10.15 31.91 -34.12
C VAL H 190 -10.63 33.28 -34.62
N THR H 191 -11.00 34.18 -33.69
CA THR H 191 -11.42 35.54 -34.01
C THR H 191 -10.26 36.51 -33.80
N VAL H 192 -9.80 37.12 -34.89
CA VAL H 192 -8.68 38.05 -34.93
C VAL H 192 -9.12 39.39 -35.56
N PRO H 193 -8.44 40.54 -35.31
CA PRO H 193 -8.88 41.77 -35.97
C PRO H 193 -8.61 41.74 -37.48
N SER H 194 -9.52 42.30 -38.28
CA SER H 194 -9.43 42.34 -39.74
C SER H 194 -8.18 43.07 -40.28
N SER H 195 -7.61 43.99 -39.46
CA SER H 195 -6.41 44.76 -39.77
C SER H 195 -5.16 43.86 -39.83
N SER H 196 -5.14 42.81 -38.98
CA SER H 196 -4.04 41.85 -38.85
C SER H 196 -3.84 40.96 -40.09
N LEU H 197 -4.92 40.65 -40.84
CA LEU H 197 -4.93 39.81 -42.04
C LEU H 197 -3.90 40.29 -43.05
N GLY H 198 -3.08 39.35 -43.53
CA GLY H 198 -2.01 39.64 -44.48
C GLY H 198 -0.69 39.99 -43.81
N THR H 199 -0.75 40.85 -42.75
CA THR H 199 0.40 41.31 -41.97
C THR H 199 0.85 40.24 -40.95
N GLN H 200 -0.09 39.74 -40.11
CA GLN H 200 0.20 38.72 -39.09
C GLN H 200 -0.08 37.32 -39.63
N THR H 201 0.82 36.37 -39.30
CA THR H 201 0.77 34.97 -39.74
C THR H 201 -0.22 34.15 -38.89
N TYR H 202 -0.96 33.22 -39.53
CA TYR H 202 -1.93 32.33 -38.89
C TYR H 202 -1.76 30.90 -39.35
N ILE H 203 -1.00 30.11 -38.58
CA ILE H 203 -0.74 28.70 -38.88
C ILE H 203 -1.44 27.82 -37.84
N CYS H 204 -2.22 26.83 -38.30
CA CYS H 204 -2.89 25.91 -37.39
C CYS H 204 -2.13 24.58 -37.31
N ASN H 205 -1.85 24.14 -36.08
CA ASN H 205 -1.07 22.93 -35.78
C ASN H 205 -1.95 21.78 -35.32
N VAL H 206 -2.05 20.72 -36.15
CA VAL H 206 -2.84 19.53 -35.84
C VAL H 206 -1.89 18.37 -35.54
N ASN H 207 -2.06 17.73 -34.36
CA ASN H 207 -1.24 16.62 -33.89
C ASN H 207 -2.12 15.38 -33.65
N HIS H 208 -1.83 14.30 -34.40
CA HIS H 208 -2.54 13.02 -34.30
C HIS H 208 -1.52 11.91 -34.01
N LYS H 209 -1.30 11.64 -32.71
CA LYS H 209 -0.39 10.62 -32.19
C LYS H 209 -0.72 9.18 -32.67
N PRO H 210 -2.01 8.73 -32.72
CA PRO H 210 -2.27 7.35 -33.17
C PRO H 210 -1.84 6.98 -34.59
N SER H 211 -1.42 7.97 -35.40
CA SER H 211 -0.94 7.73 -36.76
C SER H 211 0.37 8.50 -37.06
N ASN H 212 0.95 9.17 -36.04
CA ASN H 212 2.19 9.96 -36.09
C ASN H 212 2.12 11.12 -37.13
N THR H 213 0.93 11.73 -37.25
CA THR H 213 0.63 12.81 -38.19
C THR H 213 0.70 14.19 -37.52
N LYS H 214 1.58 15.06 -38.05
CA LYS H 214 1.76 16.43 -37.58
C LYS H 214 1.62 17.38 -38.77
N VAL H 215 0.39 17.91 -38.95
CA VAL H 215 0.02 18.80 -40.07
C VAL H 215 0.01 20.26 -39.61
N ASP H 216 0.72 21.12 -40.35
CA ASP H 216 0.79 22.56 -40.11
C ASP H 216 0.29 23.25 -41.37
N LYS H 217 -0.88 23.92 -41.29
CA LYS H 217 -1.51 24.60 -42.41
C LYS H 217 -1.65 26.10 -42.19
N LYS H 218 -1.15 26.89 -43.15
CA LYS H 218 -1.21 28.34 -43.08
C LYS H 218 -2.56 28.82 -43.63
N VAL H 219 -3.32 29.55 -42.81
CA VAL H 219 -4.62 30.08 -43.22
C VAL H 219 -4.42 31.47 -43.86
N GLU H 220 -4.68 31.57 -45.17
CA GLU H 220 -4.53 32.79 -45.98
C GLU H 220 -5.89 33.40 -46.34
N PRO H 221 -6.00 34.76 -46.45
CA PRO H 221 -7.32 35.37 -46.76
C PRO H 221 -7.81 35.24 -48.21
N LYS H 222 -7.19 34.35 -49.02
CA LYS H 222 -7.55 34.11 -50.42
C LYS H 222 -8.95 33.51 -50.56
N ASP I 1 -6.51 37.56 11.02
CA ASP I 1 -7.17 36.65 11.94
C ASP I 1 -8.11 35.69 11.21
N ILE I 2 -7.86 34.38 11.36
CA ILE I 2 -8.65 33.34 10.70
C ILE I 2 -9.75 32.82 11.65
N GLN I 3 -11.02 33.10 11.29
CA GLN I 3 -12.18 32.68 12.06
C GLN I 3 -12.56 31.25 11.73
N MET I 4 -12.66 30.40 12.78
CA MET I 4 -13.01 28.99 12.68
C MET I 4 -14.47 28.79 13.03
N THR I 5 -15.30 28.48 12.02
CA THR I 5 -16.74 28.27 12.18
C THR I 5 -17.02 26.76 12.20
N GLN I 6 -17.75 26.27 13.22
CA GLN I 6 -18.09 24.86 13.38
C GLN I 6 -19.60 24.62 13.29
N SER I 7 -20.00 23.67 12.42
CA SER I 7 -21.40 23.30 12.19
C SER I 7 -21.62 21.79 12.39
N PRO I 8 -22.61 21.36 13.20
CA PRO I 8 -23.53 22.17 14.02
C PRO I 8 -22.89 22.51 15.37
N SER I 9 -23.60 23.26 16.22
CA SER I 9 -23.09 23.61 17.54
C SER I 9 -23.27 22.39 18.46
N THR I 10 -24.39 21.67 18.27
CA THR I 10 -24.84 20.49 19.01
C THR I 10 -25.28 19.41 18.01
N LEU I 11 -24.85 18.15 18.24
CA LEU I 11 -25.16 17.02 17.38
C LEU I 11 -25.67 15.82 18.19
N SER I 12 -26.80 15.22 17.78
CA SER I 12 -27.40 14.06 18.45
C SER I 12 -27.32 12.79 17.59
N ALA I 13 -26.68 11.72 18.11
CA ALA I 13 -26.52 10.45 17.39
C ALA I 13 -26.51 9.19 18.27
N SER I 14 -26.83 8.02 17.66
CA SER I 14 -26.87 6.71 18.31
C SER I 14 -25.53 5.98 18.16
N VAL I 15 -25.28 4.94 18.99
CA VAL I 15 -24.04 4.15 18.96
C VAL I 15 -24.00 3.28 17.70
N GLY I 16 -22.91 3.38 16.95
CA GLY I 16 -22.71 2.64 15.70
C GLY I 16 -23.02 3.43 14.45
N ASP I 17 -23.51 4.70 14.62
CA ASP I 17 -23.86 5.64 13.55
C ASP I 17 -22.62 6.31 12.99
N ARG I 18 -22.74 6.84 11.76
CA ARG I 18 -21.69 7.61 11.07
C ARG I 18 -21.90 9.07 11.44
N VAL I 19 -20.87 9.71 12.00
CA VAL I 19 -20.94 11.10 12.45
C VAL I 19 -20.01 12.01 11.65
N THR I 20 -20.57 13.05 11.02
CA THR I 20 -19.80 14.03 10.26
C THR I 20 -19.98 15.44 10.84
N ILE I 21 -18.87 16.02 11.31
CA ILE I 21 -18.83 17.36 11.89
C ILE I 21 -17.94 18.28 11.05
N THR I 22 -18.48 19.47 10.71
CA THR I 22 -17.90 20.46 9.79
C THR I 22 -17.13 21.61 10.47
N CYS I 23 -16.01 22.04 9.84
CA CYS I 23 -15.17 23.18 10.22
C CYS I 23 -14.96 24.06 8.99
N ARG I 24 -14.95 25.39 9.19
CA ARG I 24 -14.81 26.37 8.10
C ARG I 24 -13.84 27.52 8.46
N ALA I 25 -12.94 27.84 7.54
CA ALA I 25 -11.93 28.90 7.69
C ALA I 25 -12.34 30.16 6.90
N SER I 26 -12.10 31.36 7.49
CA SER I 26 -12.42 32.65 6.84
C SER I 26 -11.55 32.94 5.61
N GLU I 27 -10.41 32.23 5.49
CA GLU I 27 -9.45 32.30 4.38
C GLU I 27 -8.70 30.96 4.30
N GLY I 28 -8.08 30.67 3.16
CA GLY I 28 -7.33 29.44 2.92
C GLY I 28 -6.27 29.14 3.96
N ILE I 29 -6.31 27.93 4.52
CA ILE I 29 -5.36 27.48 5.55
C ILE I 29 -4.58 26.22 5.15
N TYR I 30 -4.55 25.93 3.84
CA TYR I 30 -3.86 24.78 3.23
C TYR I 30 -4.43 23.47 3.82
N HIS I 31 -3.58 22.55 4.27
CA HIS I 31 -4.01 21.31 4.91
C HIS I 31 -3.75 21.39 6.42
N ASN I 32 -3.27 22.57 6.88
CA ASN I 32 -2.90 22.86 8.26
C ASN I 32 -4.07 22.99 9.24
N LEU I 33 -4.84 21.90 9.41
CA LEU I 33 -5.96 21.85 10.34
C LEU I 33 -5.89 20.64 11.24
N ALA I 34 -5.98 20.89 12.55
CA ALA I 34 -5.95 19.88 13.60
C ALA I 34 -7.36 19.68 14.18
N TRP I 35 -7.66 18.46 14.64
CA TRP I 35 -8.93 18.10 15.27
C TRP I 35 -8.67 17.58 16.67
N TYR I 36 -9.37 18.14 17.66
CA TYR I 36 -9.24 17.75 19.06
C TYR I 36 -10.55 17.20 19.61
N GLN I 37 -10.46 16.35 20.64
CA GLN I 37 -11.58 15.79 21.37
C GLN I 37 -11.46 16.26 22.82
N GLN I 38 -12.57 16.72 23.41
CA GLN I 38 -12.56 17.14 24.81
C GLN I 38 -13.77 16.60 25.57
N LYS I 39 -13.50 15.97 26.72
CA LYS I 39 -14.50 15.41 27.61
C LYS I 39 -14.66 16.35 28.83
N PRO I 40 -15.85 16.42 29.47
CA PRO I 40 -16.02 17.35 30.61
C PRO I 40 -15.03 17.18 31.76
N GLY I 41 -14.37 18.29 32.11
CA GLY I 41 -13.37 18.36 33.17
C GLY I 41 -12.06 17.67 32.84
N LYS I 42 -11.77 17.52 31.53
CA LYS I 42 -10.56 16.89 30.99
C LYS I 42 -9.88 17.78 29.95
N ALA I 43 -8.57 17.59 29.76
CA ALA I 43 -7.75 18.33 28.80
C ALA I 43 -8.05 17.87 27.36
N PRO I 44 -7.94 18.76 26.34
CA PRO I 44 -8.20 18.32 24.95
C PRO I 44 -7.20 17.28 24.46
N LYS I 45 -7.66 16.36 23.60
CA LYS I 45 -6.84 15.29 23.02
C LYS I 45 -6.87 15.36 21.49
N LEU I 46 -5.69 15.48 20.86
CA LEU I 46 -5.51 15.53 19.41
C LEU I 46 -5.83 14.16 18.80
N LEU I 47 -6.62 14.16 17.72
CA LEU I 47 -7.02 12.93 17.01
C LEU I 47 -6.45 12.97 15.60
N ILE I 48 -6.65 14.11 14.90
CA ILE I 48 -6.27 14.33 13.51
C ILE I 48 -5.40 15.59 13.37
N TYR I 49 -4.36 15.52 12.54
CA TYR I 49 -3.50 16.63 12.19
C TYR I 49 -3.31 16.60 10.67
N LYS I 50 -2.83 17.70 10.06
CA LYS I 50 -2.64 17.82 8.61
C LYS I 50 -3.91 17.36 7.85
N ALA I 51 -5.08 17.83 8.33
CA ALA I 51 -6.42 17.58 7.82
C ALA I 51 -6.92 16.14 7.81
N SER I 52 -6.06 15.15 7.46
CA SER I 52 -6.43 13.74 7.33
C SER I 52 -5.52 12.74 8.05
N SER I 53 -4.29 13.15 8.44
CA SER I 53 -3.35 12.28 9.15
C SER I 53 -3.84 11.96 10.55
N LEU I 54 -3.74 10.69 10.95
CA LEU I 54 -4.18 10.20 12.25
C LEU I 54 -3.05 10.24 13.27
N ALA I 55 -3.32 10.82 14.45
CA ALA I 55 -2.35 10.92 15.55
C ALA I 55 -2.08 9.53 16.15
N SER I 56 -0.93 9.35 16.82
CA SER I 56 -0.52 8.08 17.43
C SER I 56 -1.53 7.58 18.47
N GLY I 57 -1.82 6.28 18.41
CA GLY I 57 -2.75 5.60 19.32
C GLY I 57 -4.23 5.87 19.13
N VAL I 58 -4.60 6.70 18.13
CA VAL I 58 -5.98 7.06 17.82
C VAL I 58 -6.62 5.98 16.93
N PRO I 59 -7.85 5.47 17.26
CA PRO I 59 -8.47 4.41 16.45
C PRO I 59 -8.85 4.77 15.01
N SER I 60 -9.10 3.72 14.18
CA SER I 60 -9.46 3.78 12.76
C SER I 60 -10.74 4.52 12.43
N ARG I 61 -11.78 4.42 13.30
CA ARG I 61 -13.09 5.07 13.07
C ARG I 61 -12.98 6.59 12.80
N PHE I 62 -11.90 7.21 13.30
CA PHE I 62 -11.62 8.64 13.10
C PHE I 62 -11.03 8.88 11.72
N SER I 63 -11.65 9.80 10.98
CA SER I 63 -11.30 10.19 9.62
C SER I 63 -11.33 11.71 9.49
N GLY I 64 -10.56 12.23 8.54
CA GLY I 64 -10.48 13.65 8.24
C GLY I 64 -10.38 13.88 6.74
N SER I 65 -10.99 14.98 6.25
CA SER I 65 -10.97 15.34 4.82
C SER I 65 -11.05 16.85 4.61
N ARG I 66 -10.52 17.33 3.47
CA ARG I 66 -10.53 18.75 3.10
C ARG I 66 -11.31 18.98 1.78
N SER I 67 -12.23 19.95 1.81
CA SER I 67 -13.05 20.38 0.68
C SER I 67 -12.88 21.90 0.55
N GLY I 68 -11.79 22.32 -0.09
CA GLY I 68 -11.43 23.73 -0.28
C GLY I 68 -11.04 24.40 1.00
N THR I 69 -11.93 25.25 1.54
CA THR I 69 -11.72 25.97 2.80
C THR I 69 -12.59 25.38 3.96
N GLU I 70 -13.16 24.17 3.71
CA GLU I 70 -14.00 23.41 4.63
C GLU I 70 -13.36 22.07 4.93
N PHE I 71 -13.36 21.66 6.21
CA PHE I 71 -12.78 20.42 6.69
C PHE I 71 -13.81 19.64 7.50
N THR I 72 -13.91 18.33 7.26
CA THR I 72 -14.87 17.48 7.97
C THR I 72 -14.19 16.33 8.72
N LEU I 73 -14.58 16.12 9.99
CA LEU I 73 -14.10 15.01 10.82
C LEU I 73 -15.19 13.93 10.82
N THR I 74 -14.83 12.71 10.39
CA THR I 74 -15.80 11.62 10.32
C THR I 74 -15.51 10.49 11.29
N ILE I 75 -16.55 10.04 12.00
CA ILE I 75 -16.54 8.89 12.90
C ILE I 75 -17.38 7.86 12.15
N SER I 76 -16.75 6.78 11.64
CA SER I 76 -17.45 5.76 10.86
C SER I 76 -18.50 4.99 11.67
N SER I 77 -18.13 4.51 12.86
CA SER I 77 -19.02 3.78 13.77
C SER I 77 -18.85 4.40 15.15
N LEU I 78 -19.82 5.22 15.58
CA LEU I 78 -19.82 5.92 16.87
C LEU I 78 -19.82 4.96 18.06
N GLN I 79 -18.92 5.17 19.02
CA GLN I 79 -18.76 4.32 20.21
C GLN I 79 -19.09 5.08 21.51
N PRO I 80 -19.36 4.38 22.66
CA PRO I 80 -19.67 5.10 23.91
C PRO I 80 -18.62 6.12 24.38
N ASP I 81 -17.32 5.90 24.07
CA ASP I 81 -16.21 6.80 24.40
C ASP I 81 -16.19 8.07 23.51
N ASP I 82 -16.90 8.03 22.37
CA ASP I 82 -16.92 9.11 21.39
C ASP I 82 -17.84 10.30 21.71
N PHE I 83 -18.74 10.16 22.70
CA PHE I 83 -19.64 11.23 23.11
C PHE I 83 -18.86 12.29 23.89
N ALA I 84 -18.40 13.32 23.16
CA ALA I 84 -17.60 14.42 23.68
C ALA I 84 -17.73 15.65 22.79
N THR I 85 -17.04 16.74 23.16
CA THR I 85 -17.02 17.98 22.39
C THR I 85 -15.79 17.93 21.47
N TYR I 86 -15.95 18.39 20.22
CA TYR I 86 -14.87 18.34 19.24
C TYR I 86 -14.53 19.73 18.71
N TYR I 87 -13.23 20.08 18.75
CA TYR I 87 -12.73 21.38 18.28
C TYR I 87 -11.73 21.25 17.13
N CYS I 88 -11.89 22.11 16.12
CA CYS I 88 -10.95 22.19 15.00
C CYS I 88 -10.03 23.37 15.27
N GLN I 89 -8.75 23.26 14.88
CA GLN I 89 -7.74 24.28 15.08
C GLN I 89 -6.91 24.46 13.80
N GLN I 90 -6.58 25.70 13.44
CA GLN I 90 -5.72 25.95 12.26
C GLN I 90 -4.29 26.27 12.66
N TYR I 91 -3.32 25.84 11.81
CA TYR I 91 -1.91 26.13 12.02
C TYR I 91 -1.20 26.60 10.74
N SER I 92 -1.83 27.56 10.04
CA SER I 92 -1.34 28.19 8.82
C SER I 92 -0.61 29.48 9.18
N ASN I 93 -1.31 30.43 9.82
CA ASN I 93 -0.73 31.68 10.26
C ASN I 93 -1.18 32.01 11.69
N TYR I 94 -0.41 32.88 12.37
CA TYR I 94 -0.69 33.34 13.72
C TYR I 94 -1.74 34.48 13.72
N PRO I 95 -2.65 34.56 14.71
CA PRO I 95 -2.76 33.69 15.90
C PRO I 95 -3.37 32.33 15.62
N LEU I 96 -3.00 31.32 16.42
CA LEU I 96 -3.53 29.97 16.30
C LEU I 96 -4.97 30.02 16.82
N THR I 97 -5.93 29.78 15.94
CA THR I 97 -7.35 29.86 16.29
C THR I 97 -8.05 28.52 16.31
N PHE I 98 -8.97 28.36 17.29
CA PHE I 98 -9.78 27.16 17.51
C PHE I 98 -11.23 27.46 17.11
N GLY I 99 -12.00 26.40 16.86
CA GLY I 99 -13.41 26.50 16.49
C GLY I 99 -14.33 26.63 17.69
N GLY I 100 -15.61 26.88 17.40
CA GLY I 100 -16.67 27.04 18.40
C GLY I 100 -17.00 25.78 19.19
N GLY I 101 -16.81 24.63 18.56
CA GLY I 101 -17.04 23.32 19.18
C GLY I 101 -18.33 22.66 18.77
N THR I 102 -18.32 21.32 18.71
CA THR I 102 -19.47 20.49 18.37
C THR I 102 -19.59 19.32 19.35
N LYS I 103 -20.58 19.40 20.25
CA LYS I 103 -20.85 18.37 21.26
C LYS I 103 -21.62 17.22 20.61
N VAL I 104 -21.19 15.98 20.86
CA VAL I 104 -21.86 14.78 20.33
C VAL I 104 -22.63 14.11 21.46
N GLU I 105 -23.97 14.14 21.36
CA GLU I 105 -24.89 13.59 22.36
C GLU I 105 -25.55 12.27 21.95
N ILE I 106 -26.07 11.54 22.94
CA ILE I 106 -26.75 10.26 22.75
C ILE I 106 -28.16 10.53 22.19
N LYS I 107 -28.50 9.89 21.06
CA LYS I 107 -29.84 10.05 20.47
C LYS I 107 -30.80 9.19 21.27
N ARG I 108 -31.83 9.84 21.81
CA ARG I 108 -32.88 9.27 22.64
C ARG I 108 -34.23 9.49 21.95
N THR I 109 -35.31 8.94 22.54
CA THR I 109 -36.67 9.16 22.06
C THR I 109 -37.14 10.47 22.68
N VAL I 110 -38.00 11.21 21.95
CA VAL I 110 -38.53 12.51 22.40
C VAL I 110 -39.34 12.32 23.68
N ALA I 111 -38.83 12.86 24.79
CA ALA I 111 -39.45 12.79 26.10
C ALA I 111 -39.93 14.18 26.52
N ALA I 112 -41.23 14.32 26.81
CA ALA I 112 -41.85 15.57 27.23
C ALA I 112 -41.44 15.92 28.67
N PRO I 113 -41.23 17.22 29.01
CA PRO I 113 -40.81 17.54 30.39
C PRO I 113 -41.95 17.59 31.39
N SER I 114 -41.62 17.36 32.67
CA SER I 114 -42.57 17.45 33.78
C SER I 114 -42.34 18.83 34.39
N VAL I 115 -43.33 19.72 34.23
CA VAL I 115 -43.23 21.11 34.69
C VAL I 115 -43.75 21.29 36.12
N PHE I 116 -42.90 21.89 36.98
CA PHE I 116 -43.22 22.18 38.39
C PHE I 116 -42.87 23.62 38.72
N ILE I 117 -43.77 24.30 39.42
CA ILE I 117 -43.56 25.70 39.84
C ILE I 117 -43.39 25.79 41.36
N PHE I 118 -42.32 26.47 41.80
CA PHE I 118 -42.03 26.62 43.23
C PHE I 118 -42.03 28.09 43.67
N PRO I 119 -42.92 28.49 44.56
CA PRO I 119 -42.89 29.86 45.03
C PRO I 119 -41.73 30.11 45.93
N PRO I 120 -41.38 31.43 46.16
CA PRO I 120 -40.34 31.63 47.18
C PRO I 120 -40.68 31.33 48.65
N SER I 121 -39.66 30.96 49.42
CA SER I 121 -39.82 30.69 50.82
C SER I 121 -40.24 31.96 51.52
N ASP I 122 -41.02 31.85 52.59
CA ASP I 122 -41.46 33.05 53.28
C ASP I 122 -40.30 33.67 54.00
N GLU I 123 -39.31 32.85 54.32
CA GLU I 123 -38.06 33.32 54.92
C GLU I 123 -37.53 34.38 54.06
N GLN I 124 -37.40 34.01 52.80
CA GLN I 124 -36.62 34.68 51.82
C GLN I 124 -37.40 35.85 51.46
N LEU I 125 -38.67 35.59 51.19
CA LEU I 125 -39.63 36.63 50.81
C LEU I 125 -39.44 37.81 51.71
N LYS I 126 -39.09 37.51 52.95
CA LYS I 126 -38.94 38.52 53.95
C LYS I 126 -37.61 39.28 53.90
N SER I 127 -36.54 38.61 53.48
CA SER I 127 -35.19 39.15 53.50
C SER I 127 -34.95 40.14 52.38
N GLY I 128 -36.01 40.44 51.68
CA GLY I 128 -36.02 41.47 50.65
C GLY I 128 -35.98 41.01 49.21
N THR I 129 -35.60 39.73 48.97
CA THR I 129 -35.52 39.14 47.63
C THR I 129 -36.45 37.95 47.45
N ALA I 130 -37.00 37.77 46.25
CA ALA I 130 -37.90 36.65 45.93
C ALA I 130 -37.40 35.86 44.72
N SER I 131 -37.23 34.55 44.88
CA SER I 131 -36.76 33.66 43.80
C SER I 131 -37.82 32.62 43.44
N VAL I 132 -38.39 32.74 42.22
CA VAL I 132 -39.42 31.84 41.70
C VAL I 132 -38.75 30.83 40.76
N VAL I 133 -38.83 29.53 41.11
CA VAL I 133 -38.20 28.45 40.36
C VAL I 133 -39.21 27.64 39.55
N CYS I 134 -38.88 27.41 38.27
CA CYS I 134 -39.67 26.59 37.34
C CYS I 134 -38.80 25.39 36.98
N LEU I 135 -39.27 24.18 37.30
CA LEU I 135 -38.51 22.95 37.03
C LEU I 135 -39.11 22.14 35.88
N LEU I 136 -38.23 21.73 34.95
CA LEU I 136 -38.54 20.89 33.80
C LEU I 136 -37.78 19.60 34.05
N ASN I 137 -38.51 18.51 34.38
CA ASN I 137 -37.91 17.23 34.73
C ASN I 137 -37.89 16.16 33.66
N ASN I 138 -36.68 15.62 33.40
CA ASN I 138 -36.35 14.55 32.44
C ASN I 138 -36.98 14.68 31.06
N PHE I 139 -36.32 15.44 30.17
CA PHE I 139 -36.78 15.69 28.81
C PHE I 139 -35.72 15.47 27.73
N TYR I 140 -36.19 15.31 26.47
CA TYR I 140 -35.34 15.14 25.30
C TYR I 140 -36.05 15.71 24.05
N PRO I 141 -35.37 16.53 23.19
CA PRO I 141 -33.98 17.00 23.28
C PRO I 141 -33.79 18.17 24.24
N ARG I 142 -32.56 18.72 24.32
CA ARG I 142 -32.16 19.85 25.18
C ARG I 142 -32.91 21.14 24.85
N GLU I 143 -33.34 21.29 23.59
CA GLU I 143 -34.05 22.46 23.06
C GLU I 143 -35.42 22.66 23.71
N ALA I 144 -35.53 23.69 24.55
CA ALA I 144 -36.74 24.06 25.29
C ALA I 144 -36.82 25.57 25.49
N LYS I 145 -38.05 26.13 25.41
CA LYS I 145 -38.33 27.55 25.57
C LYS I 145 -39.16 27.80 26.84
N VAL I 146 -38.61 28.55 27.80
CA VAL I 146 -39.27 28.89 29.06
C VAL I 146 -39.56 30.40 29.10
N GLN I 147 -40.85 30.75 29.23
CA GLN I 147 -41.32 32.14 29.26
C GLN I 147 -41.93 32.48 30.62
N TRP I 148 -41.48 33.57 31.25
CA TRP I 148 -42.01 34.02 32.54
C TRP I 148 -43.12 35.04 32.35
N LYS I 149 -44.29 34.78 32.96
CA LYS I 149 -45.46 35.66 32.87
C LYS I 149 -45.93 36.05 34.26
N VAL I 150 -45.77 37.34 34.60
CA VAL I 150 -46.20 37.92 35.89
C VAL I 150 -47.46 38.73 35.59
N ASP I 151 -48.63 38.18 36.00
CA ASP I 151 -49.97 38.72 35.76
C ASP I 151 -50.26 38.81 34.26
N ASN I 152 -49.95 37.73 33.52
CA ASN I 152 -50.09 37.61 32.06
C ASN I 152 -49.17 38.53 31.23
N ALA I 153 -48.27 39.27 31.89
CA ALA I 153 -47.30 40.15 31.23
C ALA I 153 -45.96 39.42 31.12
N LEU I 154 -45.46 39.22 29.88
CA LEU I 154 -44.21 38.52 29.61
C LEU I 154 -43.00 39.27 30.16
N GLN I 155 -42.09 38.53 30.81
CA GLN I 155 -40.89 39.05 31.46
C GLN I 155 -39.63 38.87 30.60
N SER I 156 -38.64 39.77 30.78
CA SER I 156 -37.37 39.74 30.06
C SER I 156 -36.23 40.40 30.85
N GLY I 157 -35.08 39.71 30.88
CA GLY I 157 -33.85 40.18 31.52
C GLY I 157 -33.78 40.14 33.03
N ASN I 158 -34.65 39.36 33.69
CA ASN I 158 -34.67 39.24 35.15
C ASN I 158 -34.64 37.78 35.63
N SER I 159 -34.41 36.82 34.70
CA SER I 159 -34.37 35.39 34.98
C SER I 159 -33.08 34.71 34.51
N GLN I 160 -32.67 33.62 35.21
CA GLN I 160 -31.48 32.84 34.88
C GLN I 160 -31.78 31.35 34.74
N GLU I 161 -31.24 30.74 33.68
CA GLU I 161 -31.44 29.34 33.32
C GLU I 161 -30.23 28.46 33.64
N SER I 162 -30.47 27.17 33.96
CA SER I 162 -29.41 26.20 34.25
C SER I 162 -29.77 24.79 33.76
N VAL I 163 -28.91 24.21 32.92
CA VAL I 163 -29.10 22.89 32.31
C VAL I 163 -28.08 21.89 32.87
N THR I 164 -28.53 20.64 33.12
CA THR I 164 -27.67 19.55 33.60
C THR I 164 -27.04 18.82 32.41
N GLU I 165 -25.97 18.05 32.66
CA GLU I 165 -25.30 17.23 31.66
C GLU I 165 -26.22 16.04 31.32
N GLN I 166 -26.15 15.53 30.07
CA GLN I 166 -26.95 14.38 29.62
C GLN I 166 -26.74 13.19 30.57
N ASP I 167 -27.84 12.68 31.16
CA ASP I 167 -27.86 11.60 32.15
C ASP I 167 -27.17 10.30 31.74
N SER I 168 -26.58 9.61 32.74
CA SER I 168 -25.86 8.36 32.56
C SER I 168 -26.83 7.19 32.38
N LYS I 169 -27.99 7.24 33.06
CA LYS I 169 -29.00 6.18 33.03
C LYS I 169 -30.02 6.31 31.90
N ASP I 170 -30.83 7.40 31.86
CA ASP I 170 -31.87 7.58 30.84
C ASP I 170 -31.56 8.59 29.73
N SER I 171 -30.38 9.25 29.79
CA SER I 171 -29.88 10.24 28.81
C SER I 171 -30.81 11.43 28.53
N THR I 172 -31.51 11.90 29.60
CA THR I 172 -32.44 13.03 29.55
C THR I 172 -31.85 14.30 30.16
N TYR I 173 -32.47 15.45 29.87
CA TYR I 173 -32.05 16.74 30.40
C TYR I 173 -33.01 17.27 31.46
N SER I 174 -32.49 18.16 32.31
CA SER I 174 -33.23 18.84 33.37
C SER I 174 -32.87 20.31 33.32
N LEU I 175 -33.89 21.18 33.39
CA LEU I 175 -33.73 22.62 33.30
C LEU I 175 -34.39 23.33 34.48
N SER I 176 -33.78 24.45 34.93
CA SER I 176 -34.29 25.27 36.02
C SER I 176 -34.14 26.77 35.71
N SER I 177 -35.27 27.44 35.49
CA SER I 177 -35.31 28.88 35.22
C SER I 177 -35.73 29.58 36.51
N THR I 178 -34.85 30.45 37.05
CA THR I 178 -35.12 31.16 38.29
C THR I 178 -35.37 32.65 38.09
N LEU I 179 -36.63 33.08 38.30
CA LEU I 179 -37.04 34.48 38.21
C LEU I 179 -36.68 35.17 39.53
N THR I 180 -35.93 36.27 39.46
CA THR I 180 -35.47 37.01 40.65
C THR I 180 -35.98 38.45 40.63
N LEU I 181 -36.76 38.82 41.68
CA LEU I 181 -37.34 40.16 41.88
C LEU I 181 -37.16 40.60 43.34
N SER I 182 -37.39 41.90 43.62
CA SER I 182 -37.33 42.43 44.98
C SER I 182 -38.65 42.08 45.67
N LYS I 183 -38.64 41.97 46.99
CA LYS I 183 -39.80 41.53 47.73
C LYS I 183 -40.94 42.48 47.48
N ALA I 184 -40.59 43.71 47.20
CA ALA I 184 -41.57 44.75 46.97
C ALA I 184 -42.28 44.67 45.62
N ASP I 185 -41.66 44.09 44.60
CA ASP I 185 -42.37 43.83 43.35
C ASP I 185 -43.06 42.52 43.33
N TYR I 186 -42.64 41.63 44.20
CA TYR I 186 -43.32 40.38 44.34
C TYR I 186 -44.70 40.66 44.82
N GLU I 187 -44.82 41.57 45.77
CA GLU I 187 -46.05 41.76 46.53
C GLU I 187 -47.13 42.59 45.87
N LYS I 188 -46.82 43.22 44.75
CA LYS I 188 -47.80 44.00 44.03
C LYS I 188 -48.51 43.14 43.03
N HIS I 189 -47.91 42.02 42.67
CA HIS I 189 -48.46 41.18 41.64
C HIS I 189 -48.97 39.90 42.21
N LYS I 190 -49.94 39.32 41.53
CA LYS I 190 -50.66 38.12 41.94
C LYS I 190 -50.20 36.86 41.26
N VAL I 191 -50.54 36.70 40.00
CA VAL I 191 -50.30 35.47 39.26
C VAL I 191 -48.94 35.35 38.65
N TYR I 192 -48.29 34.21 38.94
CA TYR I 192 -46.94 33.87 38.51
C TYR I 192 -46.97 32.55 37.75
N ALA I 193 -46.47 32.55 36.51
CA ALA I 193 -46.49 31.36 35.66
C ALA I 193 -45.26 31.22 34.79
N CYS I 194 -44.98 29.98 34.36
CA CYS I 194 -43.90 29.69 33.42
C CYS I 194 -44.40 28.80 32.29
N GLU I 195 -44.46 29.38 31.07
CA GLU I 195 -44.92 28.71 29.85
C GLU I 195 -43.75 27.94 29.23
N VAL I 196 -43.96 26.63 29.02
CA VAL I 196 -42.93 25.74 28.46
C VAL I 196 -43.27 25.27 27.04
N THR I 197 -42.38 25.56 26.08
CA THR I 197 -42.50 25.14 24.68
C THR I 197 -41.44 24.07 24.43
N HIS I 198 -41.89 22.85 24.10
CA HIS I 198 -41.01 21.70 23.85
C HIS I 198 -41.63 20.77 22.80
N GLN I 199 -40.78 20.00 22.09
CA GLN I 199 -41.16 19.04 21.05
C GLN I 199 -42.18 18.00 21.54
N GLY I 200 -41.94 17.46 22.73
CA GLY I 200 -42.78 16.45 23.38
C GLY I 200 -44.19 16.91 23.70
N LEU I 201 -44.37 18.23 23.92
CA LEU I 201 -45.66 18.84 24.22
C LEU I 201 -46.34 19.30 22.93
N SER I 202 -47.60 18.88 22.71
CA SER I 202 -48.39 19.24 21.54
C SER I 202 -48.88 20.70 21.63
N SER I 203 -48.99 21.21 22.86
CA SER I 203 -49.41 22.57 23.18
C SER I 203 -48.58 23.10 24.35
N PRO I 204 -48.20 24.41 24.38
CA PRO I 204 -47.39 24.92 25.50
C PRO I 204 -48.06 24.79 26.88
N VAL I 205 -47.41 24.03 27.77
CA VAL I 205 -47.86 23.75 29.13
C VAL I 205 -47.47 24.92 30.05
N THR I 206 -48.47 25.50 30.73
CA THR I 206 -48.27 26.63 31.64
C THR I 206 -48.68 26.22 33.06
N LYS I 207 -47.75 26.35 34.03
CA LYS I 207 -48.00 26.04 35.44
C LYS I 207 -48.01 27.33 36.24
N SER I 208 -49.16 27.65 36.85
CA SER I 208 -49.35 28.90 37.60
C SER I 208 -49.79 28.74 39.04
N PHE I 209 -49.48 29.75 39.86
CA PHE I 209 -49.86 29.88 41.27
C PHE I 209 -50.28 31.33 41.57
N ASN I 210 -51.17 31.52 42.56
CA ASN I 210 -51.66 32.85 42.95
C ASN I 210 -51.09 33.30 44.29
N ARG I 211 -50.19 34.31 44.27
CA ARG I 211 -49.52 34.90 45.45
C ARG I 211 -48.78 36.17 45.04
N ASP J 1 15.78 -24.78 -32.62
CA ASP J 1 15.56 -24.88 -31.19
C ASP J 1 16.79 -25.39 -30.45
N ILE J 2 16.98 -24.94 -29.21
CA ILE J 2 18.10 -25.37 -28.36
C ILE J 2 17.54 -26.36 -27.32
N GLN J 3 18.07 -27.59 -27.31
CA GLN J 3 17.62 -28.64 -26.38
C GLN J 3 18.41 -28.65 -25.09
N MET J 4 17.69 -28.61 -23.95
CA MET J 4 18.26 -28.64 -22.60
C MET J 4 18.08 -30.05 -22.07
N THR J 5 19.19 -30.68 -21.62
CA THR J 5 19.19 -32.05 -21.09
C THR J 5 19.71 -32.02 -19.65
N GLN J 6 18.92 -32.58 -18.71
CA GLN J 6 19.29 -32.60 -17.29
C GLN J 6 19.72 -33.97 -16.79
N SER J 7 20.76 -34.00 -15.94
CA SER J 7 21.30 -35.23 -15.36
C SER J 7 21.47 -35.18 -13.84
N PRO J 8 20.84 -36.12 -13.08
CA PRO J 8 19.94 -37.19 -13.55
C PRO J 8 18.49 -36.71 -13.66
N SER J 9 17.54 -37.65 -13.81
CA SER J 9 16.11 -37.31 -13.87
C SER J 9 15.58 -37.26 -12.43
N THR J 10 16.16 -38.12 -11.55
CA THR J 10 15.84 -38.22 -10.12
C THR J 10 17.12 -38.49 -9.35
N LEU J 11 17.34 -37.71 -8.27
CA LEU J 11 18.49 -37.82 -7.37
C LEU J 11 18.03 -38.06 -5.93
N SER J 12 18.71 -38.98 -5.22
CA SER J 12 18.40 -39.29 -3.83
C SER J 12 19.54 -38.87 -2.93
N ALA J 13 19.22 -38.10 -1.88
CA ALA J 13 20.18 -37.60 -0.90
C ALA J 13 19.57 -37.37 0.48
N SER J 14 20.41 -37.43 1.52
CA SER J 14 20.01 -37.19 2.90
C SER J 14 20.27 -35.71 3.25
N VAL J 15 19.75 -35.25 4.40
CA VAL J 15 19.94 -33.87 4.87
C VAL J 15 21.41 -33.71 5.32
N GLY J 16 22.08 -32.70 4.78
CA GLY J 16 23.48 -32.42 5.08
C GLY J 16 24.44 -32.77 3.96
N ASP J 17 23.98 -33.63 3.02
CA ASP J 17 24.74 -34.09 1.85
C ASP J 17 24.98 -32.96 0.85
N ARG J 18 26.02 -33.13 0.01
CA ARG J 18 26.35 -32.20 -1.06
C ARG J 18 25.66 -32.73 -2.34
N VAL J 19 24.83 -31.88 -2.95
CA VAL J 19 24.06 -32.24 -4.15
C VAL J 19 24.53 -31.44 -5.35
N THR J 20 24.83 -32.14 -6.46
CA THR J 20 25.27 -31.53 -7.72
C THR J 20 24.41 -32.06 -8.87
N ILE J 21 23.74 -31.15 -9.60
CA ILE J 21 22.88 -31.49 -10.73
C ILE J 21 23.31 -30.80 -12.02
N THR J 22 23.40 -31.59 -13.10
CA THR J 22 23.89 -31.19 -14.41
C THR J 22 22.77 -30.77 -15.38
N CYS J 23 23.11 -29.84 -16.29
CA CYS J 23 22.27 -29.33 -17.37
C CYS J 23 23.19 -29.03 -18.56
N ARG J 24 22.95 -29.69 -19.70
CA ARG J 24 23.75 -29.50 -20.90
C ARG J 24 22.93 -28.90 -22.04
N ALA J 25 23.55 -27.96 -22.77
CA ALA J 25 22.95 -27.25 -23.90
C ALA J 25 23.39 -27.86 -25.23
N SER J 26 22.46 -27.94 -26.22
CA SER J 26 22.74 -28.49 -27.55
C SER J 26 23.62 -27.54 -28.40
N GLU J 27 23.60 -26.23 -28.09
CA GLU J 27 24.37 -25.17 -28.75
C GLU J 27 24.97 -24.24 -27.69
N GLY J 28 25.85 -23.34 -28.11
CA GLY J 28 26.49 -22.37 -27.24
C GLY J 28 25.51 -21.32 -26.77
N ILE J 29 25.32 -21.23 -25.44
CA ILE J 29 24.39 -20.27 -24.84
C ILE J 29 25.03 -19.25 -23.89
N TYR J 30 26.38 -19.13 -23.92
CA TYR J 30 27.19 -18.22 -23.09
C TYR J 30 26.93 -18.49 -21.61
N HIS J 31 26.65 -17.45 -20.82
CA HIS J 31 26.32 -17.57 -19.40
C HIS J 31 24.79 -17.48 -19.21
N ASN J 32 24.04 -17.33 -20.32
CA ASN J 32 22.58 -17.21 -20.32
C ASN J 32 21.84 -18.50 -19.95
N LEU J 33 21.90 -18.86 -18.66
CA LEU J 33 21.24 -20.03 -18.08
C LEU J 33 20.71 -19.69 -16.68
N ALA J 34 19.42 -19.99 -16.46
CA ALA J 34 18.72 -19.78 -15.19
C ALA J 34 18.32 -21.10 -14.57
N TRP J 35 18.29 -21.16 -13.22
CA TRP J 35 17.89 -22.34 -12.45
C TRP J 35 16.65 -22.02 -11.63
N TYR J 36 15.63 -22.89 -11.69
CA TYR J 36 14.37 -22.76 -10.97
C TYR J 36 14.12 -23.92 -10.01
N GLN J 37 13.29 -23.71 -8.99
CA GLN J 37 12.90 -24.72 -8.00
C GLN J 37 11.38 -24.80 -7.98
N GLN J 38 10.82 -25.98 -8.26
CA GLN J 38 9.37 -26.16 -8.25
C GLN J 38 8.95 -27.32 -7.33
N LYS J 39 8.02 -27.04 -6.41
CA LYS J 39 7.48 -27.99 -5.46
C LYS J 39 6.07 -28.43 -5.92
N PRO J 40 5.61 -29.68 -5.61
CA PRO J 40 4.27 -30.10 -6.09
C PRO J 40 3.13 -29.19 -5.62
N GLY J 41 2.32 -28.75 -6.56
CA GLY J 41 1.19 -27.85 -6.32
C GLY J 41 1.60 -26.42 -6.05
N LYS J 42 2.87 -26.08 -6.36
CA LYS J 42 3.46 -24.75 -6.18
C LYS J 42 4.14 -24.27 -7.46
N ALA J 43 4.29 -22.94 -7.60
CA ALA J 43 4.89 -22.27 -8.74
C ALA J 43 6.43 -22.34 -8.74
N PRO J 44 7.13 -22.17 -9.90
CA PRO J 44 8.60 -22.21 -9.89
C PRO J 44 9.21 -21.01 -9.15
N LYS J 45 10.42 -21.19 -8.62
CA LYS J 45 11.16 -20.18 -7.87
C LYS J 45 12.58 -20.08 -8.42
N LEU J 46 12.95 -18.91 -8.96
CA LEU J 46 14.29 -18.66 -9.51
C LEU J 46 15.33 -18.65 -8.39
N LEU J 47 16.38 -19.47 -8.54
CA LEU J 47 17.47 -19.59 -7.58
C LEU J 47 18.73 -18.93 -8.12
N ILE J 48 19.09 -19.25 -9.38
CA ILE J 48 20.29 -18.74 -10.03
C ILE J 48 20.02 -18.20 -11.43
N TYR J 49 20.70 -17.11 -11.81
CA TYR J 49 20.65 -16.50 -13.13
C TYR J 49 22.09 -16.22 -13.57
N LYS J 50 22.32 -15.95 -14.86
CA LYS J 50 23.65 -15.69 -15.43
C LYS J 50 24.69 -16.77 -15.03
N ALA J 51 24.23 -18.05 -15.06
CA ALA J 51 24.95 -19.29 -14.73
C ALA J 51 25.48 -19.41 -13.30
N SER J 52 25.96 -18.32 -12.67
CA SER J 52 26.52 -18.35 -11.33
C SER J 52 25.98 -17.31 -10.34
N SER J 53 25.24 -16.29 -10.81
CA SER J 53 24.68 -15.25 -9.94
C SER J 53 23.47 -15.78 -9.19
N LEU J 54 23.49 -15.65 -7.86
CA LEU J 54 22.44 -16.09 -6.96
C LEU J 54 21.33 -15.05 -6.87
N ALA J 55 20.07 -15.46 -7.12
CA ALA J 55 18.90 -14.60 -7.08
C ALA J 55 18.55 -14.14 -5.65
N SER J 56 17.79 -13.03 -5.52
CA SER J 56 17.36 -12.46 -4.23
C SER J 56 16.43 -13.39 -3.47
N GLY J 57 16.63 -13.44 -2.14
CA GLY J 57 15.85 -14.27 -1.22
C GLY J 57 16.15 -15.76 -1.31
N VAL J 58 17.31 -16.11 -1.90
CA VAL J 58 17.76 -17.48 -2.08
C VAL J 58 18.98 -17.72 -1.19
N PRO J 59 18.96 -18.73 -0.28
CA PRO J 59 20.13 -18.97 0.61
C PRO J 59 21.44 -19.26 -0.11
N SER J 60 22.56 -18.98 0.57
CA SER J 60 23.93 -19.13 0.09
C SER J 60 24.39 -20.56 -0.23
N ARG J 61 23.67 -21.60 0.25
CA ARG J 61 24.03 -23.02 -0.01
C ARG J 61 23.98 -23.37 -1.50
N PHE J 62 23.13 -22.68 -2.26
CA PHE J 62 22.98 -22.83 -3.70
C PHE J 62 24.08 -22.06 -4.43
N SER J 63 24.68 -22.71 -5.44
CA SER J 63 25.74 -22.13 -6.27
C SER J 63 25.62 -22.66 -7.70
N GLY J 64 26.10 -21.87 -8.65
CA GLY J 64 26.09 -22.21 -10.06
C GLY J 64 27.47 -22.12 -10.68
N SER J 65 27.67 -22.81 -11.83
CA SER J 65 28.93 -22.82 -12.58
C SER J 65 28.72 -23.24 -14.04
N ARG J 66 29.58 -22.73 -14.93
CA ARG J 66 29.59 -23.02 -16.35
C ARG J 66 30.89 -23.74 -16.72
N SER J 67 30.78 -24.83 -17.47
CA SER J 67 31.89 -25.63 -17.97
C SER J 67 31.64 -25.81 -19.49
N GLY J 68 31.73 -24.70 -20.22
CA GLY J 68 31.46 -24.65 -21.66
C GLY J 68 29.98 -24.71 -21.96
N THR J 69 29.50 -25.88 -22.41
CA THR J 69 28.08 -26.12 -22.71
C THR J 69 27.38 -26.82 -21.54
N GLU J 70 28.18 -27.37 -20.61
CA GLU J 70 27.75 -28.06 -19.41
C GLU J 70 27.62 -27.05 -18.27
N PHE J 71 26.52 -27.11 -17.52
CA PHE J 71 26.21 -26.24 -16.40
C PHE J 71 25.84 -27.07 -15.17
N THR J 72 26.17 -26.57 -13.95
CA THR J 72 25.86 -27.30 -12.71
C THR J 72 25.28 -26.44 -11.60
N LEU J 73 24.29 -26.99 -10.87
CA LEU J 73 23.69 -26.37 -9.68
C LEU J 73 24.14 -27.22 -8.49
N THR J 74 24.70 -26.57 -7.46
CA THR J 74 25.20 -27.25 -6.27
C THR J 74 24.56 -26.72 -4.99
N ILE J 75 24.21 -27.66 -4.08
CA ILE J 75 23.68 -27.36 -2.74
C ILE J 75 24.76 -27.92 -1.81
N SER J 76 25.57 -27.03 -1.19
CA SER J 76 26.67 -27.40 -0.29
C SER J 76 26.23 -28.32 0.84
N SER J 77 25.12 -27.99 1.52
CA SER J 77 24.53 -28.77 2.60
C SER J 77 23.01 -28.78 2.47
N LEU J 78 22.46 -29.90 1.96
CA LEU J 78 21.04 -30.11 1.73
C LEU J 78 20.19 -29.98 3.00
N GLN J 79 19.11 -29.19 2.90
CA GLN J 79 18.16 -28.91 3.99
C GLN J 79 16.77 -29.47 3.66
N PRO J 80 15.94 -29.84 4.66
CA PRO J 80 14.60 -30.40 4.34
C PRO J 80 13.72 -29.61 3.37
N ASP J 81 13.95 -28.29 3.25
CA ASP J 81 13.22 -27.38 2.35
C ASP J 81 13.70 -27.50 0.89
N ASP J 82 14.85 -28.17 0.65
CA ASP J 82 15.44 -28.33 -0.68
C ASP J 82 14.93 -29.53 -1.49
N PHE J 83 14.10 -30.40 -0.88
CA PHE J 83 13.55 -31.56 -1.59
C PHE J 83 12.44 -31.11 -2.55
N ALA J 84 12.79 -30.95 -3.84
CA ALA J 84 11.91 -30.48 -4.91
C ALA J 84 12.46 -30.86 -6.30
N THR J 85 11.76 -30.40 -7.37
CA THR J 85 12.16 -30.60 -8.76
C THR J 85 12.93 -29.33 -9.19
N TYR J 86 14.03 -29.52 -9.93
CA TYR J 86 14.88 -28.42 -10.38
C TYR J 86 14.96 -28.36 -11.90
N TYR J 87 14.72 -27.16 -12.46
CA TYR J 87 14.74 -26.93 -13.91
C TYR J 87 15.79 -25.91 -14.31
N CYS J 88 16.35 -26.09 -15.51
CA CYS J 88 17.30 -25.16 -16.12
C CYS J 88 16.65 -24.56 -17.36
N GLN J 89 16.90 -23.29 -17.63
CA GLN J 89 16.33 -22.59 -18.78
C GLN J 89 17.38 -21.74 -19.48
N GLN J 90 17.39 -21.75 -20.82
CA GLN J 90 18.30 -20.92 -21.60
C GLN J 90 17.63 -19.61 -22.01
N TYR J 91 18.42 -18.54 -22.08
CA TYR J 91 17.96 -17.23 -22.52
C TYR J 91 18.98 -16.52 -23.41
N SER J 92 19.54 -17.26 -24.39
CA SER J 92 20.51 -16.76 -25.36
C SER J 92 19.83 -16.47 -26.70
N ASN J 93 18.82 -17.28 -27.05
CA ASN J 93 18.05 -17.13 -28.28
C ASN J 93 16.63 -17.65 -28.08
N TYR J 94 15.75 -17.35 -29.03
CA TYR J 94 14.35 -17.78 -29.05
C TYR J 94 14.17 -19.03 -29.93
N PRO J 95 13.27 -19.97 -29.56
CA PRO J 95 12.38 -19.96 -28.39
C PRO J 95 13.10 -20.28 -27.08
N LEU J 96 12.61 -19.71 -25.97
CA LEU J 96 13.16 -19.94 -24.64
C LEU J 96 12.75 -21.36 -24.24
N THR J 97 13.75 -22.23 -24.06
CA THR J 97 13.54 -23.64 -23.75
C THR J 97 14.01 -24.01 -22.36
N PHE J 98 13.27 -24.93 -21.72
CA PHE J 98 13.55 -25.44 -20.37
C PHE J 98 14.09 -26.88 -20.43
N GLY J 99 14.70 -27.31 -19.33
CA GLY J 99 15.18 -28.67 -19.15
C GLY J 99 14.04 -29.55 -18.70
N GLY J 100 14.22 -30.86 -18.81
CA GLY J 100 13.20 -31.84 -18.42
C GLY J 100 12.87 -31.87 -16.94
N GLY J 101 13.85 -31.51 -16.12
CA GLY J 101 13.72 -31.48 -14.67
C GLY J 101 14.59 -32.52 -13.99
N THR J 102 14.82 -32.33 -12.68
CA THR J 102 15.58 -33.22 -11.81
C THR J 102 14.96 -33.21 -10.42
N LYS J 103 14.42 -34.36 -9.98
CA LYS J 103 13.78 -34.48 -8.67
C LYS J 103 14.79 -34.85 -7.59
N VAL J 104 14.81 -34.10 -6.50
CA VAL J 104 15.70 -34.36 -5.36
C VAL J 104 14.83 -34.96 -4.26
N GLU J 105 14.84 -36.31 -4.14
CA GLU J 105 14.07 -37.06 -3.17
C GLU J 105 14.91 -37.49 -1.95
N ILE J 106 14.25 -37.87 -0.85
CA ILE J 106 14.92 -38.30 0.39
C ILE J 106 15.50 -39.71 0.20
N LYS J 107 16.79 -39.87 0.58
CA LYS J 107 17.49 -41.15 0.51
C LYS J 107 17.04 -42.01 1.68
N ARG J 108 16.52 -43.19 1.36
CA ARG J 108 16.00 -44.18 2.29
C ARG J 108 16.58 -45.54 1.85
N THR J 109 16.39 -46.59 2.66
CA THR J 109 16.84 -47.93 2.29
C THR J 109 15.71 -48.58 1.46
N VAL J 110 16.06 -49.56 0.61
CA VAL J 110 15.13 -50.27 -0.26
C VAL J 110 14.01 -50.94 0.56
N ALA J 111 12.77 -50.47 0.38
CA ALA J 111 11.58 -50.96 1.07
C ALA J 111 10.65 -51.65 0.08
N ALA J 112 10.37 -52.95 0.30
CA ALA J 112 9.49 -53.76 -0.54
C ALA J 112 8.02 -53.35 -0.38
N PRO J 113 7.20 -53.36 -1.46
CA PRO J 113 5.80 -52.95 -1.29
C PRO J 113 4.89 -54.02 -0.72
N SER J 114 3.98 -53.62 0.18
CA SER J 114 2.99 -54.50 0.76
C SER J 114 1.79 -54.49 -0.18
N VAL J 115 1.60 -55.60 -0.90
CA VAL J 115 0.54 -55.72 -1.91
C VAL J 115 -0.78 -56.25 -1.35
N PHE J 116 -1.87 -55.53 -1.64
CA PHE J 116 -3.23 -55.84 -1.23
C PHE J 116 -4.16 -55.77 -2.44
N ILE J 117 -5.04 -56.78 -2.60
CA ILE J 117 -6.01 -56.82 -3.70
C ILE J 117 -7.44 -56.65 -3.17
N PHE J 118 -8.21 -55.78 -3.79
CA PHE J 118 -9.58 -55.51 -3.38
C PHE J 118 -10.60 -55.91 -4.42
N PRO J 119 -11.35 -57.02 -4.09
CA PRO J 119 -12.37 -57.38 -5.06
C PRO J 119 -13.45 -56.34 -5.20
N PRO J 120 -14.06 -56.26 -6.43
CA PRO J 120 -15.12 -55.26 -6.56
C PRO J 120 -16.09 -55.34 -5.44
N SER J 121 -16.90 -54.31 -5.27
CA SER J 121 -17.82 -54.28 -4.14
C SER J 121 -19.10 -54.89 -4.60
N ASP J 122 -20.04 -55.07 -3.68
CA ASP J 122 -21.32 -55.59 -4.08
C ASP J 122 -22.12 -54.37 -4.45
N GLU J 123 -21.96 -53.32 -3.68
CA GLU J 123 -22.53 -52.03 -4.00
C GLU J 123 -22.31 -51.59 -5.47
N GLN J 124 -21.17 -51.96 -6.06
CA GLN J 124 -20.77 -51.60 -7.44
C GLN J 124 -21.54 -52.38 -8.50
N LEU J 125 -21.69 -53.70 -8.29
CA LEU J 125 -22.37 -54.64 -9.20
C LEU J 125 -23.84 -54.27 -9.41
N LYS J 126 -24.50 -53.77 -8.35
CA LYS J 126 -25.90 -53.32 -8.37
C LYS J 126 -26.07 -52.03 -9.17
N SER J 127 -25.01 -51.20 -9.27
CA SER J 127 -25.04 -49.95 -10.02
C SER J 127 -24.86 -50.15 -11.53
N GLY J 128 -23.89 -50.98 -11.92
CA GLY J 128 -23.63 -51.27 -13.34
C GLY J 128 -22.24 -51.76 -13.67
N THR J 129 -21.20 -51.07 -13.18
CA THR J 129 -19.79 -51.41 -13.47
C THR J 129 -19.02 -51.93 -12.25
N ALA J 130 -17.88 -52.61 -12.50
CA ALA J 130 -17.00 -53.17 -11.48
C ALA J 130 -15.57 -52.62 -11.61
N SER J 131 -14.88 -52.46 -10.46
CA SER J 131 -13.50 -51.96 -10.43
C SER J 131 -12.66 -52.74 -9.40
N VAL J 132 -11.54 -53.33 -9.87
CA VAL J 132 -10.62 -54.08 -9.01
C VAL J 132 -9.43 -53.19 -8.68
N VAL J 133 -9.12 -53.06 -7.38
CA VAL J 133 -8.03 -52.19 -6.90
C VAL J 133 -6.88 -53.00 -6.29
N CYS J 134 -5.66 -52.80 -6.83
CA CYS J 134 -4.42 -53.43 -6.35
C CYS J 134 -3.59 -52.32 -5.69
N LEU J 135 -3.40 -52.44 -4.37
CA LEU J 135 -2.67 -51.45 -3.57
C LEU J 135 -1.25 -51.90 -3.20
N LEU J 136 -0.28 -50.99 -3.41
CA LEU J 136 1.14 -51.16 -3.09
C LEU J 136 1.45 -50.19 -1.94
N ASN J 137 1.49 -50.70 -0.70
CA ASN J 137 1.71 -49.88 0.49
C ASN J 137 3.17 -49.76 0.91
N ASN J 138 3.60 -48.51 1.20
CA ASN J 138 4.92 -48.08 1.67
C ASN J 138 6.14 -48.77 1.03
N PHE J 139 6.67 -48.15 -0.04
CA PHE J 139 7.82 -48.69 -0.77
C PHE J 139 8.87 -47.64 -1.18
N TYR J 140 10.08 -48.12 -1.52
CA TYR J 140 11.21 -47.31 -1.96
C TYR J 140 12.19 -48.18 -2.79
N PRO J 141 12.61 -47.77 -4.01
CA PRO J 141 12.31 -46.53 -4.75
C PRO J 141 10.93 -46.48 -5.42
N ARG J 142 10.55 -45.31 -5.95
CA ARG J 142 9.26 -45.02 -6.61
C ARG J 142 8.91 -45.94 -7.80
N GLU J 143 9.90 -46.32 -8.62
CA GLU J 143 9.67 -47.13 -9.81
C GLU J 143 9.26 -48.58 -9.53
N ALA J 144 8.00 -48.90 -9.89
CA ALA J 144 7.39 -50.21 -9.71
C ALA J 144 6.50 -50.58 -10.91
N LYS J 145 6.43 -51.89 -11.25
CA LYS J 145 5.64 -52.39 -12.36
C LYS J 145 4.48 -53.26 -11.85
N VAL J 146 3.25 -52.94 -12.28
CA VAL J 146 2.02 -53.67 -11.90
C VAL J 146 1.36 -54.26 -13.15
N GLN J 147 1.18 -55.59 -13.17
CA GLN J 147 0.58 -56.29 -14.32
C GLN J 147 -0.64 -57.10 -13.90
N TRP J 148 -1.79 -56.80 -14.51
CA TRP J 148 -3.07 -57.43 -14.21
C TRP J 148 -3.38 -58.56 -15.14
N LYS J 149 -3.57 -59.74 -14.57
CA LYS J 149 -3.92 -60.95 -15.31
C LYS J 149 -5.27 -61.54 -14.91
N VAL J 150 -6.03 -61.99 -15.88
CA VAL J 150 -7.03 -63.01 -15.58
C VAL J 150 -6.72 -64.33 -16.26
N ASP J 151 -6.75 -65.37 -15.46
CA ASP J 151 -6.54 -66.70 -15.98
C ASP J 151 -5.23 -66.73 -16.78
N ASN J 152 -4.40 -65.73 -16.50
CA ASN J 152 -3.17 -65.48 -17.21
C ASN J 152 -3.43 -64.58 -18.40
N ALA J 153 -4.68 -64.14 -18.53
CA ALA J 153 -5.01 -63.15 -19.53
C ALA J 153 -4.70 -61.72 -19.08
N LEU J 154 -3.53 -61.21 -19.47
CA LEU J 154 -3.03 -59.91 -19.06
C LEU J 154 -3.93 -58.77 -19.48
N GLN J 155 -3.61 -57.55 -19.07
CA GLN J 155 -4.43 -56.42 -19.43
C GLN J 155 -3.65 -55.23 -19.89
N SER J 156 -4.28 -54.37 -20.66
CA SER J 156 -3.69 -53.11 -21.14
C SER J 156 -4.78 -52.10 -21.53
N GLY J 157 -4.48 -50.81 -21.29
CA GLY J 157 -5.37 -49.70 -21.59
C GLY J 157 -6.37 -49.39 -20.49
N ASN J 158 -7.19 -50.39 -20.11
CA ASN J 158 -8.22 -50.33 -19.07
C ASN J 158 -7.67 -49.91 -17.70
N SER J 159 -6.43 -50.31 -17.42
CA SER J 159 -5.71 -50.03 -16.17
C SER J 159 -5.32 -48.56 -16.04
N GLN J 160 -5.48 -48.01 -14.82
CA GLN J 160 -5.14 -46.64 -14.46
C GLN J 160 -4.48 -46.67 -13.08
N GLU J 161 -3.27 -46.11 -12.97
CA GLU J 161 -2.53 -46.11 -11.70
C GLU J 161 -2.21 -44.71 -11.17
N SER J 162 -2.29 -44.55 -9.84
CA SER J 162 -2.01 -43.30 -9.14
C SER J 162 -0.93 -43.49 -8.10
N VAL J 163 0.01 -42.52 -8.02
CA VAL J 163 1.12 -42.55 -7.07
C VAL J 163 1.08 -41.32 -6.16
N THR J 164 1.26 -41.53 -4.84
CA THR J 164 1.31 -40.46 -3.84
C THR J 164 2.68 -39.79 -3.88
N GLU J 165 2.81 -38.59 -3.27
CA GLU J 165 4.10 -37.90 -3.16
C GLU J 165 4.90 -38.59 -2.04
N GLN J 166 6.24 -38.38 -2.02
CA GLN J 166 7.11 -38.99 -1.02
C GLN J 166 6.73 -38.59 0.40
N ASP J 167 6.49 -39.60 1.27
CA ASP J 167 6.11 -39.41 2.68
C ASP J 167 7.22 -38.66 3.42
N SER J 168 6.84 -37.64 4.21
CA SER J 168 7.81 -36.82 4.93
C SER J 168 8.48 -37.54 6.10
N LYS J 169 7.72 -38.39 6.84
CA LYS J 169 8.24 -39.12 7.99
C LYS J 169 9.04 -40.40 7.68
N ASP J 170 8.45 -41.35 6.92
CA ASP J 170 9.13 -42.61 6.59
C ASP J 170 9.75 -42.68 5.17
N SER J 171 9.68 -41.57 4.41
CA SER J 171 10.24 -41.40 3.05
C SER J 171 9.85 -42.48 2.02
N THR J 172 8.60 -42.96 2.10
CA THR J 172 8.08 -44.01 1.21
C THR J 172 7.05 -43.50 0.19
N TYR J 173 6.69 -44.37 -0.77
CA TYR J 173 5.70 -44.12 -1.82
C TYR J 173 4.56 -45.13 -1.72
N SER J 174 3.43 -44.84 -2.39
CA SER J 174 2.25 -45.71 -2.43
C SER J 174 1.60 -45.68 -3.80
N LEU J 175 1.16 -46.86 -4.29
CA LEU J 175 0.53 -46.99 -5.61
C LEU J 175 -0.83 -47.67 -5.54
N SER J 176 -1.78 -47.17 -6.33
CA SER J 176 -3.13 -47.72 -6.43
C SER J 176 -3.46 -47.96 -7.91
N SER J 177 -3.42 -49.24 -8.32
CA SER J 177 -3.72 -49.64 -9.70
C SER J 177 -5.17 -50.11 -9.77
N THR J 178 -5.99 -49.42 -10.59
CA THR J 178 -7.41 -49.72 -10.73
C THR J 178 -7.75 -50.32 -12.10
N LEU J 179 -8.21 -51.58 -12.09
CA LEU J 179 -8.63 -52.30 -13.29
C LEU J 179 -10.13 -52.08 -13.50
N THR J 180 -10.52 -51.68 -14.71
CA THR J 180 -11.92 -51.42 -15.06
C THR J 180 -12.51 -52.46 -16.01
N LEU J 181 -13.55 -53.15 -15.51
CA LEU J 181 -14.17 -54.27 -16.17
C LEU J 181 -15.63 -54.17 -15.86
N SER J 182 -16.46 -54.15 -16.87
CA SER J 182 -17.88 -54.19 -16.61
C SER J 182 -18.27 -55.56 -16.14
N LYS J 183 -19.57 -55.69 -15.92
CA LYS J 183 -20.13 -56.81 -15.22
C LYS J 183 -20.28 -57.98 -16.13
N ALA J 184 -20.43 -57.66 -17.41
CA ALA J 184 -20.44 -58.61 -18.48
C ALA J 184 -19.17 -59.39 -18.41
N ASP J 185 -18.08 -58.69 -18.65
CA ASP J 185 -16.77 -59.33 -18.75
C ASP J 185 -16.29 -59.83 -17.41
N TYR J 186 -16.76 -59.21 -16.34
CA TYR J 186 -16.29 -59.58 -15.03
C TYR J 186 -16.94 -60.83 -14.48
N GLU J 187 -18.24 -60.99 -14.76
CA GLU J 187 -18.97 -62.12 -14.21
C GLU J 187 -18.50 -63.38 -14.90
N LYS J 188 -17.82 -63.21 -16.02
CA LYS J 188 -17.32 -64.30 -16.83
C LYS J 188 -16.17 -65.14 -16.26
N HIS J 189 -15.23 -64.57 -15.51
CA HIS J 189 -14.08 -65.36 -15.04
C HIS J 189 -13.95 -65.72 -13.56
N LYS J 190 -12.82 -66.30 -13.21
CA LYS J 190 -12.58 -66.77 -11.86
C LYS J 190 -11.44 -66.06 -11.20
N VAL J 191 -10.22 -66.35 -11.66
CA VAL J 191 -9.05 -65.75 -11.06
C VAL J 191 -8.79 -64.33 -11.55
N TYR J 192 -8.63 -63.46 -10.57
CA TYR J 192 -8.25 -62.05 -10.77
C TYR J 192 -7.03 -61.74 -9.93
N ALA J 193 -5.91 -61.39 -10.59
CA ALA J 193 -4.66 -61.11 -9.90
C ALA J 193 -3.86 -59.93 -10.45
N CYS J 194 -2.96 -59.39 -9.62
CA CYS J 194 -2.04 -58.31 -9.98
C CYS J 194 -0.62 -58.74 -9.56
N GLU J 195 0.31 -58.70 -10.52
CA GLU J 195 1.70 -59.07 -10.24
C GLU J 195 2.54 -57.82 -10.08
N VAL J 196 3.26 -57.72 -8.96
CA VAL J 196 4.07 -56.54 -8.62
C VAL J 196 5.57 -56.81 -8.74
N THR J 197 6.24 -55.98 -9.57
CA THR J 197 7.68 -56.03 -9.81
C THR J 197 8.31 -54.77 -9.21
N HIS J 198 9.24 -54.95 -8.27
CA HIS J 198 9.95 -53.86 -7.57
C HIS J 198 11.35 -54.31 -7.13
N GLN J 199 12.27 -53.34 -6.90
CA GLN J 199 13.66 -53.53 -6.45
C GLN J 199 13.75 -54.35 -5.15
N GLY J 200 12.77 -54.14 -4.27
CA GLY J 200 12.65 -54.83 -2.98
C GLY J 200 12.13 -56.24 -3.05
N LEU J 201 11.78 -56.73 -4.26
CA LEU J 201 11.28 -58.09 -4.49
C LEU J 201 12.20 -58.84 -5.45
N SER J 202 12.74 -60.00 -5.00
CA SER J 202 13.64 -60.86 -5.79
C SER J 202 12.86 -61.49 -6.94
N SER J 203 11.70 -62.08 -6.63
CA SER J 203 10.76 -62.68 -7.58
C SER J 203 9.42 -61.94 -7.41
N PRO J 204 8.69 -61.62 -8.52
CA PRO J 204 7.44 -60.85 -8.38
C PRO J 204 6.36 -61.48 -7.51
N VAL J 205 5.59 -60.63 -6.80
CA VAL J 205 4.51 -61.01 -5.89
C VAL J 205 3.15 -60.89 -6.61
N THR J 206 2.36 -61.99 -6.60
CA THR J 206 1.04 -62.05 -7.23
C THR J 206 -0.04 -62.26 -6.17
N LYS J 207 -1.04 -61.35 -6.13
CA LYS J 207 -2.16 -61.41 -5.19
C LYS J 207 -3.45 -61.73 -5.95
N SER J 208 -3.97 -62.96 -5.78
CA SER J 208 -5.17 -63.44 -6.48
C SER J 208 -6.39 -63.67 -5.61
N PHE J 209 -7.59 -63.51 -6.21
CA PHE J 209 -8.89 -63.75 -5.58
C PHE J 209 -9.82 -64.46 -6.56
N ASN J 210 -10.88 -65.12 -6.03
CA ASN J 210 -11.86 -65.83 -6.85
C ASN J 210 -13.21 -65.10 -6.91
N ARG J 211 -13.91 -65.21 -8.07
CA ARG J 211 -15.20 -64.63 -8.48
C ARG J 211 -15.04 -63.46 -9.45
N ASP K 1 26.47 -18.93 24.39
CA ASP K 1 26.62 -17.76 23.53
C ASP K 1 26.29 -18.09 22.08
N ILE K 2 25.53 -17.22 21.41
CA ILE K 2 25.17 -17.38 20.00
C ILE K 2 26.27 -16.71 19.18
N GLN K 3 27.02 -17.49 18.38
CA GLN K 3 28.08 -16.91 17.55
C GLN K 3 27.57 -16.58 16.15
N MET K 4 27.88 -15.35 15.69
CA MET K 4 27.48 -14.83 14.38
C MET K 4 28.59 -15.04 13.36
N THR K 5 28.29 -15.80 12.29
CA THR K 5 29.26 -16.06 11.23
C THR K 5 28.88 -15.23 10.00
N GLN K 6 29.79 -14.33 9.57
CA GLN K 6 29.57 -13.47 8.41
C GLN K 6 30.30 -13.98 7.17
N SER K 7 29.67 -13.84 5.99
CA SER K 7 30.23 -14.31 4.72
C SER K 7 29.97 -13.32 3.56
N PRO K 8 30.98 -12.99 2.71
CA PRO K 8 32.40 -13.39 2.77
C PRO K 8 33.20 -12.45 3.66
N SER K 9 34.49 -12.70 3.88
CA SER K 9 35.33 -11.82 4.71
C SER K 9 35.56 -10.48 3.99
N THR K 10 35.88 -10.53 2.68
CA THR K 10 36.12 -9.38 1.81
C THR K 10 35.30 -9.58 0.51
N LEU K 11 34.77 -8.48 -0.04
CA LEU K 11 33.97 -8.53 -1.26
C LEU K 11 34.33 -7.38 -2.21
N SER K 12 34.68 -7.74 -3.47
CA SER K 12 35.01 -6.79 -4.54
C SER K 12 33.75 -6.50 -5.34
N ALA K 13 33.41 -5.21 -5.52
CA ALA K 13 32.22 -4.80 -6.26
C ALA K 13 32.41 -3.45 -6.96
N SER K 14 31.71 -3.30 -8.11
CA SER K 14 31.70 -2.09 -8.93
C SER K 14 30.47 -1.24 -8.59
N VAL K 15 30.49 0.06 -8.95
CA VAL K 15 29.39 0.98 -8.72
C VAL K 15 28.18 0.60 -9.60
N GLY K 16 27.00 0.51 -8.99
CA GLY K 16 25.77 0.15 -9.68
C GLY K 16 25.40 -1.32 -9.59
N ASP K 17 26.30 -2.14 -9.03
CA ASP K 17 26.12 -3.58 -8.86
C ASP K 17 25.25 -3.94 -7.64
N ARG K 18 24.57 -5.09 -7.73
CA ARG K 18 23.75 -5.66 -6.68
C ARG K 18 24.72 -6.40 -5.76
N VAL K 19 24.66 -6.11 -4.45
CA VAL K 19 25.57 -6.69 -3.46
C VAL K 19 24.76 -7.42 -2.39
N THR K 20 25.08 -8.70 -2.16
CA THR K 20 24.42 -9.49 -1.13
C THR K 20 25.47 -10.06 -0.20
N ILE K 21 25.37 -9.73 1.10
CA ILE K 21 26.31 -10.18 2.12
C ILE K 21 25.63 -10.94 3.26
N THR K 22 25.94 -12.25 3.36
CA THR K 22 25.40 -13.26 4.27
C THR K 22 25.81 -13.11 5.75
N CYS K 23 24.99 -13.69 6.66
CA CYS K 23 25.16 -13.76 8.12
C CYS K 23 24.44 -15.03 8.61
N ARG K 24 25.09 -15.82 9.49
CA ARG K 24 24.57 -17.08 10.03
C ARG K 24 24.62 -17.12 11.56
N ALA K 25 23.54 -17.61 12.17
CA ALA K 25 23.40 -17.75 13.62
C ALA K 25 23.62 -19.20 14.06
N SER K 26 24.27 -19.38 15.23
CA SER K 26 24.55 -20.70 15.83
C SER K 26 23.25 -21.45 16.15
N GLU K 27 22.21 -20.69 16.51
CA GLU K 27 20.86 -21.18 16.84
C GLU K 27 19.83 -20.10 16.48
N GLY K 28 18.55 -20.48 16.50
CA GLY K 28 17.44 -19.59 16.18
C GLY K 28 17.45 -18.30 16.97
N ILE K 29 17.44 -17.16 16.24
CA ILE K 29 17.44 -15.82 16.84
C ILE K 29 16.21 -15.01 16.43
N TYR K 30 15.22 -15.68 15.80
CA TYR K 30 13.95 -15.10 15.28
C TYR K 30 14.30 -14.05 14.20
N HIS K 31 13.75 -12.83 14.28
CA HIS K 31 14.03 -11.76 13.33
C HIS K 31 14.95 -10.72 13.98
N ASN K 32 15.37 -10.99 15.23
CA ASN K 32 16.23 -10.12 16.03
C ASN K 32 17.67 -10.07 15.51
N LEU K 33 17.85 -9.42 14.36
CA LEU K 33 19.15 -9.21 13.74
C LEU K 33 19.27 -7.82 13.15
N ALA K 34 20.27 -7.06 13.63
CA ALA K 34 20.56 -5.69 13.17
C ALA K 34 21.76 -5.68 12.22
N TRP K 35 21.81 -4.70 11.29
CA TRP K 35 22.91 -4.52 10.35
C TRP K 35 23.53 -3.15 10.55
N TYR K 36 24.86 -3.12 10.63
CA TYR K 36 25.65 -1.90 10.87
C TYR K 36 26.64 -1.63 9.75
N GLN K 37 26.94 -0.35 9.53
CA GLN K 37 27.93 0.11 8.55
C GLN K 37 29.03 0.85 9.30
N GLN K 38 30.30 0.63 8.93
CA GLN K 38 31.42 1.30 9.57
C GLN K 38 32.50 1.68 8.58
N LYS K 39 32.91 2.95 8.60
CA LYS K 39 33.96 3.51 7.75
C LYS K 39 35.26 3.74 8.57
N PRO K 40 36.47 3.65 7.96
CA PRO K 40 37.71 3.82 8.73
C PRO K 40 37.80 5.12 9.54
N GLY K 41 38.01 4.94 10.85
CA GLY K 41 38.13 6.03 11.81
C GLY K 41 36.81 6.62 12.27
N LYS K 42 35.68 6.04 11.81
CA LYS K 42 34.32 6.49 12.13
C LYS K 42 33.57 5.47 12.99
N ALA K 43 32.58 5.95 13.78
CA ALA K 43 31.73 5.15 14.64
C ALA K 43 30.72 4.35 13.79
N PRO K 44 30.23 3.15 14.24
CA PRO K 44 29.26 2.40 13.42
C PRO K 44 27.92 3.13 13.23
N LYS K 45 27.20 2.76 12.17
CA LYS K 45 25.89 3.33 11.85
C LYS K 45 24.89 2.21 11.56
N LEU K 46 23.74 2.23 12.26
CA LEU K 46 22.66 1.25 12.08
C LEU K 46 21.95 1.50 10.75
N LEU K 47 21.80 0.44 9.94
CA LEU K 47 21.13 0.50 8.65
C LEU K 47 19.77 -0.21 8.68
N ILE K 48 19.77 -1.46 9.16
CA ILE K 48 18.63 -2.36 9.22
C ILE K 48 18.47 -2.89 10.65
N TYR K 49 17.23 -3.08 11.09
CA TYR K 49 16.86 -3.68 12.37
C TYR K 49 15.68 -4.63 12.11
N LYS K 50 15.41 -5.58 13.03
CA LYS K 50 14.33 -6.56 12.88
C LYS K 50 14.39 -7.29 11.51
N ALA K 51 15.61 -7.70 11.13
CA ALA K 51 15.98 -8.42 9.91
C ALA K 51 15.78 -7.70 8.57
N SER K 52 14.64 -6.99 8.37
CA SER K 52 14.29 -6.32 7.12
C SER K 52 13.84 -4.86 7.23
N SER K 53 13.56 -4.35 8.46
CA SER K 53 13.11 -2.97 8.68
C SER K 53 14.27 -1.99 8.57
N LEU K 54 14.09 -0.93 7.77
CA LEU K 54 15.11 0.10 7.55
C LEU K 54 15.09 1.15 8.65
N ALA K 55 16.28 1.51 9.14
CA ALA K 55 16.46 2.55 10.13
C ALA K 55 16.16 3.92 9.48
N SER K 56 15.74 4.91 10.29
CA SER K 56 15.40 6.26 9.84
C SER K 56 16.56 6.90 9.06
N GLY K 57 16.23 7.48 7.91
CA GLY K 57 17.18 8.17 7.04
C GLY K 57 18.01 7.30 6.11
N VAL K 58 17.91 5.96 6.22
CA VAL K 58 18.66 5.02 5.39
C VAL K 58 17.99 4.91 4.00
N PRO K 59 18.76 5.11 2.89
CA PRO K 59 18.17 5.03 1.54
C PRO K 59 17.61 3.65 1.16
N SER K 60 16.64 3.64 0.22
CA SER K 60 15.88 2.47 -0.26
C SER K 60 16.69 1.30 -0.84
N ARG K 61 17.93 1.55 -1.32
CA ARG K 61 18.80 0.50 -1.89
C ARG K 61 19.17 -0.60 -0.87
N PHE K 62 19.18 -0.25 0.43
CA PHE K 62 19.49 -1.19 1.50
C PHE K 62 18.25 -2.01 1.81
N SER K 63 18.39 -3.34 1.71
CA SER K 63 17.35 -4.33 1.91
C SER K 63 17.86 -5.41 2.88
N GLY K 64 16.93 -6.06 3.55
CA GLY K 64 17.22 -7.14 4.49
C GLY K 64 16.26 -8.30 4.32
N SER K 65 16.74 -9.53 4.57
CA SER K 65 15.93 -10.75 4.47
C SER K 65 16.41 -11.84 5.43
N ARG K 66 15.51 -12.78 5.77
CA ARG K 66 15.77 -13.91 6.66
C ARG K 66 15.41 -15.23 5.98
N SER K 67 16.30 -16.22 6.07
CA SER K 67 16.09 -17.57 5.54
C SER K 67 16.42 -18.59 6.65
N GLY K 68 15.49 -18.72 7.59
CA GLY K 68 15.61 -19.60 8.74
C GLY K 68 16.60 -19.04 9.74
N THR K 69 17.84 -19.56 9.70
CA THR K 69 18.95 -19.12 10.56
C THR K 69 19.93 -18.24 9.78
N GLU K 70 19.68 -18.06 8.46
CA GLU K 70 20.50 -17.27 7.55
C GLU K 70 19.89 -15.88 7.29
N PHE K 71 20.74 -14.85 7.33
CA PHE K 71 20.34 -13.46 7.11
C PHE K 71 21.23 -12.83 6.05
N THR K 72 20.65 -11.96 5.21
CA THR K 72 21.39 -11.29 4.13
C THR K 72 21.03 -9.82 4.01
N LEU K 73 22.06 -8.98 3.83
CA LEU K 73 21.92 -7.55 3.58
C LEU K 73 22.11 -7.34 2.09
N THR K 74 21.23 -6.53 1.46
CA THR K 74 21.32 -6.27 0.02
C THR K 74 21.40 -4.78 -0.30
N ILE K 75 22.29 -4.42 -1.23
CA ILE K 75 22.46 -3.07 -1.77
C ILE K 75 22.18 -3.21 -3.28
N SER K 76 20.93 -2.88 -3.70
CA SER K 76 20.44 -3.01 -5.08
C SER K 76 21.34 -2.34 -6.12
N SER K 77 21.74 -1.09 -5.86
CA SER K 77 22.65 -0.35 -6.73
C SER K 77 23.73 0.29 -5.85
N LEU K 78 24.90 -0.36 -5.78
CA LEU K 78 26.03 0.07 -4.97
C LEU K 78 26.53 1.44 -5.40
N GLN K 79 26.54 2.39 -4.45
CA GLN K 79 26.95 3.77 -4.66
C GLN K 79 28.36 4.01 -4.08
N PRO K 80 29.12 5.07 -4.52
CA PRO K 80 30.48 5.28 -3.96
C PRO K 80 30.55 5.44 -2.45
N ASP K 81 29.45 5.90 -1.83
CA ASP K 81 29.32 6.11 -0.39
C ASP K 81 29.14 4.79 0.37
N ASP K 82 28.78 3.70 -0.35
CA ASP K 82 28.54 2.39 0.23
C ASP K 82 29.79 1.54 0.46
N PHE K 83 30.99 2.07 0.15
CA PHE K 83 32.23 1.34 0.37
C PHE K 83 32.69 1.49 1.82
N ALA K 84 32.41 0.45 2.61
CA ALA K 84 32.69 0.37 4.05
C ALA K 84 32.67 -1.09 4.52
N THR K 85 32.71 -1.31 5.85
CA THR K 85 32.64 -2.62 6.49
C THR K 85 31.23 -2.78 7.08
N TYR K 86 30.64 -3.99 6.94
CA TYR K 86 29.29 -4.27 7.41
C TYR K 86 29.26 -5.38 8.46
N TYR K 87 28.55 -5.12 9.58
CA TYR K 87 28.41 -6.07 10.70
C TYR K 87 26.96 -6.43 10.97
N CYS K 88 26.70 -7.72 11.27
CA CYS K 88 25.38 -8.20 11.68
C CYS K 88 25.41 -8.47 13.18
N GLN K 89 24.40 -8.00 13.92
CA GLN K 89 24.32 -8.18 15.37
C GLN K 89 23.01 -8.85 15.76
N GLN K 90 23.05 -9.79 16.72
CA GLN K 90 21.85 -10.46 17.20
C GLN K 90 21.35 -9.85 18.52
N TYR K 91 20.01 -9.79 18.67
CA TYR K 91 19.40 -9.28 19.89
C TYR K 91 18.22 -10.14 20.37
N SER K 92 18.43 -11.47 20.34
CA SER K 92 17.47 -12.46 20.78
C SER K 92 17.75 -12.84 22.24
N ASN K 93 19.02 -13.04 22.59
CA ASN K 93 19.42 -13.38 23.95
C ASN K 93 20.73 -12.68 24.31
N TYR K 94 21.09 -12.71 25.60
CA TYR K 94 22.34 -12.14 26.10
C TYR K 94 23.42 -13.23 26.21
N PRO K 95 24.71 -12.93 25.91
CA PRO K 95 25.28 -11.63 25.52
C PRO K 95 24.96 -11.23 24.08
N LEU K 96 24.91 -9.91 23.82
CA LEU K 96 24.67 -9.36 22.49
C LEU K 96 25.92 -9.64 21.65
N THR K 97 25.74 -10.35 20.52
CA THR K 97 26.86 -10.75 19.68
C THR K 97 26.84 -10.21 18.26
N PHE K 98 28.01 -9.78 17.78
CA PHE K 98 28.24 -9.24 16.45
C PHE K 98 28.92 -10.28 15.56
N GLY K 99 28.88 -10.04 14.25
CA GLY K 99 29.53 -10.88 13.26
C GLY K 99 30.96 -10.44 13.02
N GLY K 100 31.72 -11.30 12.34
CA GLY K 100 33.12 -11.05 12.01
C GLY K 100 33.40 -9.80 11.21
N GLY K 101 32.44 -9.47 10.32
CA GLY K 101 32.51 -8.30 9.44
C GLY K 101 32.76 -8.66 7.99
N THR K 102 32.25 -7.84 7.06
CA THR K 102 32.40 -7.98 5.61
C THR K 102 32.81 -6.63 5.00
N LYS K 103 34.03 -6.55 4.46
CA LYS K 103 34.53 -5.33 3.84
C LYS K 103 34.12 -5.30 2.37
N VAL K 104 33.55 -4.16 1.94
CA VAL K 104 33.10 -3.93 0.57
C VAL K 104 34.11 -2.98 -0.09
N GLU K 105 34.95 -3.53 -0.98
CA GLU K 105 36.01 -2.81 -1.70
C GLU K 105 35.65 -2.56 -3.18
N ILE K 106 36.38 -1.64 -3.84
CA ILE K 106 36.16 -1.26 -5.23
C ILE K 106 36.73 -2.30 -6.19
N LYS K 107 35.88 -2.81 -7.11
CA LYS K 107 36.29 -3.75 -8.15
C LYS K 107 37.14 -3.00 -9.15
N ARG K 108 38.33 -3.54 -9.43
CA ARG K 108 39.36 -2.97 -10.27
C ARG K 108 39.92 -4.04 -11.20
N THR K 109 40.64 -3.66 -12.26
CA THR K 109 41.29 -4.62 -13.15
C THR K 109 42.53 -5.17 -12.44
N VAL K 110 42.91 -6.42 -12.71
CA VAL K 110 44.05 -7.08 -12.07
C VAL K 110 45.36 -6.34 -12.42
N ALA K 111 46.02 -5.80 -11.37
CA ALA K 111 47.27 -5.06 -11.52
C ALA K 111 48.40 -5.77 -10.78
N ALA K 112 49.49 -6.07 -11.48
CA ALA K 112 50.66 -6.73 -10.94
C ALA K 112 51.47 -5.75 -10.08
N PRO K 113 52.06 -6.20 -8.94
CA PRO K 113 52.82 -5.27 -8.11
C PRO K 113 54.20 -4.95 -8.66
N SER K 114 54.72 -3.78 -8.30
CA SER K 114 56.06 -3.32 -8.65
C SER K 114 56.92 -3.67 -7.43
N VAL K 115 57.83 -4.64 -7.58
CA VAL K 115 58.65 -5.14 -6.47
C VAL K 115 60.01 -4.46 -6.33
N PHE K 116 60.29 -3.96 -5.12
CA PHE K 116 61.53 -3.26 -4.79
C PHE K 116 62.10 -3.77 -3.49
N ILE K 117 63.32 -4.36 -3.54
CA ILE K 117 64.03 -4.85 -2.36
C ILE K 117 64.92 -3.71 -1.84
N PHE K 118 64.84 -3.44 -0.53
CA PHE K 118 65.62 -2.38 0.10
C PHE K 118 66.72 -2.90 0.99
N PRO K 119 68.00 -2.49 0.76
CA PRO K 119 69.08 -2.96 1.62
C PRO K 119 69.04 -2.29 3.01
N PRO K 120 69.55 -2.93 4.05
CA PRO K 120 69.64 -2.28 5.33
C PRO K 120 70.44 -1.03 5.22
N SER K 121 70.25 -0.11 6.12
CA SER K 121 70.82 1.19 5.96
C SER K 121 72.21 1.25 6.59
N ASP K 122 73.02 2.19 6.13
CA ASP K 122 74.36 2.36 6.66
C ASP K 122 74.31 3.29 7.85
N GLU K 123 73.13 3.34 8.45
CA GLU K 123 72.92 4.07 9.67
C GLU K 123 72.20 3.14 10.61
N GLN K 124 71.35 2.27 10.10
CA GLN K 124 70.63 1.32 10.91
C GLN K 124 71.53 0.12 11.21
N LEU K 125 72.78 0.24 10.81
CA LEU K 125 73.73 -0.82 10.99
C LEU K 125 74.85 -0.35 11.88
N LYS K 126 74.88 0.94 12.16
CA LYS K 126 75.67 1.39 13.26
C LYS K 126 75.00 1.07 14.59
N SER K 127 73.69 0.81 14.59
CA SER K 127 72.90 0.56 15.79
C SER K 127 73.00 -0.89 16.29
N GLY K 128 73.20 -1.83 15.37
CA GLY K 128 73.33 -3.25 15.69
C GLY K 128 72.28 -4.17 15.08
N THR K 129 71.24 -3.59 14.44
CA THR K 129 70.17 -4.34 13.78
C THR K 129 70.09 -4.05 12.28
N ALA K 130 69.65 -5.04 11.50
CA ALA K 130 69.50 -4.94 10.05
C ALA K 130 68.06 -5.30 9.64
N SER K 131 67.45 -4.46 8.80
CA SER K 131 66.09 -4.68 8.31
C SER K 131 65.97 -4.52 6.79
N VAL K 132 65.63 -5.63 6.11
CA VAL K 132 65.47 -5.71 4.66
C VAL K 132 63.98 -5.52 4.34
N VAL K 133 63.63 -4.42 3.66
CA VAL K 133 62.24 -4.09 3.32
C VAL K 133 61.93 -4.47 1.87
N CYS K 134 60.85 -5.25 1.67
CA CYS K 134 60.38 -5.67 0.35
C CYS K 134 59.08 -4.94 0.07
N LEU K 135 59.09 -4.02 -0.90
CA LEU K 135 57.93 -3.21 -1.28
C LEU K 135 57.18 -3.78 -2.48
N LEU K 136 55.85 -3.83 -2.38
CA LEU K 136 54.94 -4.27 -3.44
C LEU K 136 54.08 -3.05 -3.76
N ASN K 137 54.49 -2.28 -4.77
CA ASN K 137 53.81 -1.04 -5.16
C ASN K 137 52.65 -1.24 -6.13
N ASN K 138 51.51 -0.56 -5.83
CA ASN K 138 50.25 -0.53 -6.58
C ASN K 138 49.79 -1.83 -7.24
N PHE K 139 49.04 -2.66 -6.48
CA PHE K 139 48.53 -3.95 -6.96
C PHE K 139 47.06 -4.21 -6.67
N TYR K 140 46.48 -5.17 -7.40
CA TYR K 140 45.09 -5.60 -7.26
C TYR K 140 44.91 -7.07 -7.71
N PRO K 141 44.23 -7.94 -6.91
CA PRO K 141 43.61 -7.67 -5.60
C PRO K 141 44.59 -7.72 -4.44
N ARG K 142 44.10 -7.49 -3.20
CA ARG K 142 44.87 -7.48 -1.94
C ARG K 142 45.67 -8.76 -1.71
N GLU K 143 45.08 -9.93 -2.05
CA GLU K 143 45.66 -11.26 -1.88
C GLU K 143 47.01 -11.47 -2.61
N ALA K 144 48.12 -11.33 -1.86
CA ALA K 144 49.50 -11.48 -2.35
C ALA K 144 50.39 -12.11 -1.27
N LYS K 145 51.06 -13.22 -1.62
CA LYS K 145 51.94 -13.98 -0.74
C LYS K 145 53.40 -13.51 -0.89
N VAL K 146 54.04 -13.14 0.23
CA VAL K 146 55.44 -12.70 0.25
C VAL K 146 56.25 -13.69 1.10
N GLN K 147 57.33 -14.23 0.52
CA GLN K 147 58.19 -15.22 1.18
C GLN K 147 59.65 -14.75 1.22
N TRP K 148 60.29 -14.86 2.36
CA TRP K 148 61.66 -14.42 2.54
C TRP K 148 62.59 -15.61 2.46
N LYS K 149 63.67 -15.45 1.75
CA LYS K 149 64.55 -16.54 1.45
C LYS K 149 65.89 -16.00 1.78
N VAL K 150 66.55 -16.62 2.74
CA VAL K 150 67.98 -16.45 2.86
C VAL K 150 68.64 -17.72 2.36
N ASP K 151 69.68 -17.49 1.57
CA ASP K 151 70.45 -18.50 0.90
C ASP K 151 69.60 -19.64 0.47
N ASN K 152 68.39 -19.33 0.05
CA ASN K 152 67.46 -20.34 -0.44
C ASN K 152 66.80 -21.08 0.64
N ALA K 153 67.00 -20.63 1.86
CA ALA K 153 66.34 -21.26 2.96
C ALA K 153 65.27 -20.31 3.40
N LEU K 154 64.06 -20.83 3.40
CA LEU K 154 62.85 -20.11 3.62
C LEU K 154 62.58 -19.94 5.06
N GLN K 155 62.40 -18.69 5.42
CA GLN K 155 62.12 -18.26 6.76
C GLN K 155 60.69 -18.48 7.20
N SER K 156 60.46 -18.49 8.50
CA SER K 156 59.09 -18.62 8.97
C SER K 156 58.58 -17.62 10.02
N GLY K 157 59.41 -17.26 10.98
CA GLY K 157 58.99 -16.34 12.05
C GLY K 157 59.93 -15.21 12.39
N ASN K 158 60.15 -14.27 11.44
CA ASN K 158 61.01 -13.10 11.62
C ASN K 158 60.65 -11.89 10.72
N SER K 159 59.47 -11.93 10.06
CA SER K 159 59.01 -10.86 9.18
C SER K 159 57.64 -10.29 9.54
N GLN K 160 57.47 -8.96 9.34
CA GLN K 160 56.23 -8.22 9.60
C GLN K 160 55.72 -7.48 8.36
N GLU K 161 54.46 -7.72 7.99
CA GLU K 161 53.81 -7.10 6.82
C GLU K 161 52.93 -5.93 7.22
N SER K 162 52.76 -4.96 6.30
CA SER K 162 51.91 -3.79 6.48
C SER K 162 51.24 -3.45 5.15
N VAL K 163 49.90 -3.49 5.13
CA VAL K 163 49.11 -3.22 3.93
C VAL K 163 48.39 -1.88 4.06
N THR K 164 48.40 -1.07 3.00
CA THR K 164 47.69 0.20 2.96
C THR K 164 46.25 -0.06 2.52
N GLU K 165 45.30 0.77 2.97
CA GLU K 165 43.91 0.66 2.56
C GLU K 165 43.79 1.10 1.08
N GLN K 166 42.82 0.52 0.34
CA GLN K 166 42.53 0.77 -1.07
C GLN K 166 42.62 2.26 -1.44
N ASP K 167 43.56 2.61 -2.35
CA ASP K 167 43.87 3.97 -2.79
C ASP K 167 42.66 4.82 -3.21
N SER K 168 42.74 6.14 -2.91
CA SER K 168 41.71 7.14 -3.21
C SER K 168 41.49 7.33 -4.71
N LYS K 169 42.57 7.27 -5.51
CA LYS K 169 42.51 7.48 -6.95
C LYS K 169 42.53 6.20 -7.79
N ASP K 170 43.58 5.36 -7.66
CA ASP K 170 43.70 4.16 -8.48
C ASP K 170 43.17 2.82 -7.90
N SER K 171 42.54 2.84 -6.71
CA SER K 171 41.94 1.67 -6.03
C SER K 171 42.88 0.46 -5.86
N THR K 172 44.20 0.72 -5.78
CA THR K 172 45.23 -0.31 -5.62
C THR K 172 45.74 -0.39 -4.18
N TYR K 173 46.37 -1.52 -3.83
CA TYR K 173 46.94 -1.78 -2.52
C TYR K 173 48.46 -1.73 -2.60
N SER K 174 49.11 -1.53 -1.46
CA SER K 174 50.56 -1.52 -1.33
C SER K 174 50.94 -2.31 -0.09
N LEU K 175 51.96 -3.17 -0.21
CA LEU K 175 52.44 -4.03 0.88
C LEU K 175 53.92 -3.81 1.12
N SER K 176 54.34 -3.93 2.38
CA SER K 176 55.74 -3.84 2.79
C SER K 176 56.02 -4.88 3.86
N SER K 177 56.82 -5.90 3.49
CA SER K 177 57.22 -6.97 4.40
C SER K 177 58.63 -6.67 4.88
N THR K 178 58.79 -6.48 6.20
CA THR K 178 60.08 -6.15 6.81
C THR K 178 60.65 -7.33 7.60
N LEU K 179 61.81 -7.84 7.14
CA LEU K 179 62.53 -8.93 7.80
C LEU K 179 63.58 -8.33 8.74
N THR K 180 63.54 -8.73 10.03
CA THR K 180 64.48 -8.23 11.03
C THR K 180 65.44 -9.34 11.48
N LEU K 181 66.72 -9.04 11.45
CA LEU K 181 67.74 -10.00 11.74
C LEU K 181 68.85 -9.30 12.44
N SER K 182 69.54 -10.03 13.29
CA SER K 182 70.64 -9.44 14.00
C SER K 182 71.77 -9.28 13.03
N LYS K 183 72.42 -8.12 13.05
CA LYS K 183 73.33 -7.73 12.00
C LYS K 183 74.37 -8.84 11.93
N ALA K 184 74.75 -9.29 13.09
CA ALA K 184 75.65 -10.39 13.23
C ALA K 184 75.05 -11.63 12.63
N ASP K 185 73.77 -11.83 12.81
CA ASP K 185 73.06 -12.87 12.10
C ASP K 185 72.88 -12.55 10.62
N TYR K 186 72.78 -11.27 10.33
CA TYR K 186 72.70 -10.81 8.97
C TYR K 186 73.98 -11.22 8.28
N GLU K 187 75.10 -11.07 8.95
CA GLU K 187 76.37 -11.38 8.36
C GLU K 187 76.74 -12.81 8.17
N LYS K 188 75.98 -13.69 8.77
CA LYS K 188 76.06 -15.14 8.54
C LYS K 188 75.59 -15.64 7.15
N HIS K 189 74.83 -14.84 6.43
CA HIS K 189 74.37 -15.25 5.15
C HIS K 189 74.66 -14.29 4.02
N LYS K 190 74.59 -14.81 2.79
CA LYS K 190 74.91 -14.09 1.55
C LYS K 190 73.69 -13.55 0.79
N VAL K 191 72.83 -14.45 0.27
CA VAL K 191 71.66 -14.09 -0.53
C VAL K 191 70.45 -13.71 0.35
N TYR K 192 69.90 -12.50 0.13
CA TYR K 192 68.73 -11.98 0.84
C TYR K 192 67.71 -11.54 -0.21
N ALA K 193 66.63 -12.33 -0.35
CA ALA K 193 65.62 -12.08 -1.38
C ALA K 193 64.19 -12.31 -0.91
N CYS K 194 63.23 -11.61 -1.56
CA CYS K 194 61.81 -11.77 -1.32
C CYS K 194 61.13 -12.28 -2.58
N GLU K 195 60.35 -13.37 -2.44
CA GLU K 195 59.64 -14.01 -3.53
C GLU K 195 58.15 -13.69 -3.39
N VAL K 196 57.57 -13.03 -4.39
CA VAL K 196 56.16 -12.65 -4.35
C VAL K 196 55.27 -13.50 -5.27
N THR K 197 54.10 -13.88 -4.76
CA THR K 197 53.11 -14.67 -5.50
C THR K 197 51.82 -13.86 -5.57
N HIS K 198 51.54 -13.29 -6.76
CA HIS K 198 50.36 -12.48 -7.00
C HIS K 198 49.69 -12.88 -8.31
N GLN K 199 48.35 -12.76 -8.35
CA GLN K 199 47.46 -13.04 -9.47
C GLN K 199 47.90 -12.38 -10.79
N GLY K 200 48.38 -11.13 -10.70
CA GLY K 200 48.85 -10.34 -11.83
C GLY K 200 50.17 -10.78 -12.42
N LEU K 201 50.85 -11.74 -11.77
CA LEU K 201 52.14 -12.26 -12.21
C LEU K 201 52.00 -13.70 -12.73
N SER K 202 52.53 -13.95 -13.95
CA SER K 202 52.51 -15.27 -14.60
C SER K 202 53.36 -16.28 -13.83
N SER K 203 54.47 -15.80 -13.24
CA SER K 203 55.42 -16.58 -12.45
C SER K 203 55.92 -15.74 -11.24
N PRO K 204 56.34 -16.36 -10.11
CA PRO K 204 56.77 -15.55 -8.95
C PRO K 204 58.06 -14.74 -9.17
N VAL K 205 57.96 -13.41 -8.98
CA VAL K 205 59.07 -12.47 -9.12
C VAL K 205 59.92 -12.49 -7.85
N THR K 206 61.21 -12.83 -8.00
CA THR K 206 62.18 -12.91 -6.90
C THR K 206 63.21 -11.81 -7.05
N LYS K 207 63.12 -10.77 -6.21
CA LYS K 207 64.07 -9.65 -6.20
C LYS K 207 65.14 -9.92 -5.13
N SER K 208 66.41 -9.90 -5.53
CA SER K 208 67.55 -10.17 -4.66
C SER K 208 68.50 -8.98 -4.51
N PHE K 209 69.47 -9.09 -3.58
CA PHE K 209 70.54 -8.12 -3.31
C PHE K 209 71.72 -8.79 -2.59
N ASN K 210 72.95 -8.50 -3.03
CA ASN K 210 74.17 -9.03 -2.44
C ASN K 210 74.87 -7.95 -1.63
N ARG K 211 75.13 -8.24 -0.32
CA ARG K 211 75.78 -7.38 0.67
C ARG K 211 75.36 -5.90 0.68
N ASP L 1 -41.14 -0.56 -13.48
CA ASP L 1 -40.35 0.52 -14.05
C ASP L 1 -40.77 1.89 -13.51
N ILE L 2 -39.99 2.40 -12.54
CA ILE L 2 -40.25 3.69 -11.90
C ILE L 2 -39.54 4.79 -12.70
N GLN L 3 -40.31 5.64 -13.39
CA GLN L 3 -39.80 6.75 -14.20
C GLN L 3 -39.27 7.87 -13.30
N MET L 4 -38.13 8.47 -13.68
CA MET L 4 -37.52 9.56 -12.92
C MET L 4 -37.46 10.82 -13.79
N THR L 5 -38.22 11.87 -13.39
CA THR L 5 -38.31 13.14 -14.11
C THR L 5 -37.60 14.23 -13.29
N GLN L 6 -36.67 14.98 -13.94
CA GLN L 6 -35.92 16.04 -13.29
C GLN L 6 -36.31 17.43 -13.76
N SER L 7 -36.42 18.37 -12.82
CA SER L 7 -36.84 19.74 -13.13
C SER L 7 -35.99 20.83 -12.43
N PRO L 8 -35.48 21.83 -13.19
CA PRO L 8 -35.59 22.00 -14.65
C PRO L 8 -34.55 21.17 -15.41
N SER L 9 -34.56 21.24 -16.76
CA SER L 9 -33.61 20.51 -17.59
C SER L 9 -32.25 21.22 -17.58
N THR L 10 -32.27 22.57 -17.49
CA THR L 10 -31.12 23.47 -17.42
C THR L 10 -31.44 24.60 -16.44
N LEU L 11 -30.47 24.94 -15.58
CA LEU L 11 -30.64 26.00 -14.59
C LEU L 11 -29.45 26.97 -14.57
N SER L 12 -29.74 28.26 -14.80
CA SER L 12 -28.76 29.35 -14.84
C SER L 12 -28.68 30.06 -13.49
N ALA L 13 -27.49 29.97 -12.85
CA ALA L 13 -27.26 30.58 -11.54
C ALA L 13 -25.90 31.25 -11.41
N SER L 14 -25.79 32.21 -10.49
CA SER L 14 -24.56 32.94 -10.20
C SER L 14 -23.88 32.36 -8.95
N VAL L 15 -22.59 32.70 -8.75
CA VAL L 15 -21.83 32.25 -7.58
C VAL L 15 -22.41 32.94 -6.33
N GLY L 16 -22.81 32.14 -5.35
CA GLY L 16 -23.40 32.61 -4.10
C GLY L 16 -24.90 32.46 -4.03
N ASP L 17 -25.54 32.10 -5.17
CA ASP L 17 -26.99 31.91 -5.29
C ASP L 17 -27.47 30.68 -4.54
N ARG L 18 -28.76 30.70 -4.15
CA ARG L 18 -29.47 29.58 -3.53
C ARG L 18 -30.05 28.80 -4.71
N VAL L 19 -29.65 27.54 -4.85
CA VAL L 19 -30.09 26.68 -5.95
C VAL L 19 -30.88 25.49 -5.44
N THR L 20 -32.07 25.26 -6.03
CA THR L 20 -32.92 24.12 -5.69
C THR L 20 -33.38 23.43 -6.97
N ILE L 21 -33.05 22.15 -7.09
CA ILE L 21 -33.44 21.34 -8.25
C ILE L 21 -34.35 20.20 -7.82
N THR L 22 -35.36 19.88 -8.64
CA THR L 22 -36.37 18.88 -8.30
C THR L 22 -36.24 17.54 -9.07
N CYS L 23 -36.70 16.46 -8.42
CA CYS L 23 -36.75 15.09 -8.93
C CYS L 23 -38.07 14.46 -8.44
N ARG L 24 -38.93 14.04 -9.38
CA ARG L 24 -40.22 13.40 -9.08
C ARG L 24 -40.19 11.92 -9.51
N ALA L 25 -40.78 11.04 -8.69
CA ALA L 25 -40.85 9.59 -8.92
C ALA L 25 -42.24 9.14 -9.42
N SER L 26 -42.29 8.02 -10.18
CA SER L 26 -43.53 7.45 -10.70
C SER L 26 -44.36 6.78 -9.59
N GLU L 27 -43.69 6.00 -8.72
CA GLU L 27 -44.29 5.31 -7.58
C GLU L 27 -43.60 5.76 -6.29
N GLY L 28 -44.06 5.23 -5.16
CA GLY L 28 -43.48 5.52 -3.84
C GLY L 28 -42.13 4.86 -3.73
N ILE L 29 -41.07 5.67 -3.62
CA ILE L 29 -39.70 5.14 -3.53
C ILE L 29 -39.10 5.28 -2.12
N TYR L 30 -39.94 5.66 -1.13
CA TYR L 30 -39.59 5.86 0.28
C TYR L 30 -38.53 6.94 0.42
N HIS L 31 -37.43 6.65 1.13
CA HIS L 31 -36.31 7.57 1.32
C HIS L 31 -35.12 7.12 0.45
N ASN L 32 -35.33 6.06 -0.35
CA ASN L 32 -34.33 5.47 -1.24
C ASN L 32 -34.10 6.32 -2.49
N LEU L 33 -33.43 7.46 -2.31
CA LEU L 33 -33.08 8.37 -3.40
C LEU L 33 -31.69 8.97 -3.19
N ALA L 34 -30.82 8.77 -4.19
CA ALA L 34 -29.45 9.28 -4.22
C ALA L 34 -29.27 10.36 -5.28
N TRP L 35 -28.41 11.34 -4.99
CA TRP L 35 -28.08 12.45 -5.88
C TRP L 35 -26.62 12.32 -6.32
N TYR L 36 -26.37 12.52 -7.62
CA TYR L 36 -25.04 12.42 -8.22
C TYR L 36 -24.65 13.70 -8.95
N GLN L 37 -23.37 14.07 -8.85
CA GLN L 37 -22.79 15.23 -9.54
C GLN L 37 -21.88 14.70 -10.64
N GLN L 38 -21.99 15.26 -11.86
CA GLN L 38 -21.13 14.84 -12.95
C GLN L 38 -20.65 16.03 -13.77
N LYS L 39 -19.33 16.12 -13.95
CA LYS L 39 -18.67 17.15 -14.75
C LYS L 39 -18.29 16.54 -16.11
N PRO L 40 -18.30 17.33 -17.23
CA PRO L 40 -17.95 16.75 -18.55
C PRO L 40 -16.57 16.10 -18.64
N GLY L 41 -16.53 14.90 -19.21
CA GLY L 41 -15.31 14.11 -19.36
C GLY L 41 -14.82 13.53 -18.04
N LYS L 42 -15.73 13.38 -17.07
CA LYS L 42 -15.45 12.84 -15.72
C LYS L 42 -16.56 11.90 -15.22
N ALA L 43 -16.21 11.03 -14.26
CA ALA L 43 -17.09 10.05 -13.63
C ALA L 43 -18.08 10.71 -12.64
N PRO L 44 -19.28 10.13 -12.40
CA PRO L 44 -20.21 10.75 -11.43
C PRO L 44 -19.73 10.63 -9.99
N LYS L 45 -20.22 11.54 -9.12
CA LYS L 45 -19.85 11.60 -7.70
C LYS L 45 -21.11 11.64 -6.85
N LEU L 46 -21.23 10.71 -5.87
CA LEU L 46 -22.35 10.66 -4.95
C LEU L 46 -22.29 11.83 -3.97
N LEU L 47 -23.35 12.65 -3.93
CA LEU L 47 -23.45 13.80 -3.04
C LEU L 47 -24.32 13.48 -1.85
N ILE L 48 -25.59 13.12 -2.11
CA ILE L 48 -26.62 12.81 -1.13
C ILE L 48 -27.12 11.38 -1.34
N TYR L 49 -27.36 10.66 -0.22
CA TYR L 49 -27.94 9.31 -0.20
C TYR L 49 -29.06 9.32 0.85
N LYS L 50 -29.95 8.31 0.82
CA LYS L 50 -31.11 8.19 1.72
C LYS L 50 -31.91 9.50 1.81
N ALA L 51 -32.19 10.10 0.62
CA ALA L 51 -32.93 11.35 0.39
C ALA L 51 -32.31 12.62 0.96
N SER L 52 -31.70 12.55 2.17
CA SER L 52 -31.14 13.72 2.85
C SER L 52 -29.76 13.56 3.53
N SER L 53 -29.13 12.37 3.46
CA SER L 53 -27.83 12.15 4.11
C SER L 53 -26.65 12.51 3.20
N LEU L 54 -25.68 13.28 3.73
CA LEU L 54 -24.48 13.66 3.00
C LEU L 54 -23.45 12.54 3.01
N ALA L 55 -22.80 12.31 1.87
CA ALA L 55 -21.73 11.32 1.70
C ALA L 55 -20.39 11.98 2.11
N SER L 56 -19.37 11.16 2.40
CA SER L 56 -18.04 11.64 2.81
C SER L 56 -17.32 12.42 1.71
N GLY L 57 -16.70 13.54 2.09
CA GLY L 57 -15.99 14.43 1.19
C GLY L 57 -16.85 15.54 0.62
N VAL L 58 -18.19 15.33 0.61
CA VAL L 58 -19.17 16.28 0.09
C VAL L 58 -19.38 17.44 1.08
N PRO L 59 -19.16 18.70 0.65
CA PRO L 59 -19.33 19.85 1.57
C PRO L 59 -20.77 20.11 2.03
N SER L 60 -20.90 20.79 3.19
CA SER L 60 -22.15 21.14 3.88
C SER L 60 -23.23 21.91 3.08
N ARG L 61 -22.86 22.60 1.99
CA ARG L 61 -23.81 23.38 1.18
C ARG L 61 -24.90 22.54 0.48
N PHE L 62 -24.59 21.26 0.17
CA PHE L 62 -25.52 20.34 -0.46
C PHE L 62 -26.48 19.74 0.57
N SER L 63 -27.79 19.94 0.38
CA SER L 63 -28.80 19.40 1.29
C SER L 63 -29.96 18.78 0.53
N GLY L 64 -30.36 17.60 0.95
CA GLY L 64 -31.47 16.86 0.36
C GLY L 64 -32.74 16.96 1.18
N SER L 65 -33.90 16.75 0.53
CA SER L 65 -35.21 16.82 1.18
C SER L 65 -36.26 16.00 0.43
N ARG L 66 -37.17 15.35 1.18
CA ARG L 66 -38.26 14.55 0.64
C ARG L 66 -39.63 15.12 1.03
N SER L 67 -40.51 15.28 0.03
CA SER L 67 -41.89 15.73 0.21
C SER L 67 -42.81 14.73 -0.52
N GLY L 68 -43.05 13.61 0.13
CA GLY L 68 -43.85 12.50 -0.41
C GLY L 68 -43.14 11.80 -1.54
N THR L 69 -43.50 12.16 -2.79
CA THR L 69 -42.91 11.62 -4.01
C THR L 69 -41.98 12.67 -4.69
N GLU L 70 -42.10 13.95 -4.26
CA GLU L 70 -41.27 15.07 -4.70
C GLU L 70 -39.97 15.08 -3.88
N PHE L 71 -38.82 15.27 -4.55
CA PHE L 71 -37.49 15.31 -3.92
C PHE L 71 -36.69 16.50 -4.40
N THR L 72 -35.98 17.20 -3.49
CA THR L 72 -35.16 18.37 -3.84
C THR L 72 -33.70 18.28 -3.40
N LEU L 73 -32.81 18.89 -4.21
CA LEU L 73 -31.38 19.04 -3.96
C LEU L 73 -31.10 20.54 -3.88
N THR L 74 -30.64 21.01 -2.71
CA THR L 74 -30.37 22.42 -2.46
C THR L 74 -28.88 22.70 -2.24
N ILE L 75 -28.40 23.82 -2.81
CA ILE L 75 -27.04 24.32 -2.64
C ILE L 75 -27.21 25.71 -1.99
N SER L 76 -26.92 25.81 -0.69
CA SER L 76 -27.08 27.04 0.11
C SER L 76 -26.37 28.25 -0.50
N SER L 77 -25.09 28.07 -0.89
CA SER L 77 -24.28 29.13 -1.51
C SER L 77 -23.45 28.50 -2.63
N LEU L 78 -23.94 28.63 -3.87
CA LEU L 78 -23.30 28.07 -5.07
C LEU L 78 -21.87 28.57 -5.24
N GLN L 79 -20.93 27.62 -5.29
CA GLN L 79 -19.50 27.89 -5.43
C GLN L 79 -19.05 27.62 -6.89
N PRO L 80 -17.90 28.16 -7.36
CA PRO L 80 -17.48 27.91 -8.76
C PRO L 80 -17.31 26.45 -9.15
N ASP L 81 -17.06 25.56 -8.16
CA ASP L 81 -16.88 24.11 -8.32
C ASP L 81 -18.24 23.42 -8.56
N ASP L 82 -19.34 24.05 -8.12
CA ASP L 82 -20.70 23.51 -8.22
C ASP L 82 -21.36 23.52 -9.62
N PHE L 83 -20.69 24.08 -10.65
CA PHE L 83 -21.25 24.09 -12.00
C PHE L 83 -20.99 22.74 -12.66
N ALA L 84 -22.05 21.90 -12.75
CA ALA L 84 -22.02 20.54 -13.30
C ALA L 84 -23.45 20.03 -13.58
N THR L 85 -23.57 18.74 -13.96
CA THR L 85 -24.86 18.08 -14.24
C THR L 85 -25.25 17.26 -13.01
N TYR L 86 -26.54 17.31 -12.63
CA TYR L 86 -27.02 16.61 -11.46
C TYR L 86 -28.08 15.57 -11.78
N TYR L 87 -27.85 14.32 -11.34
CA TYR L 87 -28.77 13.20 -11.55
C TYR L 87 -29.29 12.65 -10.24
N CYS L 88 -30.59 12.32 -10.22
CA CYS L 88 -31.21 11.66 -9.08
C CYS L 88 -31.36 10.20 -9.44
N GLN L 89 -31.30 9.30 -8.45
CA GLN L 89 -31.41 7.86 -8.69
C GLN L 89 -32.20 7.20 -7.56
N GLN L 90 -33.07 6.26 -7.92
CA GLN L 90 -33.86 5.50 -6.95
C GLN L 90 -33.24 4.13 -6.71
N TYR L 91 -33.41 3.61 -5.49
CA TYR L 91 -32.94 2.29 -5.11
C TYR L 91 -33.94 1.61 -4.18
N SER L 92 -35.23 1.68 -4.57
CA SER L 92 -36.35 1.09 -3.86
C SER L 92 -36.73 -0.25 -4.49
N ASN L 93 -36.73 -0.31 -5.84
CA ASN L 93 -37.05 -1.52 -6.62
C ASN L 93 -36.20 -1.61 -7.90
N TYR L 94 -36.27 -2.77 -8.58
CA TYR L 94 -35.55 -3.03 -9.83
C TYR L 94 -36.45 -2.88 -11.07
N PRO L 95 -35.94 -2.31 -12.19
CA PRO L 95 -34.58 -1.80 -12.40
C PRO L 95 -34.30 -0.47 -11.71
N LEU L 96 -33.01 -0.21 -11.42
CA LEU L 96 -32.56 1.02 -10.77
C LEU L 96 -32.57 2.13 -11.83
N THR L 97 -33.44 3.13 -11.63
CA THR L 97 -33.61 4.22 -12.59
C THR L 97 -33.02 5.56 -12.15
N PHE L 98 -32.51 6.32 -13.13
CA PHE L 98 -31.89 7.65 -12.98
C PHE L 98 -32.78 8.72 -13.62
N GLY L 99 -32.69 9.94 -13.10
CA GLY L 99 -33.39 11.09 -13.65
C GLY L 99 -32.72 11.59 -14.89
N GLY L 100 -33.44 12.36 -15.70
CA GLY L 100 -32.94 12.91 -16.97
C GLY L 100 -31.64 13.67 -16.88
N GLY L 101 -31.50 14.43 -15.79
CA GLY L 101 -30.34 15.27 -15.51
C GLY L 101 -30.69 16.74 -15.57
N THR L 102 -30.08 17.53 -14.68
CA THR L 102 -30.25 19.00 -14.62
C THR L 102 -28.88 19.63 -14.77
N LYS L 103 -28.73 20.52 -15.75
CA LYS L 103 -27.47 21.21 -15.98
C LYS L 103 -27.44 22.55 -15.25
N VAL L 104 -26.44 22.72 -14.37
CA VAL L 104 -26.25 23.97 -13.63
C VAL L 104 -25.15 24.74 -14.36
N GLU L 105 -25.52 25.86 -15.00
CA GLU L 105 -24.61 26.70 -15.78
C GLU L 105 -24.47 28.11 -15.21
N ILE L 106 -23.37 28.80 -15.57
CA ILE L 106 -23.10 30.18 -15.14
C ILE L 106 -24.08 31.12 -15.83
N LYS L 107 -24.84 31.88 -15.03
CA LYS L 107 -25.82 32.83 -15.54
C LYS L 107 -25.12 34.12 -15.94
N ARG L 108 -25.43 34.59 -17.16
CA ARG L 108 -24.94 35.83 -17.72
C ARG L 108 -26.07 36.46 -18.55
N THR L 109 -25.87 37.72 -18.98
CA THR L 109 -26.82 38.45 -19.81
C THR L 109 -26.94 37.80 -21.20
N VAL L 110 -28.06 38.01 -21.89
CA VAL L 110 -28.29 37.43 -23.22
C VAL L 110 -27.32 38.07 -24.24
N ALA L 111 -26.59 37.22 -24.97
CA ALA L 111 -25.64 37.64 -26.00
C ALA L 111 -25.97 36.92 -27.31
N ALA L 112 -26.21 37.69 -28.37
CA ALA L 112 -26.53 37.14 -29.69
C ALA L 112 -25.24 36.59 -30.34
N PRO L 113 -25.31 35.51 -31.17
CA PRO L 113 -24.08 35.00 -31.78
C PRO L 113 -23.56 35.85 -32.93
N SER L 114 -22.25 35.75 -33.20
CA SER L 114 -21.60 36.40 -34.33
C SER L 114 -21.56 35.32 -35.40
N VAL L 115 -22.34 35.49 -36.48
CA VAL L 115 -22.44 34.48 -37.53
C VAL L 115 -21.41 34.66 -38.65
N PHE L 116 -20.69 33.57 -38.98
CA PHE L 116 -19.67 33.50 -40.03
C PHE L 116 -19.93 32.28 -40.91
N ILE L 117 -19.72 32.43 -42.24
CA ILE L 117 -19.90 31.35 -43.21
C ILE L 117 -18.60 31.07 -43.98
N PHE L 118 -18.22 29.79 -44.08
CA PHE L 118 -17.00 29.38 -44.78
C PHE L 118 -17.27 28.55 -46.04
N PRO L 119 -16.82 29.01 -47.22
CA PRO L 119 -17.02 28.21 -48.44
C PRO L 119 -16.02 27.04 -48.50
N PRO L 120 -16.32 25.93 -49.21
CA PRO L 120 -15.34 24.83 -49.27
C PRO L 120 -14.03 25.28 -49.91
N SER L 121 -12.91 24.84 -49.34
CA SER L 121 -11.57 25.18 -49.81
C SER L 121 -11.27 24.46 -51.11
N ASP L 122 -10.53 25.14 -52.03
CA ASP L 122 -10.12 24.59 -53.33
C ASP L 122 -9.32 23.29 -53.15
N GLU L 123 -8.66 23.14 -51.99
CA GLU L 123 -7.87 21.98 -51.58
C GLU L 123 -8.83 20.78 -51.39
N GLN L 124 -9.96 21.01 -50.68
CA GLN L 124 -10.99 20.01 -50.40
C GLN L 124 -11.80 19.64 -51.64
N LEU L 125 -12.10 20.64 -52.49
CA LEU L 125 -12.87 20.46 -53.74
C LEU L 125 -12.17 19.53 -54.74
N LYS L 126 -10.84 19.33 -54.59
CA LYS L 126 -10.04 18.45 -55.44
C LYS L 126 -10.32 16.98 -55.13
N SER L 127 -10.58 16.66 -53.84
CA SER L 127 -10.88 15.30 -53.37
C SER L 127 -12.26 14.79 -53.83
N GLY L 128 -13.15 15.72 -54.19
CA GLY L 128 -14.50 15.42 -54.64
C GLY L 128 -15.57 15.61 -53.58
N THR L 129 -15.23 16.31 -52.49
CA THR L 129 -16.11 16.58 -51.35
C THR L 129 -16.16 18.08 -51.06
N ALA L 130 -17.33 18.57 -50.63
CA ALA L 130 -17.53 19.98 -50.30
C ALA L 130 -18.18 20.14 -48.93
N SER L 131 -17.47 20.80 -48.01
CA SER L 131 -17.95 21.04 -46.65
C SER L 131 -18.10 22.54 -46.39
N VAL L 132 -19.33 22.97 -46.11
CA VAL L 132 -19.68 24.36 -45.83
C VAL L 132 -19.78 24.50 -44.31
N VAL L 133 -19.06 25.44 -43.72
CA VAL L 133 -19.02 25.64 -42.27
C VAL L 133 -19.69 26.95 -41.84
N CYS L 134 -20.63 26.85 -40.88
CA CYS L 134 -21.33 28.00 -40.29
C CYS L 134 -20.87 28.14 -38.85
N LEU L 135 -20.32 29.31 -38.50
CA LEU L 135 -19.83 29.57 -37.16
C LEU L 135 -20.70 30.57 -36.39
N LEU L 136 -21.16 30.15 -35.19
CA LEU L 136 -21.97 30.94 -34.27
C LEU L 136 -21.07 31.17 -33.07
N ASN L 137 -20.49 32.36 -33.00
CA ASN L 137 -19.50 32.75 -32.01
C ASN L 137 -20.05 33.46 -30.78
N ASN L 138 -19.47 33.11 -29.60
CA ASN L 138 -19.75 33.63 -28.25
C ASN L 138 -21.19 34.08 -28.00
N PHE L 139 -22.08 33.12 -27.74
CA PHE L 139 -23.50 33.39 -27.51
C PHE L 139 -24.05 32.84 -26.19
N TYR L 140 -25.13 33.46 -25.70
CA TYR L 140 -25.84 33.05 -24.49
C TYR L 140 -27.34 33.37 -24.60
N PRO L 141 -28.21 32.40 -24.46
CA PRO L 141 -27.93 31.07 -23.92
C PRO L 141 -27.53 30.02 -24.92
N ARG L 142 -27.32 28.81 -24.46
CA ARG L 142 -26.97 27.71 -25.35
C ARG L 142 -27.89 27.41 -26.51
N GLU L 143 -29.10 27.88 -26.40
CA GLU L 143 -30.17 27.50 -27.26
C GLU L 143 -30.15 28.25 -28.57
N ALA L 144 -29.75 27.56 -29.62
CA ALA L 144 -29.71 28.08 -30.96
C ALA L 144 -30.25 27.10 -31.94
N LYS L 145 -30.81 27.61 -33.02
CA LYS L 145 -31.35 26.86 -34.16
C LYS L 145 -30.62 27.30 -35.43
N VAL L 146 -30.05 26.34 -36.18
CA VAL L 146 -29.32 26.60 -37.44
C VAL L 146 -30.04 25.87 -38.58
N GLN L 147 -30.30 26.58 -39.69
CA GLN L 147 -30.96 26.04 -40.87
C GLN L 147 -30.15 26.31 -42.12
N TRP L 148 -29.83 25.25 -42.88
CA TRP L 148 -29.09 25.37 -44.13
C TRP L 148 -30.09 25.55 -45.27
N LYS L 149 -29.90 26.60 -46.07
CA LYS L 149 -30.78 26.92 -47.19
C LYS L 149 -29.99 27.06 -48.49
N VAL L 150 -29.87 25.96 -49.23
CA VAL L 150 -29.15 25.87 -50.50
C VAL L 150 -30.14 26.28 -51.61
N ASP L 151 -30.01 27.54 -52.12
CA ASP L 151 -30.88 28.17 -53.13
C ASP L 151 -32.34 28.18 -52.65
N ASN L 152 -32.55 28.64 -51.40
CA ASN L 152 -33.82 28.74 -50.66
C ASN L 152 -34.46 27.41 -50.22
N ALA L 153 -33.90 26.27 -50.67
CA ALA L 153 -34.37 24.93 -50.30
C ALA L 153 -33.76 24.52 -48.96
N LEU L 154 -34.63 24.26 -47.96
CA LEU L 154 -34.24 23.85 -46.62
C LEU L 154 -33.59 22.47 -46.64
N GLN L 155 -32.43 22.34 -45.98
CA GLN L 155 -31.69 21.08 -45.92
C GLN L 155 -31.99 20.32 -44.64
N SER L 156 -31.97 18.97 -44.71
CA SER L 156 -32.21 18.11 -43.54
C SER L 156 -31.42 16.80 -43.63
N GLY L 157 -30.78 16.43 -42.52
CA GLY L 157 -29.97 15.22 -42.40
C GLY L 157 -28.66 15.28 -43.18
N ASN L 158 -28.33 16.47 -43.72
CA ASN L 158 -27.15 16.77 -44.52
C ASN L 158 -26.04 17.43 -43.70
N SER L 159 -26.32 17.81 -42.44
CA SER L 159 -25.39 18.52 -41.59
C SER L 159 -25.26 17.96 -40.17
N GLN L 160 -24.20 18.37 -39.45
CA GLN L 160 -23.91 17.99 -38.06
C GLN L 160 -23.58 19.25 -37.24
N GLU L 161 -23.91 19.22 -35.93
CA GLU L 161 -23.65 20.33 -35.01
C GLU L 161 -22.62 19.95 -33.95
N SER L 162 -21.83 20.94 -33.51
CA SER L 162 -20.84 20.78 -32.44
C SER L 162 -20.85 22.03 -31.56
N VAL L 163 -21.10 21.83 -30.26
CA VAL L 163 -21.19 22.92 -29.27
C VAL L 163 -20.06 22.76 -28.25
N THR L 164 -19.33 23.87 -27.98
CA THR L 164 -18.26 23.92 -26.99
C THR L 164 -18.86 24.08 -25.59
N GLU L 165 -18.14 23.63 -24.56
CA GLU L 165 -18.58 23.79 -23.18
C GLU L 165 -18.51 25.27 -22.81
N GLN L 166 -19.37 25.71 -21.86
CA GLN L 166 -19.45 27.10 -21.41
C GLN L 166 -18.06 27.62 -21.00
N ASP L 167 -17.66 28.76 -21.59
CA ASP L 167 -16.38 29.42 -21.32
C ASP L 167 -16.28 29.81 -19.85
N SER L 168 -15.13 29.54 -19.22
CA SER L 168 -14.91 29.85 -17.81
C SER L 168 -14.71 31.36 -17.58
N LYS L 169 -14.17 32.07 -18.60
CA LYS L 169 -13.87 33.51 -18.51
C LYS L 169 -15.00 34.44 -18.94
N ASP L 170 -15.78 34.09 -19.98
CA ASP L 170 -16.89 34.94 -20.45
C ASP L 170 -18.29 34.32 -20.45
N SER L 171 -18.42 33.08 -19.92
CA SER L 171 -19.68 32.34 -19.76
C SER L 171 -20.54 32.13 -21.03
N THR L 172 -19.93 32.27 -22.21
CA THR L 172 -20.60 32.14 -23.51
C THR L 172 -20.35 30.76 -24.13
N TYR L 173 -21.18 30.41 -25.14
CA TYR L 173 -21.09 29.15 -25.89
C TYR L 173 -20.70 29.44 -27.34
N SER L 174 -20.28 28.40 -28.06
CA SER L 174 -19.93 28.50 -29.48
C SER L 174 -20.43 27.25 -30.20
N LEU L 175 -21.05 27.44 -31.38
CA LEU L 175 -21.62 26.37 -32.19
C LEU L 175 -21.02 26.38 -33.59
N SER L 176 -20.83 25.19 -34.15
CA SER L 176 -20.34 24.98 -35.51
C SER L 176 -21.26 24.00 -36.21
N SER L 177 -21.79 24.38 -37.38
CA SER L 177 -22.67 23.54 -38.20
C SER L 177 -21.96 23.30 -39.53
N THR L 178 -21.60 22.05 -39.81
CA THR L 178 -20.90 21.67 -41.03
C THR L 178 -21.85 20.95 -41.98
N LEU L 179 -22.03 21.48 -43.20
CA LEU L 179 -22.89 20.89 -44.24
C LEU L 179 -22.01 20.12 -45.23
N THR L 180 -22.04 18.78 -45.14
CA THR L 180 -21.25 17.90 -46.00
C THR L 180 -22.03 17.53 -47.25
N LEU L 181 -21.41 17.75 -48.42
CA LEU L 181 -21.98 17.48 -49.73
C LEU L 181 -20.91 16.96 -50.70
N SER L 182 -21.36 16.28 -51.78
CA SER L 182 -20.49 15.78 -52.85
C SER L 182 -20.19 16.95 -53.80
N LYS L 183 -19.07 16.88 -54.54
CA LYS L 183 -18.67 17.92 -55.49
C LYS L 183 -19.65 18.04 -56.67
N ALA L 184 -20.29 16.91 -57.05
CA ALA L 184 -21.30 16.84 -58.11
C ALA L 184 -22.56 17.59 -57.68
N ASP L 185 -22.98 17.40 -56.42
CA ASP L 185 -24.17 18.03 -55.82
C ASP L 185 -23.90 19.50 -55.41
N TYR L 186 -22.62 19.86 -55.15
CA TYR L 186 -22.24 21.22 -54.77
C TYR L 186 -22.27 22.17 -55.96
N GLU L 187 -21.71 21.75 -57.11
CA GLU L 187 -21.65 22.57 -58.32
C GLU L 187 -23.00 22.86 -58.98
N LYS L 188 -24.01 21.98 -58.74
CA LYS L 188 -25.37 22.16 -59.27
C LYS L 188 -26.20 23.22 -58.50
N HIS L 189 -25.53 24.02 -57.64
CA HIS L 189 -26.15 25.07 -56.83
C HIS L 189 -25.26 26.32 -56.73
N LYS L 190 -25.88 27.52 -56.59
CA LYS L 190 -25.17 28.79 -56.49
C LYS L 190 -25.16 29.39 -55.07
N VAL L 191 -26.35 29.70 -54.52
CA VAL L 191 -26.50 30.32 -53.19
C VAL L 191 -26.48 29.30 -52.05
N TYR L 192 -25.55 29.49 -51.10
CA TYR L 192 -25.37 28.67 -49.90
C TYR L 192 -25.52 29.56 -48.68
N ALA L 193 -26.49 29.25 -47.81
CA ALA L 193 -26.76 30.07 -46.62
C ALA L 193 -27.11 29.28 -45.37
N CYS L 194 -26.75 29.84 -44.20
CA CYS L 194 -27.14 29.29 -42.90
C CYS L 194 -27.89 30.37 -42.13
N GLU L 195 -29.17 30.09 -41.85
CA GLU L 195 -30.07 30.99 -41.13
C GLU L 195 -29.98 30.67 -39.63
N VAL L 196 -29.70 31.70 -38.84
CA VAL L 196 -29.52 31.59 -37.39
C VAL L 196 -30.65 32.21 -36.57
N THR L 197 -31.30 31.38 -35.75
CA THR L 197 -32.38 31.77 -34.85
C THR L 197 -31.84 31.61 -33.42
N HIS L 198 -31.85 32.70 -32.64
CA HIS L 198 -31.37 32.75 -31.25
C HIS L 198 -32.15 33.82 -30.47
N GLN L 199 -32.22 33.66 -29.12
CA GLN L 199 -32.91 34.56 -28.19
C GLN L 199 -32.42 36.01 -28.33
N GLY L 200 -31.11 36.18 -28.44
CA GLY L 200 -30.45 37.48 -28.62
C GLY L 200 -30.77 38.18 -29.92
N LEU L 201 -31.30 37.44 -30.92
CA LEU L 201 -31.67 37.96 -32.23
C LEU L 201 -33.19 38.05 -32.35
N SER L 202 -33.71 39.28 -32.51
CA SER L 202 -35.14 39.55 -32.65
C SER L 202 -35.73 38.92 -33.92
N SER L 203 -34.93 38.89 -35.00
CA SER L 203 -35.28 38.29 -36.29
C SER L 203 -34.13 37.36 -36.76
N PRO L 204 -34.42 36.24 -37.48
CA PRO L 204 -33.34 35.33 -37.91
C PRO L 204 -32.24 35.98 -38.74
N VAL L 205 -30.97 35.62 -38.45
CA VAL L 205 -29.78 36.14 -39.14
C VAL L 205 -29.28 35.14 -40.19
N THR L 206 -29.23 35.59 -41.46
CA THR L 206 -28.77 34.77 -42.60
C THR L 206 -27.41 35.25 -43.11
N LYS L 207 -26.50 34.30 -43.35
CA LYS L 207 -25.18 34.56 -43.91
C LYS L 207 -25.05 33.68 -45.15
N SER L 208 -24.84 34.32 -46.32
CA SER L 208 -24.76 33.60 -47.59
C SER L 208 -23.57 33.95 -48.48
N PHE L 209 -23.33 33.10 -49.49
CA PHE L 209 -22.29 33.26 -50.50
C PHE L 209 -22.72 32.58 -51.81
N ASN L 210 -22.26 33.12 -52.96
CA ASN L 210 -22.55 32.56 -54.28
C ASN L 210 -21.35 31.71 -54.73
N ARG L 211 -21.64 30.61 -55.48
CA ARG L 211 -20.76 29.56 -56.07
C ARG L 211 -21.14 28.17 -55.57
#